data_7LN5
#
_entry.id   7LN5
#
_cell.length_a   1.00
_cell.length_b   1.00
_cell.length_c   1.00
_cell.angle_alpha   90.00
_cell.angle_beta   90.00
_cell.angle_gamma   90.00
#
_symmetry.space_group_name_H-M   'P 1'
#
loop_
_entity.id
_entity.type
_entity.pdbx_description
1 polymer 'Transitional endoplasmic reticulum ATPase'
2 polymer 'polyubiquitinated Ub-Eos'
3 non-polymer "ADENOSINE-5'-DIPHOSPHATE"
4 non-polymer "ADENOSINE-5'-TRIPHOSPHATE"
5 non-polymer 'MAGNESIUM ION'
#
loop_
_entity_poly.entity_id
_entity_poly.type
_entity_poly.pdbx_seq_one_letter_code
_entity_poly.pdbx_strand_id
1 'polypeptide(L)'
;MASGADSKGDDLSTAILKQKNRPNRLIVDEAINEDNSVVSLSQPKMDELQLFRGDTVLLKGKKRREAVCIVLSDDTCSDE
KIRMNRVVRNNLRVRLGDVISIQPCPDVKYGKRIHVLPIDDTVEGITGNLFEVYLKPYFLEAYRPIRKGDIFLVRGGMRA
VEFKVVETDPSPYCIVAPDTVIHCEGEPIKREDEEESLNEVGYDDIGGCRKQLAQIKEMVELPLRHPALFKEIGVKPPRG
ILLYGPPGTGKTLIARAVANETGAFFFLINGPEIMSKLAGESESNLRKAFEEAEKNAPAIIFIDELDAIAPKREKTHGEV
ERRIVSQLLTLMDGLKQRAHVIVMAATNRPNSIDPALRRFGRFDREVDIGIPDATGRLEILQIHTKNMKLADDVDLEQVA
NETHGHVGADLAALCSEAALQAIRKKMDLIDLEDETIDAEVMNSLAVTMDDFRWALSQSNPSALRETVVEVPQVTWEDIG
GLEDVKRELQELVQYPVEHPDKFLKFGMTPSKGVLFYGPPGCGKTLLAKAIANECQANFISIKGPELLTMWFGESEANVR
EIFDKARQAAPCVLFFDQLDSIAKARGGNIGDGGGAADRVINQILTEMDGMSTKKNVFIIGATNRPDIIDPAILRPGRLD
QLIYIPLPDEKSRVAILKANLRKSPVAKDVDLEFLAKMTNGFSGADLTEICQRACKLAIRESIESEIRRERERQTNPSAM
EVEEDDPVPEIRRDHFEEAMRFARRSVSDNDIRKYEMFAQTLQQSRGFGSFRFPSGNQGGAGPSQGSGGGTGGSVYTEDN
DDDLYG
;
A,B,C,D,E,F
2 'polypeptide(L)'
;(UNK)(UNK)(UNK)(UNK)(UNK)(UNK)(UNK)(UNK)(UNK)(UNK)(UNK)(UNK)(UNK)(UNK)(UNK)(UNK)
(UNK)(UNK)(UNK)(UNK)(UNK)(UNK)
;
G
#
loop_
_chem_comp.id
_chem_comp.type
_chem_comp.name
_chem_comp.formula
ADP non-polymer ADENOSINE-5'-DIPHOSPHATE 'C10 H15 N5 O10 P2'
ATP non-polymer ADENOSINE-5'-TRIPHOSPHATE 'C10 H16 N5 O13 P3'
MG non-polymer 'MAGNESIUM ION' 'Mg 2'
#
# COMPACT_ATOMS: atom_id res chain seq x y z
N PRO A 23 7.79 -5.72 66.34
CA PRO A 23 7.00 -5.61 67.57
C PRO A 23 5.95 -4.50 67.50
N ASN A 24 6.30 -3.40 66.82
CA ASN A 24 5.37 -2.27 66.72
C ASN A 24 4.11 -2.66 65.95
N ARG A 25 4.22 -3.63 65.05
CA ARG A 25 3.05 -4.09 64.31
C ARG A 25 2.05 -4.78 65.25
N LEU A 26 0.77 -4.51 65.03
CA LEU A 26 -0.28 -4.97 65.94
C LEU A 26 -1.45 -5.52 65.13
N ILE A 27 -2.03 -6.62 65.61
CA ILE A 27 -3.22 -7.19 64.99
C ILE A 27 -4.46 -6.55 65.60
N VAL A 28 -5.37 -6.07 64.74
CA VAL A 28 -6.58 -5.42 65.21
C VAL A 28 -7.49 -6.44 65.89
N ASP A 29 -7.94 -6.10 67.10
CA ASP A 29 -8.79 -6.98 67.89
C ASP A 29 -10.01 -6.20 68.38
N GLU A 30 -11.09 -6.94 68.63
CA GLU A 30 -12.33 -6.32 69.08
C GLU A 30 -12.16 -5.73 70.47
N ALA A 31 -12.87 -4.63 70.73
CA ALA A 31 -12.78 -3.94 72.00
C ALA A 31 -13.83 -4.45 72.98
N ILE A 32 -13.52 -4.32 74.26
CA ILE A 32 -14.45 -4.73 75.32
C ILE A 32 -15.11 -3.48 75.90
N ASN A 33 -14.30 -2.56 76.41
CA ASN A 33 -14.78 -1.29 76.92
C ASN A 33 -14.03 -0.10 76.37
N GLU A 34 -13.15 -0.31 75.38
CA GLU A 34 -12.37 0.79 74.82
C GLU A 34 -13.28 1.73 74.03
N ASP A 35 -13.16 3.03 74.31
CA ASP A 35 -13.95 4.03 73.60
C ASP A 35 -13.16 4.52 72.38
N ASN A 36 -13.61 5.63 71.79
CA ASN A 36 -12.97 6.14 70.59
C ASN A 36 -11.63 6.81 70.86
N SER A 37 -11.20 6.89 72.12
CA SER A 37 -9.99 7.61 72.46
C SER A 37 -8.93 6.75 73.16
N VAL A 38 -9.19 5.46 73.39
CA VAL A 38 -8.24 4.61 74.08
C VAL A 38 -8.04 3.32 73.30
N VAL A 39 -6.86 2.71 73.48
CA VAL A 39 -6.54 1.40 72.95
C VAL A 39 -5.87 0.60 74.06
N SER A 40 -5.88 -0.72 73.91
CA SER A 40 -5.34 -1.62 74.92
C SER A 40 -4.24 -2.48 74.33
N LEU A 41 -3.10 -2.51 75.00
CA LEU A 41 -1.99 -3.38 74.66
C LEU A 41 -1.60 -4.20 75.88
N SER A 42 -1.13 -5.43 75.64
CA SER A 42 -0.72 -6.29 76.73
C SER A 42 0.46 -5.67 77.47
N GLN A 43 0.44 -5.82 78.80
CA GLN A 43 1.47 -5.19 79.62
C GLN A 43 2.89 -5.62 79.27
N PRO A 44 3.19 -6.89 79.01
CA PRO A 44 4.54 -7.21 78.51
C PRO A 44 4.88 -6.48 77.22
N LYS A 45 3.91 -6.35 76.30
CA LYS A 45 4.17 -5.59 75.07
C LYS A 45 4.36 -4.12 75.36
N MET A 46 3.59 -3.57 76.30
CA MET A 46 3.79 -2.18 76.71
C MET A 46 5.19 -1.99 77.28
N ASP A 47 5.74 -3.01 77.93
CA ASP A 47 7.10 -2.94 78.42
C ASP A 47 8.11 -3.03 77.28
N GLU A 48 7.82 -3.86 76.28
CA GLU A 48 8.73 -3.98 75.13
C GLU A 48 8.82 -2.66 74.37
N LEU A 49 7.69 -1.96 74.24
CA LEU A 49 7.65 -0.68 73.54
C LEU A 49 8.05 0.50 74.42
N GLN A 50 8.36 0.25 75.69
CA GLN A 50 8.73 1.30 76.64
C GLN A 50 7.65 2.37 76.74
N LEU A 51 6.39 1.93 76.73
CA LEU A 51 5.24 2.82 76.84
C LEU A 51 4.70 2.79 78.26
N PHE A 52 3.89 3.79 78.59
CA PHE A 52 3.25 3.88 79.90
C PHE A 52 1.73 4.02 79.72
N ARG A 53 1.00 3.57 80.73
CA ARG A 53 -0.45 3.76 80.72
C ARG A 53 -0.78 5.24 80.83
N GLY A 54 -1.52 5.75 79.85
CA GLY A 54 -1.83 7.15 79.75
C GLY A 54 -1.03 7.89 78.69
N ASP A 55 -0.03 7.24 78.11
CA ASP A 55 0.76 7.87 77.06
C ASP A 55 -0.05 7.99 75.78
N THR A 56 0.18 9.07 75.04
CA THR A 56 -0.48 9.26 73.75
C THR A 56 0.35 8.63 72.64
N VAL A 57 -0.33 7.93 71.73
CA VAL A 57 0.34 7.22 70.64
C VAL A 57 -0.28 7.63 69.31
N LEU A 58 0.51 7.48 68.25
CA LEU A 58 0.04 7.72 66.89
C LEU A 58 -0.12 6.38 66.19
N LEU A 59 -1.28 6.16 65.59
CA LEU A 59 -1.62 4.92 64.93
C LEU A 59 -1.66 5.13 63.42
N LYS A 60 -0.97 4.26 62.69
CA LYS A 60 -0.91 4.33 61.24
C LYS A 60 -1.55 3.10 60.63
N GLY A 61 -2.44 3.32 59.66
CA GLY A 61 -3.16 2.23 59.03
C GLY A 61 -3.03 2.30 57.51
N LYS A 62 -3.94 1.58 56.86
CA LYS A 62 -3.94 1.50 55.41
C LYS A 62 -4.40 2.81 54.78
N LYS A 63 -3.85 3.10 53.59
CA LYS A 63 -4.15 4.33 52.84
C LYS A 63 -3.74 5.59 53.61
N ARG A 64 -2.58 5.52 54.26
CA ARG A 64 -1.99 6.68 54.96
C ARG A 64 -2.97 7.27 55.96
N ARG A 65 -3.72 6.41 56.64
CA ARG A 65 -4.73 6.84 57.59
C ARG A 65 -4.13 6.85 59.00
N GLU A 66 -4.34 7.95 59.73
CA GLU A 66 -3.75 8.12 61.04
C GLU A 66 -4.82 8.55 62.05
N ALA A 67 -4.65 8.09 63.28
CA ALA A 67 -5.48 8.50 64.40
C ALA A 67 -4.64 8.42 65.67
N VAL A 68 -5.06 9.18 66.69
CA VAL A 68 -4.32 9.30 67.94
C VAL A 68 -5.24 8.91 69.10
N CYS A 69 -4.72 8.10 70.01
CA CYS A 69 -5.47 7.63 71.16
C CYS A 69 -4.52 7.45 72.34
N ILE A 70 -5.09 7.37 73.53
CA ILE A 70 -4.34 7.08 74.75
C ILE A 70 -4.21 5.58 74.91
N VAL A 71 -2.98 5.09 75.00
CA VAL A 71 -2.70 3.66 75.08
C VAL A 71 -2.94 3.21 76.52
N LEU A 72 -3.60 2.06 76.66
CA LEU A 72 -3.89 1.46 77.96
C LEU A 72 -3.41 0.02 77.97
N SER A 73 -3.62 -0.64 79.11
CA SER A 73 -3.24 -2.03 79.28
C SER A 73 -4.48 -2.88 79.60
N ASP A 74 -4.44 -4.14 79.15
CA ASP A 74 -5.53 -5.08 79.40
C ASP A 74 -4.91 -6.46 79.60
N ASP A 75 -5.16 -7.07 80.76
CA ASP A 75 -4.62 -8.39 81.04
C ASP A 75 -5.21 -9.47 80.16
N THR A 76 -6.34 -9.20 79.50
CA THR A 76 -6.90 -10.11 78.52
C THR A 76 -6.41 -9.82 77.10
N CYS A 77 -5.57 -8.81 76.93
CA CYS A 77 -5.06 -8.48 75.61
C CYS A 77 -3.97 -9.46 75.20
N SER A 78 -4.03 -9.89 73.94
CA SER A 78 -3.02 -10.79 73.42
C SER A 78 -1.72 -10.03 73.18
N ASP A 79 -0.61 -10.76 73.23
CA ASP A 79 0.70 -10.13 73.11
C ASP A 79 0.90 -9.55 71.70
N GLU A 80 0.16 -10.06 70.72
CA GLU A 80 0.27 -9.59 69.35
C GLU A 80 -0.98 -8.87 68.87
N LYS A 81 -1.95 -8.63 69.74
CA LYS A 81 -3.21 -8.00 69.35
C LYS A 81 -3.38 -6.67 70.07
N ILE A 82 -4.22 -5.82 69.48
CA ILE A 82 -4.57 -4.52 70.06
C ILE A 82 -6.09 -4.41 70.10
N ARG A 83 -6.62 -4.02 71.25
CA ARG A 83 -8.06 -3.77 71.39
C ARG A 83 -8.42 -2.38 70.92
N MET A 84 -9.37 -2.32 69.99
CA MET A 84 -9.81 -1.10 69.35
C MET A 84 -11.31 -1.21 69.06
N ASN A 85 -12.03 -0.12 69.24
CA ASN A 85 -13.46 -0.15 68.94
C ASN A 85 -13.68 0.13 67.45
N ARG A 86 -14.96 0.15 67.07
CA ARG A 86 -15.31 0.24 65.65
C ARG A 86 -14.96 1.60 65.06
N VAL A 87 -15.13 2.67 65.84
CA VAL A 87 -14.92 4.02 65.30
C VAL A 87 -13.46 4.23 64.93
N VAL A 88 -12.54 3.87 65.82
CA VAL A 88 -11.12 4.05 65.52
C VAL A 88 -10.68 3.11 64.41
N ARG A 89 -11.26 1.90 64.37
CA ARG A 89 -10.96 0.98 63.27
C ARG A 89 -11.39 1.58 61.94
N ASN A 90 -12.52 2.30 61.93
CA ASN A 90 -12.92 3.04 60.75
C ASN A 90 -11.93 4.16 60.44
N ASN A 91 -11.39 4.80 61.47
CA ASN A 91 -10.43 5.88 61.25
C ASN A 91 -9.17 5.40 60.55
N LEU A 92 -8.64 4.24 60.95
CA LEU A 92 -7.42 3.71 60.38
C LEU A 92 -7.64 3.02 59.03
N ARG A 93 -8.90 2.90 58.60
CA ARG A 93 -9.25 2.16 57.39
C ARG A 93 -8.68 0.74 57.45
N VAL A 94 -9.08 0.02 58.50
CA VAL A 94 -8.70 -1.38 58.68
C VAL A 94 -9.91 -2.14 59.19
N ARG A 95 -9.79 -3.47 59.19
CA ARG A 95 -10.82 -4.36 59.68
C ARG A 95 -10.24 -5.31 60.72
N LEU A 96 -11.12 -6.01 61.42
CA LEU A 96 -10.70 -6.95 62.45
C LEU A 96 -9.78 -8.01 61.86
N GLY A 97 -8.53 -8.02 62.34
CA GLY A 97 -7.51 -8.92 61.85
C GLY A 97 -6.43 -8.25 61.02
N ASP A 98 -6.59 -6.97 60.71
CA ASP A 98 -5.60 -6.27 59.91
C ASP A 98 -4.39 -5.89 60.77
N VAL A 99 -3.34 -5.43 60.09
CA VAL A 99 -2.06 -5.10 60.75
C VAL A 99 -1.87 -3.60 60.72
N ILE A 100 -1.69 -3.01 61.91
CA ILE A 100 -1.43 -1.59 62.04
C ILE A 100 -0.17 -1.41 62.89
N SER A 101 0.25 -0.16 63.05
CA SER A 101 1.45 0.18 63.79
C SER A 101 1.11 1.12 64.94
N ILE A 102 1.95 1.08 65.98
CA ILE A 102 1.82 1.96 67.14
C ILE A 102 3.21 2.49 67.49
N GLN A 103 3.26 3.76 67.85
CA GLN A 103 4.50 4.43 68.21
C GLN A 103 4.18 5.62 69.08
N PRO A 104 5.15 6.10 69.88
CA PRO A 104 4.90 7.30 70.68
C PRO A 104 4.63 8.51 69.80
N CYS A 105 3.79 9.41 70.33
CA CYS A 105 3.44 10.65 69.64
C CYS A 105 3.73 11.80 70.60
N PRO A 106 4.99 12.19 70.74
CA PRO A 106 5.36 13.19 71.75
C PRO A 106 5.06 14.61 71.29
N ASP A 107 5.14 15.53 72.26
CA ASP A 107 5.02 16.97 72.02
C ASP A 107 3.68 17.34 71.41
N VAL A 108 2.61 16.63 71.76
CA VAL A 108 1.28 17.03 71.34
C VAL A 108 0.72 18.03 72.34
N LYS A 109 0.42 19.23 71.86
CA LYS A 109 0.01 20.33 72.71
C LYS A 109 -1.50 20.43 72.80
N TYR A 110 -1.97 21.23 73.76
CA TYR A 110 -3.39 21.46 73.92
C TYR A 110 -3.97 22.17 72.70
N GLY A 111 -5.17 21.79 72.31
CA GLY A 111 -5.81 22.42 71.17
C GLY A 111 -6.23 23.85 71.45
N LYS A 112 -5.97 24.72 70.48
CA LYS A 112 -6.34 26.12 70.60
C LYS A 112 -7.69 26.43 69.95
N ARG A 113 -7.95 25.83 68.79
CA ARG A 113 -9.22 25.99 68.10
C ARG A 113 -9.38 24.85 67.12
N ILE A 114 -10.45 24.07 67.28
CA ILE A 114 -10.71 22.90 66.45
C ILE A 114 -12.03 23.09 65.72
N HIS A 115 -12.06 22.68 64.46
CA HIS A 115 -13.25 22.74 63.63
C HIS A 115 -13.71 21.33 63.33
N VAL A 116 -14.96 21.02 63.68
CA VAL A 116 -15.54 19.70 63.47
C VAL A 116 -16.87 19.86 62.74
N LEU A 117 -17.10 18.98 61.78
CA LEU A 117 -18.31 19.00 60.97
C LEU A 117 -18.94 17.62 60.92
N PRO A 118 -20.24 17.52 61.19
CA PRO A 118 -20.89 16.20 61.18
C PRO A 118 -21.17 15.71 59.77
N ILE A 119 -21.53 14.43 59.69
CA ILE A 119 -21.87 13.79 58.42
C ILE A 119 -23.34 14.05 58.14
N ASP A 120 -23.68 14.25 56.86
CA ASP A 120 -25.04 14.60 56.48
C ASP A 120 -26.06 13.54 56.87
N ASP A 121 -25.75 12.27 56.60
CA ASP A 121 -26.70 11.21 56.90
C ASP A 121 -26.87 10.96 58.39
N THR A 122 -25.98 11.50 59.22
CA THR A 122 -26.13 11.39 60.67
C THR A 122 -26.90 12.54 61.28
N VAL A 123 -27.06 13.65 60.58
CA VAL A 123 -27.77 14.82 61.09
C VAL A 123 -29.13 15.01 60.42
N GLU A 124 -29.54 14.09 59.55
CA GLU A 124 -30.86 14.18 58.94
C GLU A 124 -31.94 14.09 60.00
N GLY A 125 -32.63 15.21 60.23
CA GLY A 125 -33.60 15.30 61.29
C GLY A 125 -33.10 15.88 62.59
N ILE A 126 -31.87 16.40 62.61
CA ILE A 126 -31.29 17.00 63.81
C ILE A 126 -31.41 18.51 63.67
N THR A 127 -32.01 19.14 64.67
CA THR A 127 -32.22 20.59 64.68
C THR A 127 -31.71 21.25 65.95
N GLY A 128 -31.31 20.48 66.96
CA GLY A 128 -30.83 21.03 68.20
C GLY A 128 -29.39 21.51 68.10
N ASN A 129 -28.94 22.17 69.17
CA ASN A 129 -27.58 22.70 69.25
C ASN A 129 -26.62 21.52 69.25
N LEU A 130 -25.84 21.39 68.17
CA LEU A 130 -24.96 20.24 68.02
C LEU A 130 -23.90 20.17 69.12
N PHE A 131 -23.29 21.31 69.44
CA PHE A 131 -22.19 21.32 70.40
C PHE A 131 -22.63 20.76 71.75
N GLU A 132 -23.61 21.40 72.39
CA GLU A 132 -24.04 20.99 73.72
C GLU A 132 -24.52 19.55 73.74
N VAL A 133 -25.26 19.13 72.72
CA VAL A 133 -25.82 17.78 72.70
C VAL A 133 -24.71 16.74 72.58
N TYR A 134 -23.75 16.94 71.68
CA TYR A 134 -22.78 15.89 71.38
C TYR A 134 -21.37 16.18 71.84
N LEU A 135 -20.78 17.30 71.42
CA LEU A 135 -19.34 17.50 71.54
C LEU A 135 -18.88 17.75 72.97
N LYS A 136 -19.58 18.61 73.71
CA LYS A 136 -19.15 18.95 75.07
C LYS A 136 -19.12 17.75 76.01
N PRO A 137 -20.19 16.95 76.15
CA PRO A 137 -20.08 15.77 77.02
C PRO A 137 -19.06 14.76 76.55
N TYR A 138 -18.85 14.65 75.23
CA TYR A 138 -17.87 13.71 74.70
C TYR A 138 -16.45 14.06 75.14
N PHE A 139 -16.12 15.35 75.11
CA PHE A 139 -14.76 15.80 75.42
C PHE A 139 -14.59 16.28 76.85
N LEU A 140 -15.62 16.16 77.69
CA LEU A 140 -15.58 16.74 79.03
C LEU A 140 -14.56 16.05 79.93
N GLU A 141 -13.47 16.76 80.24
CA GLU A 141 -12.46 16.32 81.20
C GLU A 141 -11.85 14.96 80.86
N ALA A 142 -11.89 14.57 79.59
CA ALA A 142 -11.29 13.31 79.17
C ALA A 142 -9.92 13.49 78.53
N TYR A 143 -9.57 14.70 78.10
CA TYR A 143 -8.30 14.99 77.44
C TYR A 143 -8.08 14.05 76.24
N ARG A 144 -9.11 13.93 75.42
CA ARG A 144 -9.03 13.05 74.25
C ARG A 144 -8.11 13.66 73.22
N PRO A 145 -7.08 12.94 72.76
CA PRO A 145 -6.29 13.41 71.62
C PRO A 145 -7.08 13.28 70.34
N ILE A 146 -6.93 14.28 69.46
CA ILE A 146 -7.65 14.32 68.20
C ILE A 146 -6.70 14.69 67.07
N ARG A 147 -7.07 14.31 65.86
CA ARG A 147 -6.29 14.56 64.66
C ARG A 147 -7.20 15.08 63.55
N LYS A 148 -6.63 15.91 62.67
CA LYS A 148 -7.34 16.35 61.48
C LYS A 148 -7.68 15.17 60.59
N GLY A 149 -8.92 15.11 60.13
CA GLY A 149 -9.39 14.04 59.29
C GLY A 149 -9.96 12.85 60.03
N ASP A 150 -9.83 12.81 61.35
CA ASP A 150 -10.38 11.70 62.12
C ASP A 150 -11.91 11.75 62.13
N ILE A 151 -12.53 10.59 62.34
CA ILE A 151 -13.98 10.47 62.46
C ILE A 151 -14.28 9.91 63.85
N PHE A 152 -15.11 10.62 64.60
CA PHE A 152 -15.54 10.14 65.91
C PHE A 152 -17.05 10.19 66.00
N LEU A 153 -17.63 9.11 66.52
CA LEU A 153 -19.07 8.99 66.69
C LEU A 153 -19.42 9.29 68.14
N VAL A 154 -20.42 10.15 68.33
CA VAL A 154 -20.80 10.61 69.66
C VAL A 154 -22.26 10.24 69.91
N ARG A 155 -22.52 9.61 71.04
CA ARG A 155 -23.89 9.36 71.45
C ARG A 155 -24.51 10.63 72.03
N GLY A 156 -25.82 10.74 71.92
CA GLY A 156 -26.52 11.90 72.43
C GLY A 156 -27.77 12.18 71.64
N GLY A 157 -28.61 13.04 72.21
CA GLY A 157 -29.87 13.37 71.58
C GLY A 157 -30.73 12.13 71.39
N MET A 158 -31.36 12.04 70.21
CA MET A 158 -32.17 10.88 69.87
C MET A 158 -31.43 9.88 68.99
N ARG A 159 -30.38 10.31 68.31
CA ARG A 159 -29.64 9.44 67.40
C ARG A 159 -28.17 9.85 67.42
N ALA A 160 -27.29 8.85 67.41
CA ALA A 160 -25.86 9.11 67.42
C ALA A 160 -25.42 9.79 66.12
N VAL A 161 -24.47 10.72 66.23
CA VAL A 161 -24.03 11.54 65.12
C VAL A 161 -22.51 11.45 65.02
N GLU A 162 -22.02 11.19 63.82
CA GLU A 162 -20.58 11.18 63.52
C GLU A 162 -20.12 12.58 63.15
N PHE A 163 -18.81 12.78 63.18
CA PHE A 163 -18.21 14.09 62.89
C PHE A 163 -16.91 13.91 62.12
N LYS A 164 -16.49 14.99 61.47
CA LYS A 164 -15.22 15.07 60.77
C LYS A 164 -14.38 16.20 61.35
N VAL A 165 -13.12 15.91 61.66
CA VAL A 165 -12.19 16.93 62.16
C VAL A 165 -11.49 17.54 60.94
N VAL A 166 -11.70 18.84 60.74
CA VAL A 166 -11.18 19.49 59.54
C VAL A 166 -10.12 20.54 59.87
N GLU A 167 -9.88 20.82 61.14
CA GLU A 167 -8.86 21.79 61.53
C GLU A 167 -8.49 21.59 63.00
N THR A 168 -7.19 21.70 63.28
CA THR A 168 -6.68 21.63 64.64
C THR A 168 -5.55 22.63 64.80
N ASP A 169 -5.36 23.11 66.02
CA ASP A 169 -4.28 24.04 66.32
C ASP A 169 -3.71 23.72 67.70
N PRO A 170 -2.50 23.17 67.79
CA PRO A 170 -1.59 22.89 66.68
C PRO A 170 -2.02 21.71 65.80
N SER A 171 -1.49 21.66 64.59
CA SER A 171 -1.89 20.71 63.56
C SER A 171 -0.75 19.73 63.29
N PRO A 172 -1.09 18.47 62.95
CA PRO A 172 -2.45 17.93 62.90
C PRO A 172 -2.92 17.32 64.22
N TYR A 173 -2.02 17.21 65.19
CA TYR A 173 -2.31 16.59 66.47
C TYR A 173 -2.44 17.65 67.55
N CYS A 174 -3.47 17.50 68.38
CA CYS A 174 -3.69 18.42 69.50
C CYS A 174 -4.49 17.70 70.57
N ILE A 175 -4.52 18.28 71.75
CA ILE A 175 -5.20 17.72 72.91
C ILE A 175 -6.39 18.61 73.26
N VAL A 176 -7.56 18.02 73.41
CA VAL A 176 -8.77 18.75 73.77
C VAL A 176 -8.65 19.11 75.25
N ALA A 177 -8.23 20.33 75.51
CA ALA A 177 -8.04 20.86 76.86
C ALA A 177 -9.35 21.43 77.39
N PRO A 178 -9.44 21.67 78.70
CA PRO A 178 -10.65 22.31 79.24
C PRO A 178 -10.98 23.65 78.61
N ASP A 179 -9.97 24.43 78.22
CA ASP A 179 -10.19 25.71 77.56
C ASP A 179 -10.30 25.59 76.04
N THR A 180 -10.09 24.40 75.50
CA THR A 180 -10.16 24.22 74.05
C THR A 180 -11.59 24.47 73.55
N VAL A 181 -11.74 25.52 72.75
CA VAL A 181 -13.05 25.86 72.20
C VAL A 181 -13.41 24.84 71.13
N ILE A 182 -14.62 24.29 71.22
CA ILE A 182 -15.13 23.31 70.28
C ILE A 182 -16.33 23.91 69.57
N HIS A 183 -16.25 24.04 68.26
CA HIS A 183 -17.29 24.69 67.47
C HIS A 183 -17.59 23.86 66.23
N CYS A 184 -18.83 23.98 65.75
CA CYS A 184 -19.29 23.18 64.63
C CYS A 184 -20.05 23.98 63.56
N GLU A 185 -19.95 25.30 63.57
CA GLU A 185 -20.64 26.09 62.56
C GLU A 185 -19.97 25.94 61.20
N GLY A 186 -20.76 26.05 60.15
CA GLY A 186 -20.24 25.97 58.80
C GLY A 186 -21.11 25.07 57.94
N GLU A 187 -20.67 24.89 56.70
CA GLU A 187 -21.36 24.01 55.78
C GLU A 187 -21.06 22.55 56.14
N PRO A 188 -22.08 21.71 56.30
CA PRO A 188 -21.81 20.31 56.67
C PRO A 188 -21.02 19.58 55.59
N ILE A 189 -20.21 18.62 56.04
CA ILE A 189 -19.42 17.83 55.11
C ILE A 189 -20.33 17.00 54.22
N LYS A 190 -20.08 17.04 52.91
CA LYS A 190 -20.90 16.29 51.97
C LYS A 190 -20.84 14.79 52.27
N ARG A 191 -22.02 14.16 52.29
CA ARG A 191 -22.06 12.72 52.48
C ARG A 191 -21.43 12.00 51.29
N GLU A 192 -21.42 12.64 50.12
CA GLU A 192 -20.75 12.06 48.95
C GLU A 192 -19.27 11.83 49.23
N ASP A 193 -18.58 12.86 49.73
CA ASP A 193 -17.16 12.72 50.04
C ASP A 193 -16.93 11.72 51.15
N GLU A 194 -17.82 11.71 52.16
CA GLU A 194 -17.69 10.76 53.25
C GLU A 194 -17.80 9.32 52.75
N GLU A 195 -18.77 9.02 51.89
CA GLU A 195 -18.90 7.68 51.34
C GLU A 195 -17.72 7.34 50.43
N GLU A 196 -17.25 8.31 49.66
CA GLU A 196 -16.09 8.07 48.80
C GLU A 196 -14.86 7.70 49.62
N SER A 197 -14.63 8.41 50.72
CA SER A 197 -13.54 8.06 51.61
C SER A 197 -13.78 6.73 52.31
N LEU A 198 -15.05 6.42 52.58
CA LEU A 198 -15.38 5.15 53.22
C LEU A 198 -15.02 3.96 52.33
N ASN A 199 -15.32 4.05 51.05
CA ASN A 199 -15.08 2.97 50.10
C ASN A 199 -14.09 3.44 49.04
N GLU A 200 -12.85 2.95 49.13
CA GLU A 200 -11.82 3.21 48.14
C GLU A 200 -11.16 1.88 47.77
N VAL A 201 -10.52 1.87 46.60
CA VAL A 201 -9.82 0.66 46.15
C VAL A 201 -8.63 0.40 47.06
N GLY A 202 -8.49 -0.86 47.49
CA GLY A 202 -7.40 -1.23 48.37
C GLY A 202 -6.85 -2.59 48.01
N TYR A 203 -5.78 -2.97 48.71
CA TYR A 203 -5.16 -4.26 48.47
C TYR A 203 -6.10 -5.41 48.85
N ASP A 204 -7.00 -5.17 49.81
CA ASP A 204 -8.02 -6.16 50.11
C ASP A 204 -9.06 -6.24 48.99
N ASP A 205 -9.32 -5.11 48.32
CA ASP A 205 -10.29 -5.11 47.23
C ASP A 205 -9.82 -5.99 46.07
N ILE A 206 -8.52 -5.96 45.77
CA ILE A 206 -7.99 -6.82 44.72
C ILE A 206 -7.73 -8.21 45.27
N GLY A 207 -8.29 -9.21 44.58
CA GLY A 207 -8.14 -10.59 44.98
C GLY A 207 -7.75 -11.49 43.83
N GLY A 208 -7.09 -12.62 44.13
CA GLY A 208 -6.65 -13.52 43.10
C GLY A 208 -5.34 -13.15 42.45
N CYS A 209 -4.75 -12.02 42.80
CA CYS A 209 -3.48 -11.56 42.25
C CYS A 209 -2.43 -11.35 43.32
N ARG A 210 -2.55 -12.02 44.48
CA ARG A 210 -1.67 -11.74 45.60
C ARG A 210 -0.21 -12.00 45.25
N LYS A 211 0.05 -13.01 44.41
CA LYS A 211 1.41 -13.22 43.92
C LYS A 211 1.84 -12.09 43.00
N GLN A 212 0.96 -11.70 42.08
CA GLN A 212 1.21 -10.52 41.26
C GLN A 212 1.30 -9.27 42.12
N LEU A 213 0.49 -9.20 43.18
CA LEU A 213 0.56 -8.05 44.08
C LEU A 213 1.93 -7.95 44.75
N ALA A 214 2.44 -9.07 45.24
CA ALA A 214 3.77 -9.08 45.86
C ALA A 214 4.84 -8.73 44.84
N GLN A 215 4.71 -9.24 43.61
CA GLN A 215 5.67 -8.88 42.57
C GLN A 215 5.66 -7.38 42.32
N ILE A 216 4.47 -6.78 42.16
CA ILE A 216 4.38 -5.35 41.91
C ILE A 216 4.90 -4.56 43.10
N LYS A 217 4.67 -5.06 44.32
CA LYS A 217 5.27 -4.43 45.48
C LYS A 217 6.78 -4.39 45.33
N GLU A 218 7.39 -5.55 45.08
CA GLU A 218 8.85 -5.60 44.98
C GLU A 218 9.37 -4.75 43.84
N MET A 219 8.54 -4.50 42.83
CA MET A 219 9.06 -3.83 41.64
C MET A 219 8.88 -2.31 41.72
N VAL A 220 7.83 -1.83 42.36
CA VAL A 220 7.55 -0.40 42.41
C VAL A 220 7.73 0.17 43.83
N GLU A 221 7.21 -0.51 44.85
CA GLU A 221 7.23 0.05 46.20
C GLU A 221 8.64 0.02 46.78
N LEU A 222 9.41 -1.01 46.46
CA LEU A 222 10.78 -1.09 46.96
C LEU A 222 11.65 0.09 46.53
N PRO A 223 11.69 0.50 45.26
CA PRO A 223 12.41 1.75 44.94
C PRO A 223 11.83 2.98 45.62
N LEU A 224 10.52 3.04 45.78
CA LEU A 224 9.89 4.20 46.40
C LEU A 224 10.26 4.31 47.87
N ARG A 225 10.16 3.19 48.61
CA ARG A 225 10.43 3.23 50.04
C ARG A 225 11.91 3.43 50.33
N HIS A 226 12.78 2.68 49.65
CA HIS A 226 14.19 2.56 50.04
C HIS A 226 15.09 2.70 48.82
N PRO A 227 15.23 3.91 48.28
CA PRO A 227 16.19 4.10 47.19
C PRO A 227 17.64 3.88 47.62
N ALA A 228 17.91 4.04 48.92
CA ALA A 228 19.28 3.88 49.42
C ALA A 228 19.79 2.47 49.16
N LEU A 229 18.92 1.47 49.37
CA LEU A 229 19.30 0.08 49.10
C LEU A 229 19.79 -0.09 47.67
N PHE A 230 19.13 0.58 46.71
CA PHE A 230 19.53 0.45 45.32
C PHE A 230 20.81 1.25 45.03
N LYS A 231 20.94 2.46 45.57
CA LYS A 231 22.09 3.29 45.21
C LYS A 231 23.35 2.83 45.93
N GLU A 232 23.22 1.98 46.95
CA GLU A 232 24.40 1.51 47.66
C GLU A 232 25.31 0.68 46.75
N ILE A 233 24.73 -0.17 45.91
CA ILE A 233 25.55 -0.98 45.03
C ILE A 233 25.64 -0.35 43.64
N GLY A 234 25.11 0.86 43.49
CA GLY A 234 25.22 1.58 42.24
C GLY A 234 24.18 1.24 41.19
N VAL A 235 23.25 0.34 41.50
CA VAL A 235 22.22 -0.01 40.52
C VAL A 235 21.13 1.04 40.51
N LYS A 236 20.55 1.26 39.33
CA LYS A 236 19.41 2.14 39.19
C LYS A 236 18.12 1.33 39.13
N PRO A 237 17.10 1.70 39.89
CA PRO A 237 15.83 0.97 39.84
C PRO A 237 15.22 1.05 38.46
N PRO A 238 14.53 -0.01 38.02
CA PRO A 238 13.86 0.03 36.71
C PRO A 238 12.87 1.19 36.66
N ARG A 239 13.02 2.04 35.64
CA ARG A 239 12.21 3.25 35.54
C ARG A 239 10.73 2.91 35.37
N GLY A 240 10.42 1.93 34.55
CA GLY A 240 9.03 1.65 34.23
C GLY A 240 8.58 0.23 34.43
N ILE A 241 7.32 0.05 34.83
CA ILE A 241 6.70 -1.26 35.00
C ILE A 241 5.55 -1.38 34.02
N LEU A 242 5.58 -2.42 33.19
CA LEU A 242 4.57 -2.65 32.16
C LEU A 242 3.71 -3.84 32.54
N LEU A 243 2.40 -3.60 32.64
CA LEU A 243 1.44 -4.62 33.02
C LEU A 243 0.63 -5.03 31.80
N TYR A 244 0.51 -6.33 31.57
CA TYR A 244 -0.24 -6.83 30.42
C TYR A 244 -1.04 -8.06 30.82
N GLY A 245 -2.15 -8.25 30.10
CA GLY A 245 -3.08 -9.32 30.37
C GLY A 245 -4.42 -9.07 29.70
N PRO A 246 -5.30 -10.06 29.72
CA PRO A 246 -6.62 -9.86 29.14
C PRO A 246 -7.41 -8.85 29.93
N PRO A 247 -8.40 -8.21 29.31
CA PRO A 247 -9.18 -7.19 30.02
C PRO A 247 -9.97 -7.80 31.17
N GLY A 248 -10.19 -6.99 32.21
CA GLY A 248 -10.95 -7.43 33.36
C GLY A 248 -10.15 -8.11 34.45
N THR A 249 -8.83 -8.07 34.38
CA THR A 249 -7.99 -8.64 35.44
C THR A 249 -7.66 -7.64 36.54
N GLY A 250 -8.19 -6.42 36.45
CA GLY A 250 -8.01 -5.46 37.52
C GLY A 250 -6.69 -4.73 37.51
N LYS A 251 -5.99 -4.71 36.37
CA LYS A 251 -4.72 -3.97 36.30
C LYS A 251 -4.92 -2.51 36.70
N THR A 252 -5.99 -1.89 36.20
CA THR A 252 -6.35 -0.56 36.69
C THR A 252 -6.68 -0.60 38.17
N LEU A 253 -7.40 -1.64 38.61
CA LEU A 253 -7.74 -1.78 40.02
C LEU A 253 -6.48 -1.97 40.87
N ILE A 254 -5.53 -2.78 40.39
CA ILE A 254 -4.26 -2.94 41.10
C ILE A 254 -3.52 -1.62 41.19
N ALA A 255 -3.51 -0.84 40.09
CA ALA A 255 -2.85 0.45 40.13
C ALA A 255 -3.48 1.37 41.17
N ARG A 256 -4.81 1.42 41.21
CA ARG A 256 -5.49 2.27 42.19
C ARG A 256 -5.20 1.80 43.61
N ALA A 257 -5.21 0.49 43.83
CA ALA A 257 -4.93 -0.04 45.16
C ALA A 257 -3.50 0.27 45.59
N VAL A 258 -2.54 0.15 44.68
CA VAL A 258 -1.16 0.54 44.97
C VAL A 258 -1.10 2.02 45.34
N ALA A 259 -1.78 2.85 44.58
CA ALA A 259 -1.73 4.29 44.81
C ALA A 259 -2.33 4.68 46.14
N ASN A 260 -3.43 4.01 46.54
CA ASN A 260 -4.15 4.42 47.74
C ASN A 260 -3.29 4.31 48.99
N GLU A 261 -2.53 3.23 49.13
CA GLU A 261 -1.71 3.06 50.32
C GLU A 261 -0.46 3.94 50.29
N THR A 262 0.25 3.95 49.17
CA THR A 262 1.50 4.69 49.08
C THR A 262 1.24 6.19 49.03
N GLY A 263 2.04 6.93 49.78
CA GLY A 263 1.91 8.38 49.85
C GLY A 263 2.55 9.14 48.74
N ALA A 264 3.24 8.46 47.83
CA ALA A 264 3.81 9.14 46.67
C ALA A 264 2.72 9.75 45.81
N PHE A 265 2.98 10.94 45.29
CA PHE A 265 1.98 11.62 44.48
C PHE A 265 1.63 10.80 43.25
N PHE A 266 0.33 10.68 42.99
CA PHE A 266 -0.19 9.84 41.92
C PHE A 266 -0.73 10.71 40.80
N PHE A 267 -0.19 10.55 39.60
CA PHE A 267 -0.73 11.21 38.42
C PHE A 267 -1.17 10.17 37.41
N LEU A 268 -2.31 10.42 36.77
CA LEU A 268 -2.81 9.57 35.70
C LEU A 268 -2.66 10.31 34.38
N ILE A 269 -1.73 9.82 33.55
CA ILE A 269 -1.70 10.28 32.16
C ILE A 269 -2.98 9.91 31.46
N ASN A 270 -3.47 8.69 31.68
CA ASN A 270 -4.83 8.30 31.33
C ASN A 270 -5.09 8.49 29.83
N GLY A 271 -4.45 7.66 29.00
CA GLY A 271 -4.45 7.79 27.56
C GLY A 271 -5.73 8.26 26.92
N PRO A 272 -6.91 7.77 27.33
CA PRO A 272 -8.15 8.36 26.79
C PRO A 272 -8.23 9.85 26.98
N GLU A 273 -7.76 10.37 28.12
CA GLU A 273 -7.67 11.81 28.29
C GLU A 273 -6.66 12.42 27.31
N ILE A 274 -5.60 11.67 26.99
CA ILE A 274 -4.58 12.17 26.08
C ILE A 274 -5.14 12.35 24.68
N MET A 275 -5.86 11.35 24.17
CA MET A 275 -6.53 11.55 22.88
C MET A 275 -7.67 12.55 23.01
N SER A 276 -8.17 12.77 24.23
CA SER A 276 -9.12 13.85 24.45
C SER A 276 -8.44 15.21 24.29
N LYS A 277 -7.18 15.31 24.69
CA LYS A 277 -6.44 16.55 24.53
C LYS A 277 -6.04 16.75 23.08
N LEU A 278 -5.81 18.00 22.71
CA LEU A 278 -5.54 18.35 21.32
C LEU A 278 -4.23 17.74 20.84
N ALA A 279 -4.19 17.38 19.56
CA ALA A 279 -2.97 16.89 18.95
C ALA A 279 -1.90 17.98 18.96
N GLY A 280 -0.65 17.57 19.15
CA GLY A 280 0.45 18.51 19.30
C GLY A 280 0.57 19.11 20.68
N GLU A 281 -0.51 19.08 21.47
CA GLU A 281 -0.47 19.49 22.88
C GLU A 281 -0.33 18.30 23.83
N SER A 282 -0.50 17.07 23.33
CA SER A 282 -0.32 15.91 24.18
C SER A 282 1.11 15.80 24.69
N GLU A 283 2.09 16.06 23.81
CA GLU A 283 3.48 16.03 24.22
C GLU A 283 3.73 17.01 25.36
N SER A 284 3.12 18.20 25.29
CA SER A 284 3.20 19.15 26.39
C SER A 284 2.58 18.57 27.65
N ASN A 285 1.48 17.82 27.52
CA ASN A 285 0.85 17.22 28.68
C ASN A 285 1.79 16.21 29.35
N LEU A 286 2.45 15.37 28.54
CA LEU A 286 3.42 14.43 29.08
C LEU A 286 4.59 15.14 29.75
N ARG A 287 5.08 16.23 29.14
CA ARG A 287 6.18 16.99 29.74
C ARG A 287 5.78 17.57 31.08
N LYS A 288 4.59 18.17 31.17
CA LYS A 288 4.12 18.71 32.44
C LYS A 288 3.89 17.60 33.46
N ALA A 289 3.41 16.44 33.01
CA ALA A 289 3.21 15.32 33.91
C ALA A 289 4.52 14.88 34.54
N PHE A 290 5.56 14.74 33.72
CA PHE A 290 6.87 14.36 34.25
C PHE A 290 7.43 15.46 35.15
N GLU A 291 7.18 16.73 34.80
CA GLU A 291 7.65 17.82 35.65
C GLU A 291 6.99 17.79 37.03
N GLU A 292 5.67 17.54 37.08
CA GLU A 292 5.01 17.39 38.37
C GLU A 292 5.52 16.17 39.12
N ALA A 293 5.78 15.08 38.40
CA ALA A 293 6.30 13.88 39.05
C ALA A 293 7.66 14.14 39.71
N GLU A 294 8.53 14.87 39.02
CA GLU A 294 9.84 15.17 39.61
C GLU A 294 9.71 16.24 40.69
N LYS A 295 8.72 17.12 40.58
CA LYS A 295 8.53 18.17 41.58
C LYS A 295 8.03 17.58 42.90
N ASN A 296 7.11 16.62 42.83
CA ASN A 296 6.58 15.95 44.01
C ASN A 296 7.29 14.64 44.30
N ALA A 297 8.58 14.55 44.02
CA ALA A 297 9.33 13.33 44.26
C ALA A 297 9.37 13.04 45.76
N PRO A 298 9.08 11.80 46.18
CA PRO A 298 8.78 10.69 45.28
C PRO A 298 7.32 10.61 44.79
N ALA A 299 7.15 10.14 43.56
CA ALA A 299 5.85 10.08 42.93
C ALA A 299 5.70 8.75 42.20
N ILE A 300 4.46 8.41 41.87
CA ILE A 300 4.12 7.20 41.13
C ILE A 300 3.26 7.60 39.93
N ILE A 301 3.64 7.11 38.76
CA ILE A 301 2.95 7.43 37.51
C ILE A 301 2.31 6.16 36.97
N PHE A 302 1.04 6.26 36.58
CA PHE A 302 0.34 5.15 35.93
C PHE A 302 -0.22 5.63 34.61
N ILE A 303 0.00 4.84 33.55
CA ILE A 303 -0.55 5.11 32.23
C ILE A 303 -1.53 4.00 31.89
N ASP A 304 -2.76 4.38 31.55
CA ASP A 304 -3.79 3.43 31.19
C ASP A 304 -3.94 3.40 29.69
N GLU A 305 -4.02 2.20 29.13
CA GLU A 305 -4.10 1.98 27.68
C GLU A 305 -2.94 2.67 26.97
N LEU A 306 -1.72 2.34 27.42
CA LEU A 306 -0.53 2.92 26.82
C LEU A 306 -0.40 2.57 25.35
N ASP A 307 -0.78 1.34 24.98
CA ASP A 307 -0.68 0.92 23.60
C ASP A 307 -1.56 1.77 22.69
N ALA A 308 -2.65 2.31 23.24
CA ALA A 308 -3.49 3.21 22.46
C ALA A 308 -2.73 4.48 22.07
N ILE A 309 -1.94 5.03 23.00
CA ILE A 309 -1.19 6.25 22.71
C ILE A 309 0.18 5.94 22.13
N ALA A 310 0.68 4.71 22.29
CA ALA A 310 2.03 4.33 21.88
C ALA A 310 2.01 3.02 21.10
N PRO A 311 1.55 3.05 19.84
CA PRO A 311 1.70 1.88 18.97
C PRO A 311 3.13 1.78 18.48
N LYS A 312 3.38 0.76 17.65
CA LYS A 312 4.71 0.59 17.10
C LYS A 312 5.06 1.76 16.19
N ARG A 313 6.25 2.34 16.41
CA ARG A 313 6.65 3.51 15.63
C ARG A 313 6.89 3.16 14.18
N GLU A 314 7.21 1.90 13.88
CA GLU A 314 7.42 1.50 12.50
C GLU A 314 6.12 1.60 11.69
N LYS A 315 4.99 1.22 12.31
CA LYS A 315 3.69 1.28 11.65
C LYS A 315 2.76 2.16 12.51
N THR A 316 2.79 3.47 12.24
CA THR A 316 1.93 4.42 12.93
C THR A 316 1.28 5.34 11.90
N HIS A 317 -0.05 5.49 12.00
CA HIS A 317 -0.77 6.27 11.01
C HIS A 317 -0.49 7.76 11.13
N GLY A 318 -0.51 8.29 12.35
CA GLY A 318 -0.42 9.72 12.58
C GLY A 318 0.97 10.13 13.05
N GLU A 319 1.41 11.29 12.58
CA GLU A 319 2.70 11.83 13.03
C GLU A 319 2.63 12.25 14.49
N VAL A 320 1.46 12.73 14.93
CA VAL A 320 1.30 13.15 16.32
C VAL A 320 1.55 11.99 17.27
N GLU A 321 1.08 10.79 16.91
CA GLU A 321 1.32 9.62 17.74
C GLU A 321 2.81 9.29 17.82
N ARG A 322 3.51 9.40 16.69
CA ARG A 322 4.96 9.16 16.70
C ARG A 322 5.67 10.18 17.59
N ARG A 323 5.25 11.45 17.54
CA ARG A 323 5.86 12.46 18.39
C ARG A 323 5.52 12.21 19.86
N ILE A 324 4.33 11.67 20.14
CA ILE A 324 3.98 11.32 21.52
C ILE A 324 4.87 10.20 22.03
N VAL A 325 5.13 9.19 21.19
CA VAL A 325 6.05 8.11 21.59
C VAL A 325 7.45 8.66 21.78
N SER A 326 7.87 9.58 20.90
CA SER A 326 9.18 10.21 21.04
C SER A 326 9.29 10.97 22.35
N GLN A 327 8.21 11.68 22.73
CA GLN A 327 8.21 12.39 24.00
C GLN A 327 8.25 11.42 25.18
N LEU A 328 7.54 10.29 25.06
CA LEU A 328 7.66 9.24 26.07
C LEU A 328 9.12 8.83 26.26
N LEU A 329 9.81 8.51 25.17
CA LEU A 329 11.19 8.08 25.26
C LEU A 329 12.08 9.20 25.81
N THR A 330 11.86 10.43 25.37
CA THR A 330 12.67 11.55 25.81
C THR A 330 12.51 11.80 27.30
N LEU A 331 11.28 11.71 27.80
CA LEU A 331 11.05 11.93 29.23
C LEU A 331 11.58 10.76 30.05
N MET A 332 11.51 9.54 29.49
CA MET A 332 12.10 8.39 30.18
C MET A 332 13.61 8.54 30.31
N ASP A 333 14.27 8.98 29.24
CA ASP A 333 15.72 9.16 29.28
C ASP A 333 16.11 10.40 30.08
N GLY A 334 15.20 11.37 30.19
CA GLY A 334 15.51 12.59 30.89
C GLY A 334 15.71 12.38 32.39
N LEU A 335 14.90 11.51 32.98
CA LEU A 335 15.03 11.23 34.40
C LEU A 335 16.40 10.63 34.70
N LYS A 336 17.13 11.27 35.61
CA LYS A 336 18.47 10.85 35.98
C LYS A 336 18.46 9.77 37.07
N GLN A 337 17.30 9.16 37.31
CA GLN A 337 17.03 8.12 38.30
C GLN A 337 17.12 8.66 39.73
N ARG A 338 17.35 9.95 39.92
CA ARG A 338 17.27 10.54 41.25
C ARG A 338 15.85 10.93 41.63
N ALA A 339 14.94 10.97 40.65
CA ALA A 339 13.56 11.34 40.96
C ALA A 339 12.87 10.26 41.77
N HIS A 340 13.30 9.01 41.62
CA HIS A 340 12.70 7.87 42.32
C HIS A 340 11.21 7.76 42.02
N VAL A 341 10.84 8.04 40.77
CA VAL A 341 9.46 8.02 40.33
C VAL A 341 9.26 6.82 39.41
N ILE A 342 8.35 5.93 39.78
CA ILE A 342 8.09 4.70 39.03
C ILE A 342 6.90 4.92 38.12
N VAL A 343 7.08 4.65 36.84
CA VAL A 343 6.03 4.77 35.84
C VAL A 343 5.44 3.40 35.59
N MET A 344 4.13 3.26 35.83
CA MET A 344 3.43 2.01 35.64
C MET A 344 2.57 2.11 34.37
N ALA A 345 2.61 1.06 33.56
CA ALA A 345 1.88 1.03 32.30
C ALA A 345 1.02 -0.22 32.24
N ALA A 346 -0.24 -0.05 31.89
CA ALA A 346 -1.18 -1.15 31.72
C ALA A 346 -1.61 -1.21 30.26
N THR A 347 -1.43 -2.37 29.64
CA THR A 347 -1.83 -2.59 28.26
C THR A 347 -2.48 -3.97 28.14
N ASN A 348 -3.54 -4.05 27.33
CA ASN A 348 -4.18 -5.35 27.13
C ASN A 348 -3.36 -6.23 26.19
N ARG A 349 -2.59 -5.62 25.29
CA ARG A 349 -1.75 -6.36 24.35
C ARG A 349 -0.31 -5.87 24.46
N PRO A 350 0.64 -6.72 24.86
CA PRO A 350 2.03 -6.26 24.95
C PRO A 350 2.67 -6.00 23.60
N ASN A 351 2.15 -6.62 22.53
CA ASN A 351 2.75 -6.45 21.21
C ASN A 351 2.51 -5.05 20.68
N SER A 352 1.35 -4.47 20.98
CA SER A 352 1.03 -3.12 20.49
C SER A 352 1.94 -2.07 21.13
N ILE A 353 2.62 -2.43 22.22
CA ILE A 353 3.54 -1.50 22.86
C ILE A 353 4.72 -1.23 21.94
N ASP A 354 5.15 0.03 21.89
CA ASP A 354 6.28 0.40 21.05
C ASP A 354 7.53 -0.38 21.47
N PRO A 355 8.22 -1.01 20.51
CA PRO A 355 9.36 -1.87 20.89
C PRO A 355 10.45 -1.16 21.66
N ALA A 356 10.71 0.12 21.37
CA ALA A 356 11.73 0.85 22.11
C ALA A 356 11.33 0.99 23.58
N LEU A 357 10.04 1.17 23.85
CA LEU A 357 9.57 1.29 25.24
C LEU A 357 9.79 -0.02 26.01
N ARG A 358 9.90 -1.14 25.30
CA ARG A 358 10.09 -2.42 25.97
C ARG A 358 11.55 -2.69 26.33
N ARG A 359 12.45 -1.78 25.98
CA ARG A 359 13.87 -2.01 26.22
C ARG A 359 14.26 -1.52 27.62
N PHE A 360 15.51 -1.79 27.99
CA PHE A 360 15.99 -1.46 29.32
C PHE A 360 16.11 0.05 29.50
N GLY A 361 15.95 0.51 30.75
CA GLY A 361 15.80 1.92 31.05
C GLY A 361 14.40 2.45 30.85
N ARG A 362 13.45 1.57 30.52
CA ARG A 362 12.09 1.91 30.15
C ARG A 362 11.20 0.76 30.62
N PHE A 363 10.02 0.60 30.02
CA PHE A 363 9.12 -0.50 30.38
C PHE A 363 9.72 -1.83 29.92
N ASP A 364 10.87 -2.16 30.52
CA ASP A 364 11.54 -3.42 30.21
C ASP A 364 10.99 -4.56 31.05
N ARG A 365 10.58 -4.26 32.27
CA ARG A 365 10.06 -5.29 33.16
C ARG A 365 8.62 -5.63 32.77
N GLU A 366 8.39 -6.90 32.45
CA GLU A 366 7.10 -7.36 31.94
C GLU A 366 6.45 -8.27 32.97
N VAL A 367 5.25 -7.92 33.39
CA VAL A 367 4.51 -8.66 34.41
C VAL A 367 3.23 -9.20 33.79
N ASP A 368 3.01 -10.50 33.93
CA ASP A 368 1.82 -11.16 33.43
C ASP A 368 0.79 -11.31 34.54
N ILE A 369 -0.42 -10.82 34.28
CA ILE A 369 -1.53 -11.00 35.20
C ILE A 369 -2.35 -12.19 34.73
N GLY A 370 -2.23 -13.30 35.44
CA GLY A 370 -2.95 -14.50 35.06
C GLY A 370 -4.41 -14.44 35.41
N ILE A 371 -5.18 -15.33 34.79
CA ILE A 371 -6.62 -15.42 35.11
C ILE A 371 -6.77 -15.87 36.55
N PRO A 372 -7.69 -15.30 37.33
CA PRO A 372 -7.87 -15.76 38.71
C PRO A 372 -8.28 -17.23 38.75
N ASP A 373 -7.67 -17.96 39.67
CA ASP A 373 -7.95 -19.37 39.83
C ASP A 373 -9.18 -19.58 40.71
N ALA A 374 -9.47 -20.85 41.02
CA ALA A 374 -10.67 -21.18 41.78
C ALA A 374 -10.70 -20.47 43.11
N THR A 375 -9.60 -20.55 43.88
CA THR A 375 -9.53 -19.82 45.14
C THR A 375 -9.50 -18.31 44.90
N GLY A 376 -8.74 -17.87 43.90
CA GLY A 376 -8.66 -16.45 43.62
C GLY A 376 -9.99 -15.87 43.18
N ARG A 377 -10.68 -16.55 42.25
CA ARG A 377 -11.97 -16.05 41.80
C ARG A 377 -13.03 -16.21 42.89
N LEU A 378 -12.88 -17.20 43.76
CA LEU A 378 -13.77 -17.29 44.92
C LEU A 378 -13.59 -16.07 45.83
N GLU A 379 -12.34 -15.67 46.05
CA GLU A 379 -12.09 -14.47 46.85
C GLU A 379 -12.63 -13.23 46.15
N ILE A 380 -12.51 -13.18 44.82
CA ILE A 380 -13.07 -12.05 44.06
C ILE A 380 -14.59 -12.00 44.24
N LEU A 381 -15.25 -13.16 44.19
CA LEU A 381 -16.69 -13.21 44.45
C LEU A 381 -17.00 -12.72 45.85
N GLN A 382 -16.21 -13.15 46.84
CA GLN A 382 -16.44 -12.71 48.22
C GLN A 382 -16.32 -11.19 48.34
N ILE A 383 -15.32 -10.61 47.68
CA ILE A 383 -15.15 -9.16 47.69
C ILE A 383 -16.33 -8.48 47.02
N HIS A 384 -16.77 -9.01 45.87
CA HIS A 384 -17.86 -8.38 45.13
C HIS A 384 -19.18 -8.46 45.90
N THR A 385 -19.53 -9.65 46.39
CA THR A 385 -20.86 -9.90 46.92
C THR A 385 -21.03 -9.45 48.36
N LYS A 386 -20.00 -8.87 48.98
CA LYS A 386 -20.13 -8.44 50.37
C LYS A 386 -21.21 -7.36 50.51
N ASN A 387 -21.29 -6.46 49.54
CA ASN A 387 -22.37 -5.47 49.53
C ASN A 387 -23.72 -6.15 49.33
N MET A 388 -23.79 -7.14 48.44
CA MET A 388 -25.04 -7.83 48.18
C MET A 388 -25.45 -8.69 49.37
N LYS A 389 -26.76 -8.83 49.56
CA LYS A 389 -27.29 -9.75 50.55
C LYS A 389 -27.35 -11.15 49.96
N LEU A 390 -26.84 -12.13 50.72
CA LEU A 390 -26.82 -13.52 50.27
C LEU A 390 -27.58 -14.37 51.27
N ALA A 391 -28.39 -15.30 50.76
CA ALA A 391 -29.14 -16.21 51.62
C ALA A 391 -28.27 -17.38 52.05
N ASP A 392 -28.90 -18.35 52.72
CA ASP A 392 -28.18 -19.53 53.18
C ASP A 392 -27.91 -20.50 52.02
N ASP A 393 -28.81 -20.54 51.04
CA ASP A 393 -28.71 -21.52 49.97
C ASP A 393 -27.52 -21.23 49.07
N VAL A 394 -27.23 -19.94 48.83
CA VAL A 394 -26.20 -19.58 47.87
C VAL A 394 -24.82 -19.94 48.40
N ASP A 395 -24.00 -20.54 47.54
CA ASP A 395 -22.62 -20.87 47.86
C ASP A 395 -21.72 -20.29 46.77
N LEU A 396 -20.70 -19.53 47.19
CA LEU A 396 -19.82 -18.89 46.22
C LEU A 396 -18.84 -19.89 45.62
N GLU A 397 -18.54 -20.96 46.34
CA GLU A 397 -17.55 -21.93 45.86
C GLU A 397 -18.02 -22.61 44.59
N GLN A 398 -19.32 -22.93 44.49
CA GLN A 398 -19.83 -23.55 43.28
C GLN A 398 -19.73 -22.61 42.08
N VAL A 399 -20.06 -21.33 42.30
CA VAL A 399 -19.96 -20.35 41.21
C VAL A 399 -18.51 -20.19 40.77
N ALA A 400 -17.58 -20.19 41.73
CA ALA A 400 -16.17 -20.15 41.38
C ALA A 400 -15.75 -21.38 40.59
N ASN A 401 -16.26 -22.55 40.99
CA ASN A 401 -15.94 -23.78 40.28
C ASN A 401 -16.43 -23.74 38.83
N GLU A 402 -17.65 -23.25 38.63
CA GLU A 402 -18.23 -23.28 37.29
C GLU A 402 -17.56 -22.28 36.35
N THR A 403 -17.24 -21.09 36.84
CA THR A 403 -16.74 -20.01 35.98
C THR A 403 -15.22 -20.01 35.94
N HIS A 404 -14.66 -21.06 35.33
CA HIS A 404 -13.21 -21.15 35.19
C HIS A 404 -12.68 -20.11 34.20
N GLY A 405 -13.47 -19.80 33.16
CA GLY A 405 -13.06 -18.89 32.12
C GLY A 405 -13.41 -17.43 32.34
N HIS A 406 -13.95 -17.07 33.49
CA HIS A 406 -14.40 -15.72 33.72
C HIS A 406 -13.34 -14.89 34.43
N VAL A 407 -13.08 -13.69 33.91
CA VAL A 407 -12.18 -12.74 34.56
C VAL A 407 -12.97 -12.00 35.64
N GLY A 408 -12.26 -11.25 36.49
CA GLY A 408 -12.92 -10.59 37.62
C GLY A 408 -14.04 -9.66 37.20
N ALA A 409 -13.85 -8.96 36.08
CA ALA A 409 -14.94 -8.14 35.54
C ALA A 409 -16.14 -9.00 35.15
N ASP A 410 -15.88 -10.19 34.59
CA ASP A 410 -16.98 -11.11 34.29
C ASP A 410 -17.64 -11.59 35.57
N LEU A 411 -16.87 -11.77 36.65
CA LEU A 411 -17.46 -12.13 37.93
C LEU A 411 -18.37 -11.03 38.45
N ALA A 412 -17.94 -9.77 38.34
CA ALA A 412 -18.78 -8.66 38.75
C ALA A 412 -20.05 -8.59 37.91
N ALA A 413 -19.92 -8.79 36.60
CA ALA A 413 -21.09 -8.82 35.73
C ALA A 413 -22.04 -9.94 36.11
N LEU A 414 -21.49 -11.11 36.47
CA LEU A 414 -22.32 -12.23 36.88
C LEU A 414 -23.07 -11.92 38.17
N CYS A 415 -22.39 -11.31 39.13
CA CYS A 415 -23.06 -10.93 40.37
C CYS A 415 -24.17 -9.92 40.12
N SER A 416 -23.90 -8.92 39.27
CA SER A 416 -24.92 -7.93 38.93
C SER A 416 -26.10 -8.58 38.23
N GLU A 417 -25.84 -9.52 37.32
CA GLU A 417 -26.91 -10.22 36.62
C GLU A 417 -27.74 -11.06 37.58
N ALA A 418 -27.09 -11.72 38.53
CA ALA A 418 -27.82 -12.49 39.53
C ALA A 418 -28.73 -11.61 40.36
N ALA A 419 -28.23 -10.44 40.79
CA ALA A 419 -29.07 -9.52 41.56
C ALA A 419 -30.23 -9.00 40.71
N LEU A 420 -29.96 -8.67 39.44
CA LEU A 420 -31.04 -8.22 38.56
C LEU A 420 -32.08 -9.31 38.36
N GLN A 421 -31.64 -10.57 38.30
CA GLN A 421 -32.59 -11.66 38.15
C GLN A 421 -33.40 -11.87 39.43
N ALA A 422 -32.78 -11.60 40.59
CA ALA A 422 -33.54 -11.60 41.84
C ALA A 422 -34.63 -10.54 41.82
N ILE A 423 -34.29 -9.33 41.34
CA ILE A 423 -35.31 -8.28 41.21
C ILE A 423 -36.36 -8.69 40.19
N ARG A 424 -35.94 -9.45 39.17
CA ARG A 424 -36.89 -9.98 38.20
C ARG A 424 -37.89 -10.94 38.85
N LYS A 425 -37.40 -11.82 39.72
CA LYS A 425 -38.31 -12.68 40.49
C LYS A 425 -39.25 -11.85 41.36
N LYS A 426 -38.73 -10.78 41.96
CA LYS A 426 -39.56 -9.92 42.80
C LYS A 426 -40.32 -8.85 42.01
N MET A 427 -40.31 -8.94 40.68
CA MET A 427 -40.96 -7.91 39.86
C MET A 427 -42.46 -7.86 40.11
N ASP A 428 -43.12 -9.03 40.15
CA ASP A 428 -44.56 -9.05 40.31
C ASP A 428 -44.98 -8.55 41.68
N LEU A 429 -44.15 -8.76 42.71
CA LEU A 429 -44.45 -8.17 44.01
C LEU A 429 -44.42 -6.64 43.96
N ILE A 430 -43.43 -6.07 43.27
CA ILE A 430 -43.30 -4.61 43.25
C ILE A 430 -44.18 -4.04 42.14
N ASP A 431 -44.52 -2.76 42.29
CA ASP A 431 -45.27 -2.03 41.27
C ASP A 431 -44.42 -0.87 40.78
N LEU A 432 -44.08 -0.88 39.50
CA LEU A 432 -43.31 0.23 38.93
C LEU A 432 -44.13 1.51 38.93
N GLU A 433 -45.43 1.40 38.65
CA GLU A 433 -46.29 2.59 38.61
C GLU A 433 -46.48 3.18 40.01
N ASP A 434 -46.30 2.36 41.04
CA ASP A 434 -46.42 2.86 42.41
C ASP A 434 -45.23 3.77 42.72
N GLU A 435 -45.51 4.87 43.42
CA GLU A 435 -44.49 5.89 43.64
C GLU A 435 -43.49 5.48 44.73
N THR A 436 -43.96 4.79 45.78
CA THR A 436 -43.10 4.40 46.89
C THR A 436 -42.96 2.89 46.93
N ILE A 437 -41.76 2.42 47.31
CA ILE A 437 -41.50 0.99 47.36
C ILE A 437 -42.14 0.38 48.61
N ASP A 438 -42.59 -0.87 48.48
CA ASP A 438 -43.17 -1.60 49.62
C ASP A 438 -42.05 -2.24 50.42
N ALA A 439 -42.08 -2.04 51.75
CA ALA A 439 -40.98 -2.48 52.58
C ALA A 439 -40.93 -4.00 52.71
N GLU A 440 -42.09 -4.65 52.73
CA GLU A 440 -42.13 -6.11 52.88
C GLU A 440 -41.41 -6.79 51.73
N VAL A 441 -41.65 -6.33 50.50
CA VAL A 441 -40.93 -6.88 49.36
C VAL A 441 -39.45 -6.55 49.47
N MET A 442 -39.13 -5.38 50.00
CA MET A 442 -37.73 -4.96 50.09
C MET A 442 -36.93 -5.90 50.99
N ASN A 443 -37.41 -6.14 52.21
CA ASN A 443 -36.65 -6.99 53.12
C ASN A 443 -36.81 -8.46 52.75
N SER A 444 -37.92 -8.82 52.09
CA SER A 444 -38.08 -10.19 51.61
C SER A 444 -37.09 -10.50 50.49
N LEU A 445 -36.73 -9.49 49.70
CA LEU A 445 -35.85 -9.72 48.56
C LEU A 445 -34.44 -10.07 49.01
N ALA A 446 -33.92 -11.16 48.46
CA ALA A 446 -32.53 -11.55 48.64
C ALA A 446 -32.16 -12.49 47.50
N VAL A 447 -30.87 -12.50 47.14
CA VAL A 447 -30.42 -13.29 46.01
C VAL A 447 -30.42 -14.76 46.37
N THR A 448 -30.91 -15.59 45.45
CA THR A 448 -31.01 -17.03 45.65
C THR A 448 -30.19 -17.76 44.61
N MET A 449 -30.08 -19.08 44.79
CA MET A 449 -29.24 -19.89 43.91
C MET A 449 -29.84 -19.96 42.50
N ASP A 450 -31.16 -19.82 42.39
CA ASP A 450 -31.79 -19.78 41.07
C ASP A 450 -31.27 -18.60 40.26
N ASP A 451 -31.15 -17.44 40.91
CA ASP A 451 -30.60 -16.26 40.26
C ASP A 451 -29.15 -16.51 39.85
N PHE A 452 -28.38 -17.19 40.70
CA PHE A 452 -26.99 -17.44 40.37
C PHE A 452 -26.84 -18.38 39.18
N ARG A 453 -27.65 -19.44 39.12
CA ARG A 453 -27.56 -20.33 37.96
C ARG A 453 -28.06 -19.63 36.69
N TRP A 454 -29.08 -18.76 36.83
CA TRP A 454 -29.51 -17.97 35.67
C TRP A 454 -28.38 -17.07 35.17
N ALA A 455 -27.68 -16.40 36.09
CA ALA A 455 -26.55 -15.56 35.71
C ALA A 455 -25.45 -16.39 35.06
N LEU A 456 -25.18 -17.59 35.60
CA LEU A 456 -24.22 -18.49 34.98
C LEU A 456 -24.62 -18.83 33.56
N SER A 457 -25.92 -19.04 33.33
CA SER A 457 -26.39 -19.27 31.96
C SER A 457 -26.15 -18.06 31.08
N GLN A 458 -26.43 -16.85 31.59
CA GLN A 458 -26.23 -15.65 30.79
C GLN A 458 -24.76 -15.32 30.64
N SER A 459 -23.98 -15.40 31.73
CA SER A 459 -22.59 -15.00 31.69
C SER A 459 -21.78 -15.90 30.76
N ASN A 460 -20.82 -15.30 30.05
CA ASN A 460 -19.98 -16.02 29.11
C ASN A 460 -18.51 -15.71 29.39
N PRO A 461 -17.62 -16.71 29.31
CA PRO A 461 -16.19 -16.52 29.55
C PRO A 461 -15.55 -15.57 28.54
N VAL A 471 -7.54 -32.99 25.60
CA VAL A 471 -7.81 -34.17 26.40
C VAL A 471 -8.95 -34.97 25.79
N PRO A 472 -8.68 -36.22 25.42
CA PRO A 472 -9.71 -37.05 24.78
C PRO A 472 -10.70 -37.59 25.81
N GLN A 473 -11.87 -37.98 25.30
CA GLN A 473 -12.91 -38.52 26.17
C GLN A 473 -12.69 -39.99 26.48
N VAL A 474 -11.75 -40.62 25.75
CA VAL A 474 -11.51 -42.05 25.92
C VAL A 474 -10.87 -42.31 27.29
N THR A 475 -11.37 -43.34 27.97
CA THR A 475 -10.84 -43.79 29.24
C THR A 475 -10.55 -45.28 29.14
N TRP A 476 -9.71 -45.80 30.05
CA TRP A 476 -9.38 -47.21 30.04
C TRP A 476 -10.63 -48.08 30.13
N GLU A 477 -11.67 -47.59 30.80
CA GLU A 477 -12.91 -48.34 30.91
C GLU A 477 -13.57 -48.52 29.54
N ASP A 478 -13.24 -47.65 28.58
CA ASP A 478 -13.75 -47.80 27.23
C ASP A 478 -13.04 -48.93 26.50
N ILE A 479 -11.76 -49.16 26.82
CA ILE A 479 -11.00 -50.22 26.20
C ILE A 479 -11.42 -51.57 26.76
N GLY A 480 -11.35 -52.60 25.93
CA GLY A 480 -11.60 -53.97 26.36
C GLY A 480 -10.34 -54.81 26.24
N GLY A 481 -9.90 -55.34 27.38
CA GLY A 481 -8.69 -56.14 27.41
C GLY A 481 -7.44 -55.27 27.49
N LEU A 482 -6.32 -55.88 27.09
CA LEU A 482 -5.02 -55.21 27.06
C LEU A 482 -4.62 -54.67 28.44
N GLU A 483 -4.81 -55.50 29.47
CA GLU A 483 -4.40 -55.11 30.81
C GLU A 483 -2.88 -54.94 30.92
N ASP A 484 -2.13 -55.86 30.31
CA ASP A 484 -0.68 -55.76 30.36
C ASP A 484 -0.17 -54.52 29.63
N VAL A 485 -0.74 -54.22 28.46
CA VAL A 485 -0.37 -53.01 27.73
C VAL A 485 -0.79 -51.79 28.52
N LYS A 486 -1.94 -51.86 29.21
CA LYS A 486 -2.36 -50.78 30.09
C LYS A 486 -1.31 -50.51 31.16
N ARG A 487 -0.84 -51.55 31.83
CA ARG A 487 0.17 -51.36 32.87
C ARG A 487 1.47 -50.83 32.29
N GLU A 488 1.90 -51.35 31.14
CA GLU A 488 3.12 -50.86 30.53
C GLU A 488 3.02 -49.38 30.19
N LEU A 489 1.90 -48.97 29.58
CA LEU A 489 1.71 -47.57 29.24
C LEU A 489 1.69 -46.70 30.49
N GLN A 490 1.04 -47.18 31.56
CA GLN A 490 1.02 -46.42 32.81
C GLN A 490 2.43 -46.22 33.33
N GLU A 491 3.21 -47.30 33.46
CA GLU A 491 4.57 -47.18 33.97
C GLU A 491 5.41 -46.27 33.09
N LEU A 492 5.20 -46.29 31.78
CA LEU A 492 6.04 -45.49 30.89
C LEU A 492 5.67 -44.01 30.95
N VAL A 493 4.38 -43.68 31.04
CA VAL A 493 3.93 -42.30 30.86
C VAL A 493 3.55 -41.66 32.20
N GLN A 494 2.64 -42.28 32.95
CA GLN A 494 2.05 -41.62 34.11
C GLN A 494 3.00 -41.61 35.30
N TYR A 495 3.75 -42.69 35.50
CA TYR A 495 4.58 -42.83 36.69
C TYR A 495 5.57 -41.69 36.91
N PRO A 496 6.32 -41.20 35.90
CA PRO A 496 7.21 -40.06 36.17
C PRO A 496 6.47 -38.83 36.64
N VAL A 497 5.22 -38.63 36.20
CA VAL A 497 4.42 -37.52 36.69
C VAL A 497 4.00 -37.77 38.14
N GLU A 498 3.59 -39.01 38.45
CA GLU A 498 3.14 -39.32 39.81
C GLU A 498 4.28 -39.22 40.82
N HIS A 499 5.44 -39.77 40.48
CA HIS A 499 6.57 -39.86 41.40
C HIS A 499 7.84 -39.38 40.71
N PRO A 500 7.95 -38.07 40.43
CA PRO A 500 9.20 -37.56 39.85
C PRO A 500 10.39 -37.69 40.79
N ASP A 501 10.16 -37.69 42.10
CA ASP A 501 11.25 -37.78 43.05
C ASP A 501 12.00 -39.10 42.91
N LYS A 502 11.28 -40.19 42.65
CA LYS A 502 11.93 -41.48 42.44
C LYS A 502 12.83 -41.44 41.21
N PHE A 503 12.35 -40.84 40.12
CA PHE A 503 13.17 -40.72 38.93
C PHE A 503 14.41 -39.88 39.17
N LEU A 504 14.26 -38.76 39.89
CA LEU A 504 15.42 -37.92 40.19
C LEU A 504 16.42 -38.65 41.08
N LYS A 505 15.92 -39.38 42.08
CA LYS A 505 16.80 -40.12 42.97
C LYS A 505 17.56 -41.21 42.23
N PHE A 506 16.88 -41.93 41.35
CA PHE A 506 17.49 -43.04 40.62
C PHE A 506 18.18 -42.60 39.34
N GLY A 507 18.22 -41.31 39.05
CA GLY A 507 18.95 -40.80 37.90
C GLY A 507 18.44 -41.33 36.57
N MET A 508 17.14 -41.53 36.45
CA MET A 508 16.54 -42.08 35.25
C MET A 508 15.74 -41.02 34.52
N THR A 509 16.07 -40.78 33.27
CA THR A 509 15.22 -39.94 32.45
C THR A 509 14.06 -40.76 31.92
N PRO A 510 12.83 -40.25 31.96
CA PRO A 510 11.69 -41.05 31.47
C PRO A 510 11.77 -41.28 29.96
N SER A 511 11.52 -42.51 29.56
CA SER A 511 11.50 -42.85 28.14
C SER A 511 10.32 -42.15 27.47
N LYS A 512 10.57 -41.57 26.29
CA LYS A 512 9.58 -40.75 25.62
C LYS A 512 9.04 -41.38 24.35
N GLY A 513 9.34 -42.64 24.07
CA GLY A 513 8.90 -43.24 22.83
C GLY A 513 8.33 -44.64 22.95
N VAL A 514 7.19 -44.87 22.29
CA VAL A 514 6.52 -46.16 22.26
C VAL A 514 6.04 -46.41 20.84
N LEU A 515 6.27 -47.62 20.33
CA LEU A 515 5.81 -48.01 19.00
C LEU A 515 4.76 -49.10 19.13
N PHE A 516 3.58 -48.86 18.58
CA PHE A 516 2.51 -49.84 18.51
C PHE A 516 2.46 -50.41 17.09
N TYR A 517 2.66 -51.72 16.98
CA TYR A 517 2.54 -52.41 15.69
C TYR A 517 1.59 -53.57 15.84
N GLY A 518 0.63 -53.69 14.92
CA GLY A 518 -0.35 -54.74 14.95
C GLY A 518 -1.35 -54.64 13.82
N PRO A 519 -2.30 -55.56 13.78
CA PRO A 519 -3.33 -55.52 12.74
C PRO A 519 -4.23 -54.31 12.92
N PRO A 520 -4.82 -53.80 11.83
CA PRO A 520 -5.65 -52.60 11.93
C PRO A 520 -6.89 -52.84 12.79
N GLY A 521 -7.32 -51.79 13.48
CA GLY A 521 -8.53 -51.82 14.26
C GLY A 521 -8.44 -52.50 15.61
N CYS A 522 -7.25 -52.56 16.21
CA CYS A 522 -7.08 -53.22 17.50
C CYS A 522 -6.97 -52.23 18.66
N GLY A 523 -7.35 -50.97 18.46
CA GLY A 523 -7.43 -50.03 19.56
C GLY A 523 -6.13 -49.38 19.97
N LYS A 524 -5.14 -49.33 19.07
CA LYS A 524 -3.91 -48.63 19.38
C LYS A 524 -4.16 -47.14 19.60
N THR A 525 -4.94 -46.52 18.71
CA THR A 525 -5.37 -45.15 18.92
C THR A 525 -6.20 -45.04 20.20
N LEU A 526 -7.01 -46.06 20.47
CA LEU A 526 -7.79 -46.08 21.71
C LEU A 526 -6.89 -46.09 22.93
N LEU A 527 -5.82 -46.90 22.89
CA LEU A 527 -4.84 -46.92 23.98
C LEU A 527 -4.17 -45.57 24.16
N ALA A 528 -3.77 -44.95 23.04
CA ALA A 528 -3.12 -43.64 23.13
C ALA A 528 -4.04 -42.59 23.73
N LYS A 529 -5.30 -42.57 23.30
CA LYS A 529 -6.26 -41.63 23.86
C LYS A 529 -6.49 -41.90 25.34
N ALA A 530 -6.55 -43.18 25.72
CA ALA A 530 -6.77 -43.51 27.13
C ALA A 530 -5.61 -43.04 28.01
N ILE A 531 -4.37 -43.26 27.55
CA ILE A 531 -3.22 -42.83 28.36
C ILE A 531 -3.15 -41.31 28.40
N ALA A 532 -3.48 -40.63 27.30
CA ALA A 532 -3.50 -39.17 27.30
C ALA A 532 -4.55 -38.64 28.27
N ASN A 533 -5.71 -39.29 28.34
CA ASN A 533 -6.76 -38.84 29.25
C ASN A 533 -6.39 -39.12 30.71
N GLU A 534 -5.86 -40.31 30.98
CA GLU A 534 -5.50 -40.65 32.35
C GLU A 534 -4.41 -39.71 32.87
N CYS A 535 -3.43 -39.38 32.04
CA CYS A 535 -2.41 -38.44 32.46
C CYS A 535 -2.91 -37.00 32.51
N GLN A 536 -4.13 -36.75 32.02
CA GLN A 536 -4.72 -35.41 31.99
C GLN A 536 -3.84 -34.43 31.22
N ALA A 537 -3.27 -34.91 30.12
CA ALA A 537 -2.41 -34.11 29.27
C ALA A 537 -3.04 -33.97 27.89
N ASN A 538 -2.61 -32.95 27.16
CA ASN A 538 -3.16 -32.69 25.83
C ASN A 538 -2.82 -33.83 24.88
N PHE A 539 -3.62 -33.97 23.83
CA PHE A 539 -3.45 -35.02 22.84
C PHE A 539 -3.43 -34.40 21.45
N ILE A 540 -2.41 -34.75 20.66
CA ILE A 540 -2.29 -34.29 19.28
C ILE A 540 -2.15 -35.52 18.39
N SER A 541 -3.04 -35.64 17.41
CA SER A 541 -3.10 -36.80 16.53
C SER A 541 -2.83 -36.36 15.10
N ILE A 542 -1.93 -37.08 14.42
CA ILE A 542 -1.61 -36.84 13.02
C ILE A 542 -1.27 -38.18 12.37
N LYS A 543 -1.56 -38.29 11.09
CA LYS A 543 -1.27 -39.49 10.33
C LYS A 543 -0.19 -39.21 9.30
N GLY A 544 0.57 -40.25 8.94
CA GLY A 544 1.71 -40.12 8.05
C GLY A 544 1.44 -39.44 6.74
N PRO A 545 0.48 -39.92 5.94
CA PRO A 545 0.21 -39.25 4.65
C PRO A 545 -0.21 -37.79 4.79
N GLU A 546 -0.79 -37.40 5.93
CA GLU A 546 -1.28 -36.05 6.08
C GLU A 546 -0.14 -35.03 6.01
N LEU A 547 1.03 -35.39 6.52
CA LEU A 547 2.14 -34.42 6.57
C LEU A 547 2.93 -34.40 5.27
N LEU A 548 2.63 -35.31 4.35
CA LEU A 548 3.51 -35.52 3.20
C LEU A 548 3.51 -34.32 2.25
N THR A 549 2.33 -33.81 1.88
CA THR A 549 2.20 -32.66 0.99
C THR A 549 2.94 -32.99 -0.32
N MET A 550 3.21 -31.99 -1.18
CA MET A 550 3.87 -32.27 -2.45
C MET A 550 5.03 -31.32 -2.75
N TRP A 551 5.08 -30.17 -2.07
CA TRP A 551 6.10 -29.18 -2.39
C TRP A 551 7.45 -29.58 -1.83
N PHE A 552 8.47 -28.79 -2.18
CA PHE A 552 9.85 -29.18 -1.90
C PHE A 552 10.15 -29.22 -0.41
N GLY A 553 9.82 -28.15 0.31
CA GLY A 553 10.13 -28.09 1.72
C GLY A 553 8.91 -28.01 2.62
N GLU A 554 7.78 -28.52 2.15
CA GLU A 554 6.55 -28.40 2.91
C GLU A 554 6.40 -29.53 3.93
N SER A 555 6.79 -30.75 3.55
CA SER A 555 6.65 -31.89 4.46
C SER A 555 7.53 -31.72 5.68
N GLU A 556 8.77 -31.28 5.46
CA GLU A 556 9.72 -31.05 6.55
C GLU A 556 9.21 -29.97 7.49
N ALA A 557 8.63 -28.91 6.93
CA ALA A 557 8.07 -27.85 7.76
C ALA A 557 6.84 -28.33 8.52
N ASN A 558 6.07 -29.23 7.91
CA ASN A 558 4.92 -29.81 8.61
C ASN A 558 5.37 -30.65 9.80
N VAL A 559 6.43 -31.43 9.62
CA VAL A 559 6.97 -32.20 10.74
C VAL A 559 7.48 -31.26 11.83
N ARG A 560 8.20 -30.22 11.43
CA ARG A 560 8.72 -29.26 12.42
C ARG A 560 7.57 -28.59 13.17
N GLU A 561 6.50 -28.22 12.47
CA GLU A 561 5.42 -27.49 13.13
C GLU A 561 4.56 -28.42 13.98
N ILE A 562 4.44 -29.70 13.61
CA ILE A 562 3.71 -30.62 14.48
C ILE A 562 4.51 -30.88 15.75
N PHE A 563 5.83 -30.99 15.65
CA PHE A 563 6.63 -31.10 16.86
C PHE A 563 6.56 -29.83 17.71
N ASP A 564 6.55 -28.66 17.06
CA ASP A 564 6.40 -27.42 17.79
C ASP A 564 5.05 -27.33 18.48
N LYS A 565 3.99 -27.81 17.81
CA LYS A 565 2.67 -27.86 18.42
C LYS A 565 2.64 -28.77 19.63
N ALA A 566 3.31 -29.92 19.54
CA ALA A 566 3.44 -30.80 20.70
C ALA A 566 4.17 -30.10 21.83
N ARG A 567 5.23 -29.36 21.51
CA ARG A 567 5.98 -28.64 22.54
C ARG A 567 5.15 -27.55 23.20
N GLN A 568 4.34 -26.83 22.40
CA GLN A 568 3.52 -25.75 22.96
C GLN A 568 2.44 -26.29 23.87
N ALA A 569 1.74 -27.34 23.44
CA ALA A 569 0.70 -27.98 24.24
C ALA A 569 1.26 -28.93 25.28
N ALA A 570 2.56 -28.85 25.58
CA ALA A 570 3.15 -29.72 26.57
C ALA A 570 2.62 -29.38 27.97
N PRO A 571 2.41 -30.38 28.84
CA PRO A 571 2.60 -31.82 28.60
C PRO A 571 1.56 -32.39 27.63
N CYS A 572 2.02 -33.16 26.66
CA CYS A 572 1.16 -33.65 25.59
C CYS A 572 1.59 -35.05 25.18
N VAL A 573 0.66 -35.76 24.57
CA VAL A 573 0.93 -37.06 23.96
C VAL A 573 0.71 -36.90 22.46
N LEU A 574 1.81 -36.90 21.70
CA LEU A 574 1.75 -36.77 20.24
C LEU A 574 1.72 -38.17 19.62
N PHE A 575 0.63 -38.47 18.93
CA PHE A 575 0.38 -39.80 18.41
C PHE A 575 0.57 -39.80 16.90
N PHE A 576 1.47 -40.66 16.42
CA PHE A 576 1.73 -40.81 15.00
C PHE A 576 1.03 -42.06 14.50
N ASP A 577 0.04 -41.88 13.63
CA ASP A 577 -0.68 -42.99 13.03
C ASP A 577 -0.16 -43.20 11.61
N GLN A 578 -0.12 -44.46 11.19
CA GLN A 578 0.48 -44.85 9.91
C GLN A 578 1.91 -44.34 9.83
N LEU A 579 2.69 -44.64 10.87
CA LEU A 579 4.08 -44.19 10.92
C LEU A 579 4.91 -44.81 9.81
N ASP A 580 4.45 -45.95 9.28
CA ASP A 580 5.15 -46.57 8.15
C ASP A 580 5.11 -45.69 6.91
N SER A 581 4.05 -44.89 6.77
CA SER A 581 3.92 -44.05 5.59
C SER A 581 4.92 -42.91 5.61
N ILE A 582 5.23 -42.38 6.80
CA ILE A 582 6.07 -41.19 6.89
C ILE A 582 7.52 -41.56 7.19
N ALA A 583 7.74 -42.74 7.77
CA ALA A 583 9.07 -43.22 8.10
C ALA A 583 9.31 -44.56 7.44
N LYS A 584 10.26 -44.61 6.51
CA LYS A 584 10.61 -45.81 5.78
C LYS A 584 12.12 -46.01 5.81
N ALA A 585 12.57 -47.14 5.26
CA ALA A 585 14.00 -47.41 5.20
C ALA A 585 14.67 -46.44 4.25
N ARG A 586 15.64 -45.67 4.77
CA ARG A 586 16.32 -44.68 3.95
C ARG A 586 17.28 -45.32 2.96
N GLY A 587 17.81 -46.50 3.29
CA GLY A 587 18.75 -47.15 2.41
C GLY A 587 18.18 -47.47 1.04
N GLY A 588 16.92 -47.86 1.00
CA GLY A 588 16.30 -48.20 -0.27
C GLY A 588 14.90 -47.65 -0.46
N ASN A 589 14.72 -46.81 -1.49
CA ASN A 589 13.42 -46.30 -1.90
C ASN A 589 13.42 -46.19 -3.41
N ILE A 590 12.52 -46.94 -4.06
CA ILE A 590 12.54 -47.04 -5.53
C ILE A 590 12.10 -45.73 -6.17
N GLY A 591 11.03 -45.14 -5.67
CA GLY A 591 10.45 -43.98 -6.34
C GLY A 591 11.36 -42.77 -6.27
N ASP A 592 11.17 -41.85 -7.22
CA ASP A 592 11.93 -40.61 -7.24
C ASP A 592 11.60 -39.77 -6.01
N GLY A 593 10.41 -39.94 -5.44
CA GLY A 593 10.07 -39.29 -4.19
C GLY A 593 10.76 -39.91 -2.99
N GLY A 594 11.61 -40.92 -3.21
CA GLY A 594 12.35 -41.51 -2.12
C GLY A 594 13.28 -40.53 -1.43
N GLY A 595 13.83 -39.58 -2.20
CA GLY A 595 14.66 -38.56 -1.59
C GLY A 595 13.89 -37.66 -0.65
N ALA A 596 12.68 -37.25 -1.06
CA ALA A 596 11.84 -36.44 -0.19
C ALA A 596 11.43 -37.21 1.05
N ALA A 597 11.12 -38.50 0.89
CA ALA A 597 10.77 -39.31 2.06
C ALA A 597 11.95 -39.44 3.01
N ASP A 598 13.15 -39.63 2.48
CA ASP A 598 14.35 -39.71 3.31
C ASP A 598 14.58 -38.40 4.04
N ARG A 599 14.34 -37.29 3.36
CA ARG A 599 14.46 -35.98 3.98
C ARG A 599 13.46 -35.81 5.12
N VAL A 600 12.24 -36.31 4.92
CA VAL A 600 11.24 -36.25 5.98
C VAL A 600 11.67 -37.11 7.18
N ILE A 601 12.23 -38.29 6.90
CA ILE A 601 12.70 -39.15 8.00
C ILE A 601 13.81 -38.46 8.77
N ASN A 602 14.74 -37.82 8.07
CA ASN A 602 15.82 -37.10 8.74
C ASN A 602 15.28 -35.96 9.59
N GLN A 603 14.29 -35.23 9.06
CA GLN A 603 13.66 -34.17 9.84
C GLN A 603 13.00 -34.74 11.09
N ILE A 604 12.33 -35.88 10.97
CA ILE A 604 11.67 -36.49 12.12
C ILE A 604 12.71 -36.89 13.17
N LEU A 605 13.83 -37.48 12.73
CA LEU A 605 14.87 -37.89 13.67
C LEU A 605 15.45 -36.68 14.40
N THR A 606 15.76 -35.62 13.67
CA THR A 606 16.33 -34.43 14.31
C THR A 606 15.33 -33.79 15.27
N GLU A 607 14.05 -33.74 14.88
CA GLU A 607 13.06 -33.13 15.74
C GLU A 607 12.79 -33.97 16.98
N MET A 608 12.90 -35.30 16.86
CA MET A 608 12.78 -36.15 18.03
C MET A 608 13.96 -35.97 18.97
N ASP A 609 15.16 -35.82 18.42
CA ASP A 609 16.33 -35.56 19.27
C ASP A 609 16.20 -34.24 20.01
N GLY A 610 15.70 -33.21 19.32
CA GLY A 610 15.42 -31.95 20.00
C GLY A 610 14.29 -32.07 21.02
N MET A 611 13.29 -32.88 20.71
CA MET A 611 12.14 -33.09 21.57
C MET A 611 12.52 -33.77 22.89
N SER A 612 13.45 -34.73 22.84
CA SER A 612 13.70 -35.57 24.01
C SER A 612 14.14 -34.73 25.21
N THR A 613 14.62 -33.51 24.97
CA THR A 613 14.95 -32.62 26.08
C THR A 613 13.72 -32.29 26.91
N LYS A 614 12.54 -32.34 26.29
CA LYS A 614 11.28 -32.11 27.01
C LYS A 614 10.79 -33.45 27.55
N LYS A 615 10.80 -33.59 28.88
CA LYS A 615 10.47 -34.87 29.49
C LYS A 615 8.96 -35.09 29.58
N ASN A 616 8.18 -34.08 29.21
CA ASN A 616 6.73 -34.18 29.40
C ASN A 616 6.00 -34.37 28.08
N VAL A 617 6.70 -34.19 26.96
CA VAL A 617 6.13 -34.54 25.65
C VAL A 617 6.42 -36.00 25.36
N PHE A 618 5.36 -36.79 25.20
CA PHE A 618 5.48 -38.23 25.00
C PHE A 618 5.01 -38.60 23.60
N ILE A 619 5.81 -39.39 22.89
CA ILE A 619 5.57 -39.74 21.50
C ILE A 619 5.13 -41.20 21.43
N ILE A 620 3.99 -41.43 20.79
CA ILE A 620 3.48 -42.78 20.52
C ILE A 620 3.32 -42.91 19.02
N GLY A 621 3.93 -43.96 18.46
CA GLY A 621 3.80 -44.21 17.04
C GLY A 621 3.12 -45.53 16.75
N ALA A 622 2.07 -45.50 15.93
CA ALA A 622 1.32 -46.70 15.57
C ALA A 622 1.51 -46.99 14.09
N THR A 623 1.83 -48.24 13.78
CA THR A 623 2.05 -48.67 12.40
C THR A 623 1.32 -49.97 12.15
N ASN A 624 0.76 -50.10 10.94
CA ASN A 624 0.17 -51.38 10.55
C ASN A 624 1.26 -52.40 10.26
N ARG A 625 2.29 -52.00 9.52
CA ARG A 625 3.42 -52.88 9.19
C ARG A 625 4.71 -52.27 9.71
N PRO A 626 5.39 -52.92 10.64
CA PRO A 626 6.65 -52.37 11.19
C PRO A 626 7.92 -52.86 10.51
N ASP A 627 7.81 -53.75 9.51
CA ASP A 627 9.00 -54.30 8.89
C ASP A 627 9.69 -53.29 7.97
N ILE A 628 8.92 -52.37 7.40
CA ILE A 628 9.48 -51.37 6.49
C ILE A 628 9.98 -50.13 7.20
N ILE A 629 9.81 -50.04 8.51
CA ILE A 629 10.18 -48.83 9.24
C ILE A 629 11.70 -48.71 9.32
N ASP A 630 12.18 -47.47 9.24
CA ASP A 630 13.60 -47.20 9.37
C ASP A 630 14.09 -47.69 10.73
N PRO A 631 15.17 -48.47 10.78
CA PRO A 631 15.72 -48.86 12.09
C PRO A 631 16.21 -47.69 12.92
N ALA A 632 16.53 -46.56 12.28
CA ALA A 632 17.06 -45.42 13.02
C ALA A 632 16.04 -44.87 14.00
N ILE A 633 14.77 -44.78 13.59
CA ILE A 633 13.74 -44.27 14.49
C ILE A 633 13.45 -45.28 15.60
N LEU A 634 13.55 -46.57 15.29
CA LEU A 634 13.31 -47.61 16.29
C LEU A 634 14.44 -47.71 17.30
N ARG A 635 15.54 -46.99 17.09
CA ARG A 635 16.68 -47.02 18.00
C ARG A 635 16.25 -46.53 19.39
N PRO A 636 16.82 -47.10 20.45
CA PRO A 636 16.51 -46.61 21.79
C PRO A 636 16.86 -45.14 21.94
N GLY A 637 16.04 -44.43 22.71
CA GLY A 637 16.13 -43.01 22.86
C GLY A 637 15.12 -42.23 22.04
N ARG A 638 14.56 -42.84 21.00
CA ARG A 638 13.48 -42.24 20.23
C ARG A 638 12.17 -42.99 20.36
N LEU A 639 12.17 -44.29 20.01
CA LEU A 639 10.97 -45.14 20.07
C LEU A 639 11.38 -46.49 20.65
N ASP A 640 12.09 -46.47 21.78
CA ASP A 640 12.74 -47.68 22.29
C ASP A 640 11.74 -48.78 22.59
N GLN A 641 10.59 -48.44 23.16
CA GLN A 641 9.62 -49.44 23.60
C GLN A 641 8.76 -49.88 22.42
N LEU A 642 9.00 -51.08 21.92
CA LEU A 642 8.19 -51.69 20.88
C LEU A 642 7.14 -52.58 21.54
N ILE A 643 5.87 -52.23 21.37
CA ILE A 643 4.76 -52.95 21.97
C ILE A 643 3.94 -53.58 20.86
N TYR A 644 3.65 -54.88 21.00
CA TYR A 644 2.90 -55.63 20.00
C TYR A 644 1.48 -55.86 20.50
N ILE A 645 0.51 -55.39 19.74
CA ILE A 645 -0.91 -55.61 20.02
C ILE A 645 -1.39 -56.74 19.12
N PRO A 646 -1.66 -57.92 19.64
CA PRO A 646 -2.13 -59.02 18.79
C PRO A 646 -3.65 -59.01 18.66
N LEU A 647 -4.15 -59.97 17.89
CA LEU A 647 -5.60 -60.13 17.78
C LEU A 647 -6.17 -60.50 19.14
N PRO A 648 -7.32 -59.93 19.52
CA PRO A 648 -7.85 -60.19 20.86
C PRO A 648 -8.24 -61.65 21.05
N ASP A 649 -7.99 -62.15 22.25
CA ASP A 649 -8.37 -63.51 22.60
C ASP A 649 -9.84 -63.55 23.00
N GLU A 650 -10.32 -64.76 23.32
CA GLU A 650 -11.73 -64.93 23.63
C GLU A 650 -12.15 -64.08 24.83
N LYS A 651 -11.34 -64.08 25.89
CA LYS A 651 -11.62 -63.20 27.02
C LYS A 651 -11.52 -61.73 26.61
N SER A 652 -10.51 -61.39 25.82
CA SER A 652 -10.37 -60.03 25.33
C SER A 652 -11.53 -59.64 24.43
N ARG A 653 -11.98 -60.57 23.56
CA ARG A 653 -13.13 -60.29 22.72
C ARG A 653 -14.39 -60.08 23.54
N VAL A 654 -14.57 -60.89 24.59
CA VAL A 654 -15.73 -60.71 25.47
C VAL A 654 -15.68 -59.34 26.15
N ALA A 655 -14.49 -58.93 26.61
CA ALA A 655 -14.34 -57.62 27.23
C ALA A 655 -14.64 -56.50 26.23
N ILE A 656 -14.19 -56.65 24.99
CA ILE A 656 -14.50 -55.68 23.95
C ILE A 656 -16.01 -55.60 23.73
N LEU A 657 -16.68 -56.75 23.73
CA LEU A 657 -18.13 -56.76 23.55
C LEU A 657 -18.82 -56.05 24.71
N LYS A 658 -18.38 -56.29 25.95
CA LYS A 658 -18.95 -55.56 27.08
C LYS A 658 -18.74 -54.06 26.93
N ALA A 659 -17.53 -53.64 26.56
CA ALA A 659 -17.24 -52.22 26.43
C ALA A 659 -18.10 -51.58 25.34
N ASN A 660 -18.27 -52.27 24.22
CA ASN A 660 -19.12 -51.75 23.15
C ASN A 660 -20.58 -51.70 23.57
N LEU A 661 -21.05 -52.70 24.30
CA LEU A 661 -22.47 -52.85 24.58
C LEU A 661 -22.90 -52.26 25.92
N ARG A 662 -22.00 -51.56 26.62
CA ARG A 662 -22.39 -50.87 27.84
C ARG A 662 -23.53 -49.89 27.60
N LYS A 663 -23.56 -49.25 26.43
CA LYS A 663 -24.51 -48.17 26.18
C LYS A 663 -25.93 -48.71 26.05
N SER A 664 -26.09 -49.91 25.52
CA SER A 664 -27.42 -50.42 25.18
C SER A 664 -27.77 -51.64 26.01
N PRO A 665 -28.94 -51.66 26.64
CA PRO A 665 -29.38 -52.89 27.32
C PRO A 665 -29.55 -54.03 26.34
N VAL A 666 -29.18 -55.23 26.78
CA VAL A 666 -29.20 -56.41 25.93
C VAL A 666 -30.08 -57.48 26.57
N ALA A 667 -30.67 -58.31 25.73
CA ALA A 667 -31.49 -59.42 26.22
C ALA A 667 -30.63 -60.45 26.93
N LYS A 668 -31.28 -61.25 27.77
CA LYS A 668 -30.54 -62.25 28.54
C LYS A 668 -30.10 -63.42 27.67
N ASP A 669 -30.86 -63.72 26.62
CA ASP A 669 -30.58 -64.92 25.82
C ASP A 669 -29.26 -64.81 25.08
N VAL A 670 -28.77 -63.59 24.84
CA VAL A 670 -27.50 -63.43 24.16
C VAL A 670 -26.38 -63.73 25.16
N ASP A 671 -25.34 -64.41 24.67
CA ASP A 671 -24.17 -64.72 25.48
C ASP A 671 -22.92 -64.20 24.78
N LEU A 672 -22.11 -63.46 25.53
CA LEU A 672 -20.91 -62.85 24.96
C LEU A 672 -19.87 -63.91 24.60
N GLU A 673 -19.83 -65.00 25.37
CA GLU A 673 -18.82 -66.03 25.14
C GLU A 673 -19.01 -66.70 23.78
N PHE A 674 -20.26 -67.02 23.42
CA PHE A 674 -20.51 -67.63 22.11
C PHE A 674 -20.20 -66.65 20.98
N LEU A 675 -20.51 -65.37 21.17
CA LEU A 675 -20.17 -64.37 20.16
C LEU A 675 -18.66 -64.30 19.95
N ALA A 676 -17.89 -64.32 21.04
CA ALA A 676 -16.44 -64.34 20.91
C ALA A 676 -15.95 -65.61 20.25
N LYS A 677 -16.55 -66.75 20.59
CA LYS A 677 -16.12 -68.03 20.02
C LYS A 677 -16.36 -68.08 18.52
N MET A 678 -17.53 -67.61 18.07
CA MET A 678 -17.82 -67.64 16.64
C MET A 678 -16.92 -66.68 15.87
N THR A 679 -16.60 -65.53 16.48
CA THR A 679 -15.67 -64.58 15.87
C THR A 679 -14.24 -64.86 16.36
N ASN A 680 -13.71 -65.99 15.90
CA ASN A 680 -12.38 -66.40 16.34
C ASN A 680 -11.30 -65.47 15.80
N GLY A 681 -11.33 -65.19 14.50
CA GLY A 681 -10.36 -64.33 13.86
C GLY A 681 -10.74 -62.89 13.72
N PHE A 682 -11.82 -62.44 14.36
CA PHE A 682 -12.29 -61.08 14.19
C PHE A 682 -11.53 -60.13 15.10
N SER A 683 -11.34 -58.90 14.63
CA SER A 683 -10.71 -57.86 15.43
C SER A 683 -11.77 -57.11 16.24
N GLY A 684 -11.29 -56.22 17.12
CA GLY A 684 -12.22 -55.44 17.92
C GLY A 684 -13.12 -54.54 17.08
N ALA A 685 -12.58 -54.03 15.97
CA ALA A 685 -13.39 -53.21 15.08
C ALA A 685 -14.55 -53.99 14.50
N ASP A 686 -14.33 -55.26 14.16
CA ASP A 686 -15.43 -56.08 13.65
C ASP A 686 -16.51 -56.32 14.70
N LEU A 687 -16.10 -56.53 15.96
CA LEU A 687 -17.09 -56.69 17.03
C LEU A 687 -17.89 -55.41 17.22
N THR A 688 -17.21 -54.27 17.20
CA THR A 688 -17.92 -52.99 17.31
C THR A 688 -18.86 -52.79 16.13
N GLU A 689 -18.46 -53.26 14.94
CA GLU A 689 -19.32 -53.14 13.77
C GLU A 689 -20.56 -54.03 13.90
N ILE A 690 -20.38 -55.23 14.45
CA ILE A 690 -21.54 -56.09 14.73
C ILE A 690 -22.48 -55.38 15.68
N CYS A 691 -21.93 -54.80 16.76
CA CYS A 691 -22.74 -54.08 17.71
C CYS A 691 -23.48 -52.93 17.06
N GLN A 692 -22.82 -52.20 16.15
CA GLN A 692 -23.44 -51.04 15.53
C GLN A 692 -24.52 -51.42 14.52
N ARG A 693 -24.31 -52.52 13.78
CA ARG A 693 -25.36 -53.02 12.91
C ARG A 693 -26.58 -53.44 13.72
N ALA A 694 -26.34 -54.11 14.84
CA ALA A 694 -27.45 -54.43 15.75
C ALA A 694 -28.12 -53.16 16.26
N CYS A 695 -27.32 -52.13 16.51
CA CYS A 695 -27.85 -50.83 16.92
C CYS A 695 -28.81 -50.26 15.88
N LYS A 696 -28.40 -50.28 14.61
CA LYS A 696 -29.23 -49.73 13.55
C LYS A 696 -30.51 -50.54 13.38
N LEU A 697 -30.41 -51.87 13.44
CA LEU A 697 -31.60 -52.70 13.36
C LEU A 697 -32.54 -52.42 14.52
N ALA A 698 -32.00 -52.28 15.73
CA ALA A 698 -32.82 -52.04 16.91
C ALA A 698 -33.52 -50.68 16.84
N ILE A 699 -32.83 -49.65 16.37
CA ILE A 699 -33.46 -48.33 16.29
C ILE A 699 -34.53 -48.33 15.20
N ARG A 700 -34.29 -49.03 14.09
CA ARG A 700 -35.33 -49.15 13.07
C ARG A 700 -36.57 -49.83 13.64
N GLU A 701 -36.37 -50.93 14.38
CA GLU A 701 -37.51 -51.64 14.95
C GLU A 701 -38.22 -50.77 15.98
N SER A 702 -37.46 -49.98 16.76
CA SER A 702 -38.08 -49.10 17.75
C SER A 702 -38.93 -48.03 17.08
N ILE A 703 -38.44 -47.46 15.98
CA ILE A 703 -39.24 -46.49 15.24
C ILE A 703 -40.51 -47.14 14.71
N GLU A 704 -40.40 -48.36 14.17
CA GLU A 704 -41.59 -49.05 13.68
C GLU A 704 -42.59 -49.28 14.80
N SER A 705 -42.11 -49.69 15.98
CA SER A 705 -43.01 -49.95 17.11
C SER A 705 -43.67 -48.67 17.61
N GLU A 706 -42.91 -47.56 17.65
CA GLU A 706 -43.50 -46.29 18.06
C GLU A 706 -44.57 -45.85 17.07
N ILE A 707 -44.31 -45.99 15.77
CA ILE A 707 -45.31 -45.63 14.77
C ILE A 707 -46.55 -46.50 14.92
N ARG A 708 -46.35 -47.80 15.18
CA ARG A 708 -47.50 -48.69 15.36
C ARG A 708 -48.32 -48.31 16.59
N ARG A 709 -47.64 -47.95 17.69
CA ARG A 709 -48.35 -47.53 18.89
C ARG A 709 -49.14 -46.24 18.65
N GLU A 710 -48.53 -45.28 17.94
CA GLU A 710 -49.23 -44.04 17.65
C GLU A 710 -50.43 -44.30 16.75
N ARG A 711 -50.30 -45.24 15.80
CA ARG A 711 -51.42 -45.57 14.93
C ARG A 711 -52.55 -46.23 15.70
N GLU A 712 -52.22 -47.18 16.58
CA GLU A 712 -53.27 -47.88 17.31
C GLU A 712 -53.93 -46.97 18.34
N ARG A 713 -53.20 -45.96 18.83
CA ARG A 713 -53.83 -44.97 19.69
C ARG A 713 -54.84 -44.12 18.92
N GLN A 714 -54.66 -44.01 17.61
CA GLN A 714 -55.58 -43.23 16.78
C GLN A 714 -56.80 -44.06 16.39
N PRO A 727 -43.08 -50.80 22.05
CA PRO A 727 -41.62 -50.93 22.08
C PRO A 727 -41.15 -52.19 22.78
N VAL A 728 -39.85 -52.41 22.79
CA VAL A 728 -39.23 -53.56 23.44
C VAL A 728 -38.13 -53.06 24.37
N PRO A 729 -38.00 -53.58 25.59
CA PRO A 729 -36.91 -53.13 26.47
C PRO A 729 -35.53 -53.44 25.94
N GLU A 730 -35.36 -54.55 25.22
CA GLU A 730 -34.05 -55.05 24.85
C GLU A 730 -34.01 -55.42 23.37
N ILE A 731 -32.79 -55.65 22.87
CA ILE A 731 -32.61 -55.94 21.45
C ILE A 731 -33.21 -57.28 21.10
N ARG A 732 -34.06 -57.30 20.07
CA ARG A 732 -34.65 -58.54 19.61
C ARG A 732 -33.59 -59.41 18.95
N ARG A 733 -33.81 -60.73 18.98
CA ARG A 733 -32.76 -61.69 18.69
C ARG A 733 -32.34 -61.64 17.22
N ASP A 734 -33.28 -61.47 16.29
CA ASP A 734 -32.95 -61.54 14.87
C ASP A 734 -32.03 -60.42 14.44
N HIS A 735 -31.98 -59.34 15.23
CA HIS A 735 -31.08 -58.24 14.90
C HIS A 735 -29.63 -58.69 14.98
N PHE A 736 -29.29 -59.54 15.96
CA PHE A 736 -27.93 -60.07 16.03
C PHE A 736 -27.63 -60.98 14.84
N GLU A 737 -28.61 -61.81 14.43
CA GLU A 737 -28.46 -62.63 13.24
C GLU A 737 -28.09 -61.78 12.03
N GLU A 738 -28.88 -60.74 11.77
CA GLU A 738 -28.61 -59.90 10.61
C GLU A 738 -27.31 -59.13 10.76
N ALA A 739 -27.00 -58.69 11.99
CA ALA A 739 -25.79 -57.89 12.22
C ALA A 739 -24.54 -58.70 11.91
N MET A 740 -24.48 -59.96 12.36
CA MET A 740 -23.31 -60.75 12.01
C MET A 740 -23.40 -61.26 10.57
N ARG A 741 -24.61 -61.29 10.01
CA ARG A 741 -24.74 -61.58 8.58
C ARG A 741 -24.03 -60.54 7.73
N PHE A 742 -24.24 -59.25 8.04
CA PHE A 742 -23.58 -58.21 7.25
C PHE A 742 -22.10 -58.08 7.61
N ALA A 743 -21.75 -58.35 8.86
CA ALA A 743 -20.39 -58.12 9.33
C ALA A 743 -19.40 -59.08 8.66
N ARG A 744 -18.15 -58.62 8.55
CA ARG A 744 -17.09 -59.39 7.91
C ARG A 744 -15.83 -59.31 8.74
N ARG A 745 -14.93 -60.28 8.53
CA ARG A 745 -13.64 -60.29 9.20
C ARG A 745 -12.72 -59.26 8.53
N SER A 746 -12.18 -58.34 9.33
CA SER A 746 -11.44 -57.21 8.77
C SER A 746 -10.05 -57.64 8.29
N VAL A 747 -9.36 -58.48 9.05
CA VAL A 747 -7.95 -58.77 8.82
C VAL A 747 -7.80 -60.20 8.30
N SER A 748 -6.97 -60.36 7.28
CA SER A 748 -6.68 -61.68 6.75
C SER A 748 -5.68 -62.41 7.65
N ASP A 749 -5.50 -63.70 7.38
CA ASP A 749 -4.61 -64.51 8.21
C ASP A 749 -3.14 -64.21 7.89
N ASN A 750 -2.82 -64.00 6.62
CA ASN A 750 -1.42 -63.77 6.24
C ASN A 750 -0.87 -62.51 6.90
N ASP A 751 -1.72 -61.51 7.11
CA ASP A 751 -1.28 -60.28 7.76
C ASP A 751 -0.81 -60.55 9.20
N ILE A 752 -1.64 -61.26 9.98
CA ILE A 752 -1.24 -61.54 11.35
C ILE A 752 -0.06 -62.50 11.37
N ARG A 753 0.05 -63.36 10.35
CA ARG A 753 1.23 -64.21 10.25
C ARG A 753 2.50 -63.38 10.06
N LYS A 754 2.44 -62.33 9.22
CA LYS A 754 3.63 -61.52 9.01
C LYS A 754 3.95 -60.67 10.23
N TYR A 755 2.92 -60.18 10.94
CA TYR A 755 3.19 -59.47 12.19
C TYR A 755 3.81 -60.40 13.22
N GLU A 756 3.35 -61.65 13.27
CA GLU A 756 3.94 -62.62 14.19
C GLU A 756 5.37 -62.95 13.78
N MET A 757 5.66 -62.97 12.48
CA MET A 757 7.03 -63.16 12.03
C MET A 757 7.92 -62.02 12.50
N PHE A 758 7.44 -60.78 12.38
CA PHE A 758 8.23 -59.64 12.87
C PHE A 758 8.42 -59.72 14.37
N ALA A 759 7.38 -60.12 15.12
CA ALA A 759 7.51 -60.29 16.55
C ALA A 759 8.53 -61.37 16.88
N GLN A 760 8.58 -62.43 16.07
CA GLN A 760 9.61 -63.46 16.24
C GLN A 760 10.99 -62.88 16.03
N THR A 761 11.16 -62.04 15.01
CA THR A 761 12.44 -61.34 14.83
C THR A 761 12.78 -60.48 16.04
N LEU A 762 11.76 -59.90 16.68
CA LEU A 762 11.99 -59.14 17.90
C LEU A 762 12.52 -60.03 19.01
N GLN A 763 11.95 -61.23 19.18
CA GLN A 763 12.39 -62.11 20.24
C GLN A 763 13.76 -62.71 19.92
N GLN A 764 14.05 -62.92 18.63
CA GLN A 764 15.35 -63.44 18.24
C GLN A 764 16.47 -62.49 18.62
N SER A 765 16.25 -61.18 18.44
CA SER A 765 17.26 -60.19 18.84
C SER A 765 17.49 -60.23 20.35
N ARG A 766 16.41 -60.39 21.13
CA ARG A 766 16.52 -60.52 22.58
C ARG A 766 16.81 -61.98 22.91
N GLY A 767 17.93 -62.47 22.39
CA GLY A 767 18.32 -63.85 22.52
C GLY A 767 19.12 -64.19 23.77
N PHE A 768 19.28 -63.25 24.68
CA PHE A 768 20.02 -63.54 25.91
C PHE A 768 19.26 -64.55 26.76
N GLY A 769 17.94 -64.42 26.83
CA GLY A 769 17.16 -65.31 27.68
C GLY A 769 17.58 -65.17 29.12
N SER A 770 17.79 -66.30 29.80
CA SER A 770 18.27 -66.28 31.17
C SER A 770 19.69 -65.72 31.22
N PHE A 771 19.91 -64.74 32.07
CA PHE A 771 21.20 -64.07 32.22
C PHE A 771 21.60 -64.09 33.68
N ARG A 772 22.77 -64.63 33.97
CA ARG A 772 23.26 -64.76 35.33
C ARG A 772 24.61 -64.06 35.47
N PHE A 773 24.69 -63.10 36.38
CA PHE A 773 25.98 -62.53 36.76
C PHE A 773 26.83 -63.59 37.46
N PRO A 774 28.14 -63.59 37.24
CA PRO A 774 28.99 -64.62 37.85
C PRO A 774 28.98 -64.53 39.36
N SER A 775 29.11 -65.68 40.01
CA SER A 775 29.13 -65.80 41.47
C SER A 775 27.85 -65.23 42.07
N ASN B 21 53.69 12.90 25.44
CA ASN B 21 55.15 12.87 25.35
C ASN B 21 55.72 14.28 25.27
N ARG B 22 55.37 15.11 26.24
CA ARG B 22 55.84 16.48 26.34
C ARG B 22 56.14 16.81 27.80
N PRO B 23 57.01 17.78 28.05
CA PRO B 23 57.29 18.16 29.45
C PRO B 23 56.05 18.65 30.19
N ASN B 24 55.10 19.25 29.48
CA ASN B 24 53.87 19.70 30.12
C ASN B 24 53.06 18.53 30.66
N ARG B 25 53.05 17.41 29.94
CA ARG B 25 52.28 16.25 30.37
C ARG B 25 52.82 15.69 31.68
N LEU B 26 51.91 15.47 32.64
CA LEU B 26 52.28 14.94 33.94
C LEU B 26 51.23 13.91 34.37
N ILE B 27 51.68 12.95 35.18
CA ILE B 27 50.78 11.92 35.69
C ILE B 27 50.04 12.45 36.92
N VAL B 28 48.79 12.02 37.07
CA VAL B 28 47.97 12.50 38.18
C VAL B 28 48.44 11.88 39.48
N ASP B 29 48.58 12.71 40.51
CA ASP B 29 48.99 12.28 41.84
C ASP B 29 48.11 12.93 42.89
N GLU B 30 48.00 12.30 44.05
CA GLU B 30 47.18 12.83 45.14
C GLU B 30 47.92 13.93 45.88
N ALA B 31 47.24 14.49 46.88
CA ALA B 31 47.78 15.57 47.70
C ALA B 31 47.74 15.17 49.16
N ILE B 32 48.88 15.33 49.85
CA ILE B 32 48.92 15.04 51.29
C ILE B 32 48.21 16.14 52.07
N ASN B 33 48.56 17.40 51.81
CA ASN B 33 47.97 18.54 52.49
C ASN B 33 47.55 19.67 51.55
N GLU B 34 47.84 19.56 50.26
CA GLU B 34 47.51 20.60 49.30
C GLU B 34 46.00 20.71 49.10
N ASP B 35 45.48 21.93 49.22
CA ASP B 35 44.05 22.16 49.18
C ASP B 35 43.57 22.41 47.75
N ASN B 36 42.33 22.89 47.63
CA ASN B 36 41.68 22.92 46.32
C ASN B 36 42.23 24.05 45.45
N SER B 37 42.50 25.21 46.03
CA SER B 37 42.70 26.42 45.23
C SER B 37 44.08 26.46 44.59
N VAL B 38 45.03 25.68 45.10
CA VAL B 38 46.40 25.72 44.63
C VAL B 38 46.74 24.38 43.97
N VAL B 39 47.98 24.27 43.51
CA VAL B 39 48.57 23.00 43.10
C VAL B 39 50.00 22.95 43.61
N SER B 40 50.55 21.73 43.67
CA SER B 40 51.92 21.51 44.13
C SER B 40 52.66 20.63 43.13
N LEU B 41 53.84 21.08 42.72
CA LEU B 41 54.67 20.34 41.78
C LEU B 41 56.09 20.23 42.34
N SER B 42 56.79 19.16 41.93
CA SER B 42 58.16 18.96 42.37
C SER B 42 59.06 20.08 41.87
N GLN B 43 60.01 20.49 42.71
CA GLN B 43 60.87 21.61 42.36
C GLN B 43 61.67 21.39 41.08
N PRO B 44 62.30 20.23 40.84
CA PRO B 44 62.97 20.04 39.53
C PRO B 44 62.03 20.16 38.35
N LYS B 45 60.80 19.67 38.48
CA LYS B 45 59.84 19.80 37.38
C LYS B 45 59.39 21.25 37.22
N MET B 46 59.28 21.98 38.33
CA MET B 46 58.98 23.40 38.27
C MET B 46 60.08 24.16 37.53
N ASP B 47 61.34 23.83 37.82
CA ASP B 47 62.45 24.45 37.11
C ASP B 47 62.45 24.07 35.63
N GLU B 48 62.14 22.82 35.32
CA GLU B 48 62.02 22.41 33.92
C GLU B 48 60.89 23.14 33.23
N LEU B 49 59.83 23.47 33.96
CA LEU B 49 58.73 24.26 33.45
C LEU B 49 58.97 25.76 33.57
N GLN B 50 60.14 26.17 34.06
CA GLN B 50 60.48 27.59 34.24
C GLN B 50 59.44 28.30 35.09
N LEU B 51 59.02 27.65 36.17
CA LEU B 51 57.97 28.15 37.04
C LEU B 51 58.53 28.42 38.42
N PHE B 52 58.14 29.54 39.03
CA PHE B 52 58.56 29.88 40.37
C PHE B 52 57.47 29.57 41.38
N ARG B 53 57.86 29.49 42.65
CA ARG B 53 56.90 29.23 43.71
C ARG B 53 55.94 30.40 43.87
N GLY B 54 54.67 30.08 44.11
CA GLY B 54 53.62 31.08 44.20
C GLY B 54 53.05 31.52 42.87
N ASP B 55 53.53 30.98 41.76
CA ASP B 55 53.02 31.37 40.45
C ASP B 55 51.67 30.73 40.17
N THR B 56 50.83 31.43 39.43
CA THR B 56 49.57 30.86 38.97
C THR B 56 49.78 30.06 37.69
N VAL B 57 49.11 28.91 37.59
CA VAL B 57 49.27 28.01 36.46
C VAL B 57 47.90 27.50 36.03
N LEU B 58 47.86 26.92 34.82
CA LEU B 58 46.64 26.38 34.24
C LEU B 58 46.73 24.86 34.17
N LEU B 59 45.64 24.20 34.52
CA LEU B 59 45.53 22.74 34.43
C LEU B 59 44.58 22.37 33.31
N LYS B 60 45.02 21.46 32.44
CA LYS B 60 44.19 20.96 31.36
C LYS B 60 43.71 19.56 31.69
N GLY B 61 42.41 19.31 31.48
CA GLY B 61 41.82 18.05 31.83
C GLY B 61 40.93 17.51 30.73
N LYS B 62 40.44 16.30 30.96
CA LYS B 62 39.55 15.65 30.02
C LYS B 62 38.19 16.36 29.96
N LYS B 63 37.44 16.07 28.91
CA LYS B 63 36.09 16.59 28.71
C LYS B 63 36.08 18.12 28.61
N ARG B 64 37.21 18.70 28.22
CA ARG B 64 37.34 20.15 28.05
C ARG B 64 37.04 20.90 29.35
N ARG B 65 37.58 20.39 30.46
CA ARG B 65 37.44 21.01 31.77
C ARG B 65 38.79 21.53 32.22
N GLU B 66 38.82 22.75 32.75
CA GLU B 66 40.06 23.40 33.15
C GLU B 66 39.88 24.09 34.50
N ALA B 67 41.00 24.30 35.18
CA ALA B 67 41.03 25.02 36.45
C ALA B 67 42.32 25.83 36.54
N VAL B 68 42.28 26.90 37.35
CA VAL B 68 43.41 27.77 37.56
C VAL B 68 43.83 27.67 39.02
N CYS B 69 45.12 27.45 39.26
CA CYS B 69 45.63 27.22 40.61
C CYS B 69 47.01 27.84 40.74
N ILE B 70 47.45 27.96 42.00
CA ILE B 70 48.78 28.47 42.33
C ILE B 70 49.72 27.27 42.45
N VAL B 71 50.86 27.33 41.75
CA VAL B 71 51.81 26.23 41.80
C VAL B 71 52.66 26.34 43.05
N LEU B 72 53.01 25.19 43.62
CA LEU B 72 53.83 25.12 44.82
C LEU B 72 54.92 24.06 44.63
N SER B 73 55.93 24.13 45.50
CA SER B 73 57.07 23.23 45.45
C SER B 73 57.00 22.27 46.63
N ASP B 74 57.18 20.98 46.37
CA ASP B 74 57.16 19.95 47.39
C ASP B 74 58.22 18.90 47.07
N ASP B 75 58.97 18.49 48.09
CA ASP B 75 59.96 17.43 47.89
C ASP B 75 59.30 16.06 47.84
N THR B 76 58.14 15.91 48.48
CA THR B 76 57.43 14.63 48.46
C THR B 76 56.92 14.31 47.06
N CYS B 77 56.51 15.33 46.31
CA CYS B 77 55.97 15.11 44.97
C CYS B 77 57.07 14.64 44.03
N SER B 78 56.72 13.67 43.17
CA SER B 78 57.67 13.18 42.19
C SER B 78 57.72 14.11 40.97
N ASP B 79 58.79 13.98 40.19
CA ASP B 79 58.97 14.85 39.03
C ASP B 79 57.93 14.59 37.96
N GLU B 80 57.54 13.34 37.76
CA GLU B 80 56.59 12.97 36.73
C GLU B 80 55.13 13.07 37.19
N LYS B 81 54.88 13.50 38.42
CA LYS B 81 53.55 13.55 38.98
C LYS B 81 53.22 14.97 39.44
N ILE B 82 51.92 15.26 39.49
CA ILE B 82 51.40 16.55 39.95
C ILE B 82 50.46 16.29 41.12
N ARG B 83 50.67 17.03 42.21
CA ARG B 83 49.90 16.83 43.43
C ARG B 83 48.60 17.61 43.39
N MET B 84 47.48 16.89 43.29
CA MET B 84 46.15 17.49 43.32
C MET B 84 45.25 16.63 44.20
N ASN B 85 44.35 17.28 44.93
CA ASN B 85 43.41 16.56 45.77
C ASN B 85 42.25 16.03 44.93
N ARG B 86 41.25 15.47 45.62
CA ARG B 86 40.10 14.88 44.92
C ARG B 86 39.27 15.95 44.23
N VAL B 87 39.08 17.10 44.87
CA VAL B 87 38.19 18.13 44.33
C VAL B 87 38.77 18.72 43.05
N VAL B 88 40.09 18.90 43.00
CA VAL B 88 40.72 19.39 41.77
C VAL B 88 40.47 18.42 40.63
N ARG B 89 40.61 17.12 40.90
CA ARG B 89 40.30 16.13 39.87
C ARG B 89 38.83 16.19 39.47
N ASN B 90 37.94 16.39 40.43
CA ASN B 90 36.51 16.49 40.14
C ASN B 90 36.21 17.70 39.27
N ASN B 91 36.99 18.77 39.42
CA ASN B 91 36.84 19.93 38.55
C ASN B 91 37.11 19.56 37.10
N LEU B 92 38.21 18.84 36.85
CA LEU B 92 38.64 18.49 35.52
C LEU B 92 37.99 17.20 35.00
N ARG B 93 37.13 16.57 35.81
CA ARG B 93 36.45 15.33 35.43
C ARG B 93 37.45 14.23 35.07
N VAL B 94 38.50 14.11 35.89
CA VAL B 94 39.56 13.14 35.65
C VAL B 94 39.77 12.31 36.91
N ARG B 95 40.38 11.14 36.72
CA ARG B 95 40.65 10.21 37.81
C ARG B 95 42.15 10.13 38.04
N LEU B 96 42.53 9.37 39.07
CA LEU B 96 43.94 9.16 39.38
C LEU B 96 44.59 8.33 38.30
N GLY B 97 45.87 8.62 38.02
CA GLY B 97 46.61 7.92 36.99
C GLY B 97 46.46 8.48 35.60
N ASP B 98 45.63 9.50 35.41
CA ASP B 98 45.44 10.09 34.10
C ASP B 98 46.67 10.92 33.69
N VAL B 99 46.71 11.28 32.42
CA VAL B 99 47.79 12.09 31.86
C VAL B 99 47.21 13.46 31.52
N ILE B 100 47.74 14.50 32.15
CA ILE B 100 47.29 15.87 31.93
C ILE B 100 48.50 16.76 31.69
N SER B 101 48.26 17.88 31.01
CA SER B 101 49.31 18.82 30.65
C SER B 101 49.09 20.15 31.38
N ILE B 102 50.15 20.69 31.97
CA ILE B 102 50.09 21.92 32.74
C ILE B 102 50.84 23.01 31.98
N GLN B 103 50.25 24.20 31.94
CA GLN B 103 50.83 25.34 31.26
C GLN B 103 50.71 26.58 32.15
N PRO B 104 51.76 27.40 32.22
CA PRO B 104 51.68 28.62 33.02
C PRO B 104 50.62 29.57 32.46
N CYS B 105 49.62 29.86 33.29
CA CYS B 105 48.50 30.66 32.83
C CYS B 105 48.96 32.08 32.49
N PRO B 106 48.58 32.60 31.32
CA PRO B 106 49.12 33.89 30.88
C PRO B 106 48.31 35.09 31.32
N ASP B 107 49.00 36.10 31.87
CA ASP B 107 48.40 37.40 32.17
C ASP B 107 47.22 37.29 33.13
N VAL B 108 47.45 36.63 34.26
CA VAL B 108 46.42 36.52 35.28
C VAL B 108 46.42 37.76 36.15
N LYS B 109 45.24 38.35 36.36
CA LYS B 109 45.10 39.57 37.12
C LYS B 109 44.13 39.35 38.27
N TYR B 110 44.19 40.25 39.25
CA TYR B 110 43.25 40.20 40.37
C TYR B 110 41.82 40.39 39.88
N GLY B 111 40.90 39.62 40.44
CA GLY B 111 39.52 39.68 40.01
C GLY B 111 38.82 40.92 40.54
N LYS B 112 38.11 41.62 39.65
CA LYS B 112 37.27 42.73 40.09
C LYS B 112 36.13 42.23 40.98
N ARG B 113 35.51 41.12 40.60
CA ARG B 113 34.44 40.51 41.36
C ARG B 113 34.37 39.03 41.00
N ILE B 114 33.81 38.22 41.89
CA ILE B 114 33.61 36.80 41.64
C ILE B 114 32.19 36.42 42.03
N HIS B 115 31.53 35.68 41.15
CA HIS B 115 30.16 35.23 41.37
C HIS B 115 30.19 33.73 41.62
N VAL B 116 29.92 33.32 42.86
CA VAL B 116 30.01 31.94 43.29
C VAL B 116 28.61 31.46 43.66
N LEU B 117 28.26 30.24 43.22
CA LEU B 117 26.98 29.64 43.55
C LEU B 117 27.20 28.29 44.19
N PRO B 118 26.88 28.12 45.47
CA PRO B 118 26.95 26.79 46.09
C PRO B 118 25.93 25.84 45.50
N ILE B 119 26.19 24.54 45.68
CA ILE B 119 25.25 23.53 45.20
C ILE B 119 23.96 23.61 46.01
N ASP B 120 22.83 23.36 45.33
CA ASP B 120 21.53 23.56 45.94
C ASP B 120 21.30 22.62 47.11
N ASP B 121 21.76 21.37 47.01
CA ASP B 121 21.54 20.41 48.09
C ASP B 121 22.36 20.77 49.32
N THR B 122 23.57 21.32 49.12
CA THR B 122 24.44 21.61 50.25
C THR B 122 23.92 22.75 51.10
N VAL B 123 23.27 23.74 50.48
CA VAL B 123 22.85 24.93 51.21
C VAL B 123 21.72 24.60 52.18
N GLU B 124 21.01 23.50 51.93
CA GLU B 124 19.88 23.13 52.77
C GLU B 124 20.34 22.79 54.18
N GLY B 125 19.63 23.30 55.17
CA GLY B 125 19.94 23.04 56.56
C GLY B 125 21.03 23.89 57.16
N ILE B 126 21.56 24.86 56.42
CA ILE B 126 22.63 25.74 56.89
C ILE B 126 21.97 27.00 57.45
N THR B 127 21.92 27.10 58.78
CA THR B 127 21.26 28.24 59.40
C THR B 127 22.04 29.53 59.18
N GLY B 128 23.37 29.48 59.35
CA GLY B 128 24.17 30.68 59.19
C GLY B 128 24.30 31.09 57.74
N ASN B 129 24.67 32.35 57.54
CA ASN B 129 24.85 32.86 56.18
C ASN B 129 26.00 32.14 55.49
N LEU B 130 25.76 31.69 54.27
CA LEU B 130 26.76 30.90 53.56
C LEU B 130 28.04 31.69 53.33
N PHE B 131 27.91 32.95 52.91
CA PHE B 131 29.08 33.76 52.62
C PHE B 131 29.97 33.91 53.85
N GLU B 132 29.39 34.34 54.97
CA GLU B 132 30.18 34.56 56.18
C GLU B 132 30.80 33.26 56.67
N VAL B 133 30.05 32.16 56.62
CA VAL B 133 30.55 30.90 57.15
C VAL B 133 31.71 30.37 56.32
N TYR B 134 31.59 30.41 54.99
CA TYR B 134 32.57 29.74 54.14
C TYR B 134 33.47 30.70 53.38
N LEU B 135 32.89 31.61 52.60
CA LEU B 135 33.65 32.33 51.59
C LEU B 135 34.53 33.40 52.21
N LYS B 136 34.02 34.11 53.21
CA LYS B 136 34.77 35.20 53.82
C LYS B 136 36.09 34.74 54.43
N PRO B 137 36.16 33.66 55.22
CA PRO B 137 37.48 33.24 55.72
C PRO B 137 38.31 32.52 54.68
N TYR B 138 37.67 31.81 53.74
CA TYR B 138 38.41 31.01 52.77
C TYR B 138 39.28 31.88 51.87
N PHE B 139 38.75 33.00 51.40
CA PHE B 139 39.46 33.86 50.45
C PHE B 139 40.12 35.06 51.11
N LEU B 140 40.11 35.13 52.45
CA LEU B 140 40.67 36.26 53.17
C LEU B 140 42.19 36.17 53.15
N GLU B 141 42.84 37.13 52.50
CA GLU B 141 44.30 37.22 52.44
C GLU B 141 44.92 35.95 51.84
N ALA B 142 44.27 35.39 50.83
CA ALA B 142 44.70 34.13 50.24
C ALA B 142 45.10 34.23 48.77
N TYR B 143 44.39 35.05 47.98
CA TYR B 143 44.68 35.23 46.56
C TYR B 143 44.60 33.91 45.81
N ARG B 144 43.40 33.33 45.77
CA ARG B 144 43.20 32.02 45.18
C ARG B 144 42.62 32.17 43.77
N PRO B 145 43.32 31.71 42.73
CA PRO B 145 42.79 31.84 41.36
C PRO B 145 41.67 30.85 41.10
N ILE B 146 40.71 31.28 40.26
CA ILE B 146 39.54 30.49 39.91
C ILE B 146 39.19 30.74 38.46
N ARG B 147 38.69 29.69 37.79
CA ARG B 147 38.11 29.80 36.46
C ARG B 147 36.64 29.44 36.52
N LYS B 148 35.91 29.85 35.48
CA LYS B 148 34.49 29.52 35.38
C LYS B 148 34.30 28.01 35.36
N GLY B 149 33.30 27.54 36.12
CA GLY B 149 33.03 26.13 36.24
C GLY B 149 33.81 25.41 37.32
N ASP B 150 34.63 26.12 38.08
CA ASP B 150 35.39 25.49 39.14
C ASP B 150 34.54 25.31 40.39
N ILE B 151 34.64 24.15 41.02
CA ILE B 151 33.95 23.86 42.27
C ILE B 151 35.02 23.65 43.34
N PHE B 152 34.81 24.23 44.51
CA PHE B 152 35.75 24.15 45.61
C PHE B 152 35.00 23.94 46.92
N LEU B 153 35.58 23.16 47.82
CA LEU B 153 34.94 22.76 49.06
C LEU B 153 35.53 23.57 50.21
N VAL B 154 34.68 24.10 51.07
CA VAL B 154 35.08 24.80 52.29
C VAL B 154 34.43 24.10 53.48
N ARG B 155 35.25 23.70 54.44
CA ARG B 155 34.71 23.06 55.64
C ARG B 155 34.17 24.11 56.60
N GLY B 156 32.97 23.88 57.09
CA GLY B 156 32.30 24.82 57.97
C GLY B 156 30.82 24.57 57.96
N GLY B 157 30.13 25.29 58.84
CA GLY B 157 28.70 25.12 58.99
C GLY B 157 28.36 23.72 59.50
N MET B 158 27.08 23.37 59.32
CA MET B 158 26.64 22.03 59.68
C MET B 158 27.12 21.01 58.65
N ARG B 159 27.00 21.33 57.37
CA ARG B 159 27.41 20.44 56.29
C ARG B 159 28.41 21.15 55.39
N ALA B 160 29.44 20.42 54.96
CA ALA B 160 30.39 20.96 53.99
C ALA B 160 29.67 21.27 52.68
N VAL B 161 29.96 22.46 52.15
CA VAL B 161 29.25 22.99 50.99
C VAL B 161 30.23 23.17 49.84
N GLU B 162 29.86 22.68 48.67
CA GLU B 162 30.63 22.86 47.44
C GLU B 162 30.14 24.11 46.74
N PHE B 163 31.06 24.97 46.33
CA PHE B 163 30.73 26.24 45.68
C PHE B 163 31.21 26.22 44.24
N LYS B 164 30.27 26.44 43.31
CA LYS B 164 30.57 26.46 41.89
C LYS B 164 30.58 27.90 41.38
N VAL B 165 31.67 28.29 40.73
CA VAL B 165 31.83 29.65 40.23
C VAL B 165 31.33 29.74 38.80
N VAL B 166 30.07 30.17 38.64
CA VAL B 166 29.49 30.26 37.30
C VAL B 166 30.10 31.42 36.52
N GLU B 167 30.37 32.54 37.20
CA GLU B 167 30.85 33.76 36.56
C GLU B 167 32.17 34.19 37.18
N THR B 168 33.14 34.52 36.32
CA THR B 168 34.43 35.04 36.75
C THR B 168 34.64 36.41 36.12
N ASP B 169 35.18 37.35 36.91
CA ASP B 169 35.44 38.71 36.44
C ASP B 169 36.82 39.15 36.91
N PRO B 170 37.80 39.35 36.01
CA PRO B 170 37.65 39.16 34.56
C PRO B 170 37.67 37.69 34.14
N SER B 171 36.84 37.34 33.16
CA SER B 171 36.79 35.98 32.67
C SER B 171 38.00 35.70 31.76
N PRO B 172 38.55 34.48 31.80
CA PRO B 172 38.15 33.41 32.72
C PRO B 172 39.08 33.24 33.91
N TYR B 173 40.26 33.86 33.85
CA TYR B 173 41.29 33.73 34.89
C TYR B 173 41.26 34.98 35.75
N CYS B 174 41.14 34.79 37.06
CA CYS B 174 41.09 35.91 37.99
C CYS B 174 41.61 35.48 39.35
N ILE B 175 42.08 36.44 40.12
CA ILE B 175 42.58 36.23 41.48
C ILE B 175 41.57 36.81 42.46
N VAL B 176 41.24 36.05 43.49
CA VAL B 176 40.28 36.47 44.50
C VAL B 176 41.04 37.18 45.61
N ALA B 177 41.00 38.51 45.60
CA ALA B 177 41.63 39.31 46.63
C ALA B 177 40.63 39.60 47.75
N PRO B 178 41.12 40.00 48.93
CA PRO B 178 40.17 40.37 50.00
C PRO B 178 39.24 41.52 49.62
N ASP B 179 39.71 42.50 48.86
CA ASP B 179 38.84 43.60 48.45
C ASP B 179 37.84 43.14 47.40
N THR B 180 38.15 42.08 46.67
CA THR B 180 37.22 41.53 45.70
C THR B 180 35.96 41.04 46.40
N VAL B 181 34.80 41.46 45.89
CA VAL B 181 33.53 41.19 46.54
C VAL B 181 33.14 39.73 46.30
N ILE B 182 32.67 39.07 47.35
CA ILE B 182 32.23 37.68 47.28
C ILE B 182 30.78 37.64 47.75
N HIS B 183 29.90 37.04 46.94
CA HIS B 183 28.48 36.97 47.24
C HIS B 183 27.94 35.62 46.86
N CYS B 184 27.05 35.07 47.69
CA CYS B 184 26.37 33.81 47.42
C CYS B 184 24.88 34.01 47.18
N GLU B 185 24.44 35.21 46.81
CA GLU B 185 23.03 35.48 46.61
C GLU B 185 22.51 34.78 45.35
N GLY B 186 21.20 34.57 45.31
CA GLY B 186 20.58 33.95 44.16
C GLY B 186 20.28 32.48 44.39
N GLU B 187 19.63 31.87 43.41
CA GLU B 187 19.31 30.47 43.47
C GLU B 187 20.60 29.63 43.42
N PRO B 188 20.85 28.78 44.42
CA PRO B 188 22.08 27.97 44.39
C PRO B 188 22.10 27.04 43.18
N ILE B 189 23.31 26.83 42.66
CA ILE B 189 23.47 26.00 41.46
C ILE B 189 23.08 24.56 41.78
N LYS B 190 22.63 23.85 40.75
CA LYS B 190 22.14 22.49 40.96
C LYS B 190 23.28 21.48 40.77
N ARG B 191 23.11 20.33 41.42
CA ARG B 191 24.05 19.22 41.26
C ARG B 191 23.85 18.52 39.91
N GLU B 192 22.79 18.87 39.18
CA GLU B 192 22.51 18.22 37.91
C GLU B 192 23.65 18.40 36.93
N ASP B 193 24.25 19.60 36.87
CA ASP B 193 25.39 19.83 36.00
C ASP B 193 26.55 18.91 36.37
N GLU B 194 26.85 18.80 37.67
CA GLU B 194 27.97 17.97 38.10
C GLU B 194 27.74 16.51 37.76
N GLU B 195 26.52 16.00 38.01
CA GLU B 195 26.27 14.58 37.76
C GLU B 195 26.17 14.30 36.26
N GLU B 196 25.73 15.28 35.47
CA GLU B 196 25.73 15.12 34.02
C GLU B 196 27.15 15.07 33.48
N SER B 197 28.04 15.92 34.01
CA SER B 197 29.44 15.85 33.62
C SER B 197 30.07 14.53 34.04
N LEU B 198 29.74 14.05 35.23
CA LEU B 198 30.26 12.77 35.70
C LEU B 198 29.77 11.62 34.84
N ASN B 199 28.50 11.65 34.44
CA ASN B 199 27.89 10.59 33.65
C ASN B 199 27.93 10.86 32.16
N GLU B 200 28.58 11.94 31.73
CA GLU B 200 28.68 12.22 30.30
C GLU B 200 29.50 11.13 29.62
N VAL B 201 29.03 10.69 28.46
CA VAL B 201 29.65 9.56 27.77
C VAL B 201 30.89 10.02 27.04
N GLY B 202 32.01 9.35 27.31
CA GLY B 202 33.25 9.65 26.64
C GLY B 202 33.79 8.44 25.90
N TYR B 203 35.00 8.60 25.38
CA TYR B 203 35.66 7.50 24.68
C TYR B 203 35.97 6.34 25.60
N ASP B 204 36.19 6.62 26.89
CA ASP B 204 36.57 5.57 27.83
C ASP B 204 35.40 4.66 28.15
N ASP B 205 34.18 5.09 27.86
CA ASP B 205 33.00 4.27 28.18
C ASP B 205 32.66 3.31 27.06
N ILE B 206 33.44 3.32 25.98
CA ILE B 206 33.25 2.34 24.92
C ILE B 206 34.22 1.18 25.10
N GLY B 207 33.73 -0.03 24.96
CA GLY B 207 34.54 -1.22 25.15
C GLY B 207 34.60 -2.08 23.92
N GLY B 208 35.80 -2.48 23.55
CA GLY B 208 36.02 -3.39 22.44
C GLY B 208 36.06 -2.74 21.08
N CYS B 209 35.87 -1.42 20.98
CA CYS B 209 35.83 -0.73 19.70
C CYS B 209 37.02 0.21 19.52
N ARG B 210 38.15 -0.08 20.16
CA ARG B 210 39.31 0.81 20.07
C ARG B 210 39.83 0.90 18.64
N LYS B 211 39.85 -0.22 17.93
CA LYS B 211 40.31 -0.20 16.54
C LYS B 211 39.43 0.70 15.68
N GLN B 212 38.12 0.65 15.88
CA GLN B 212 37.22 1.55 15.17
C GLN B 212 37.26 2.95 15.76
N LEU B 213 37.45 3.06 17.07
CA LEU B 213 37.55 4.36 17.72
C LEU B 213 38.74 5.15 17.17
N ALA B 214 39.80 4.47 16.75
CA ALA B 214 40.94 5.17 16.17
C ALA B 214 40.55 5.90 14.90
N GLN B 215 39.87 5.20 13.97
CA GLN B 215 39.45 5.84 12.74
C GLN B 215 38.40 6.91 12.99
N ILE B 216 37.51 6.69 13.96
CA ILE B 216 36.52 7.71 14.28
C ILE B 216 37.19 8.96 14.83
N LYS B 217 38.18 8.78 15.71
CA LYS B 217 38.95 9.91 16.23
C LYS B 217 39.65 10.65 15.10
N GLU B 218 40.30 9.93 14.20
CA GLU B 218 40.95 10.57 13.07
C GLU B 218 39.95 11.35 12.23
N MET B 219 38.74 10.82 12.05
CA MET B 219 37.75 11.48 11.22
C MET B 219 37.21 12.74 11.87
N VAL B 220 37.04 12.74 13.19
CA VAL B 220 36.32 13.81 13.88
C VAL B 220 37.27 14.76 14.60
N GLU B 221 38.05 14.25 15.55
CA GLU B 221 38.77 15.13 16.47
C GLU B 221 39.95 15.82 15.79
N LEU B 222 40.65 15.11 14.91
CA LEU B 222 41.84 15.68 14.28
C LEU B 222 41.54 16.95 13.48
N PRO B 223 40.57 16.99 12.56
CA PRO B 223 40.35 18.24 11.80
C PRO B 223 40.02 19.42 12.67
N LEU B 224 39.27 19.22 13.76
CA LEU B 224 38.90 20.34 14.63
C LEU B 224 40.12 20.92 15.33
N ARG B 225 41.06 20.07 15.73
CA ARG B 225 42.15 20.52 16.58
C ARG B 225 43.31 21.09 15.76
N HIS B 226 43.61 20.49 14.61
CA HIS B 226 44.68 20.95 13.72
C HIS B 226 44.17 21.07 12.29
N PRO B 227 43.29 22.04 12.02
CA PRO B 227 42.91 22.28 10.62
C PRO B 227 44.08 22.77 9.76
N ALA B 228 45.13 23.28 10.40
CA ALA B 228 46.28 23.78 9.66
C ALA B 228 46.96 22.66 8.89
N LEU B 229 47.01 21.45 9.44
CA LEU B 229 47.55 20.31 8.72
C LEU B 229 46.77 20.04 7.44
N PHE B 230 45.44 20.05 7.54
CA PHE B 230 44.60 19.80 6.37
C PHE B 230 44.75 20.89 5.32
N LYS B 231 44.81 22.16 5.76
CA LYS B 231 44.98 23.25 4.82
C LYS B 231 46.37 23.22 4.17
N GLU B 232 47.38 22.79 4.92
CA GLU B 232 48.72 22.66 4.37
C GLU B 232 48.78 21.57 3.30
N ILE B 233 48.18 20.41 3.59
CA ILE B 233 48.15 19.33 2.60
C ILE B 233 47.02 19.51 1.59
N GLY B 234 46.13 20.48 1.80
CA GLY B 234 45.09 20.77 0.82
C GLY B 234 44.06 19.68 0.65
N VAL B 235 43.56 19.11 1.75
CA VAL B 235 42.49 18.12 1.71
C VAL B 235 41.43 18.53 2.72
N LYS B 236 40.22 18.02 2.51
CA LYS B 236 39.11 18.28 3.40
C LYS B 236 38.68 17.00 4.11
N PRO B 237 38.38 17.07 5.40
CA PRO B 237 37.99 15.88 6.15
C PRO B 237 36.66 15.31 5.65
N PRO B 238 36.47 14.00 5.75
CA PRO B 238 35.20 13.41 5.32
C PRO B 238 34.05 13.89 6.20
N ARG B 239 32.86 13.98 5.61
CA ARG B 239 31.67 14.43 6.32
C ARG B 239 30.69 13.30 6.60
N GLY B 240 30.80 12.17 5.90
CA GLY B 240 29.87 11.07 6.09
C GLY B 240 30.51 9.84 6.68
N ILE B 241 29.95 9.36 7.79
CA ILE B 241 30.42 8.16 8.47
C ILE B 241 29.25 7.19 8.59
N LEU B 242 29.47 5.95 8.18
CA LEU B 242 28.44 4.92 8.17
C LEU B 242 28.85 3.79 9.11
N LEU B 243 28.30 3.79 10.32
CA LEU B 243 28.54 2.68 11.23
C LEU B 243 27.48 1.60 11.02
N TYR B 244 27.92 0.37 10.74
CA TYR B 244 27.00 -0.74 10.49
C TYR B 244 27.40 -1.93 11.35
N GLY B 245 26.40 -2.58 11.93
CA GLY B 245 26.62 -3.73 12.77
C GLY B 245 25.32 -4.25 13.37
N PRO B 246 25.42 -5.30 14.18
CA PRO B 246 24.23 -5.85 14.85
C PRO B 246 23.71 -4.87 15.90
N PRO B 247 22.44 -4.99 16.29
CA PRO B 247 21.92 -4.11 17.33
C PRO B 247 22.60 -4.34 18.67
N GLY B 248 22.73 -3.28 19.44
CA GLY B 248 23.33 -3.34 20.76
C GLY B 248 24.84 -3.25 20.79
N THR B 249 25.50 -3.11 19.64
CA THR B 249 26.95 -3.02 19.59
C THR B 249 27.49 -1.65 19.96
N GLY B 250 26.61 -0.67 20.16
CA GLY B 250 27.05 0.63 20.65
C GLY B 250 27.37 1.66 19.60
N LYS B 251 26.78 1.56 18.40
CA LYS B 251 27.00 2.59 17.40
C LYS B 251 26.45 3.93 17.86
N THR B 252 25.24 3.93 18.40
CA THR B 252 24.69 5.16 19.01
C THR B 252 25.54 5.58 20.19
N LEU B 253 26.03 4.62 20.97
CA LEU B 253 26.92 4.93 22.09
C LEU B 253 28.18 5.63 21.59
N ILE B 254 28.78 5.10 20.53
CA ILE B 254 30.00 5.69 19.98
C ILE B 254 29.73 7.10 19.47
N ALA B 255 28.60 7.28 18.78
CA ALA B 255 28.26 8.59 18.24
C ALA B 255 28.08 9.61 19.36
N ARG B 256 27.36 9.23 20.42
CA ARG B 256 27.15 10.16 21.52
C ARG B 256 28.45 10.45 22.25
N ALA B 257 29.32 9.45 22.39
CA ALA B 257 30.62 9.68 23.01
C ALA B 257 31.45 10.66 22.20
N VAL B 258 31.44 10.52 20.87
CA VAL B 258 32.19 11.44 20.02
C VAL B 258 31.62 12.85 20.12
N ALA B 259 30.30 12.95 20.14
CA ALA B 259 29.67 14.27 20.26
C ALA B 259 30.02 14.94 21.58
N ASN B 260 29.99 14.18 22.68
CA ASN B 260 30.29 14.76 23.98
C ASN B 260 31.77 15.12 24.11
N GLU B 261 32.66 14.26 23.59
CA GLU B 261 34.09 14.47 23.79
C GLU B 261 34.61 15.68 23.02
N THR B 262 33.98 16.01 21.89
CA THR B 262 34.40 17.14 21.08
C THR B 262 33.62 18.41 21.39
N GLY B 263 32.75 18.38 22.39
CA GLY B 263 31.97 19.54 22.75
C GLY B 263 30.98 19.96 21.67
N ALA B 264 30.37 19.00 20.99
CA ALA B 264 29.42 19.24 19.92
C ALA B 264 28.04 18.79 20.36
N PHE B 265 27.01 19.50 19.90
CA PHE B 265 25.64 19.13 20.22
C PHE B 265 25.25 17.86 19.48
N PHE B 266 24.76 16.87 20.22
CA PHE B 266 24.35 15.60 19.65
C PHE B 266 22.87 15.69 19.30
N PHE B 267 22.56 15.48 18.02
CA PHE B 267 21.19 15.51 17.53
C PHE B 267 20.84 14.14 17.00
N LEU B 268 19.74 13.57 17.49
CA LEU B 268 19.34 12.21 17.21
C LEU B 268 18.22 12.18 16.19
N ILE B 269 18.37 11.36 15.16
CA ILE B 269 17.33 11.14 14.15
C ILE B 269 17.01 9.65 14.13
N ASN B 270 15.74 9.32 14.33
CA ASN B 270 15.25 7.96 14.20
C ASN B 270 14.51 7.84 12.87
N GLY B 271 14.74 6.73 12.16
CA GLY B 271 14.07 6.48 10.91
C GLY B 271 12.56 6.50 10.96
N PRO B 272 11.93 5.85 11.94
CA PRO B 272 10.47 5.99 12.07
C PRO B 272 10.01 7.42 12.31
N GLU B 273 10.82 8.24 12.99
CA GLU B 273 10.42 9.61 13.25
C GLU B 273 10.24 10.41 11.96
N ILE B 274 11.16 10.24 11.01
CA ILE B 274 11.09 11.01 9.78
C ILE B 274 9.91 10.55 8.93
N MET B 275 9.66 9.24 8.92
CA MET B 275 8.62 8.67 8.07
C MET B 275 7.24 9.26 8.41
N SER B 276 6.52 9.69 7.38
CA SER B 276 5.19 10.24 7.53
C SER B 276 4.38 9.91 6.28
N LYS B 277 3.06 9.80 6.46
CA LYS B 277 2.20 9.46 5.33
C LYS B 277 1.99 10.64 4.40
N LEU B 278 2.00 11.86 4.94
CA LEU B 278 1.75 13.04 4.13
C LEU B 278 2.87 13.25 3.11
N ALA B 279 2.51 13.81 1.96
CA ALA B 279 3.49 14.10 0.93
C ALA B 279 4.35 15.28 1.34
N GLY B 280 5.67 15.13 1.23
CA GLY B 280 6.59 16.20 1.56
C GLY B 280 6.85 16.40 3.03
N GLU B 281 6.27 15.57 3.90
CA GLU B 281 6.46 15.76 5.34
C GLU B 281 7.81 15.21 5.80
N SER B 282 8.20 14.04 5.30
CA SER B 282 9.45 13.42 5.73
C SER B 282 10.65 14.25 5.30
N GLU B 283 10.64 14.75 4.06
CA GLU B 283 11.73 15.58 3.59
C GLU B 283 11.77 16.91 4.33
N SER B 284 10.61 17.46 4.66
CA SER B 284 10.57 18.67 5.48
C SER B 284 11.16 18.42 6.86
N ASN B 285 10.86 17.26 7.45
CA ASN B 285 11.45 16.91 8.73
C ASN B 285 12.96 16.78 8.64
N LEU B 286 13.46 16.15 7.58
CA LEU B 286 14.90 16.03 7.39
C LEU B 286 15.55 17.39 7.21
N ARG B 287 14.92 18.28 6.43
CA ARG B 287 15.46 19.61 6.23
C ARG B 287 15.47 20.40 7.54
N LYS B 288 14.40 20.27 8.33
CA LYS B 288 14.36 20.93 9.62
C LYS B 288 15.45 20.40 10.55
N ALA B 289 15.66 19.09 10.55
CA ALA B 289 16.72 18.50 11.37
C ALA B 289 18.09 19.03 10.98
N PHE B 290 18.37 19.07 9.68
CA PHE B 290 19.65 19.60 9.22
C PHE B 290 19.79 21.08 9.55
N GLU B 291 18.70 21.85 9.41
CA GLU B 291 18.77 23.27 9.72
C GLU B 291 19.05 23.51 11.19
N GLU B 292 18.38 22.77 12.08
CA GLU B 292 18.65 22.90 13.51
C GLU B 292 20.07 22.49 13.84
N ALA B 293 20.56 21.41 13.23
CA ALA B 293 21.93 21.00 13.46
C ALA B 293 22.92 22.06 13.03
N GLU B 294 22.70 22.67 11.86
CA GLU B 294 23.60 23.71 11.38
C GLU B 294 23.53 24.95 12.26
N LYS B 295 22.34 25.26 12.79
CA LYS B 295 22.24 26.37 13.74
C LYS B 295 23.02 26.07 15.02
N ASN B 296 22.97 24.83 15.49
CA ASN B 296 23.69 24.43 16.70
C ASN B 296 25.10 23.97 16.42
N ALA B 297 25.72 24.46 15.35
CA ALA B 297 27.07 24.04 15.00
C ALA B 297 28.05 24.48 16.08
N PRO B 298 29.08 23.65 16.39
CA PRO B 298 29.31 22.33 15.79
C PRO B 298 28.38 21.28 16.36
N ALA B 299 27.97 20.32 15.54
CA ALA B 299 27.00 19.32 15.94
C ALA B 299 27.23 18.04 15.15
N ILE B 300 26.65 16.95 15.66
CA ILE B 300 26.71 15.64 15.03
C ILE B 300 25.29 15.21 14.69
N ILE B 301 25.03 14.95 13.42
CA ILE B 301 23.73 14.45 12.98
C ILE B 301 23.80 12.93 12.96
N PHE B 302 22.99 12.29 13.78
CA PHE B 302 22.98 10.83 13.90
C PHE B 302 21.63 10.31 13.43
N ILE B 303 21.66 9.42 12.45
CA ILE B 303 20.45 8.87 11.83
C ILE B 303 20.39 7.38 12.16
N ASP B 304 19.57 7.04 13.14
CA ASP B 304 19.38 5.64 13.49
C ASP B 304 18.46 4.95 12.48
N GLU B 305 18.72 3.66 12.26
CA GLU B 305 18.11 2.89 11.17
C GLU B 305 18.11 3.66 9.85
N LEU B 306 19.32 3.90 9.33
CA LEU B 306 19.42 4.54 8.03
C LEU B 306 18.85 3.64 6.93
N ASP B 307 18.91 2.32 7.12
CA ASP B 307 18.41 1.41 6.10
C ASP B 307 16.90 1.54 5.90
N ALA B 308 16.16 1.73 6.99
CA ALA B 308 14.71 1.92 6.88
C ALA B 308 14.37 3.23 6.19
N ILE B 309 15.16 4.27 6.45
CA ILE B 309 14.82 5.59 5.91
C ILE B 309 15.22 5.72 4.45
N ALA B 310 16.33 5.07 4.05
CA ALA B 310 16.91 5.28 2.73
C ALA B 310 17.26 3.94 2.08
N PRO B 311 16.29 3.27 1.48
CA PRO B 311 16.58 2.07 0.70
C PRO B 311 16.92 2.42 -0.75
N LYS B 312 17.15 1.38 -1.55
CA LYS B 312 17.46 1.60 -2.96
C LYS B 312 16.22 2.10 -3.69
N ARG B 313 16.40 3.14 -4.51
CA ARG B 313 15.27 3.73 -5.23
C ARG B 313 14.69 2.75 -6.23
N GLU B 314 15.54 2.06 -6.99
CA GLU B 314 15.04 1.08 -7.95
C GLU B 314 14.39 -0.10 -7.25
N LYS B 315 14.98 -0.56 -6.15
CA LYS B 315 14.41 -1.70 -5.42
C LYS B 315 13.07 -1.35 -4.80
N THR B 316 12.94 -0.15 -4.23
CA THR B 316 11.72 0.25 -3.55
C THR B 316 10.67 0.63 -4.59
N HIS B 317 9.40 0.32 -4.30
CA HIS B 317 8.32 0.74 -5.19
C HIS B 317 7.64 1.99 -4.67
N GLY B 318 7.54 2.13 -3.35
CA GLY B 318 6.92 3.31 -2.76
C GLY B 318 7.63 4.59 -3.11
N GLU B 319 6.87 5.59 -3.55
CA GLU B 319 7.46 6.84 -4.01
C GLU B 319 8.13 7.59 -2.86
N VAL B 320 7.56 7.51 -1.66
CA VAL B 320 8.04 8.33 -0.54
C VAL B 320 9.47 7.97 -0.17
N GLU B 321 9.86 6.70 -0.33
CA GLU B 321 11.19 6.28 0.08
C GLU B 321 12.26 6.88 -0.82
N ARG B 322 12.08 6.81 -2.14
CA ARG B 322 13.03 7.45 -3.05
C ARG B 322 13.00 8.96 -2.91
N ARG B 323 11.83 9.52 -2.59
CA ARG B 323 11.70 10.94 -2.25
C ARG B 323 12.62 11.32 -1.10
N ILE B 324 12.58 10.53 -0.02
CA ILE B 324 13.44 10.77 1.14
C ILE B 324 14.90 10.59 0.78
N VAL B 325 15.22 9.57 -0.04
CA VAL B 325 16.61 9.34 -0.42
C VAL B 325 17.16 10.52 -1.21
N SER B 326 16.39 11.04 -2.16
CA SER B 326 16.84 12.19 -2.94
C SER B 326 17.05 13.41 -2.05
N GLN B 327 16.11 13.64 -1.11
CA GLN B 327 16.29 14.75 -0.19
C GLN B 327 17.54 14.58 0.65
N LEU B 328 17.81 13.35 1.11
CA LEU B 328 19.01 13.09 1.89
C LEU B 328 20.28 13.34 1.08
N LEU B 329 20.29 12.92 -0.19
CA LEU B 329 21.44 13.19 -1.04
C LEU B 329 21.68 14.69 -1.17
N THR B 330 20.60 15.45 -1.39
CA THR B 330 20.75 16.90 -1.49
C THR B 330 21.27 17.50 -0.19
N LEU B 331 20.77 17.02 0.96
CA LEU B 331 21.22 17.53 2.24
C LEU B 331 22.70 17.24 2.47
N MET B 332 23.16 16.04 2.12
CA MET B 332 24.58 15.74 2.25
C MET B 332 25.43 16.59 1.31
N ASP B 333 24.96 16.80 0.08
CA ASP B 333 25.71 17.62 -0.86
C ASP B 333 25.83 19.05 -0.35
N GLY B 334 24.77 19.57 0.24
CA GLY B 334 24.82 20.92 0.80
C GLY B 334 25.51 21.00 2.15
N LEU B 335 25.72 19.86 2.81
CA LEU B 335 26.30 19.89 4.15
C LEU B 335 27.72 20.43 4.14
N LYS B 336 28.52 20.03 3.16
CA LYS B 336 29.93 20.42 3.10
C LYS B 336 30.04 21.89 2.67
N GLN B 337 29.76 22.76 3.63
CA GLN B 337 29.86 24.21 3.44
C GLN B 337 30.55 24.85 4.64
N ARG B 338 31.54 24.16 5.21
CA ARG B 338 32.22 24.61 6.42
C ARG B 338 31.24 24.85 7.56
N ALA B 339 30.20 24.02 7.64
CA ALA B 339 29.17 24.21 8.66
C ALA B 339 29.61 23.61 9.99
N HIS B 340 30.76 22.93 10.01
CA HIS B 340 31.35 22.30 11.19
C HIS B 340 30.46 21.22 11.78
N VAL B 341 29.55 20.65 10.99
CA VAL B 341 28.67 19.58 11.44
C VAL B 341 28.96 18.33 10.62
N ILE B 342 28.98 17.18 11.28
CA ILE B 342 29.30 15.90 10.65
C ILE B 342 28.10 14.98 10.83
N VAL B 343 27.64 14.40 9.73
CA VAL B 343 26.51 13.49 9.73
C VAL B 343 27.01 12.06 9.88
N MET B 344 26.40 11.31 10.79
CA MET B 344 26.73 9.92 11.03
C MET B 344 25.46 9.09 11.03
N ALA B 345 25.59 7.82 10.64
CA ALA B 345 24.43 6.95 10.53
C ALA B 345 24.76 5.57 11.07
N ALA B 346 23.76 4.94 11.68
CA ALA B 346 23.85 3.57 12.15
C ALA B 346 22.82 2.72 11.43
N THR B 347 23.29 1.62 10.81
CA THR B 347 22.42 0.72 10.07
C THR B 347 22.80 -0.72 10.41
N ASN B 348 21.86 -1.65 10.20
CA ASN B 348 22.18 -3.06 10.39
C ASN B 348 22.79 -3.66 9.14
N ARG B 349 22.19 -3.41 7.98
CA ARG B 349 22.63 -3.99 6.71
C ARG B 349 23.00 -2.88 5.74
N PRO B 350 24.28 -2.58 5.55
CA PRO B 350 24.64 -1.48 4.64
C PRO B 350 24.23 -1.72 3.20
N ASN B 351 24.18 -2.97 2.76
CA ASN B 351 23.90 -3.26 1.36
C ASN B 351 22.47 -2.89 0.99
N SER B 352 21.59 -2.77 1.98
CA SER B 352 20.20 -2.40 1.71
C SER B 352 20.06 -0.89 1.48
N ILE B 353 21.14 -0.14 1.67
CA ILE B 353 21.09 1.30 1.50
C ILE B 353 21.28 1.65 0.03
N ASP B 354 20.70 2.76 -0.41
CA ASP B 354 20.84 3.19 -1.79
C ASP B 354 22.32 3.45 -2.10
N PRO B 355 22.86 2.86 -3.17
CA PRO B 355 24.30 3.04 -3.44
C PRO B 355 24.72 4.48 -3.67
N ALA B 356 23.78 5.36 -4.01
CA ALA B 356 24.13 6.77 -4.19
C ALA B 356 24.59 7.42 -2.88
N LEU B 357 24.20 6.85 -1.75
CA LEU B 357 24.62 7.39 -0.46
C LEU B 357 26.04 6.98 -0.12
N ARG B 358 26.56 5.94 -0.79
CA ARG B 358 27.85 5.39 -0.40
C ARG B 358 29.01 6.14 -1.06
N ARG B 359 28.74 7.01 -2.03
CA ARG B 359 29.80 7.67 -2.77
C ARG B 359 30.52 8.72 -1.91
N PHE B 360 31.55 9.32 -2.50
CA PHE B 360 32.30 10.38 -1.85
C PHE B 360 31.46 11.65 -1.75
N GLY B 361 31.70 12.43 -0.68
CA GLY B 361 30.84 13.54 -0.35
C GLY B 361 29.58 13.14 0.39
N ARG B 362 29.44 11.85 0.71
CA ARG B 362 28.26 11.28 1.35
C ARG B 362 28.82 10.29 2.36
N PHE B 363 28.05 9.27 2.77
CA PHE B 363 28.57 8.30 3.73
C PHE B 363 29.68 7.51 3.04
N ASP B 364 30.81 8.19 2.84
CA ASP B 364 31.93 7.63 2.09
C ASP B 364 32.72 6.62 2.90
N ARG B 365 32.88 6.86 4.20
CA ARG B 365 33.64 5.98 5.08
C ARG B 365 32.67 5.14 5.89
N GLU B 366 32.78 3.83 5.75
CA GLU B 366 31.92 2.88 6.44
C GLU B 366 32.74 2.12 7.47
N VAL B 367 32.32 2.18 8.73
CA VAL B 367 33.03 1.57 9.84
C VAL B 367 32.22 0.40 10.35
N ASP B 368 32.84 -0.78 10.42
CA ASP B 368 32.17 -1.99 10.85
C ASP B 368 32.34 -2.17 12.35
N ILE B 369 31.22 -2.16 13.07
CA ILE B 369 31.18 -2.46 14.49
C ILE B 369 30.68 -3.88 14.66
N GLY B 370 31.53 -4.74 15.22
CA GLY B 370 31.23 -6.14 15.30
C GLY B 370 30.99 -6.58 16.73
N ILE B 371 30.70 -7.87 16.88
CA ILE B 371 30.47 -8.49 18.18
C ILE B 371 31.75 -8.39 18.98
N PRO B 372 31.71 -7.88 20.21
CA PRO B 372 32.94 -7.77 21.00
C PRO B 372 33.54 -9.13 21.29
N ASP B 373 34.86 -9.21 21.26
CA ASP B 373 35.56 -10.43 21.60
C ASP B 373 35.66 -10.57 23.11
N ALA B 374 36.41 -11.60 23.55
CA ALA B 374 36.53 -11.87 24.97
C ALA B 374 37.11 -10.68 25.72
N THR B 375 38.20 -10.10 25.20
CA THR B 375 38.79 -8.93 25.86
C THR B 375 37.89 -7.71 25.71
N GLY B 376 37.19 -7.59 24.58
CA GLY B 376 36.29 -6.47 24.41
C GLY B 376 35.11 -6.52 25.36
N ARG B 377 34.50 -7.70 25.52
CA ARG B 377 33.40 -7.83 26.45
C ARG B 377 33.89 -7.75 27.89
N LEU B 378 35.14 -8.14 28.14
CA LEU B 378 35.74 -7.89 29.46
C LEU B 378 35.85 -6.40 29.74
N GLU B 379 36.27 -5.62 28.73
CA GLU B 379 36.32 -4.17 28.89
C GLU B 379 34.93 -3.58 29.13
N ILE B 380 33.93 -4.09 28.41
CA ILE B 380 32.56 -3.61 28.61
C ILE B 380 32.09 -3.92 30.03
N LEU B 381 32.39 -5.12 30.52
CA LEU B 381 32.01 -5.49 31.88
C LEU B 381 32.72 -4.61 32.90
N GLN B 382 33.99 -4.31 32.68
CA GLN B 382 34.71 -3.40 33.58
C GLN B 382 34.09 -2.01 33.57
N ILE B 383 33.69 -1.54 32.38
CA ILE B 383 33.09 -0.20 32.28
C ILE B 383 31.78 -0.15 33.05
N HIS B 384 30.93 -1.15 32.87
CA HIS B 384 29.59 -1.08 33.46
C HIS B 384 29.61 -1.45 34.95
N THR B 385 30.59 -2.22 35.39
CA THR B 385 30.69 -2.63 36.78
C THR B 385 31.59 -1.72 37.62
N LYS B 386 32.08 -0.62 37.05
CA LYS B 386 33.02 0.22 37.77
C LYS B 386 32.37 0.91 38.96
N ASN B 387 31.07 1.21 38.86
CA ASN B 387 30.39 1.86 39.97
C ASN B 387 29.85 0.84 40.97
N MET B 388 29.53 -0.35 40.51
CA MET B 388 29.02 -1.39 41.40
C MET B 388 30.12 -1.88 42.34
N LYS B 389 29.73 -2.24 43.55
CA LYS B 389 30.66 -2.80 44.52
C LYS B 389 30.74 -4.31 44.30
N LEU B 390 31.97 -4.80 44.10
CA LEU B 390 32.21 -6.18 43.73
C LEU B 390 32.99 -6.87 44.84
N ALA B 391 32.55 -8.07 45.22
CA ALA B 391 33.25 -8.83 46.24
C ALA B 391 34.52 -9.46 45.66
N ASP B 392 35.24 -10.19 46.52
CA ASP B 392 36.47 -10.84 46.10
C ASP B 392 36.17 -12.08 45.24
N ASP B 393 34.99 -12.68 45.43
CA ASP B 393 34.66 -13.89 44.71
C ASP B 393 34.53 -13.63 43.20
N VAL B 394 33.92 -12.51 42.83
CA VAL B 394 33.61 -12.26 41.43
C VAL B 394 34.89 -11.94 40.65
N ASP B 395 35.02 -12.55 39.48
CA ASP B 395 36.10 -12.26 38.54
C ASP B 395 35.48 -11.98 37.19
N LEU B 396 35.79 -10.81 36.62
CA LEU B 396 35.16 -10.41 35.37
C LEU B 396 35.70 -11.20 34.18
N GLU B 397 36.89 -11.80 34.33
CA GLU B 397 37.47 -12.55 33.22
C GLU B 397 36.65 -13.79 32.91
N GLN B 398 36.25 -14.54 33.94
CA GLN B 398 35.40 -15.71 33.70
C GLN B 398 34.02 -15.30 33.21
N VAL B 399 33.51 -14.16 33.71
CA VAL B 399 32.22 -13.67 33.25
C VAL B 399 32.26 -13.37 31.75
N ALA B 400 33.37 -12.77 31.29
CA ALA B 400 33.55 -12.56 29.86
C ALA B 400 33.68 -13.89 29.12
N ASN B 401 34.39 -14.86 29.71
CA ASN B 401 34.60 -16.13 29.03
C ASN B 401 33.28 -16.88 28.82
N GLU B 402 32.41 -16.89 29.81
CA GLU B 402 31.16 -17.65 29.69
C GLU B 402 30.15 -16.93 28.79
N THR B 403 30.30 -15.62 28.61
CA THR B 403 29.43 -14.87 27.71
C THR B 403 29.99 -15.00 26.29
N HIS B 404 29.66 -16.13 25.66
CA HIS B 404 30.25 -16.46 24.36
C HIS B 404 29.86 -15.45 23.29
N GLY B 405 28.56 -15.14 23.18
CA GLY B 405 28.05 -14.27 22.14
C GLY B 405 27.30 -13.06 22.60
N HIS B 406 27.44 -12.64 23.86
CA HIS B 406 26.70 -11.49 24.35
C HIS B 406 27.25 -10.19 23.76
N VAL B 407 26.38 -9.21 23.63
CA VAL B 407 26.74 -7.90 23.07
C VAL B 407 26.78 -6.91 24.22
N GLY B 408 27.29 -5.70 23.97
CA GLY B 408 27.49 -4.75 25.05
C GLY B 408 26.22 -4.39 25.80
N ALA B 409 25.11 -4.19 25.07
CA ALA B 409 23.84 -3.93 25.73
C ALA B 409 23.40 -5.13 26.56
N ASP B 410 23.62 -6.33 26.04
CA ASP B 410 23.31 -7.54 26.80
C ASP B 410 24.14 -7.61 28.07
N LEU B 411 25.42 -7.23 27.98
CA LEU B 411 26.28 -7.24 29.16
C LEU B 411 25.82 -6.22 30.19
N ALA B 412 25.41 -5.03 29.75
CA ALA B 412 24.93 -4.01 30.68
C ALA B 412 23.67 -4.50 31.39
N ALA B 413 22.72 -5.03 30.63
CA ALA B 413 21.51 -5.59 31.24
C ALA B 413 21.84 -6.75 32.16
N LEU B 414 22.88 -7.51 31.83
CA LEU B 414 23.29 -8.65 32.65
C LEU B 414 23.82 -8.19 34.00
N CYS B 415 24.67 -7.16 34.00
CA CYS B 415 25.16 -6.59 35.24
C CYS B 415 24.01 -6.02 36.07
N SER B 416 23.08 -5.33 35.40
CA SER B 416 21.91 -4.81 36.10
C SER B 416 21.10 -5.94 36.75
N GLU B 417 20.92 -7.04 36.03
CA GLU B 417 20.15 -8.16 36.57
C GLU B 417 20.86 -8.81 37.74
N ALA B 418 22.19 -8.93 37.68
CA ALA B 418 22.93 -9.47 38.82
C ALA B 418 22.77 -8.58 40.05
N ALA B 419 22.88 -7.27 39.86
CA ALA B 419 22.63 -6.35 40.97
C ALA B 419 21.23 -6.53 41.52
N LEU B 420 20.23 -6.55 40.64
CA LEU B 420 18.85 -6.69 41.09
C LEU B 420 18.64 -8.00 41.83
N GLN B 421 19.36 -9.07 41.45
CA GLN B 421 19.28 -10.32 42.20
C GLN B 421 19.86 -10.15 43.61
N ALA B 422 20.91 -9.35 43.73
CA ALA B 422 21.40 -9.03 45.07
C ALA B 422 20.32 -8.32 45.90
N ILE B 423 19.61 -7.37 45.28
CA ILE B 423 18.48 -6.74 45.96
C ILE B 423 17.40 -7.77 46.29
N ARG B 424 17.20 -8.77 45.42
CA ARG B 424 16.19 -9.80 45.72
C ARG B 424 16.55 -10.56 46.99
N LYS B 425 17.81 -10.94 47.13
CA LYS B 425 18.24 -11.62 48.36
C LYS B 425 18.04 -10.71 49.57
N LYS B 426 18.53 -9.48 49.50
CA LYS B 426 18.43 -8.60 50.66
C LYS B 426 16.99 -8.20 50.94
N MET B 427 16.11 -8.34 49.95
CA MET B 427 14.68 -8.21 50.19
C MET B 427 14.16 -9.39 50.98
N ASP B 428 14.54 -10.62 50.58
CA ASP B 428 14.09 -11.79 51.31
C ASP B 428 14.56 -11.73 52.77
N LEU B 429 15.70 -11.07 53.02
CA LEU B 429 16.10 -10.86 54.40
C LEU B 429 15.22 -9.81 55.10
N ILE B 430 14.80 -8.77 54.39
CA ILE B 430 14.26 -7.56 55.02
C ILE B 430 12.73 -7.63 55.03
N ASP B 431 12.11 -6.82 55.90
CA ASP B 431 10.66 -6.80 56.00
C ASP B 431 10.03 -5.77 55.07
N LEU B 432 10.70 -4.62 54.90
CA LEU B 432 10.32 -3.47 54.07
C LEU B 432 9.21 -2.63 54.70
N GLU B 433 8.60 -3.08 55.79
CA GLU B 433 7.59 -2.25 56.46
C GLU B 433 8.23 -1.07 57.18
N ASP B 434 9.46 -1.25 57.67
CA ASP B 434 10.16 -0.15 58.31
C ASP B 434 10.56 0.90 57.28
N GLU B 435 10.44 2.17 57.66
CA GLU B 435 10.75 3.25 56.74
C GLU B 435 12.25 3.40 56.54
N THR B 436 13.04 2.99 57.53
CA THR B 436 14.49 3.12 57.49
C THR B 436 15.14 1.76 57.70
N ILE B 437 16.10 1.42 56.82
CA ILE B 437 16.79 0.15 56.92
C ILE B 437 17.97 0.26 57.88
N ASP B 438 18.15 -0.77 58.70
CA ASP B 438 19.25 -0.81 59.64
C ASP B 438 20.60 -0.82 58.91
N ALA B 439 21.58 -0.14 59.51
CA ALA B 439 22.89 -0.01 58.88
C ALA B 439 23.58 -1.36 58.73
N GLU B 440 23.31 -2.29 59.64
CA GLU B 440 23.95 -3.61 59.55
C GLU B 440 23.50 -4.36 58.30
N VAL B 441 22.22 -4.28 57.96
CA VAL B 441 21.73 -4.92 56.74
C VAL B 441 22.37 -4.29 55.51
N MET B 442 22.51 -2.96 55.53
CA MET B 442 23.15 -2.28 54.41
C MET B 442 24.62 -2.68 54.28
N ASN B 443 25.31 -2.86 55.42
CA ASN B 443 26.68 -3.36 55.38
C ASN B 443 26.72 -4.79 54.84
N SER B 444 25.67 -5.57 55.10
CA SER B 444 25.61 -6.92 54.55
C SER B 444 25.39 -6.91 53.05
N LEU B 445 24.91 -5.79 52.51
CA LEU B 445 24.59 -5.71 51.09
C LEU B 445 25.85 -5.73 50.24
N ALA B 446 25.90 -6.65 49.29
CA ALA B 446 27.04 -6.79 48.39
C ALA B 446 26.62 -7.62 47.19
N VAL B 447 27.54 -7.75 46.23
CA VAL B 447 27.33 -8.52 45.01
C VAL B 447 28.37 -9.63 44.96
N THR B 448 27.92 -10.83 44.55
CA THR B 448 28.76 -12.01 44.55
C THR B 448 28.73 -12.69 43.20
N MET B 449 29.50 -13.78 43.10
CA MET B 449 29.64 -14.49 41.82
C MET B 449 28.33 -15.17 41.42
N ASP B 450 27.61 -15.74 42.38
CA ASP B 450 26.42 -16.52 42.04
C ASP B 450 25.33 -15.63 41.44
N ASP B 451 25.27 -14.36 41.83
CA ASP B 451 24.33 -13.45 41.20
C ASP B 451 24.65 -13.25 39.73
N PHE B 452 25.94 -13.10 39.40
CA PHE B 452 26.32 -12.98 37.99
C PHE B 452 26.06 -14.27 37.23
N ARG B 453 26.26 -15.43 37.87
CA ARG B 453 25.94 -16.70 37.23
C ARG B 453 24.44 -16.81 36.94
N TRP B 454 23.61 -16.38 37.89
CA TRP B 454 22.17 -16.38 37.67
C TRP B 454 21.79 -15.43 36.53
N ALA B 455 22.42 -14.26 36.47
CA ALA B 455 22.18 -13.34 35.37
C ALA B 455 22.60 -13.96 34.04
N LEU B 456 23.72 -14.69 34.02
CA LEU B 456 24.13 -15.42 32.83
C LEU B 456 23.07 -16.42 32.41
N SER B 457 22.51 -17.16 33.39
CA SER B 457 21.51 -18.16 33.07
C SER B 457 20.24 -17.52 32.50
N GLN B 458 19.77 -16.43 33.11
CA GLN B 458 18.54 -15.81 32.63
C GLN B 458 18.74 -15.08 31.30
N SER B 459 19.82 -14.32 31.17
CA SER B 459 20.03 -13.51 29.99
C SER B 459 20.32 -14.39 28.77
N ASN B 460 19.97 -13.88 27.60
CA ASN B 460 20.15 -14.60 26.35
C ASN B 460 20.95 -13.76 25.36
N PRO B 461 21.78 -14.35 24.50
CA PRO B 461 22.56 -13.54 23.57
C PRO B 461 21.72 -13.11 22.38
N SER B 462 21.84 -11.82 22.03
CA SER B 462 21.09 -11.29 20.90
C SER B 462 21.62 -11.80 19.57
N ALA B 463 22.85 -12.32 19.56
CA ALA B 463 23.45 -12.77 18.30
C ALA B 463 22.86 -14.09 17.85
N LEU B 464 22.53 -14.98 18.78
CA LEU B 464 22.11 -16.33 18.43
C LEU B 464 20.76 -16.70 19.03
N ARG B 465 19.38 -14.01 19.03
CA ARG B 465 18.28 -14.47 19.86
C ARG B 465 17.45 -15.52 19.11
N GLU B 466 17.76 -15.69 17.83
CA GLU B 466 16.97 -16.58 16.98
C GLU B 466 17.35 -18.04 17.19
N THR B 467 18.64 -18.35 17.17
CA THR B 467 19.11 -19.73 17.21
C THR B 467 19.44 -20.21 18.61
N VAL B 468 18.76 -19.70 19.64
CA VAL B 468 19.00 -20.19 20.98
C VAL B 468 18.40 -21.59 21.12
N VAL B 469 19.16 -22.49 21.75
CA VAL B 469 18.73 -23.87 21.96
C VAL B 469 19.00 -24.26 23.40
N GLU B 470 18.20 -25.19 23.90
CA GLU B 470 18.40 -25.71 25.24
C GLU B 470 19.70 -26.50 25.31
N VAL B 471 20.33 -26.50 26.48
CA VAL B 471 21.61 -27.15 26.70
C VAL B 471 21.39 -28.35 27.60
N PRO B 472 21.42 -29.58 27.08
CA PRO B 472 21.31 -30.77 27.93
C PRO B 472 22.48 -30.94 28.91
N GLN B 473 23.42 -30.00 28.93
CA GLN B 473 24.58 -30.06 29.82
C GLN B 473 25.39 -31.34 29.60
N VAL B 474 25.58 -31.70 28.33
CA VAL B 474 26.41 -32.85 28.01
C VAL B 474 27.87 -32.45 28.07
N THR B 475 28.66 -33.18 28.86
CA THR B 475 30.06 -32.89 29.09
C THR B 475 30.86 -34.12 28.66
N TRP B 476 32.19 -33.99 28.61
CA TRP B 476 33.01 -35.07 28.06
C TRP B 476 32.86 -36.36 28.86
N GLU B 477 32.82 -36.28 30.20
CA GLU B 477 32.69 -37.50 30.99
C GLU B 477 31.35 -38.18 30.78
N ASP B 478 30.37 -37.44 30.26
CA ASP B 478 29.09 -38.07 29.91
C ASP B 478 29.28 -39.04 28.75
N ILE B 479 30.25 -38.77 27.88
CA ILE B 479 30.54 -39.65 26.75
C ILE B 479 31.59 -40.67 27.16
N GLY B 480 31.28 -41.94 26.97
CA GLY B 480 32.21 -43.01 27.31
C GLY B 480 32.94 -43.53 26.09
N GLY B 481 34.26 -43.64 26.19
CA GLY B 481 35.06 -44.03 25.04
C GLY B 481 35.30 -42.85 24.11
N LEU B 482 35.75 -43.18 22.90
CA LEU B 482 36.06 -42.19 21.87
C LEU B 482 37.07 -41.17 22.38
N GLU B 483 38.04 -41.64 23.15
CA GLU B 483 39.05 -40.73 23.70
C GLU B 483 39.89 -40.10 22.60
N ASP B 484 40.22 -40.89 21.57
CA ASP B 484 40.94 -40.34 20.42
C ASP B 484 40.08 -39.32 19.68
N VAL B 485 38.77 -39.62 19.54
CA VAL B 485 37.88 -38.69 18.85
C VAL B 485 37.66 -37.44 19.68
N LYS B 486 37.57 -37.59 21.01
CA LYS B 486 37.41 -36.42 21.88
C LYS B 486 38.59 -35.47 21.75
N ARG B 487 39.80 -36.02 21.75
CA ARG B 487 41.00 -35.19 21.68
C ARG B 487 41.06 -34.40 20.37
N GLU B 488 40.71 -35.04 19.26
CA GLU B 488 40.72 -34.34 17.97
C GLU B 488 39.70 -33.21 17.95
N LEU B 489 38.51 -33.43 18.53
CA LEU B 489 37.48 -32.40 18.52
C LEU B 489 37.91 -31.15 19.29
N GLN B 490 38.57 -31.33 20.44
CA GLN B 490 39.02 -30.18 21.20
C GLN B 490 40.08 -29.39 20.43
N GLU B 491 41.07 -30.08 19.86
CA GLU B 491 42.13 -29.38 19.13
C GLU B 491 41.58 -28.63 17.92
N LEU B 492 40.49 -29.13 17.33
CA LEU B 492 39.92 -28.44 16.18
C LEU B 492 39.42 -27.05 16.56
N VAL B 493 38.78 -26.93 17.72
CA VAL B 493 38.22 -25.64 18.11
C VAL B 493 39.20 -24.88 18.99
N GLN B 494 39.90 -25.59 19.88
CA GLN B 494 40.75 -24.91 20.87
C GLN B 494 42.01 -24.34 20.25
N TYR B 495 42.66 -25.09 19.36
CA TYR B 495 43.95 -24.66 18.84
C TYR B 495 43.89 -23.33 18.08
N PRO B 496 42.99 -23.13 17.11
CA PRO B 496 43.03 -21.86 16.37
C PRO B 496 42.71 -20.63 17.20
N VAL B 497 41.92 -20.77 18.27
CA VAL B 497 41.49 -19.59 19.00
C VAL B 497 42.41 -19.32 20.20
N GLU B 498 42.78 -20.37 20.92
CA GLU B 498 43.61 -20.18 22.10
C GLU B 498 45.07 -19.97 21.74
N HIS B 499 45.52 -20.56 20.62
CA HIS B 499 46.91 -20.47 20.18
C HIS B 499 46.97 -20.06 18.71
N PRO B 500 46.55 -18.84 18.38
CA PRO B 500 46.66 -18.42 16.97
C PRO B 500 48.08 -18.10 16.56
N ASP B 501 48.95 -17.75 17.53
CA ASP B 501 50.33 -17.41 17.21
C ASP B 501 51.09 -18.61 16.67
N LYS B 502 50.71 -19.82 17.11
CA LYS B 502 51.37 -21.02 16.61
C LYS B 502 51.11 -21.21 15.13
N PHE B 503 49.88 -20.92 14.68
CA PHE B 503 49.54 -21.14 13.27
C PHE B 503 50.23 -20.12 12.37
N LEU B 504 50.48 -18.91 12.89
CA LEU B 504 51.16 -17.90 12.09
C LEU B 504 52.64 -18.24 11.91
N LYS B 505 53.24 -18.91 12.91
CA LYS B 505 54.64 -19.31 12.78
C LYS B 505 54.82 -20.31 11.66
N PHE B 506 53.95 -21.32 11.59
CA PHE B 506 54.05 -22.31 10.52
C PHE B 506 53.37 -21.82 9.25
N GLY B 507 52.41 -20.91 9.37
CA GLY B 507 51.83 -20.23 8.24
C GLY B 507 50.64 -20.91 7.60
N MET B 508 50.43 -22.19 7.87
CA MET B 508 49.30 -22.89 7.28
C MET B 508 48.04 -22.72 8.12
N THR B 509 46.93 -22.45 7.45
CA THR B 509 45.68 -22.16 8.15
C THR B 509 45.14 -23.42 8.82
N PRO B 510 44.42 -23.28 9.93
CA PRO B 510 43.88 -24.46 10.61
C PRO B 510 42.76 -25.12 9.82
N SER B 511 42.59 -26.42 10.06
CA SER B 511 41.49 -27.16 9.45
C SER B 511 40.21 -26.93 10.23
N LYS B 512 39.10 -26.74 9.53
CA LYS B 512 37.84 -26.35 10.15
C LYS B 512 36.66 -27.25 9.77
N GLY B 513 36.91 -28.50 9.40
CA GLY B 513 35.81 -29.38 9.04
C GLY B 513 35.97 -30.81 9.48
N VAL B 514 34.90 -31.38 10.04
CA VAL B 514 34.86 -32.78 10.44
C VAL B 514 33.50 -33.37 10.10
N LEU B 515 33.51 -34.59 9.55
CA LEU B 515 32.29 -35.36 9.32
C LEU B 515 32.31 -36.58 10.23
N PHE B 516 31.23 -36.79 10.97
CA PHE B 516 31.03 -37.99 11.77
C PHE B 516 30.06 -38.91 11.04
N TYR B 517 30.49 -40.15 10.80
CA TYR B 517 29.62 -41.17 10.22
C TYR B 517 29.75 -42.45 11.02
N GLY B 518 28.65 -43.19 11.11
CA GLY B 518 28.64 -44.42 11.86
C GLY B 518 27.23 -44.94 12.09
N PRO B 519 27.12 -46.10 12.75
CA PRO B 519 25.81 -46.65 13.04
C PRO B 519 25.06 -45.73 13.99
N PRO B 520 23.73 -45.71 13.91
CA PRO B 520 22.95 -44.86 14.82
C PRO B 520 23.17 -45.25 16.28
N GLY B 521 23.21 -44.23 17.14
CA GLY B 521 23.38 -44.44 18.56
C GLY B 521 24.80 -44.63 19.04
N CYS B 522 25.80 -44.30 18.22
CA CYS B 522 27.18 -44.52 18.63
C CYS B 522 27.79 -43.27 19.26
N GLY B 523 27.10 -42.14 19.17
CA GLY B 523 27.54 -40.95 19.88
C GLY B 523 27.87 -39.74 19.03
N LYS B 524 27.40 -39.71 17.78
CA LYS B 524 27.69 -38.58 16.91
C LYS B 524 27.03 -37.30 17.42
N THR B 525 25.79 -37.40 17.90
CA THR B 525 25.08 -36.21 18.34
C THR B 525 25.62 -35.71 19.68
N LEU B 526 26.04 -36.62 20.55
CA LEU B 526 26.61 -36.21 21.83
C LEU B 526 27.87 -35.38 21.62
N LEU B 527 28.74 -35.79 20.70
CA LEU B 527 29.99 -35.08 20.49
C LEU B 527 29.74 -33.65 20.05
N ALA B 528 28.65 -33.41 19.33
CA ALA B 528 28.29 -32.04 18.96
C ALA B 528 27.71 -31.28 20.15
N LYS B 529 26.91 -31.95 20.98
CA LYS B 529 26.39 -31.31 22.18
C LYS B 529 27.51 -31.02 23.18
N ALA B 530 28.44 -31.97 23.34
CA ALA B 530 29.55 -31.77 24.26
C ALA B 530 30.48 -30.66 23.79
N ILE B 531 30.74 -30.58 22.48
CA ILE B 531 31.67 -29.60 21.97
C ILE B 531 31.11 -28.19 22.10
N ALA B 532 29.79 -28.08 22.25
CA ALA B 532 29.16 -26.77 22.43
C ALA B 532 29.56 -26.15 23.76
N ASN B 533 29.49 -26.94 24.84
CA ASN B 533 29.76 -26.42 26.17
C ASN B 533 31.26 -26.18 26.39
N GLU B 534 32.09 -27.18 26.06
CA GLU B 534 33.45 -27.21 26.56
C GLU B 534 34.32 -26.11 25.96
N CYS B 535 34.29 -25.96 24.63
CA CYS B 535 35.23 -25.05 23.98
C CYS B 535 34.84 -23.58 24.09
N GLN B 536 33.69 -23.28 24.69
CA GLN B 536 33.28 -21.91 24.95
C GLN B 536 33.21 -21.08 23.67
N ALA B 537 32.77 -21.71 22.59
CA ALA B 537 32.61 -21.06 21.30
C ALA B 537 31.13 -21.09 20.92
N ASN B 538 30.73 -20.12 20.11
CA ASN B 538 29.33 -20.05 19.67
C ASN B 538 28.96 -21.31 18.89
N PHE B 539 27.76 -21.80 19.12
CA PHE B 539 27.30 -23.05 18.55
C PHE B 539 25.96 -22.86 17.87
N ILE B 540 25.93 -23.06 16.56
CA ILE B 540 24.70 -23.01 15.78
C ILE B 540 24.40 -24.42 15.28
N SER B 541 23.22 -24.92 15.62
CA SER B 541 22.82 -26.26 15.25
C SER B 541 21.71 -26.18 14.20
N ILE B 542 21.92 -26.89 13.09
CA ILE B 542 20.94 -26.95 12.02
C ILE B 542 20.38 -28.36 11.98
N LYS B 543 19.08 -28.50 12.25
CA LYS B 543 18.42 -29.76 11.99
C LYS B 543 18.47 -30.04 10.49
N GLY B 544 18.61 -31.32 10.14
CA GLY B 544 19.05 -31.71 8.81
C GLY B 544 18.41 -30.96 7.67
N PRO B 545 17.11 -31.15 7.48
CA PRO B 545 16.39 -30.47 6.39
C PRO B 545 15.83 -29.10 6.73
N GLU B 546 16.25 -28.49 7.84
CA GLU B 546 15.56 -27.30 8.34
C GLU B 546 15.65 -26.13 7.37
N LEU B 547 16.69 -26.09 6.53
CA LEU B 547 16.98 -24.89 5.78
C LEU B 547 16.15 -24.79 4.50
N LEU B 548 15.61 -25.91 4.02
CA LEU B 548 15.00 -25.93 2.69
C LEU B 548 13.63 -25.24 2.72
N THR B 549 13.23 -24.70 1.57
CA THR B 549 12.02 -23.89 1.47
C THR B 549 11.37 -24.15 0.13
N MET B 550 10.04 -24.00 0.08
CA MET B 550 9.29 -24.28 -1.14
C MET B 550 9.49 -23.20 -2.20
N TRP B 551 9.95 -22.01 -1.81
CA TRP B 551 10.11 -20.94 -2.77
C TRP B 551 11.37 -21.15 -3.61
N PHE B 552 11.42 -20.46 -4.75
CA PHE B 552 12.42 -20.76 -5.77
C PHE B 552 13.83 -20.50 -5.26
N GLY B 553 14.09 -19.30 -4.73
CA GLY B 553 15.43 -18.95 -4.31
C GLY B 553 15.63 -18.85 -2.81
N GLU B 554 14.67 -19.37 -2.04
CA GLU B 554 14.72 -19.18 -0.60
C GLU B 554 15.51 -20.28 0.10
N SER B 555 15.54 -21.48 -0.50
CA SER B 555 16.30 -22.57 0.10
C SER B 555 17.78 -22.24 0.13
N GLU B 556 18.31 -21.64 -0.93
CA GLU B 556 19.71 -21.23 -0.95
C GLU B 556 19.92 -19.96 -0.13
N ALA B 557 18.91 -19.09 -0.08
CA ALA B 557 19.03 -17.87 0.71
C ALA B 557 19.15 -18.19 2.20
N ASN B 558 18.45 -19.24 2.66
CA ASN B 558 18.59 -19.65 4.05
C ASN B 558 20.00 -20.16 4.33
N VAL B 559 20.63 -20.78 3.34
CA VAL B 559 22.00 -21.27 3.52
C VAL B 559 22.96 -20.11 3.70
N ARG B 560 22.81 -19.06 2.89
CA ARG B 560 23.71 -17.91 3.01
C ARG B 560 23.50 -17.18 4.33
N GLU B 561 22.27 -17.21 4.87
CA GLU B 561 22.01 -16.56 6.13
C GLU B 561 22.65 -17.32 7.29
N ILE B 562 22.61 -18.65 7.24
CA ILE B 562 23.25 -19.46 8.28
C ILE B 562 24.76 -19.21 8.30
N PHE B 563 25.39 -19.21 7.13
CA PHE B 563 26.83 -19.04 7.10
C PHE B 563 27.22 -17.59 7.38
N ASP B 564 26.30 -16.65 7.17
CA ASP B 564 26.57 -15.26 7.54
C ASP B 564 26.48 -15.07 9.05
N LYS B 565 25.49 -15.71 9.68
CA LYS B 565 25.38 -15.64 11.14
C LYS B 565 26.58 -16.29 11.80
N ALA B 566 27.04 -17.42 11.27
CA ALA B 566 28.21 -18.09 11.84
C ALA B 566 29.47 -17.25 11.67
N ARG B 567 29.58 -16.53 10.54
CA ARG B 567 30.74 -15.68 10.33
C ARG B 567 30.72 -14.48 11.27
N GLN B 568 29.52 -13.91 11.51
CA GLN B 568 29.42 -12.80 12.44
C GLN B 568 29.70 -13.24 13.87
N ALA B 569 29.26 -14.43 14.25
CA ALA B 569 29.46 -14.95 15.60
C ALA B 569 30.74 -15.76 15.73
N ALA B 570 31.71 -15.55 14.86
CA ALA B 570 32.96 -16.28 14.95
C ALA B 570 33.70 -15.91 16.23
N PRO B 571 34.37 -16.87 16.89
CA PRO B 571 34.46 -18.27 16.49
C PRO B 571 33.16 -19.05 16.74
N CYS B 572 32.69 -19.75 15.71
CA CYS B 572 31.41 -20.42 15.76
C CYS B 572 31.57 -21.86 15.31
N VAL B 573 30.71 -22.73 15.83
CA VAL B 573 30.66 -24.13 15.43
C VAL B 573 29.33 -24.37 14.72
N LEU B 574 29.39 -24.68 13.44
CA LEU B 574 28.21 -24.91 12.62
C LEU B 574 28.01 -26.42 12.51
N PHE B 575 27.02 -26.95 13.22
CA PHE B 575 26.78 -28.39 13.29
C PHE B 575 25.62 -28.74 12.37
N PHE B 576 25.90 -29.48 11.31
CA PHE B 576 24.89 -29.95 10.37
C PHE B 576 24.52 -31.38 10.75
N ASP B 577 23.52 -31.54 11.61
CA ASP B 577 23.04 -32.86 11.97
C ASP B 577 22.29 -33.48 10.79
N GLN B 578 22.48 -34.79 10.60
CA GLN B 578 21.88 -35.51 9.47
C GLN B 578 22.19 -34.80 8.16
N LEU B 579 23.48 -34.70 7.85
CA LEU B 579 23.93 -33.90 6.72
C LEU B 579 23.52 -34.49 5.39
N ASP B 580 23.18 -35.78 5.35
CA ASP B 580 22.87 -36.44 4.08
C ASP B 580 21.60 -35.88 3.46
N SER B 581 20.77 -35.19 4.24
CA SER B 581 19.52 -34.66 3.72
C SER B 581 19.77 -33.53 2.73
N ILE B 582 20.61 -32.56 3.11
CA ILE B 582 20.80 -31.38 2.26
C ILE B 582 22.01 -31.53 1.35
N ALA B 583 22.90 -32.47 1.66
CA ALA B 583 24.12 -32.66 0.90
C ALA B 583 24.07 -34.01 0.21
N LYS B 584 23.42 -34.06 -0.94
CA LYS B 584 23.32 -35.26 -1.75
C LYS B 584 24.27 -35.14 -2.94
N ALA B 585 24.50 -36.25 -3.62
CA ALA B 585 25.31 -36.22 -4.83
C ALA B 585 24.51 -35.57 -5.94
N ARG B 586 25.05 -34.48 -6.50
CA ARG B 586 24.37 -33.78 -7.58
C ARG B 586 24.26 -34.68 -8.81
N GLY B 587 23.11 -34.63 -9.47
CA GLY B 587 22.85 -35.45 -10.63
C GLY B 587 22.19 -36.78 -10.35
N GLY B 588 22.02 -37.15 -9.09
CA GLY B 588 21.33 -38.39 -8.78
C GLY B 588 19.88 -38.38 -9.21
N ASN B 589 19.22 -37.23 -9.07
CA ASN B 589 17.83 -37.06 -9.47
C ASN B 589 17.75 -35.97 -10.53
N ILE B 590 17.07 -36.28 -11.63
CA ILE B 590 16.90 -35.28 -12.68
C ILE B 590 16.02 -34.13 -12.20
N GLY B 591 14.89 -34.46 -11.59
CA GLY B 591 14.05 -33.42 -11.00
C GLY B 591 14.71 -32.75 -9.81
N ASP B 592 15.29 -33.56 -8.91
CA ASP B 592 15.98 -33.06 -7.72
C ASP B 592 15.09 -32.12 -6.91
N GLY B 593 13.80 -32.46 -6.83
CA GLY B 593 12.84 -31.56 -6.21
C GLY B 593 12.70 -30.25 -6.94
N GLY B 594 12.63 -30.30 -8.27
CA GLY B 594 12.62 -29.09 -9.08
C GLY B 594 13.99 -28.48 -9.30
N GLY B 595 15.06 -29.23 -9.05
CA GLY B 595 16.41 -28.72 -9.17
C GLY B 595 16.88 -27.87 -8.02
N ALA B 596 16.06 -27.67 -7.00
CA ALA B 596 16.44 -26.82 -5.88
C ALA B 596 17.42 -27.53 -4.95
N ALA B 597 17.35 -28.87 -4.88
CA ALA B 597 18.25 -29.61 -4.01
C ALA B 597 19.70 -29.45 -4.45
N ASP B 598 19.95 -29.48 -5.77
CA ASP B 598 21.30 -29.29 -6.26
C ASP B 598 21.79 -27.87 -6.04
N ARG B 599 20.88 -26.89 -6.18
CA ARG B 599 21.27 -25.50 -5.96
C ARG B 599 21.61 -25.23 -4.50
N VAL B 600 21.00 -25.99 -3.59
CA VAL B 600 21.37 -25.89 -2.18
C VAL B 600 22.78 -26.40 -1.95
N ILE B 601 23.14 -27.52 -2.59
CA ILE B 601 24.49 -28.05 -2.47
C ILE B 601 25.50 -27.08 -3.06
N ASN B 602 25.17 -26.47 -4.20
CA ASN B 602 26.08 -25.52 -4.83
C ASN B 602 26.26 -24.28 -3.95
N GLN B 603 25.21 -23.90 -3.21
CA GLN B 603 25.34 -22.78 -2.29
C GLN B 603 26.20 -23.16 -1.09
N ILE B 604 26.00 -24.37 -0.56
CA ILE B 604 26.80 -24.84 0.58
C ILE B 604 28.27 -24.93 0.19
N LEU B 605 28.55 -25.36 -1.04
CA LEU B 605 29.93 -25.49 -1.49
C LEU B 605 30.64 -24.14 -1.48
N THR B 606 29.95 -23.08 -1.89
CA THR B 606 30.59 -21.78 -2.04
C THR B 606 30.90 -21.16 -0.68
N GLU B 607 30.03 -21.36 0.31
CA GLU B 607 30.26 -20.76 1.62
C GLU B 607 31.41 -21.44 2.36
N MET B 608 31.47 -22.77 2.29
CA MET B 608 32.55 -23.48 2.98
C MET B 608 33.90 -23.16 2.38
N ASP B 609 33.99 -23.15 1.04
CA ASP B 609 35.23 -22.85 0.34
C ASP B 609 34.88 -22.08 -0.93
N GLY B 610 35.00 -20.76 -0.87
CA GLY B 610 34.67 -19.93 -2.00
C GLY B 610 35.59 -18.74 -2.12
N MET B 611 35.05 -17.65 -2.66
CA MET B 611 35.83 -16.45 -2.91
C MET B 611 35.74 -15.48 -1.73
N SER B 612 36.17 -15.97 -0.56
CA SER B 612 36.13 -15.16 0.64
C SER B 612 37.18 -15.66 1.63
N THR B 613 37.62 -14.77 2.51
CA THR B 613 38.48 -15.18 3.61
C THR B 613 37.70 -16.05 4.58
N LYS B 614 38.37 -17.05 5.13
CA LYS B 614 37.73 -17.99 6.05
C LYS B 614 37.85 -17.47 7.47
N LYS B 615 36.72 -17.37 8.17
CA LYS B 615 36.72 -17.00 9.57
C LYS B 615 36.86 -18.27 10.42
N ASN B 616 36.72 -18.11 11.73
CA ASN B 616 36.79 -19.25 12.65
C ASN B 616 35.41 -19.90 12.74
N VAL B 617 34.95 -20.40 11.60
CA VAL B 617 33.70 -21.14 11.50
C VAL B 617 34.04 -22.60 11.26
N PHE B 618 33.74 -23.44 12.24
CA PHE B 618 34.07 -24.85 12.20
C PHE B 618 32.80 -25.63 11.88
N ILE B 619 32.74 -26.20 10.69
CA ILE B 619 31.58 -26.95 10.22
C ILE B 619 31.75 -28.40 10.68
N ILE B 620 30.75 -28.90 11.40
CA ILE B 620 30.71 -30.28 11.85
C ILE B 620 29.46 -30.92 11.29
N GLY B 621 29.61 -32.09 10.68
CA GLY B 621 28.49 -32.81 10.11
C GLY B 621 28.41 -34.21 10.65
N ALA B 622 27.20 -34.65 10.96
CA ALA B 622 26.93 -36.02 11.41
C ALA B 622 25.96 -36.65 10.44
N THR B 623 26.27 -37.86 9.98
CA THR B 623 25.43 -38.57 9.02
C THR B 623 25.53 -40.06 9.28
N ASN B 624 24.45 -40.78 8.98
CA ASN B 624 24.49 -42.24 9.06
C ASN B 624 25.10 -42.83 7.79
N ARG B 625 24.61 -42.39 6.63
CA ARG B 625 25.11 -42.90 5.35
C ARG B 625 25.95 -41.85 4.63
N PRO B 626 27.28 -41.95 4.69
CA PRO B 626 28.11 -40.91 4.07
C PRO B 626 28.37 -41.13 2.59
N ASP B 627 28.11 -42.33 2.08
CA ASP B 627 28.48 -42.66 0.71
C ASP B 627 27.62 -41.91 -0.30
N ILE B 628 26.51 -41.33 0.15
CA ILE B 628 25.64 -40.59 -0.76
C ILE B 628 25.96 -39.11 -0.77
N ILE B 629 26.77 -38.65 0.19
CA ILE B 629 27.08 -37.22 0.28
C ILE B 629 27.93 -36.81 -0.92
N ASP B 630 27.70 -35.58 -1.38
CA ASP B 630 28.40 -35.09 -2.56
C ASP B 630 29.90 -35.14 -2.36
N PRO B 631 30.66 -35.65 -3.33
CA PRO B 631 32.12 -35.73 -3.17
C PRO B 631 32.78 -34.36 -3.04
N ALA B 632 32.15 -33.30 -3.54
CA ALA B 632 32.71 -31.97 -3.39
C ALA B 632 32.55 -31.46 -1.95
N ILE B 633 31.55 -31.97 -1.24
CA ILE B 633 31.37 -31.60 0.16
C ILE B 633 32.52 -32.15 1.01
N LEU B 634 33.02 -33.34 0.66
CA LEU B 634 33.94 -34.06 1.52
C LEU B 634 35.42 -33.82 1.19
N ARG B 635 35.74 -32.95 0.25
CA ARG B 635 37.13 -32.71 -0.08
C ARG B 635 37.76 -31.78 0.94
N PRO B 636 39.08 -31.89 1.19
CA PRO B 636 39.73 -30.99 2.14
C PRO B 636 39.52 -29.53 1.75
N GLY B 637 39.29 -28.70 2.76
CA GLY B 637 38.73 -27.38 2.59
C GLY B 637 37.26 -27.31 2.97
N ARG B 638 36.52 -28.40 2.80
CA ARG B 638 35.17 -28.54 3.30
C ARG B 638 35.07 -29.89 3.97
N LEU B 639 34.86 -29.91 5.29
CA LEU B 639 34.85 -31.16 6.05
C LEU B 639 36.17 -31.91 5.86
N ASP B 640 37.25 -31.31 6.38
CA ASP B 640 38.59 -31.81 6.12
C ASP B 640 38.77 -33.24 6.63
N GLN B 641 38.18 -33.55 7.79
CA GLN B 641 38.40 -34.83 8.46
C GLN B 641 37.14 -35.67 8.41
N LEU B 642 37.30 -36.95 8.07
CA LEU B 642 36.20 -37.92 8.08
C LEU B 642 36.49 -38.89 9.22
N ILE B 643 35.74 -38.74 10.31
CA ILE B 643 35.91 -39.56 11.51
C ILE B 643 34.78 -40.58 11.58
N TYR B 644 35.15 -41.85 11.79
CA TYR B 644 34.18 -42.93 11.84
C TYR B 644 33.90 -43.26 13.31
N ILE B 645 32.63 -43.16 13.69
CA ILE B 645 32.20 -43.48 15.06
C ILE B 645 31.62 -44.90 15.02
N PRO B 646 32.38 -45.92 15.41
CA PRO B 646 31.90 -47.29 15.27
C PRO B 646 31.12 -47.76 16.48
N LEU B 647 30.71 -49.02 16.42
CA LEU B 647 30.15 -49.67 17.60
C LEU B 647 31.22 -49.75 18.68
N PRO B 648 30.90 -49.41 19.93
CA PRO B 648 31.91 -49.45 21.00
C PRO B 648 32.44 -50.86 21.21
N ASP B 649 33.74 -50.96 21.48
CA ASP B 649 34.34 -52.23 21.82
C ASP B 649 34.21 -52.48 23.32
N GLU B 650 34.82 -53.58 23.78
CA GLU B 650 34.62 -54.02 25.16
C GLU B 650 35.08 -52.97 26.16
N LYS B 651 36.25 -52.36 25.92
CA LYS B 651 36.73 -51.33 26.83
C LYS B 651 35.82 -50.11 26.82
N SER B 652 35.36 -49.69 25.64
CA SER B 652 34.49 -48.52 25.57
C SER B 652 33.12 -48.80 26.17
N ARG B 653 32.64 -50.04 26.05
CA ARG B 653 31.34 -50.39 26.59
C ARG B 653 31.31 -50.24 28.11
N VAL B 654 32.42 -50.57 28.77
CA VAL B 654 32.52 -50.33 30.20
C VAL B 654 32.42 -48.84 30.50
N ALA B 655 33.09 -48.02 29.69
CA ALA B 655 33.06 -46.57 29.90
C ALA B 655 31.65 -46.02 29.71
N ILE B 656 30.92 -46.52 28.71
CA ILE B 656 29.57 -46.03 28.46
C ILE B 656 28.66 -46.35 29.64
N LEU B 657 28.72 -47.58 30.16
CA LEU B 657 27.92 -47.94 31.32
C LEU B 657 28.34 -47.16 32.55
N LYS B 658 29.65 -46.98 32.75
CA LYS B 658 30.13 -46.19 33.88
C LYS B 658 29.69 -44.74 33.76
N ALA B 659 29.75 -44.18 32.55
CA ALA B 659 29.34 -42.79 32.37
C ALA B 659 27.83 -42.62 32.51
N ASN B 660 27.07 -43.61 32.06
CA ASN B 660 25.62 -43.53 32.16
C ASN B 660 25.14 -43.67 33.59
N LEU B 661 25.75 -44.57 34.35
CA LEU B 661 25.41 -44.77 35.76
C LEU B 661 26.19 -43.84 36.69
N ARG B 662 26.94 -42.89 36.12
CA ARG B 662 27.71 -41.95 36.94
C ARG B 662 26.81 -41.10 37.81
N LYS B 663 25.59 -40.81 37.33
CA LYS B 663 24.66 -40.00 38.11
C LYS B 663 23.84 -40.86 39.07
N SER B 664 23.42 -42.04 38.62
CA SER B 664 22.52 -42.85 39.42
C SER B 664 23.27 -43.59 40.52
N PRO B 665 22.67 -43.75 41.70
CA PRO B 665 23.28 -44.59 42.74
C PRO B 665 23.07 -46.06 42.42
N VAL B 666 24.19 -46.78 42.27
CA VAL B 666 24.16 -48.18 41.85
C VAL B 666 24.94 -49.00 42.87
N ALA B 667 24.41 -50.19 43.16
CA ALA B 667 25.04 -51.08 44.13
C ALA B 667 26.44 -51.47 43.67
N LYS B 668 27.36 -51.59 44.63
CA LYS B 668 28.72 -51.99 44.31
C LYS B 668 28.78 -53.44 43.85
N ASP B 669 27.72 -54.21 44.11
CA ASP B 669 27.70 -55.61 43.71
C ASP B 669 27.60 -55.74 42.19
N VAL B 670 27.07 -54.71 41.52
CA VAL B 670 26.89 -54.79 40.07
C VAL B 670 28.24 -54.79 39.38
N ASP B 671 28.46 -55.79 38.52
CA ASP B 671 29.71 -55.96 37.79
C ASP B 671 29.51 -55.48 36.36
N LEU B 672 29.94 -54.24 36.09
CA LEU B 672 29.75 -53.67 34.76
C LEU B 672 30.68 -54.31 33.74
N GLU B 673 31.83 -54.82 34.18
CA GLU B 673 32.78 -55.41 33.25
C GLU B 673 32.20 -56.63 32.55
N PHE B 674 31.35 -57.39 33.24
CA PHE B 674 30.79 -58.59 32.64
C PHE B 674 29.74 -58.26 31.60
N LEU B 675 29.02 -57.14 31.79
CA LEU B 675 28.04 -56.71 30.80
C LEU B 675 28.68 -56.39 29.46
N ALA B 676 29.86 -55.75 29.49
CA ALA B 676 30.54 -55.42 28.24
C ALA B 676 30.93 -56.67 27.48
N LYS B 677 31.35 -57.71 28.20
CA LYS B 677 31.74 -58.97 27.56
C LYS B 677 30.55 -59.61 26.86
N MET B 678 29.37 -59.60 27.50
CA MET B 678 28.22 -60.27 26.94
C MET B 678 27.65 -59.52 25.74
N THR B 679 27.50 -58.20 25.86
CA THR B 679 26.93 -57.38 24.79
C THR B 679 28.02 -57.07 23.77
N ASN B 680 28.23 -58.03 22.86
CA ASN B 680 29.31 -57.92 21.89
C ASN B 680 29.09 -56.76 20.93
N GLY B 681 27.91 -56.69 20.30
CA GLY B 681 27.64 -55.69 19.29
C GLY B 681 26.68 -54.59 19.67
N PHE B 682 26.44 -54.35 20.96
CA PHE B 682 25.50 -53.32 21.36
C PHE B 682 26.06 -51.93 21.09
N SER B 683 25.18 -51.01 20.72
CA SER B 683 25.57 -49.63 20.51
C SER B 683 25.61 -48.88 21.83
N GLY B 684 25.94 -47.59 21.75
CA GLY B 684 25.90 -46.75 22.93
C GLY B 684 24.50 -46.54 23.44
N ALA B 685 23.53 -46.39 22.54
CA ALA B 685 22.15 -46.21 22.95
C ALA B 685 21.58 -47.49 23.54
N ASP B 686 22.00 -48.65 23.02
CA ASP B 686 21.51 -49.91 23.53
C ASP B 686 21.91 -50.13 24.98
N LEU B 687 23.16 -49.79 25.32
CA LEU B 687 23.59 -49.88 26.71
C LEU B 687 22.87 -48.86 27.58
N THR B 688 22.53 -47.69 27.01
CA THR B 688 21.76 -46.70 27.75
C THR B 688 20.36 -47.22 28.06
N GLU B 689 19.76 -47.96 27.13
CA GLU B 689 18.44 -48.54 27.37
C GLU B 689 18.49 -49.55 28.51
N ILE B 690 19.56 -50.35 28.57
CA ILE B 690 19.68 -51.37 29.62
C ILE B 690 19.69 -50.72 30.99
N CYS B 691 20.47 -49.64 31.15
CA CYS B 691 20.46 -48.92 32.41
C CYS B 691 19.09 -48.30 32.68
N GLN B 692 18.43 -47.81 31.62
CA GLN B 692 17.09 -47.25 31.78
C GLN B 692 16.09 -48.30 32.25
N ARG B 693 16.17 -49.51 31.69
CA ARG B 693 15.28 -50.59 32.13
C ARG B 693 15.55 -50.95 33.58
N ALA B 694 16.82 -51.03 33.97
CA ALA B 694 17.16 -51.37 35.35
C ALA B 694 16.66 -50.31 36.31
N CYS B 695 16.73 -49.03 35.91
CA CYS B 695 16.24 -47.97 36.77
C CYS B 695 14.73 -48.06 36.97
N LYS B 696 13.98 -48.31 35.89
CA LYS B 696 12.53 -48.38 36.00
C LYS B 696 12.10 -49.56 36.87
N LEU B 697 12.77 -50.70 36.73
CA LEU B 697 12.47 -51.84 37.58
C LEU B 697 12.74 -51.51 39.05
N ALA B 698 13.85 -50.82 39.33
CA ALA B 698 14.13 -50.41 40.70
C ALA B 698 13.11 -49.39 41.19
N ILE B 699 12.69 -48.47 40.32
CA ILE B 699 11.65 -47.52 40.69
C ILE B 699 10.33 -48.25 40.90
N ARG B 700 10.00 -49.19 40.01
CA ARG B 700 8.73 -49.92 40.14
C ARG B 700 8.69 -50.72 41.44
N GLU B 701 9.82 -51.31 41.83
CA GLU B 701 9.87 -52.03 43.09
C GLU B 701 9.62 -51.10 44.27
N SER B 702 10.19 -49.89 44.22
CA SER B 702 9.95 -48.93 45.29
C SER B 702 8.49 -48.49 45.34
N ILE B 703 7.87 -48.32 44.17
CA ILE B 703 6.49 -47.85 44.14
C ILE B 703 5.55 -48.88 44.74
N GLU B 704 5.75 -50.16 44.41
CA GLU B 704 4.92 -51.21 45.00
C GLU B 704 5.24 -51.40 46.48
N SER B 705 6.50 -51.21 46.85
CA SER B 705 6.89 -51.39 48.26
C SER B 705 6.22 -50.35 49.15
N GLU B 706 6.25 -49.08 48.73
CA GLU B 706 5.65 -48.03 49.55
C GLU B 706 4.13 -48.14 49.56
N ILE B 707 3.54 -48.69 48.50
CA ILE B 707 2.10 -48.95 48.50
C ILE B 707 1.74 -49.98 49.56
N ARG B 708 2.52 -51.06 49.64
CA ARG B 708 2.35 -52.02 50.74
C ARG B 708 2.57 -51.36 52.09
N ARG B 709 3.49 -50.40 52.15
CA ARG B 709 3.70 -49.65 53.39
C ARG B 709 2.47 -48.84 53.76
N GLU B 710 1.76 -48.31 52.77
CA GLU B 710 0.53 -47.58 53.07
C GLU B 710 -0.62 -48.52 53.39
N ARG B 711 -0.66 -49.68 52.74
CA ARG B 711 -1.75 -50.63 52.98
C ARG B 711 -1.73 -51.14 54.40
N GLU B 712 -0.54 -51.47 54.92
CA GLU B 712 -0.46 -51.98 56.29
C GLU B 712 -0.78 -50.90 57.31
N ARG B 713 -0.48 -49.65 57.00
CA ARG B 713 -0.82 -48.55 57.90
C ARG B 713 -2.33 -48.30 57.94
N GLN B 714 -3.01 -48.56 56.83
CA GLN B 714 -4.45 -48.34 56.75
C GLN B 714 -5.21 -49.35 57.61
N PRO B 727 13.85 -48.46 51.47
CA PRO B 727 13.44 -49.73 50.86
C PRO B 727 14.39 -50.17 49.76
N VAL B 728 14.53 -49.34 48.72
CA VAL B 728 15.44 -49.62 47.62
C VAL B 728 16.34 -48.40 47.44
N PRO B 729 17.37 -48.24 48.27
CA PRO B 729 18.25 -47.06 48.14
C PRO B 729 18.98 -47.00 46.82
N GLU B 730 19.34 -48.15 46.24
CA GLU B 730 20.19 -48.20 45.07
C GLU B 730 19.83 -49.41 44.21
N ILE B 731 20.20 -49.34 42.93
CA ILE B 731 19.88 -50.43 42.00
C ILE B 731 20.77 -51.62 42.29
N ARG B 732 20.15 -52.76 42.60
CA ARG B 732 20.83 -53.98 42.99
C ARG B 732 21.20 -54.80 41.76
N ARG B 733 21.69 -56.01 42.02
CA ARG B 733 21.97 -56.96 40.95
C ARG B 733 20.71 -57.38 40.21
N ASP B 734 19.60 -57.60 40.93
CA ASP B 734 18.45 -58.25 40.34
C ASP B 734 17.81 -57.41 39.24
N HIS B 735 17.76 -56.09 39.42
CA HIS B 735 17.13 -55.23 38.42
C HIS B 735 17.87 -55.28 37.08
N PHE B 736 19.20 -55.31 37.13
CA PHE B 736 19.97 -55.40 35.89
C PHE B 736 19.72 -56.71 35.16
N GLU B 737 19.64 -57.82 35.92
CA GLU B 737 19.45 -59.12 35.30
C GLU B 737 18.11 -59.21 34.60
N GLU B 738 17.05 -58.68 35.22
CA GLU B 738 15.75 -58.66 34.57
C GLU B 738 15.74 -57.71 33.37
N ALA B 739 16.47 -56.60 33.48
CA ALA B 739 16.56 -55.66 32.38
C ALA B 739 17.20 -56.29 31.14
N MET B 740 18.26 -57.08 31.36
CA MET B 740 19.00 -57.65 30.24
C MET B 740 18.15 -58.64 29.44
N ARG B 741 17.08 -59.17 30.04
CA ARG B 741 16.19 -60.06 29.30
C ARG B 741 15.48 -59.31 28.17
N PHE B 742 15.30 -58.00 28.32
CA PHE B 742 14.67 -57.20 27.28
C PHE B 742 15.68 -56.48 26.40
N ALA B 743 16.98 -56.67 26.65
CA ALA B 743 18.00 -56.00 25.86
C ALA B 743 17.98 -56.50 24.42
N ARG B 744 18.02 -55.57 23.48
CA ARG B 744 18.04 -55.88 22.07
C ARG B 744 19.25 -55.23 21.41
N ARG B 745 19.62 -55.76 20.24
CA ARG B 745 20.69 -55.20 19.44
C ARG B 745 20.06 -54.29 18.38
N SER B 746 20.12 -52.98 18.61
CA SER B 746 19.40 -52.04 17.75
C SER B 746 19.96 -52.03 16.34
N VAL B 747 21.29 -52.03 16.20
CA VAL B 747 21.93 -51.97 14.90
C VAL B 747 22.20 -53.39 14.41
N SER B 748 21.66 -53.72 13.25
CA SER B 748 21.78 -55.07 12.71
C SER B 748 23.21 -55.32 12.24
N ASP B 749 23.52 -56.60 12.05
CA ASP B 749 24.84 -56.97 11.51
C ASP B 749 24.96 -56.59 10.05
N ASN B 750 23.83 -56.49 9.35
CA ASN B 750 23.85 -56.09 7.94
C ASN B 750 24.34 -54.65 7.79
N ASP B 751 23.83 -53.75 8.64
CA ASP B 751 24.21 -52.35 8.54
C ASP B 751 25.69 -52.15 8.81
N ILE B 752 26.24 -52.89 9.77
CA ILE B 752 27.64 -52.71 10.16
C ILE B 752 28.57 -52.93 8.98
N ARG B 753 28.27 -53.92 8.13
CA ARG B 753 29.09 -54.12 6.94
C ARG B 753 29.01 -52.92 6.02
N LYS B 754 27.85 -52.27 5.96
CA LYS B 754 27.71 -51.08 5.09
C LYS B 754 28.63 -49.96 5.55
N TYR B 755 28.77 -49.76 6.86
CA TYR B 755 29.65 -48.71 7.34
C TYR B 755 31.12 -49.10 7.19
N GLU B 756 31.42 -50.39 7.32
CA GLU B 756 32.81 -50.82 7.25
C GLU B 756 33.33 -50.83 5.82
N MET B 757 32.45 -50.93 4.82
CA MET B 757 32.89 -50.76 3.44
C MET B 757 33.38 -49.35 3.18
N PHE B 758 32.68 -48.35 3.73
CA PHE B 758 33.07 -46.96 3.48
C PHE B 758 34.46 -46.67 4.05
N ALA B 759 34.73 -47.12 5.27
CA ALA B 759 36.04 -46.88 5.87
C ALA B 759 37.14 -47.60 5.11
N GLN B 760 36.80 -48.71 4.45
CA GLN B 760 37.80 -49.44 3.67
C GLN B 760 38.13 -48.71 2.38
N THR B 761 37.16 -48.03 1.78
CA THR B 761 37.42 -47.28 0.55
C THR B 761 38.41 -46.15 0.80
N LEU B 762 38.34 -45.50 1.96
CA LEU B 762 39.28 -44.45 2.29
C LEU B 762 40.70 -45.00 2.39
N GLN B 763 40.85 -46.17 3.03
CA GLN B 763 42.19 -46.78 3.17
C GLN B 763 42.76 -47.17 1.82
N GLN B 764 41.94 -47.74 0.94
CA GLN B 764 42.43 -48.18 -0.36
C GLN B 764 42.68 -46.99 -1.28
N SER B 765 41.94 -45.90 -1.10
CA SER B 765 42.14 -44.72 -1.94
C SER B 765 43.51 -44.09 -1.69
N ARG B 766 43.95 -44.07 -0.44
CA ARG B 766 45.28 -43.53 -0.13
C ARG B 766 46.37 -44.31 -0.84
N GLY B 767 46.29 -45.64 -0.82
CA GLY B 767 47.34 -46.47 -1.38
C GLY B 767 48.47 -46.70 -0.40
N PHE B 768 49.45 -47.48 -0.85
CA PHE B 768 50.65 -47.89 -0.10
C PHE B 768 50.23 -48.25 1.33
N GLY B 769 50.92 -47.77 2.35
CA GLY B 769 50.63 -48.11 3.73
C GLY B 769 51.89 -48.07 4.57
N SER B 770 51.75 -47.56 5.80
CA SER B 770 52.89 -47.33 6.69
C SER B 770 53.93 -46.45 6.00
N PHE B 771 53.50 -45.28 5.55
CA PHE B 771 54.35 -44.39 4.76
C PHE B 771 55.55 -43.93 5.57
N ARG B 772 56.73 -44.01 4.95
CA ARG B 772 57.98 -43.59 5.59
C ARG B 772 58.92 -43.05 4.52
N PHE B 773 59.54 -41.91 4.80
CA PHE B 773 60.57 -41.39 3.90
C PHE B 773 61.79 -42.31 3.89
N PRO B 774 62.50 -42.37 2.75
CA PRO B 774 63.65 -43.26 2.67
C PRO B 774 64.77 -42.82 3.61
N SER B 775 65.17 -43.74 4.48
CA SER B 775 66.22 -43.51 5.47
C SER B 775 65.94 -42.29 6.33
N LEU C 12 34.00 17.89 -35.23
CA LEU C 12 33.03 18.91 -35.55
C LEU C 12 32.16 19.23 -34.34
N SER C 13 31.82 18.18 -33.58
CA SER C 13 31.03 18.38 -32.37
C SER C 13 31.79 19.20 -31.34
N THR C 14 33.08 18.93 -31.17
CA THR C 14 33.93 19.66 -30.24
C THR C 14 34.62 20.85 -30.88
N ALA C 15 34.14 21.30 -32.04
CA ALA C 15 34.75 22.45 -32.70
C ALA C 15 34.61 23.72 -31.87
N ILE C 16 33.54 23.81 -31.08
CA ILE C 16 33.34 24.98 -30.23
C ILE C 16 34.42 25.06 -29.15
N LEU C 17 34.85 23.90 -28.65
CA LEU C 17 35.88 23.88 -27.61
C LEU C 17 37.24 24.25 -28.19
N LYS C 18 37.46 23.95 -29.48
CA LYS C 18 38.75 24.26 -30.10
C LYS C 18 38.96 25.76 -30.15
N GLN C 19 40.08 26.21 -29.59
CA GLN C 19 40.38 27.63 -29.49
C GLN C 19 40.83 28.20 -30.83
N LYS C 20 40.64 29.51 -30.97
CA LYS C 20 41.07 30.25 -32.15
C LYS C 20 42.16 31.23 -31.74
N ASN C 21 43.30 31.17 -32.42
CA ASN C 21 44.41 32.04 -32.08
C ASN C 21 44.12 33.47 -32.54
N ARG C 22 44.17 34.40 -31.59
CA ARG C 22 43.86 35.79 -31.84
C ARG C 22 44.93 36.65 -31.19
N PRO C 23 45.16 37.87 -31.69
CA PRO C 23 46.21 38.71 -31.10
C PRO C 23 45.97 39.04 -29.63
N ASN C 24 44.72 39.25 -29.22
CA ASN C 24 44.45 39.59 -27.83
C ASN C 24 44.81 38.43 -26.90
N ARG C 25 44.89 37.21 -27.44
CA ARG C 25 45.17 36.04 -26.62
C ARG C 25 46.63 36.09 -26.13
N LEU C 26 46.82 35.89 -24.83
CA LEU C 26 48.14 36.02 -24.22
C LEU C 26 48.28 35.02 -23.08
N ILE C 27 49.52 34.67 -22.78
CA ILE C 27 49.87 33.66 -21.77
C ILE C 27 50.24 34.37 -20.47
N VAL C 28 49.68 33.90 -19.36
CA VAL C 28 49.95 34.51 -18.06
C VAL C 28 51.39 34.25 -17.65
N ASP C 29 52.09 35.30 -17.22
CA ASP C 29 53.47 35.20 -16.78
C ASP C 29 53.65 35.99 -15.50
N GLU C 30 54.63 35.59 -14.69
CA GLU C 30 54.94 36.31 -13.46
C GLU C 30 55.51 37.68 -13.78
N ALA C 31 55.16 38.66 -12.95
CA ALA C 31 55.66 40.03 -13.08
C ALA C 31 56.75 40.27 -12.05
N ILE C 32 57.93 40.68 -12.52
CA ILE C 32 59.07 40.87 -11.62
C ILE C 32 58.84 42.07 -10.72
N ASN C 33 58.43 43.19 -11.29
CA ASN C 33 58.32 44.44 -10.53
C ASN C 33 56.97 45.12 -10.66
N GLU C 34 56.12 44.71 -11.60
CA GLU C 34 54.84 45.37 -11.79
C GLU C 34 53.94 45.17 -10.58
N ASP C 35 53.20 46.22 -10.22
CA ASP C 35 52.36 46.21 -9.04
C ASP C 35 50.97 45.67 -9.40
N ASN C 36 50.03 45.77 -8.47
CA ASN C 36 48.70 45.21 -8.69
C ASN C 36 47.97 45.91 -9.83
N SER C 37 48.09 47.22 -9.92
CA SER C 37 47.33 48.02 -10.88
C SER C 37 48.00 48.11 -12.25
N VAL C 38 49.21 47.57 -12.41
CA VAL C 38 49.97 47.72 -13.64
C VAL C 38 50.54 46.37 -14.06
N VAL C 39 50.55 46.12 -15.37
CA VAL C 39 51.15 44.94 -15.96
C VAL C 39 52.14 45.39 -17.02
N SER C 40 52.91 44.42 -17.53
CA SER C 40 53.91 44.69 -18.56
C SER C 40 53.66 43.82 -19.78
N LEU C 41 53.82 44.40 -20.96
CA LEU C 41 53.69 43.71 -22.23
C LEU C 41 54.84 44.11 -23.16
N SER C 42 55.13 43.24 -24.12
CA SER C 42 56.22 43.50 -25.06
C SER C 42 55.83 44.60 -26.05
N GLN C 43 56.83 45.39 -26.43
CA GLN C 43 56.58 46.53 -27.31
C GLN C 43 56.04 46.15 -28.69
N PRO C 44 56.60 45.17 -29.41
CA PRO C 44 55.98 44.80 -30.70
C PRO C 44 54.54 44.35 -30.55
N LYS C 45 54.20 43.72 -29.42
CA LYS C 45 52.82 43.32 -29.18
C LYS C 45 51.93 44.55 -29.05
N MET C 46 52.43 45.60 -28.39
CA MET C 46 51.71 46.87 -28.35
C MET C 46 51.53 47.46 -29.73
N ASP C 47 52.59 47.40 -30.56
CA ASP C 47 52.50 47.93 -31.91
C ASP C 47 51.43 47.18 -32.71
N GLU C 48 51.34 45.86 -32.52
CA GLU C 48 50.27 45.10 -33.14
C GLU C 48 48.90 45.51 -32.57
N LEU C 49 48.83 45.75 -31.26
CA LEU C 49 47.57 46.09 -30.60
C LEU C 49 47.23 47.57 -30.71
N GLN C 50 48.12 48.40 -31.24
CA GLN C 50 47.92 49.84 -31.33
C GLN C 50 47.66 50.45 -29.96
N LEU C 51 48.38 49.97 -28.95
CA LEU C 51 48.22 50.40 -27.56
C LEU C 51 49.45 51.18 -27.12
N PHE C 52 49.24 52.40 -26.66
CA PHE C 52 50.32 53.22 -26.13
C PHE C 52 50.65 52.80 -24.71
N ARG C 53 51.90 53.00 -24.33
CA ARG C 53 52.35 52.63 -22.99
C ARG C 53 51.66 53.49 -21.94
N GLY C 54 51.23 52.84 -20.85
CA GLY C 54 50.53 53.52 -19.78
C GLY C 54 49.03 53.61 -19.94
N ASP C 55 48.49 53.22 -21.09
CA ASP C 55 47.05 53.29 -21.31
C ASP C 55 46.33 52.25 -20.47
N THR C 56 45.17 52.64 -19.95
CA THR C 56 44.36 51.71 -19.16
C THR C 56 43.77 50.64 -20.07
N VAL C 57 43.96 49.38 -19.68
CA VAL C 57 43.53 48.24 -20.49
C VAL C 57 42.72 47.29 -19.60
N LEU C 58 41.96 46.40 -20.25
CA LEU C 58 41.07 45.47 -19.58
C LEU C 58 41.56 44.05 -19.79
N LEU C 59 41.43 43.21 -18.77
CA LEU C 59 41.81 41.81 -18.82
C LEU C 59 40.57 40.96 -18.61
N LYS C 60 40.24 40.13 -19.59
CA LYS C 60 39.18 39.14 -19.42
C LYS C 60 39.74 37.88 -18.78
N GLY C 61 39.06 37.40 -17.74
CA GLY C 61 39.55 36.26 -16.99
C GLY C 61 38.47 35.19 -16.88
N LYS C 62 38.87 34.07 -16.30
CA LYS C 62 37.96 32.94 -16.13
C LYS C 62 36.84 33.30 -15.16
N LYS C 63 35.67 32.67 -15.38
CA LYS C 63 34.48 32.87 -14.56
C LYS C 63 33.99 34.31 -14.60
N ARG C 64 34.12 34.97 -15.75
CA ARG C 64 33.63 36.32 -15.98
C ARG C 64 34.26 37.33 -15.02
N ARG C 65 35.40 36.96 -14.44
CA ARG C 65 36.12 37.83 -13.52
C ARG C 65 37.12 38.65 -14.30
N GLU C 66 36.84 39.95 -14.46
CA GLU C 66 37.71 40.86 -15.18
C GLU C 66 38.27 41.88 -14.21
N ALA C 67 39.53 42.23 -14.41
CA ALA C 67 40.24 43.20 -13.57
C ALA C 67 40.83 44.28 -14.46
N VAL C 68 41.00 45.47 -13.88
CA VAL C 68 41.47 46.63 -14.61
C VAL C 68 42.93 46.87 -14.25
N CYS C 69 43.78 47.03 -15.26
CA CYS C 69 45.21 47.16 -15.05
C CYS C 69 45.78 48.20 -16.00
N ILE C 70 47.05 48.52 -15.80
CA ILE C 70 47.78 49.47 -16.62
C ILE C 70 48.85 48.72 -17.39
N VAL C 71 48.97 49.00 -18.69
CA VAL C 71 49.96 48.32 -19.51
C VAL C 71 51.26 49.12 -19.54
N LEU C 72 52.38 48.41 -19.51
CA LEU C 72 53.71 49.01 -19.59
C LEU C 72 54.62 48.16 -20.45
N SER C 73 55.65 48.79 -21.00
CA SER C 73 56.58 48.14 -21.91
C SER C 73 57.64 47.39 -21.12
N ASP C 74 57.89 46.13 -21.50
CA ASP C 74 58.91 45.30 -20.87
C ASP C 74 59.64 44.53 -21.94
N ASP C 75 60.97 44.59 -21.90
CA ASP C 75 61.78 43.84 -22.87
C ASP C 75 61.89 42.37 -22.46
N THR C 76 61.76 42.08 -21.17
CA THR C 76 61.81 40.70 -20.71
C THR C 76 60.51 39.97 -21.02
N CYS C 77 59.40 40.70 -21.09
CA CYS C 77 58.12 40.08 -21.36
C CYS C 77 58.08 39.51 -22.77
N SER C 78 57.56 38.28 -22.88
CA SER C 78 57.49 37.61 -24.16
C SER C 78 56.42 38.24 -25.05
N ASP C 79 56.58 38.07 -26.36
CA ASP C 79 55.61 38.61 -27.31
C ASP C 79 54.26 37.93 -27.16
N GLU C 80 54.25 36.63 -26.92
CA GLU C 80 53.02 35.86 -26.79
C GLU C 80 52.54 35.73 -25.35
N LYS C 81 53.27 36.28 -24.39
CA LYS C 81 52.95 36.13 -22.97
C LYS C 81 52.67 37.49 -22.35
N ILE C 82 51.84 37.49 -21.31
CA ILE C 82 51.52 38.68 -20.54
C ILE C 82 52.01 38.48 -19.11
N ARG C 83 52.73 39.47 -18.57
CA ARG C 83 53.24 39.41 -17.21
C ARG C 83 52.24 40.03 -16.26
N MET C 84 51.97 39.35 -15.15
CA MET C 84 51.12 39.87 -14.10
C MET C 84 51.53 39.25 -12.77
N ASN C 85 51.27 39.96 -11.68
CA ASN C 85 51.64 39.47 -10.36
C ASN C 85 50.64 38.43 -9.88
N ARG C 86 50.83 37.99 -8.64
CA ARG C 86 49.89 37.04 -8.05
C ARG C 86 48.56 37.69 -7.75
N VAL C 87 48.56 39.00 -7.48
CA VAL C 87 47.31 39.69 -7.12
C VAL C 87 46.35 39.71 -8.31
N VAL C 88 46.85 40.06 -9.50
CA VAL C 88 46.00 40.05 -10.69
C VAL C 88 45.57 38.63 -11.02
N ARG C 89 46.45 37.65 -10.79
CA ARG C 89 46.08 36.26 -11.03
C ARG C 89 44.92 35.84 -10.15
N ASN C 90 44.96 36.20 -8.86
CA ASN C 90 43.86 35.85 -7.96
C ASN C 90 42.60 36.63 -8.30
N ASN C 91 42.75 37.89 -8.72
CA ASN C 91 41.58 38.69 -9.07
C ASN C 91 40.90 38.14 -10.33
N LEU C 92 41.69 37.71 -11.31
CA LEU C 92 41.17 37.12 -12.54
C LEU C 92 40.84 35.64 -12.40
N ARG C 93 41.09 35.06 -11.21
CA ARG C 93 40.92 33.62 -10.99
C ARG C 93 41.70 32.79 -12.01
N VAL C 94 42.91 33.25 -12.32
CA VAL C 94 43.78 32.58 -13.28
C VAL C 94 45.09 32.23 -12.59
N ARG C 95 45.79 31.25 -13.18
CA ARG C 95 47.07 30.77 -12.67
C ARG C 95 48.11 30.87 -13.76
N LEU C 96 49.35 30.52 -13.41
CA LEU C 96 50.41 30.47 -14.41
C LEU C 96 50.10 29.40 -15.46
N GLY C 97 50.27 29.76 -16.72
CA GLY C 97 49.90 28.89 -17.81
C GLY C 97 48.49 29.09 -18.34
N ASP C 98 47.63 29.77 -17.59
CA ASP C 98 46.29 30.07 -18.07
C ASP C 98 46.35 31.10 -19.19
N VAL C 99 45.33 31.08 -20.04
CA VAL C 99 45.29 31.89 -21.24
C VAL C 99 44.17 32.91 -21.12
N ILE C 100 44.50 34.20 -21.32
CA ILE C 100 43.53 35.28 -21.20
C ILE C 100 43.65 36.20 -22.41
N SER C 101 42.65 37.06 -22.56
CA SER C 101 42.59 38.04 -23.64
C SER C 101 42.53 39.44 -23.05
N ILE C 102 43.10 40.41 -23.76
CA ILE C 102 43.23 41.78 -23.27
C ILE C 102 42.56 42.72 -24.27
N GLN C 103 41.81 43.70 -23.75
CA GLN C 103 41.17 44.71 -24.55
C GLN C 103 41.45 46.09 -23.98
N PRO C 104 41.71 47.11 -24.81
CA PRO C 104 41.91 48.46 -24.27
C PRO C 104 40.63 49.00 -23.65
N CYS C 105 40.77 49.54 -22.44
CA CYS C 105 39.60 50.04 -21.73
C CYS C 105 39.18 51.39 -22.31
N PRO C 106 37.94 51.55 -22.76
CA PRO C 106 37.53 52.81 -23.39
C PRO C 106 36.94 53.82 -22.40
N ASP C 107 37.38 55.08 -22.52
CA ASP C 107 36.79 56.19 -21.79
C ASP C 107 36.82 55.98 -20.27
N VAL C 108 38.02 55.74 -19.75
CA VAL C 108 38.17 55.60 -18.29
C VAL C 108 38.12 56.97 -17.66
N LYS C 109 37.28 57.12 -16.63
CA LYS C 109 37.08 58.40 -15.96
C LYS C 109 37.54 58.30 -14.51
N TYR C 110 37.95 59.45 -13.97
CA TYR C 110 38.34 59.52 -12.57
C TYR C 110 37.16 59.24 -11.67
N GLY C 111 37.33 58.26 -10.77
CA GLY C 111 36.27 57.94 -9.82
C GLY C 111 36.09 59.07 -8.83
N LYS C 112 34.86 59.57 -8.72
CA LYS C 112 34.56 60.62 -7.75
C LYS C 112 34.66 60.09 -6.33
N ARG C 113 34.24 58.84 -6.11
CA ARG C 113 34.32 58.21 -4.80
C ARG C 113 34.29 56.70 -4.99
N ILE C 114 35.02 56.01 -4.12
CA ILE C 114 35.04 54.55 -4.09
C ILE C 114 34.93 54.10 -2.64
N HIS C 115 34.46 52.87 -2.44
CA HIS C 115 34.31 52.29 -1.11
C HIS C 115 35.18 51.04 -1.06
N VAL C 116 36.02 50.95 -0.03
CA VAL C 116 36.99 49.88 0.11
C VAL C 116 36.82 49.22 1.48
N LEU C 117 36.82 47.90 1.51
CA LEU C 117 36.69 47.13 2.75
C LEU C 117 37.86 46.17 2.89
N PRO C 118 38.48 46.10 4.06
CA PRO C 118 39.57 45.13 4.26
C PRO C 118 39.03 43.74 4.55
N ILE C 119 39.95 42.77 4.55
CA ILE C 119 39.58 41.39 4.85
C ILE C 119 39.65 41.20 6.37
N ASP C 120 38.80 40.30 6.88
CA ASP C 120 38.62 40.19 8.34
C ASP C 120 39.89 39.71 9.03
N ASP C 121 40.58 38.73 8.44
CA ASP C 121 41.78 38.21 9.09
C ASP C 121 42.92 39.22 9.03
N THR C 122 42.92 40.06 7.99
CA THR C 122 44.01 41.02 7.83
C THR C 122 43.97 42.09 8.91
N VAL C 123 42.78 42.56 9.28
CA VAL C 123 42.69 43.64 10.27
C VAL C 123 43.06 43.15 11.66
N GLU C 124 42.99 41.84 11.89
CA GLU C 124 43.37 41.30 13.19
C GLU C 124 44.87 41.46 13.40
N GLY C 125 45.25 41.88 14.61
CA GLY C 125 46.63 42.13 14.95
C GLY C 125 47.15 43.49 14.54
N ILE C 126 46.28 44.42 14.13
CA ILE C 126 46.66 45.76 13.74
C ILE C 126 45.90 46.74 14.62
N THR C 127 46.62 47.71 15.20
CA THR C 127 46.00 48.68 16.09
C THR C 127 45.70 50.02 15.42
N GLY C 128 46.55 50.46 14.51
CA GLY C 128 46.35 51.75 13.89
C GLY C 128 45.21 51.75 12.89
N ASN C 129 44.82 52.95 12.48
CA ASN C 129 43.76 53.10 11.48
C ASN C 129 44.22 52.49 10.16
N LEU C 130 43.35 51.68 9.56
CA LEU C 130 43.67 51.08 8.26
C LEU C 130 43.86 52.15 7.19
N PHE C 131 42.99 53.16 7.18
CA PHE C 131 43.04 54.19 6.14
C PHE C 131 44.39 54.90 6.15
N GLU C 132 44.72 55.57 7.26
CA GLU C 132 45.94 56.36 7.33
C GLU C 132 47.18 55.51 7.08
N VAL C 133 47.22 54.31 7.65
CA VAL C 133 48.43 53.50 7.56
C VAL C 133 48.63 52.96 6.14
N TYR C 134 47.57 52.48 5.51
CA TYR C 134 47.71 51.76 4.24
C TYR C 134 47.15 52.53 3.05
N LEU C 135 45.89 52.96 3.10
CA LEU C 135 45.22 53.46 1.90
C LEU C 135 45.78 54.81 1.49
N LYS C 136 46.04 55.70 2.46
CA LYS C 136 46.51 57.04 2.14
C LYS C 136 47.83 57.04 1.38
N PRO C 137 48.88 56.33 1.82
CA PRO C 137 50.09 56.28 0.98
C PRO C 137 49.89 55.49 -0.31
N TYR C 138 49.01 54.50 -0.30
CA TYR C 138 48.82 53.65 -1.47
C TYR C 138 48.17 54.42 -2.62
N PHE C 139 47.20 55.27 -2.31
CA PHE C 139 46.43 55.98 -3.33
C PHE C 139 46.85 57.45 -3.47
N LEU C 140 48.02 57.82 -2.95
CA LEU C 140 48.51 59.19 -3.06
C LEU C 140 49.21 59.37 -4.40
N GLU C 141 48.54 60.07 -5.33
CA GLU C 141 49.05 60.33 -6.67
C GLU C 141 49.36 59.05 -7.44
N ALA C 142 48.66 57.95 -7.11
CA ALA C 142 48.92 56.69 -7.78
C ALA C 142 48.13 56.57 -9.09
N TYR C 143 46.90 57.11 -9.10
CA TYR C 143 46.00 57.01 -10.27
C TYR C 143 45.76 55.56 -10.65
N ARG C 144 45.54 54.71 -9.64
CA ARG C 144 45.37 53.29 -9.86
C ARG C 144 43.95 52.98 -10.29
N PRO C 145 43.74 52.29 -11.41
CA PRO C 145 42.39 51.90 -11.80
C PRO C 145 41.99 50.60 -11.15
N ILE C 146 40.70 50.49 -10.79
CA ILE C 146 40.17 49.32 -10.11
C ILE C 146 38.74 49.05 -10.57
N ARG C 147 38.23 47.89 -10.17
CA ARG C 147 36.86 47.48 -10.45
C ARG C 147 36.20 47.02 -9.16
N LYS C 148 34.87 46.91 -9.20
CA LYS C 148 34.12 46.38 -8.07
C LYS C 148 34.58 44.96 -7.76
N GLY C 149 34.82 44.69 -6.49
CA GLY C 149 35.26 43.38 -6.05
C GLY C 149 36.74 43.10 -6.24
N ASP C 150 37.50 44.06 -6.75
CA ASP C 150 38.93 43.85 -6.93
C ASP C 150 39.62 43.73 -5.58
N ILE C 151 40.65 42.88 -5.52
CA ILE C 151 41.43 42.67 -4.31
C ILE C 151 42.84 43.20 -4.55
N PHE C 152 43.38 43.92 -3.58
CA PHE C 152 44.72 44.47 -3.65
C PHE C 152 45.34 44.48 -2.27
N LEU C 153 46.66 44.27 -2.22
CA LEU C 153 47.38 44.18 -0.96
C LEU C 153 48.36 45.35 -0.85
N VAL C 154 48.33 46.04 0.29
CA VAL C 154 49.18 47.20 0.53
C VAL C 154 50.26 46.82 1.53
N ARG C 155 51.51 46.93 1.10
CA ARG C 155 52.63 46.59 1.98
C ARG C 155 52.88 47.72 2.98
N GLY C 156 53.21 47.35 4.21
CA GLY C 156 53.54 48.31 5.23
C GLY C 156 52.95 47.90 6.57
N GLY C 157 53.43 48.57 7.61
CA GLY C 157 52.97 48.29 8.96
C GLY C 157 53.48 46.96 9.47
N MET C 158 52.89 46.53 10.58
CA MET C 158 53.22 45.22 11.14
C MET C 158 52.81 44.09 10.21
N ARG C 159 51.61 44.18 9.65
CA ARG C 159 51.09 43.17 8.73
C ARG C 159 50.38 43.85 7.58
N ALA C 160 50.71 43.42 6.36
CA ALA C 160 50.04 43.96 5.19
C ALA C 160 48.58 43.50 5.16
N VAL C 161 47.69 44.42 4.82
CA VAL C 161 46.25 44.20 4.90
C VAL C 161 45.66 44.27 3.48
N GLU C 162 44.94 43.22 3.10
CA GLU C 162 44.23 43.21 1.83
C GLU C 162 42.91 43.94 1.95
N PHE C 163 42.61 44.76 0.95
CA PHE C 163 41.37 45.53 0.90
C PHE C 163 40.58 45.14 -0.33
N LYS C 164 39.26 45.01 -0.16
CA LYS C 164 38.35 44.66 -1.23
C LYS C 164 37.54 45.89 -1.62
N VAL C 165 37.51 46.18 -2.93
CA VAL C 165 36.75 47.32 -3.43
C VAL C 165 35.33 46.87 -3.75
N VAL C 166 34.44 46.98 -2.77
CA VAL C 166 33.08 46.45 -2.94
C VAL C 166 32.29 47.31 -3.93
N GLU C 167 32.49 48.62 -3.92
CA GLU C 167 31.68 49.54 -4.70
C GLU C 167 32.57 50.55 -5.42
N THR C 168 32.31 50.76 -6.70
CA THR C 168 33.00 51.76 -7.51
C THR C 168 31.95 52.68 -8.13
N ASP C 169 32.23 53.99 -8.11
CA ASP C 169 31.33 54.99 -8.63
C ASP C 169 32.13 56.06 -9.36
N PRO C 170 31.95 56.26 -10.68
CA PRO C 170 30.97 55.56 -11.54
C PRO C 170 31.31 54.10 -11.81
N SER C 171 30.28 53.26 -11.80
CA SER C 171 30.47 51.83 -11.95
C SER C 171 30.70 51.48 -13.42
N PRO C 172 31.56 50.48 -13.69
CA PRO C 172 32.40 49.83 -12.70
C PRO C 172 33.89 50.16 -12.83
N TYR C 173 34.23 51.11 -13.69
CA TYR C 173 35.61 51.50 -13.95
C TYR C 173 35.86 52.89 -13.38
N CYS C 174 36.99 53.07 -12.70
CA CYS C 174 37.28 54.33 -12.04
C CYS C 174 38.79 54.51 -11.90
N ILE C 175 39.20 55.75 -11.66
CA ILE C 175 40.58 56.10 -11.38
C ILE C 175 40.63 56.75 -9.99
N VAL C 176 41.55 56.29 -9.16
CA VAL C 176 41.68 56.81 -7.79
C VAL C 176 42.60 58.02 -7.85
N ALA C 177 42.02 59.18 -8.08
CA ALA C 177 42.76 60.44 -8.06
C ALA C 177 42.87 60.94 -6.62
N PRO C 178 43.78 61.89 -6.36
CA PRO C 178 43.87 62.43 -4.99
C PRO C 178 42.58 63.06 -4.50
N ASP C 179 41.77 63.64 -5.39
CA ASP C 179 40.52 64.25 -4.97
C ASP C 179 39.50 63.19 -4.54
N THR C 180 39.68 61.96 -5.00
CA THR C 180 38.77 60.88 -4.64
C THR C 180 38.85 60.59 -3.14
N VAL C 181 37.70 60.24 -2.56
CA VAL C 181 37.60 59.94 -1.13
C VAL C 181 37.67 58.44 -0.95
N ILE C 182 38.60 57.97 -0.12
CA ILE C 182 38.76 56.56 0.21
C ILE C 182 38.54 56.39 1.71
N HIS C 183 37.61 55.51 2.07
CA HIS C 183 37.26 55.27 3.46
C HIS C 183 37.18 53.77 3.71
N CYS C 184 37.81 53.32 4.79
CA CYS C 184 37.84 51.91 5.15
C CYS C 184 36.75 51.53 6.15
N GLU C 185 35.81 52.43 6.45
CA GLU C 185 34.76 52.13 7.40
C GLU C 185 33.85 51.03 6.88
N GLY C 186 33.39 50.18 7.80
CA GLY C 186 32.49 49.10 7.44
C GLY C 186 32.90 47.76 8.01
N GLU C 187 32.02 46.77 7.91
CA GLU C 187 32.33 45.44 8.39
C GLU C 187 33.40 44.81 7.50
N PRO C 188 34.45 44.22 8.08
CA PRO C 188 35.49 43.60 7.26
C PRO C 188 34.95 42.45 6.43
N ILE C 189 35.52 42.28 5.23
CA ILE C 189 35.09 41.21 4.34
C ILE C 189 35.62 39.87 4.85
N LYS C 190 34.73 38.89 4.93
CA LYS C 190 35.08 37.60 5.49
C LYS C 190 36.12 36.88 4.64
N ARG C 191 37.14 36.34 5.30
CA ARG C 191 38.16 35.55 4.60
C ARG C 191 37.55 34.28 4.02
N GLU C 192 36.61 33.66 4.75
CA GLU C 192 35.98 32.44 4.25
C GLU C 192 35.21 32.70 2.97
N ASP C 193 34.53 33.86 2.87
CA ASP C 193 33.84 34.22 1.64
C ASP C 193 34.84 34.39 0.49
N GLU C 194 35.99 34.99 0.76
CA GLU C 194 37.01 35.16 -0.27
C GLU C 194 37.54 33.81 -0.73
N GLU C 195 37.77 32.88 0.20
CA GLU C 195 38.23 31.55 -0.17
C GLU C 195 37.17 30.80 -0.99
N GLU C 196 35.90 30.95 -0.61
CA GLU C 196 34.83 30.33 -1.39
C GLU C 196 34.77 30.90 -2.80
N SER C 197 34.95 32.22 -2.94
CA SER C 197 34.98 32.83 -4.25
C SER C 197 36.17 32.35 -5.07
N LEU C 198 37.34 32.24 -4.43
CA LEU C 198 38.54 31.82 -5.14
C LEU C 198 38.42 30.38 -5.62
N ASN C 199 38.04 29.47 -4.72
CA ASN C 199 37.86 28.06 -5.08
C ASN C 199 36.40 27.82 -5.47
N GLU C 200 36.04 28.38 -6.61
CA GLU C 200 34.69 28.28 -7.16
C GLU C 200 34.73 27.47 -8.45
N VAL C 201 33.68 26.66 -8.65
CA VAL C 201 33.69 25.70 -9.75
C VAL C 201 33.58 26.41 -11.09
N GLY C 202 34.37 25.95 -12.04
CA GLY C 202 34.29 26.43 -13.41
C GLY C 202 34.42 25.28 -14.38
N TYR C 203 34.40 25.60 -15.67
CA TYR C 203 34.53 24.56 -16.68
C TYR C 203 35.87 23.84 -16.60
N ASP C 204 36.86 24.45 -15.95
CA ASP C 204 38.16 23.80 -15.83
C ASP C 204 38.17 22.77 -14.71
N ASP C 205 37.09 22.74 -13.90
CA ASP C 205 37.02 21.76 -12.82
C ASP C 205 36.40 20.45 -13.30
N ILE C 206 35.92 20.42 -14.53
CA ILE C 206 35.38 19.19 -15.10
C ILE C 206 36.42 18.55 -16.02
N GLY C 207 36.65 17.26 -15.84
CA GLY C 207 37.54 16.53 -16.72
C GLY C 207 36.86 15.28 -17.25
N GLY C 208 37.34 14.84 -18.42
CA GLY C 208 36.77 13.66 -19.05
C GLY C 208 35.40 13.85 -19.64
N CYS C 209 34.97 15.10 -19.86
CA CYS C 209 33.66 15.39 -20.44
C CYS C 209 33.77 16.38 -21.58
N ARG C 210 34.82 16.26 -22.40
CA ARG C 210 35.06 17.25 -23.45
C ARG C 210 33.92 17.27 -24.47
N LYS C 211 33.47 16.09 -24.89
CA LYS C 211 32.32 16.02 -25.80
C LYS C 211 31.06 16.56 -25.13
N GLN C 212 30.79 16.12 -23.89
CA GLN C 212 29.61 16.59 -23.19
C GLN C 212 29.69 18.08 -22.88
N LEU C 213 30.89 18.56 -22.51
CA LEU C 213 31.06 20.00 -22.28
C LEU C 213 30.81 20.79 -23.56
N ALA C 214 31.28 20.27 -24.70
CA ALA C 214 31.01 20.96 -25.97
C ALA C 214 29.52 21.00 -26.27
N GLN C 215 28.82 19.89 -26.03
CA GLN C 215 27.37 19.88 -26.25
C GLN C 215 26.66 20.88 -25.35
N ILE C 216 27.01 20.88 -24.07
CA ILE C 216 26.36 21.79 -23.12
C ILE C 216 26.68 23.24 -23.46
N LYS C 217 27.91 23.50 -23.92
CA LYS C 217 28.27 24.85 -24.32
C LYS C 217 27.47 25.30 -25.53
N GLU C 218 27.36 24.44 -26.54
CA GLU C 218 26.53 24.75 -27.70
C GLU C 218 25.09 25.03 -27.27
N MET C 219 24.60 24.31 -26.26
CA MET C 219 23.23 24.49 -25.81
C MET C 219 23.04 25.81 -25.08
N VAL C 220 24.00 26.18 -24.22
CA VAL C 220 23.83 27.27 -23.27
C VAL C 220 24.56 28.54 -23.72
N GLU C 221 25.88 28.47 -23.88
CA GLU C 221 26.68 29.68 -24.02
C GLU C 221 26.51 30.30 -25.41
N LEU C 222 26.54 29.48 -26.46
CA LEU C 222 26.50 30.03 -27.81
C LEU C 222 25.24 30.81 -28.11
N PRO C 223 24.03 30.36 -27.76
CA PRO C 223 22.84 31.21 -28.02
C PRO C 223 22.91 32.57 -27.34
N LEU C 224 23.48 32.64 -26.14
CA LEU C 224 23.57 33.92 -25.44
C LEU C 224 24.60 34.84 -26.07
N ARG C 225 25.78 34.30 -26.41
CA ARG C 225 26.86 35.13 -26.92
C ARG C 225 26.59 35.59 -28.35
N HIS C 226 25.99 34.74 -29.16
CA HIS C 226 25.71 35.06 -30.57
C HIS C 226 24.26 34.69 -30.90
N PRO C 227 23.30 35.44 -30.38
CA PRO C 227 21.90 35.21 -30.80
C PRO C 227 21.64 35.55 -32.25
N ALA C 228 22.38 36.52 -32.79
CA ALA C 228 22.19 36.91 -34.18
C ALA C 228 22.52 35.77 -35.13
N LEU C 229 23.45 34.90 -34.73
CA LEU C 229 23.76 33.72 -35.54
C LEU C 229 22.55 32.81 -35.70
N PHE C 230 21.86 32.53 -34.58
CA PHE C 230 20.66 31.70 -34.63
C PHE C 230 19.52 32.41 -35.33
N LYS C 231 19.44 33.74 -35.20
CA LYS C 231 18.41 34.48 -35.93
C LYS C 231 18.65 34.39 -37.43
N GLU C 232 19.92 34.48 -37.86
CA GLU C 232 20.23 34.37 -39.28
C GLU C 232 19.92 32.97 -39.80
N ILE C 233 20.31 31.93 -39.06
CA ILE C 233 19.93 30.57 -39.45
C ILE C 233 18.46 30.30 -39.24
N GLY C 234 17.75 31.18 -38.52
CA GLY C 234 16.31 31.11 -38.44
C GLY C 234 15.75 29.91 -37.69
N VAL C 235 16.39 29.53 -36.58
CA VAL C 235 15.87 28.48 -35.72
C VAL C 235 15.95 28.97 -34.28
N LYS C 236 15.07 28.43 -33.44
CA LYS C 236 15.10 28.74 -32.02
C LYS C 236 16.00 27.75 -31.31
N PRO C 237 17.02 28.21 -30.58
CA PRO C 237 17.98 27.27 -30.01
C PRO C 237 17.32 26.38 -28.97
N PRO C 238 17.81 25.15 -28.80
CA PRO C 238 17.23 24.26 -27.79
C PRO C 238 17.37 24.83 -26.39
N ARG C 239 16.36 24.57 -25.55
CA ARG C 239 16.29 25.15 -24.21
C ARG C 239 16.07 24.10 -23.14
N GLY C 240 16.27 22.82 -23.45
CA GLY C 240 16.15 21.77 -22.46
C GLY C 240 17.33 20.82 -22.49
N ILE C 241 17.90 20.53 -21.31
CA ILE C 241 19.04 19.64 -21.20
C ILE C 241 18.76 18.64 -20.09
N LEU C 242 19.05 17.37 -20.34
CA LEU C 242 18.94 16.31 -19.35
C LEU C 242 20.28 15.60 -19.25
N LEU C 243 20.84 15.59 -18.04
CA LEU C 243 22.11 14.91 -17.78
C LEU C 243 21.84 13.63 -17.02
N TYR C 244 22.27 12.50 -17.57
CA TYR C 244 22.02 11.21 -16.95
C TYR C 244 23.32 10.42 -16.87
N GLY C 245 23.49 9.66 -15.80
CA GLY C 245 24.66 8.84 -15.60
C GLY C 245 24.68 8.26 -14.21
N PRO C 246 25.68 7.41 -13.93
CA PRO C 246 25.81 6.83 -12.59
C PRO C 246 26.13 7.91 -11.56
N PRO C 247 25.83 7.67 -10.29
CA PRO C 247 26.11 8.68 -9.27
C PRO C 247 27.60 9.01 -9.20
N GLY C 248 27.91 10.27 -8.95
CA GLY C 248 29.28 10.73 -8.86
C GLY C 248 29.95 11.03 -10.18
N THR C 249 29.20 10.99 -11.29
CA THR C 249 29.82 11.18 -12.59
C THR C 249 30.15 12.64 -12.86
N GLY C 250 29.41 13.56 -12.24
CA GLY C 250 29.72 14.96 -12.37
C GLY C 250 28.62 15.83 -12.96
N LYS C 251 27.37 15.37 -12.85
CA LYS C 251 26.25 16.14 -13.39
C LYS C 251 26.02 17.41 -12.58
N THR C 252 25.98 17.28 -11.26
CA THR C 252 25.80 18.46 -10.41
C THR C 252 26.98 19.41 -10.52
N LEU C 253 28.20 18.86 -10.64
CA LEU C 253 29.37 19.70 -10.81
C LEU C 253 29.30 20.49 -12.11
N ILE C 254 28.87 19.84 -13.19
CA ILE C 254 28.71 20.54 -14.46
C ILE C 254 27.65 21.61 -14.36
N ALA C 255 26.56 21.33 -13.65
CA ALA C 255 25.53 22.34 -13.45
C ALA C 255 26.07 23.54 -12.69
N ARG C 256 26.86 23.29 -11.64
CA ARG C 256 27.45 24.39 -10.88
C ARG C 256 28.40 25.22 -11.74
N ALA C 257 29.22 24.55 -12.56
CA ALA C 257 30.13 25.27 -13.44
C ALA C 257 29.37 26.11 -14.45
N VAL C 258 28.30 25.56 -15.03
CA VAL C 258 27.47 26.32 -15.97
C VAL C 258 26.86 27.52 -15.27
N ALA C 259 26.41 27.34 -14.04
CA ALA C 259 25.85 28.45 -13.26
C ALA C 259 26.89 29.54 -13.06
N ASN C 260 28.13 29.14 -12.73
CA ASN C 260 29.15 30.12 -12.41
C ASN C 260 29.62 30.89 -13.63
N GLU C 261 29.80 30.21 -14.77
CA GLU C 261 30.47 30.83 -15.89
C GLU C 261 29.55 31.29 -17.01
N THR C 262 28.23 31.29 -16.81
CA THR C 262 27.33 31.68 -17.90
C THR C 262 26.91 33.14 -17.83
N GLY C 263 26.93 33.77 -16.66
CA GLY C 263 26.47 35.14 -16.56
C GLY C 263 25.00 35.33 -16.85
N ALA C 264 24.16 34.44 -16.32
CA ALA C 264 22.72 34.54 -16.43
C ALA C 264 22.09 34.12 -15.12
N PHE C 265 20.84 34.52 -14.91
CA PHE C 265 20.16 34.18 -13.68
C PHE C 265 20.06 32.66 -13.54
N PHE C 266 20.56 32.15 -12.42
CA PHE C 266 20.56 30.72 -12.14
C PHE C 266 19.65 30.44 -10.97
N PHE C 267 18.68 29.54 -11.19
CA PHE C 267 17.78 29.09 -10.15
C PHE C 267 17.95 27.59 -9.98
N LEU C 268 18.27 27.14 -8.77
CA LEU C 268 18.53 25.74 -8.50
C LEU C 268 17.30 25.13 -7.83
N ILE C 269 16.81 24.04 -8.40
CA ILE C 269 15.67 23.32 -7.86
C ILE C 269 16.10 21.90 -7.52
N ASN C 270 15.75 21.47 -6.31
CA ASN C 270 15.95 20.10 -5.88
C ASN C 270 14.58 19.44 -5.78
N GLY C 271 14.49 18.20 -6.30
CA GLY C 271 13.23 17.51 -6.44
C GLY C 271 12.34 17.48 -5.22
N PRO C 272 12.78 16.91 -4.10
CA PRO C 272 11.89 16.81 -2.93
C PRO C 272 11.54 18.15 -2.31
N GLU C 273 12.32 19.20 -2.56
CA GLU C 273 12.12 20.46 -1.84
C GLU C 273 10.87 21.20 -2.30
N ILE C 274 10.49 21.06 -3.57
CA ILE C 274 9.33 21.76 -4.11
C ILE C 274 8.04 21.21 -3.47
N MET C 275 8.03 19.93 -3.15
CA MET C 275 6.81 19.21 -2.85
C MET C 275 6.35 19.50 -1.42
N SER C 276 5.03 19.57 -1.23
CA SER C 276 4.43 19.90 0.06
C SER C 276 3.18 19.07 0.29
N LYS C 277 2.65 19.10 1.51
CA LYS C 277 1.48 18.30 1.84
C LYS C 277 0.20 19.00 1.43
N LEU C 278 0.15 20.33 1.54
CA LEU C 278 -1.06 21.06 1.22
C LEU C 278 -1.36 20.99 -0.28
N ALA C 279 -2.65 20.89 -0.61
CA ALA C 279 -3.05 20.76 -2.01
C ALA C 279 -2.70 22.02 -2.79
N GLY C 280 -2.04 21.84 -3.92
CA GLY C 280 -1.69 22.95 -4.78
C GLY C 280 -0.42 23.68 -4.41
N GLU C 281 0.30 23.22 -3.38
CA GLU C 281 1.50 23.95 -2.96
C GLU C 281 2.71 23.60 -3.82
N SER C 282 2.84 22.33 -4.23
CA SER C 282 3.96 21.95 -5.08
C SER C 282 3.91 22.65 -6.42
N GLU C 283 2.72 22.67 -7.04
CA GLU C 283 2.57 23.37 -8.31
C GLU C 283 2.81 24.86 -8.16
N SER C 284 2.33 25.45 -7.05
CA SER C 284 2.57 26.87 -6.83
C SER C 284 4.05 27.16 -6.68
N ASN C 285 4.78 26.27 -6.00
CA ASN C 285 6.24 26.42 -5.93
C ASN C 285 6.87 26.36 -7.31
N LEU C 286 6.40 25.45 -8.16
CA LEU C 286 6.94 25.34 -9.51
C LEU C 286 6.67 26.61 -10.30
N ARG C 287 5.45 27.15 -10.23
CA ARG C 287 5.17 28.42 -10.89
C ARG C 287 6.03 29.54 -10.34
N LYS C 288 6.22 29.59 -9.02
CA LYS C 288 7.02 30.66 -8.44
C LYS C 288 8.46 30.61 -8.96
N ALA C 289 9.04 29.41 -9.02
CA ALA C 289 10.39 29.27 -9.54
C ALA C 289 10.47 29.68 -11.02
N PHE C 290 9.54 29.17 -11.83
CA PHE C 290 9.60 29.45 -13.26
C PHE C 290 9.32 30.92 -13.56
N GLU C 291 8.44 31.55 -12.79
CA GLU C 291 8.14 32.97 -13.01
C GLU C 291 9.27 33.85 -12.48
N GLU C 292 9.97 33.40 -11.43
CA GLU C 292 11.18 34.10 -11.02
C GLU C 292 12.24 34.04 -12.11
N ALA C 293 12.39 32.89 -12.76
CA ALA C 293 13.31 32.80 -13.89
C ALA C 293 12.85 33.67 -15.05
N GLU C 294 11.55 33.69 -15.34
CA GLU C 294 11.03 34.50 -16.43
C GLU C 294 11.25 35.98 -16.16
N LYS C 295 11.10 36.41 -14.90
CA LYS C 295 11.32 37.81 -14.56
C LYS C 295 12.76 38.24 -14.85
N ASN C 296 13.72 37.38 -14.54
CA ASN C 296 15.14 37.69 -14.73
C ASN C 296 15.69 37.08 -16.01
N ALA C 297 14.92 37.05 -17.08
CA ALA C 297 15.39 36.47 -18.33
C ALA C 297 16.54 37.29 -18.89
N PRO C 298 17.55 36.65 -19.51
CA PRO C 298 17.68 35.21 -19.68
C PRO C 298 18.05 34.49 -18.39
N ALA C 299 17.50 33.29 -18.18
CA ALA C 299 17.69 32.57 -16.94
C ALA C 299 17.94 31.10 -17.24
N ILE C 300 18.58 30.41 -16.29
CA ILE C 300 18.83 28.98 -16.36
C ILE C 300 18.26 28.34 -15.11
N ILE C 301 17.46 27.29 -15.29
CA ILE C 301 16.87 26.53 -14.20
C ILE C 301 17.49 25.15 -14.21
N PHE C 302 17.98 24.71 -13.05
CA PHE C 302 18.52 23.36 -12.88
C PHE C 302 17.67 22.60 -11.88
N ILE C 303 17.09 21.49 -12.33
CA ILE C 303 16.31 20.59 -11.48
C ILE C 303 17.15 19.36 -11.22
N ASP C 304 17.67 19.25 -10.01
CA ASP C 304 18.50 18.11 -9.63
C ASP C 304 17.62 16.99 -9.09
N GLU C 305 17.98 15.76 -9.44
CA GLU C 305 17.17 14.57 -9.12
C GLU C 305 15.77 14.70 -9.69
N LEU C 306 15.69 14.79 -11.03
CA LEU C 306 14.41 14.91 -11.70
C LEU C 306 13.59 13.63 -11.60
N ASP C 307 14.21 12.50 -11.28
CA ASP C 307 13.49 11.23 -11.26
C ASP C 307 12.46 11.21 -10.13
N ALA C 308 12.79 11.82 -8.99
CA ALA C 308 11.88 11.78 -7.85
C ALA C 308 10.70 12.74 -8.04
N ILE C 309 10.96 13.91 -8.63
CA ILE C 309 9.90 14.90 -8.78
C ILE C 309 8.90 14.48 -9.85
N ALA C 310 9.36 13.80 -10.90
CA ALA C 310 8.55 13.54 -12.08
C ALA C 310 8.61 12.08 -12.50
N PRO C 311 7.87 11.20 -11.82
CA PRO C 311 7.68 9.84 -12.31
C PRO C 311 6.61 9.78 -13.38
N LYS C 312 6.52 8.64 -14.06
CA LYS C 312 5.52 8.46 -15.10
C LYS C 312 4.11 8.55 -14.51
N ARG C 313 3.24 9.28 -15.21
CA ARG C 313 1.90 9.51 -14.68
C ARG C 313 1.03 8.27 -14.78
N GLU C 314 1.28 7.42 -15.78
CA GLU C 314 0.49 6.20 -15.91
C GLU C 314 0.83 5.20 -14.81
N LYS C 315 2.09 5.19 -14.36
CA LYS C 315 2.54 4.24 -13.37
C LYS C 315 2.48 4.76 -11.94
N THR C 316 2.05 6.01 -11.75
CA THR C 316 2.01 6.63 -10.43
C THR C 316 0.55 6.69 -9.97
N HIS C 317 0.30 6.20 -8.75
CA HIS C 317 -1.07 6.17 -8.24
C HIS C 317 -1.46 7.52 -7.63
N GLY C 318 -0.55 8.14 -6.90
CA GLY C 318 -0.84 9.40 -6.23
C GLY C 318 -1.22 10.53 -7.16
N GLU C 319 -2.18 11.35 -6.75
CA GLU C 319 -2.63 12.46 -7.59
C GLU C 319 -1.64 13.61 -7.57
N VAL C 320 -0.98 13.83 -6.43
CA VAL C 320 -0.10 14.99 -6.30
C VAL C 320 1.12 14.87 -7.21
N GLU C 321 1.68 13.66 -7.33
CA GLU C 321 2.82 13.46 -8.23
C GLU C 321 2.40 13.66 -9.68
N ARG C 322 1.23 13.15 -10.05
CA ARG C 322 0.73 13.32 -11.41
C ARG C 322 0.53 14.79 -11.74
N ARG C 323 -0.03 15.55 -10.79
CA ARG C 323 -0.24 16.97 -11.03
C ARG C 323 1.07 17.73 -11.06
N ILE C 324 2.07 17.27 -10.30
CA ILE C 324 3.40 17.89 -10.38
C ILE C 324 4.00 17.68 -11.77
N VAL C 325 3.88 16.45 -12.29
CA VAL C 325 4.40 16.18 -13.63
C VAL C 325 3.66 17.02 -14.67
N SER C 326 2.34 17.10 -14.56
CA SER C 326 1.56 17.89 -15.50
C SER C 326 1.93 19.37 -15.43
N GLN C 327 2.14 19.90 -14.22
CA GLN C 327 2.55 21.28 -14.07
C GLN C 327 3.92 21.52 -14.69
N LEU C 328 4.85 20.57 -14.51
CA LEU C 328 6.16 20.68 -15.15
C LEU C 328 6.02 20.71 -16.67
N LEU C 329 5.20 19.82 -17.23
CA LEU C 329 4.98 19.80 -18.67
C LEU C 329 4.41 21.12 -19.15
N THR C 330 3.41 21.64 -18.44
CA THR C 330 2.76 22.88 -18.86
C THR C 330 3.71 24.07 -18.78
N LEU C 331 4.50 24.14 -17.70
CA LEU C 331 5.45 25.24 -17.56
C LEU C 331 6.52 25.18 -18.65
N MET C 332 7.01 23.98 -18.95
CA MET C 332 8.12 23.85 -19.89
C MET C 332 7.65 24.04 -21.32
N ASP C 333 6.49 23.49 -21.66
CA ASP C 333 5.89 23.65 -22.98
C ASP C 333 4.38 23.79 -22.83
N GLY C 334 3.84 24.95 -23.19
CA GLY C 334 2.41 25.20 -23.05
C GLY C 334 1.94 26.21 -24.07
N LEU C 335 0.71 26.68 -23.86
CA LEU C 335 0.14 27.67 -24.78
C LEU C 335 0.87 29.00 -24.67
N LYS C 336 1.42 29.30 -23.50
CA LYS C 336 2.32 30.44 -23.32
C LYS C 336 3.75 29.89 -23.29
N GLN C 337 4.50 30.13 -24.37
CA GLN C 337 5.86 29.64 -24.45
C GLN C 337 6.81 30.50 -23.63
N ARG C 338 7.94 29.91 -23.26
CA ARG C 338 9.02 30.62 -22.59
C ARG C 338 10.12 30.83 -23.60
N ALA C 339 10.58 32.08 -23.73
CA ALA C 339 11.48 32.43 -24.83
C ALA C 339 12.93 32.45 -24.40
N HIS C 340 13.24 33.07 -23.26
CA HIS C 340 14.62 33.32 -22.87
C HIS C 340 15.10 32.44 -21.72
N VAL C 341 14.37 31.38 -21.39
CA VAL C 341 14.67 30.54 -20.23
C VAL C 341 15.12 29.17 -20.70
N ILE C 342 16.22 28.68 -20.12
CA ILE C 342 16.76 27.36 -20.39
C ILE C 342 16.64 26.51 -19.13
N VAL C 343 16.10 25.31 -19.28
CA VAL C 343 15.85 24.41 -18.15
C VAL C 343 16.82 23.23 -18.25
N MET C 344 17.53 22.97 -17.16
CA MET C 344 18.45 21.85 -17.06
C MET C 344 17.95 20.87 -16.02
N ALA C 345 18.28 19.60 -16.19
CA ALA C 345 17.86 18.56 -15.26
C ALA C 345 18.93 17.48 -15.19
N ALA C 346 19.02 16.83 -14.03
CA ALA C 346 19.96 15.76 -13.80
C ALA C 346 19.25 14.60 -13.11
N THR C 347 19.51 13.39 -13.58
CA THR C 347 18.94 12.19 -13.00
C THR C 347 19.90 11.02 -13.22
N ASN C 348 19.77 9.99 -12.38
CA ASN C 348 20.57 8.79 -12.56
C ASN C 348 19.88 7.75 -13.44
N ARG C 349 18.56 7.74 -13.45
CA ARG C 349 17.78 6.82 -14.27
C ARG C 349 16.91 7.59 -15.25
N PRO C 350 17.35 7.77 -16.50
CA PRO C 350 16.54 8.54 -17.45
C PRO C 350 15.25 7.85 -17.83
N ASN C 351 15.18 6.52 -17.73
CA ASN C 351 13.98 5.81 -18.15
C ASN C 351 12.85 5.94 -17.14
N SER C 352 13.17 6.39 -15.92
CA SER C 352 12.13 6.57 -14.92
C SER C 352 11.37 7.87 -15.14
N ILE C 353 11.91 8.76 -15.96
CA ILE C 353 11.23 10.02 -16.24
C ILE C 353 9.95 9.76 -17.05
N ASP C 354 8.96 10.63 -16.85
CA ASP C 354 7.76 10.55 -17.67
C ASP C 354 8.11 10.80 -19.13
N PRO C 355 7.59 9.99 -20.06
CA PRO C 355 8.01 10.14 -21.47
C PRO C 355 7.69 11.50 -22.06
N ALA C 356 6.62 12.15 -21.60
CA ALA C 356 6.23 13.42 -22.18
C ALA C 356 7.25 14.52 -21.88
N LEU C 357 8.08 14.32 -20.85
CA LEU C 357 9.10 15.30 -20.54
C LEU C 357 10.28 15.22 -21.51
N ARG C 358 10.50 14.04 -22.09
CA ARG C 358 11.70 13.82 -22.88
C ARG C 358 11.54 14.20 -24.34
N ARG C 359 10.38 14.70 -24.75
CA ARG C 359 10.19 15.10 -26.14
C ARG C 359 10.89 16.42 -26.43
N PHE C 360 10.87 16.81 -27.70
CA PHE C 360 11.43 18.10 -28.08
C PHE C 360 10.56 19.23 -27.56
N GLY C 361 11.22 20.27 -27.05
CA GLY C 361 10.53 21.39 -26.44
C GLY C 361 10.56 21.39 -24.93
N ARG C 362 10.73 20.24 -24.30
CA ARG C 362 10.91 20.21 -22.85
C ARG C 362 12.32 19.74 -22.52
N PHE C 363 12.65 18.51 -22.90
CA PHE C 363 14.02 18.01 -22.80
C PHE C 363 14.38 17.33 -24.12
N ASP C 364 14.79 18.16 -25.08
CA ASP C 364 15.00 17.66 -26.44
C ASP C 364 16.33 16.94 -26.57
N ARG C 365 17.34 17.38 -25.83
CA ARG C 365 18.67 16.77 -25.89
C ARG C 365 19.02 16.20 -24.53
N GLU C 366 19.38 14.92 -24.51
CA GLU C 366 19.81 14.23 -23.30
C GLU C 366 21.30 13.98 -23.41
N VAL C 367 22.08 14.57 -22.50
CA VAL C 367 23.52 14.49 -22.51
C VAL C 367 23.95 13.40 -21.53
N ASP C 368 24.73 12.45 -22.02
CA ASP C 368 25.14 11.30 -21.24
C ASP C 368 26.51 11.56 -20.61
N ILE C 369 26.50 11.89 -19.33
CA ILE C 369 27.73 12.00 -18.54
C ILE C 369 28.08 10.61 -18.06
N GLY C 370 29.10 10.00 -18.68
CA GLY C 370 29.45 8.63 -18.42
C GLY C 370 30.81 8.49 -17.73
N ILE C 371 31.21 7.24 -17.55
CA ILE C 371 32.46 6.96 -16.85
C ILE C 371 33.64 7.34 -17.75
N PRO C 372 34.58 8.14 -17.26
CA PRO C 372 35.69 8.58 -18.13
C PRO C 372 36.66 7.46 -18.45
N ASP C 373 37.36 7.63 -19.56
CA ASP C 373 38.44 6.73 -19.94
C ASP C 373 39.72 7.10 -19.18
N ALA C 374 40.83 6.51 -19.62
CA ALA C 374 42.10 6.70 -18.92
C ALA C 374 42.55 8.17 -18.94
N THR C 375 42.46 8.83 -20.10
CA THR C 375 42.87 10.22 -20.18
C THR C 375 41.92 11.13 -19.41
N GLY C 376 40.62 10.85 -19.48
CA GLY C 376 39.67 11.64 -18.73
C GLY C 376 39.88 11.56 -17.24
N ARG C 377 40.12 10.35 -16.72
CA ARG C 377 40.36 10.24 -15.29
C ARG C 377 41.75 10.74 -14.92
N LEU C 378 42.70 10.73 -15.87
CA LEU C 378 43.97 11.41 -15.65
C LEU C 378 43.77 12.90 -15.41
N GLU C 379 42.97 13.55 -16.27
CA GLU C 379 42.78 14.99 -16.10
C GLU C 379 41.89 15.28 -14.90
N ILE C 380 41.02 14.35 -14.51
CA ILE C 380 40.28 14.49 -13.26
C ILE C 380 41.23 14.43 -12.08
N LEU C 381 42.20 13.52 -12.12
CA LEU C 381 43.22 13.48 -11.06
C LEU C 381 44.02 14.77 -11.03
N GLN C 382 44.36 15.31 -12.19
CA GLN C 382 45.06 16.59 -12.24
C GLN C 382 44.23 17.71 -11.65
N ILE C 383 42.91 17.68 -11.89
CA ILE C 383 42.02 18.69 -11.31
C ILE C 383 42.00 18.58 -9.80
N HIS C 384 41.88 17.36 -9.28
CA HIS C 384 41.73 17.19 -7.84
C HIS C 384 43.07 17.26 -7.11
N THR C 385 44.17 17.27 -7.85
CA THR C 385 45.49 17.33 -7.25
C THR C 385 46.18 18.68 -7.44
N LYS C 386 45.48 19.69 -7.95
CA LYS C 386 46.13 20.97 -8.21
C LYS C 386 46.39 21.75 -6.93
N ASN C 387 45.55 21.58 -5.91
CA ASN C 387 45.76 22.29 -4.66
C ASN C 387 46.66 21.50 -3.71
N MET C 388 46.65 20.17 -3.82
CA MET C 388 47.43 19.34 -2.92
C MET C 388 48.92 19.50 -3.19
N LYS C 389 49.72 19.30 -2.15
CA LYS C 389 51.17 19.32 -2.31
C LYS C 389 51.67 17.96 -2.74
N LEU C 390 52.21 17.89 -3.96
CA LEU C 390 52.64 16.65 -4.57
C LEU C 390 54.15 16.66 -4.78
N ALA C 391 54.81 15.58 -4.36
CA ALA C 391 56.23 15.44 -4.60
C ALA C 391 56.49 15.02 -6.05
N ASP C 392 57.75 15.15 -6.47
CA ASP C 392 58.12 14.75 -7.82
C ASP C 392 58.03 13.25 -8.02
N ASP C 393 57.92 12.48 -6.93
CA ASP C 393 57.77 11.04 -7.06
C ASP C 393 56.41 10.67 -7.66
N VAL C 394 55.41 11.53 -7.45
CA VAL C 394 54.05 11.20 -7.86
C VAL C 394 53.92 11.21 -9.37
N ASP C 395 53.35 10.14 -9.93
CA ASP C 395 53.02 10.03 -11.35
C ASP C 395 51.54 9.76 -11.46
N LEU C 396 50.79 10.74 -11.98
CA LEU C 396 49.33 10.63 -12.01
C LEU C 396 48.85 9.73 -13.15
N GLU C 397 49.66 9.59 -14.20
CA GLU C 397 49.29 8.72 -15.31
C GLU C 397 49.17 7.27 -14.85
N GLN C 398 50.12 6.82 -14.02
CA GLN C 398 50.04 5.48 -13.48
C GLN C 398 48.79 5.28 -12.64
N VAL C 399 48.47 6.25 -11.78
CA VAL C 399 47.29 6.15 -10.93
C VAL C 399 46.03 6.09 -11.78
N ALA C 400 45.98 6.90 -12.85
CA ALA C 400 44.84 6.87 -13.76
C ALA C 400 44.72 5.51 -14.43
N ASN C 401 45.85 4.92 -14.80
CA ASN C 401 45.81 3.60 -15.44
C ASN C 401 45.35 2.51 -14.46
N GLU C 402 45.70 2.66 -13.18
CA GLU C 402 45.29 1.66 -12.19
C GLU C 402 43.78 1.67 -11.98
N THR C 403 43.19 2.85 -11.86
CA THR C 403 41.74 2.95 -11.66
C THR C 403 41.01 2.69 -12.97
N HIS C 404 40.14 1.69 -12.96
CA HIS C 404 39.52 1.20 -14.18
C HIS C 404 38.05 1.59 -14.32
N GLY C 405 37.29 1.54 -13.23
CA GLY C 405 35.89 1.90 -13.28
C GLY C 405 35.56 3.06 -12.37
N HIS C 406 36.55 3.93 -12.15
CA HIS C 406 36.40 5.01 -11.18
C HIS C 406 35.79 6.24 -11.85
N VAL C 407 34.66 6.69 -11.30
CA VAL C 407 34.05 7.95 -11.70
C VAL C 407 34.75 9.08 -10.94
N GLY C 408 34.49 10.33 -11.34
CA GLY C 408 35.21 11.45 -10.75
C GLY C 408 35.11 11.50 -9.24
N ALA C 409 33.97 11.09 -8.68
CA ALA C 409 33.83 11.03 -7.24
C ALA C 409 34.79 10.01 -6.63
N ASP C 410 34.97 8.87 -7.31
CA ASP C 410 35.91 7.86 -6.83
C ASP C 410 37.33 8.39 -6.83
N LEU C 411 37.71 9.14 -7.88
CA LEU C 411 39.06 9.70 -7.94
C LEU C 411 39.27 10.78 -6.90
N ALA C 412 38.24 11.60 -6.64
CA ALA C 412 38.33 12.58 -5.57
C ALA C 412 38.50 11.89 -4.22
N ALA C 413 37.76 10.81 -4.00
CA ALA C 413 37.92 10.03 -2.77
C ALA C 413 39.33 9.45 -2.68
N LEU C 414 39.87 9.01 -3.81
CA LEU C 414 41.24 8.45 -3.82
C LEU C 414 42.26 9.52 -3.43
N CYS C 415 42.14 10.72 -3.99
CA CYS C 415 43.06 11.79 -3.65
C CYS C 415 42.94 12.18 -2.19
N SER C 416 41.71 12.25 -1.68
CA SER C 416 41.50 12.55 -0.27
C SER C 416 42.12 11.47 0.61
N GLU C 417 41.96 10.21 0.22
CA GLU C 417 42.54 9.12 0.99
C GLU C 417 44.07 9.16 0.99
N ALA C 418 44.66 9.52 -0.15
CA ALA C 418 46.12 9.64 -0.19
C ALA C 418 46.61 10.76 0.71
N ALA C 419 45.94 11.92 0.67
CA ALA C 419 46.33 13.02 1.57
C ALA C 419 46.15 12.63 3.02
N LEU C 420 45.04 11.95 3.34
CA LEU C 420 44.80 11.51 4.71
C LEU C 420 45.81 10.46 5.15
N GLN C 421 46.32 9.66 4.21
CA GLN C 421 47.36 8.69 4.54
C GLN C 421 48.67 9.39 4.85
N ALA C 422 49.00 10.45 4.11
CA ALA C 422 50.17 11.25 4.46
C ALA C 422 50.01 11.87 5.84
N ILE C 423 48.82 12.40 6.13
CA ILE C 423 48.56 12.96 7.46
C ILE C 423 48.68 11.87 8.53
N ARG C 424 48.23 10.65 8.21
CA ARG C 424 48.38 9.52 9.12
C ARG C 424 49.85 9.22 9.38
N LYS C 425 50.68 9.28 8.33
CA LYS C 425 52.11 9.10 8.52
C LYS C 425 52.67 10.15 9.46
N LYS C 426 52.19 11.38 9.35
CA LYS C 426 52.66 12.44 10.25
C LYS C 426 52.00 12.34 11.63
N MET C 427 50.98 11.48 11.79
CA MET C 427 50.34 11.30 13.09
C MET C 427 51.30 10.73 14.13
N ASP C 428 51.95 9.60 13.82
CA ASP C 428 52.65 8.85 14.85
C ASP C 428 53.85 9.63 15.38
N LEU C 429 54.33 10.62 14.62
CA LEU C 429 55.45 11.42 15.10
C LEU C 429 55.01 12.42 16.16
N ILE C 430 53.87 13.09 15.95
CA ILE C 430 53.48 14.20 16.81
C ILE C 430 52.95 13.68 18.14
N ASP C 431 52.93 14.57 19.14
CA ASP C 431 52.46 14.20 20.47
C ASP C 431 50.95 14.09 20.52
N LEU C 432 50.26 14.76 19.60
CA LEU C 432 48.81 14.85 19.43
C LEU C 432 48.17 15.71 20.52
N GLU C 433 48.91 16.17 21.52
CA GLU C 433 48.40 17.10 22.52
C GLU C 433 48.98 18.50 22.38
N ASP C 434 49.82 18.72 21.36
CA ASP C 434 50.40 20.04 21.16
C ASP C 434 49.35 21.05 20.74
N GLU C 435 49.43 22.25 21.30
CA GLU C 435 48.50 23.32 20.93
C GLU C 435 48.68 23.71 19.47
N THR C 436 49.92 23.82 19.01
CA THR C 436 50.23 24.16 17.63
C THR C 436 51.28 23.19 17.10
N ILE C 437 51.22 22.93 15.79
CA ILE C 437 52.11 21.95 15.19
C ILE C 437 53.38 22.63 14.71
N ASP C 438 54.50 21.91 14.82
CA ASP C 438 55.80 22.46 14.47
C ASP C 438 55.87 22.82 12.98
N ALA C 439 56.56 23.93 12.69
CA ALA C 439 56.63 24.42 11.31
C ALA C 439 57.43 23.46 10.42
N GLU C 440 58.46 22.80 10.98
CA GLU C 440 59.25 21.89 10.17
C GLU C 440 58.43 20.71 9.68
N VAL C 441 57.61 20.12 10.56
CA VAL C 441 56.76 19.01 10.15
C VAL C 441 55.57 19.54 9.34
N MET C 442 55.23 20.83 9.51
CA MET C 442 54.29 21.47 8.60
C MET C 442 54.81 21.47 7.18
N ASN C 443 56.10 21.78 7.00
CA ASN C 443 56.67 21.87 5.66
C ASN C 443 56.96 20.48 5.09
N SER C 444 57.31 19.53 5.96
CA SER C 444 57.69 18.20 5.47
C SER C 444 56.50 17.43 4.92
N LEU C 445 55.29 17.88 5.24
CA LEU C 445 54.08 17.16 4.83
C LEU C 445 53.78 17.36 3.35
N ALA C 446 53.80 16.27 2.57
CA ALA C 446 53.51 16.30 1.16
C ALA C 446 53.10 14.91 0.70
N VAL C 447 52.18 14.85 -0.26
CA VAL C 447 51.67 13.58 -0.74
C VAL C 447 52.69 12.94 -1.67
N THR C 448 53.00 11.66 -1.41
CA THR C 448 53.99 10.93 -2.18
C THR C 448 53.31 9.79 -2.93
N MET C 449 54.12 9.10 -3.75
CA MET C 449 53.60 7.98 -4.53
C MET C 449 53.18 6.82 -3.62
N ASP C 450 53.86 6.64 -2.49
CA ASP C 450 53.48 5.55 -1.59
C ASP C 450 52.07 5.77 -1.04
N ASP C 451 51.73 7.01 -0.70
CA ASP C 451 50.37 7.31 -0.25
C ASP C 451 49.35 7.05 -1.33
N PHE C 452 49.67 7.43 -2.58
CA PHE C 452 48.75 7.19 -3.69
C PHE C 452 48.56 5.71 -3.93
N ARG C 453 49.63 4.91 -3.81
CA ARG C 453 49.50 3.47 -4.01
C ARG C 453 48.71 2.82 -2.88
N TRP C 454 48.87 3.31 -1.66
CA TRP C 454 48.03 2.84 -0.56
C TRP C 454 46.57 3.16 -0.82
N ALA C 455 46.30 4.38 -1.30
CA ALA C 455 44.92 4.75 -1.64
C ALA C 455 44.37 3.87 -2.74
N LEU C 456 45.19 3.59 -3.76
CA LEU C 456 44.78 2.67 -4.83
C LEU C 456 44.43 1.30 -4.27
N SER C 457 45.25 0.79 -3.35
CA SER C 457 44.96 -0.50 -2.73
C SER C 457 43.67 -0.43 -1.92
N GLN C 458 43.36 0.74 -1.35
CA GLN C 458 42.12 0.97 -0.64
C GLN C 458 41.07 1.67 -1.48
N SER C 459 41.16 1.58 -2.81
CA SER C 459 40.23 2.24 -3.71
C SER C 459 39.36 1.19 -4.41
N ASN C 460 38.05 1.36 -4.31
CA ASN C 460 37.10 0.52 -5.01
C ASN C 460 35.98 1.40 -5.54
N PRO C 461 35.57 1.21 -6.81
CA PRO C 461 34.49 2.03 -7.36
C PRO C 461 33.21 1.90 -6.56
N SER C 462 32.52 3.03 -6.38
CA SER C 462 31.27 3.02 -5.63
C SER C 462 30.18 2.25 -6.37
N ALA C 463 30.35 2.05 -7.68
CA ALA C 463 29.36 1.29 -8.44
C ALA C 463 29.32 -0.16 -8.00
N LEU C 464 30.48 -0.81 -7.93
CA LEU C 464 30.54 -2.21 -7.49
C LEU C 464 31.17 -2.31 -6.11
N ARG C 465 29.27 -0.66 -4.39
CA ARG C 465 29.94 -1.09 -3.17
C ARG C 465 29.26 -2.33 -2.60
N GLU C 466 28.18 -2.76 -3.25
CA GLU C 466 27.47 -3.95 -2.80
C GLU C 466 28.22 -5.22 -3.14
N THR C 467 28.81 -5.28 -4.34
CA THR C 467 29.47 -6.50 -4.82
C THR C 467 30.95 -6.47 -4.44
N VAL C 468 31.19 -6.41 -3.13
CA VAL C 468 32.54 -6.41 -2.58
C VAL C 468 32.67 -7.57 -1.61
N VAL C 469 33.69 -8.40 -1.83
CA VAL C 469 33.99 -9.52 -0.95
C VAL C 469 35.47 -9.47 -0.58
N GLU C 470 35.77 -9.87 0.65
CA GLU C 470 37.15 -9.86 1.14
C GLU C 470 37.88 -11.08 0.58
N VAL C 471 38.60 -10.88 -0.52
CA VAL C 471 39.38 -11.93 -1.16
C VAL C 471 40.61 -12.22 -0.31
N PRO C 472 41.13 -13.45 -0.30
CA PRO C 472 42.21 -13.82 0.61
C PRO C 472 43.63 -13.50 0.14
N GLN C 473 43.80 -12.64 -0.86
CA GLN C 473 45.12 -12.20 -1.32
C GLN C 473 45.97 -13.38 -1.82
N VAL C 474 45.50 -14.01 -2.90
CA VAL C 474 46.26 -15.08 -3.53
C VAL C 474 47.09 -14.51 -4.68
N THR C 475 48.32 -15.02 -4.81
CA THR C 475 49.26 -14.57 -5.82
C THR C 475 49.50 -15.72 -6.80
N TRP C 476 49.99 -15.37 -8.00
CA TRP C 476 50.27 -16.40 -9.00
C TRP C 476 51.29 -17.41 -8.49
N GLU C 477 52.14 -17.00 -7.54
CA GLU C 477 53.14 -17.92 -7.01
C GLU C 477 52.52 -18.89 -6.02
N ASP C 478 51.33 -18.58 -5.52
CA ASP C 478 50.65 -19.48 -4.58
C ASP C 478 50.10 -20.70 -5.30
N ILE C 479 49.92 -20.60 -6.61
CA ILE C 479 49.37 -21.72 -7.38
C ILE C 479 50.50 -22.54 -7.97
N GLY C 480 50.47 -23.85 -7.74
CA GLY C 480 51.47 -24.74 -8.26
C GLY C 480 51.00 -25.45 -9.53
N GLY C 481 51.86 -25.48 -10.54
CA GLY C 481 51.44 -26.02 -11.82
C GLY C 481 50.52 -25.08 -12.54
N LEU C 482 49.77 -25.64 -13.51
CA LEU C 482 48.80 -24.88 -14.29
C LEU C 482 49.46 -23.72 -15.02
N GLU C 483 50.70 -23.94 -15.49
CA GLU C 483 51.45 -22.86 -16.12
C GLU C 483 50.80 -22.41 -17.42
N ASP C 484 50.29 -23.36 -18.21
CA ASP C 484 49.59 -23.00 -19.43
C ASP C 484 48.27 -22.27 -19.13
N VAL C 485 47.58 -22.67 -18.06
CA VAL C 485 46.36 -21.97 -17.67
C VAL C 485 46.68 -20.59 -17.14
N LYS C 486 47.76 -20.46 -16.37
CA LYS C 486 48.15 -19.16 -15.84
C LYS C 486 48.45 -18.17 -16.97
N ARG C 487 49.17 -18.62 -17.99
CA ARG C 487 49.53 -17.74 -19.10
C ARG C 487 48.30 -17.27 -19.85
N GLU C 488 47.34 -18.17 -20.07
CA GLU C 488 46.13 -17.80 -20.80
C GLU C 488 45.27 -16.83 -20.00
N LEU C 489 45.22 -16.99 -18.68
CA LEU C 489 44.40 -16.11 -17.86
C LEU C 489 45.00 -14.71 -17.79
N GLN C 490 46.33 -14.62 -17.68
CA GLN C 490 46.97 -13.31 -17.64
C GLN C 490 46.79 -12.57 -18.96
N GLU C 491 46.94 -13.28 -20.09
CA GLU C 491 46.88 -12.62 -21.38
C GLU C 491 45.45 -12.22 -21.74
N LEU C 492 44.46 -13.01 -21.30
CA LEU C 492 43.09 -12.74 -21.69
C LEU C 492 42.59 -11.41 -21.12
N VAL C 493 43.01 -11.07 -19.91
CA VAL C 493 42.57 -9.82 -19.29
C VAL C 493 43.51 -8.68 -19.66
N GLN C 494 44.81 -8.96 -19.77
CA GLN C 494 45.78 -7.90 -19.96
C GLN C 494 45.77 -7.37 -21.39
N TYR C 495 45.61 -8.24 -22.38
CA TYR C 495 45.76 -7.81 -23.77
C TYR C 495 44.74 -6.76 -24.18
N PRO C 496 43.42 -6.92 -23.96
CA PRO C 496 42.48 -5.89 -24.41
C PRO C 496 42.65 -4.55 -23.70
N VAL C 497 43.09 -4.56 -22.45
CA VAL C 497 43.13 -3.32 -21.67
C VAL C 497 44.47 -2.61 -21.87
N GLU C 498 45.55 -3.37 -22.02
CA GLU C 498 46.87 -2.74 -22.11
C GLU C 498 47.27 -2.51 -23.57
N HIS C 499 46.77 -3.33 -24.49
CA HIS C 499 47.07 -3.19 -25.91
C HIS C 499 45.78 -3.21 -26.72
N PRO C 500 44.93 -2.20 -26.59
CA PRO C 500 43.73 -2.16 -27.43
C PRO C 500 44.02 -1.82 -28.87
N ASP C 501 45.14 -1.13 -29.14
CA ASP C 501 45.47 -0.75 -30.50
C ASP C 501 45.87 -1.97 -31.33
N LYS C 502 46.46 -2.98 -30.70
CA LYS C 502 46.81 -4.20 -31.42
C LYS C 502 45.57 -4.88 -31.99
N PHE C 503 44.49 -4.93 -31.21
CA PHE C 503 43.25 -5.54 -31.71
C PHE C 503 42.67 -4.73 -32.86
N LEU C 504 42.76 -3.39 -32.78
CA LEU C 504 42.32 -2.56 -33.90
C LEU C 504 43.19 -2.78 -35.12
N LYS C 505 44.51 -2.92 -34.93
CA LYS C 505 45.40 -3.16 -36.05
C LYS C 505 45.07 -4.47 -36.75
N PHE C 506 44.81 -5.52 -35.99
CA PHE C 506 44.34 -6.78 -36.54
C PHE C 506 42.83 -6.81 -36.76
N GLY C 507 42.12 -5.81 -36.27
CA GLY C 507 40.72 -5.61 -36.66
C GLY C 507 39.77 -6.70 -36.22
N MET C 508 39.97 -7.26 -35.04
CA MET C 508 39.00 -8.19 -34.45
C MET C 508 38.89 -7.96 -32.96
N THR C 509 37.74 -8.34 -32.41
CA THR C 509 37.47 -8.15 -31.00
C THR C 509 38.15 -9.25 -30.17
N PRO C 510 38.47 -8.96 -28.91
CA PRO C 510 39.14 -9.97 -28.08
C PRO C 510 38.20 -11.08 -27.64
N SER C 511 38.80 -12.13 -27.09
CA SER C 511 38.04 -13.23 -26.49
C SER C 511 37.94 -13.01 -24.99
N LYS C 512 36.74 -13.20 -24.43
CA LYS C 512 36.47 -12.79 -23.06
C LYS C 512 35.91 -13.90 -22.18
N GLY C 513 35.63 -15.09 -22.73
CA GLY C 513 34.96 -16.14 -22.00
C GLY C 513 35.91 -17.27 -21.61
N VAL C 514 35.78 -17.73 -20.37
CA VAL C 514 36.54 -18.85 -19.85
C VAL C 514 35.63 -19.71 -18.99
N LEU C 515 35.76 -21.03 -19.12
CA LEU C 515 35.07 -21.96 -18.24
C LEU C 515 36.07 -22.93 -17.63
N PHE C 516 36.09 -23.00 -16.31
CA PHE C 516 36.91 -23.96 -15.58
C PHE C 516 36.04 -25.16 -15.20
N TYR C 517 36.43 -26.35 -15.66
CA TYR C 517 35.78 -27.58 -15.26
C TYR C 517 36.84 -28.59 -14.88
N GLY C 518 36.58 -29.37 -13.83
CA GLY C 518 37.50 -30.37 -13.37
C GLY C 518 37.09 -30.97 -12.04
N PRO C 519 37.89 -31.89 -11.52
CA PRO C 519 37.57 -32.51 -10.25
C PRO C 519 37.66 -31.49 -9.13
N PRO C 520 36.90 -31.68 -8.05
CA PRO C 520 36.97 -30.74 -6.93
C PRO C 520 38.37 -30.69 -6.31
N GLY C 521 38.78 -29.49 -5.93
CA GLY C 521 40.03 -29.29 -5.24
C GLY C 521 41.25 -29.16 -6.11
N CYS C 522 41.09 -28.86 -7.40
CA CYS C 522 42.21 -28.82 -8.33
C CYS C 522 42.71 -27.41 -8.60
N GLY C 523 41.95 -26.38 -8.25
CA GLY C 523 42.41 -25.01 -8.36
C GLY C 523 41.59 -24.08 -9.21
N LYS C 524 40.31 -24.37 -9.44
CA LYS C 524 39.47 -23.47 -10.23
C LYS C 524 39.19 -22.17 -9.47
N THR C 525 38.81 -22.28 -8.20
CA THR C 525 38.55 -21.09 -7.40
C THR C 525 39.85 -20.36 -7.07
N LEU C 526 40.93 -21.13 -6.85
CA LEU C 526 42.22 -20.51 -6.55
C LEU C 526 42.69 -19.64 -7.71
N LEU C 527 42.44 -20.08 -8.95
CA LEU C 527 42.77 -19.26 -10.10
C LEU C 527 41.97 -17.96 -10.10
N ALA C 528 40.71 -18.03 -9.68
CA ALA C 528 39.89 -16.82 -9.61
C ALA C 528 40.42 -15.88 -8.53
N LYS C 529 40.90 -16.42 -7.42
CA LYS C 529 41.49 -15.58 -6.38
C LYS C 529 42.73 -14.86 -6.90
N ALA C 530 43.58 -15.54 -7.66
CA ALA C 530 44.76 -14.90 -8.22
C ALA C 530 44.36 -13.80 -9.20
N ILE C 531 43.32 -14.05 -10.01
CA ILE C 531 42.85 -13.03 -10.94
C ILE C 531 42.29 -11.83 -10.20
N ALA C 532 41.71 -12.06 -9.01
CA ALA C 532 41.15 -10.96 -8.25
C ALA C 532 42.23 -9.96 -7.83
N ASN C 533 43.39 -10.46 -7.42
CA ASN C 533 44.47 -9.58 -6.98
C ASN C 533 45.45 -9.24 -8.10
N GLU C 534 45.92 -10.25 -8.83
CA GLU C 534 47.02 -10.03 -9.78
C GLU C 534 46.54 -9.30 -11.03
N CYS C 535 45.39 -9.66 -11.57
CA CYS C 535 44.95 -9.11 -12.84
C CYS C 535 44.58 -7.64 -12.70
N GLN C 536 44.74 -6.90 -13.79
CA GLN C 536 44.52 -5.45 -13.79
C GLN C 536 43.13 -5.14 -14.36
N ALA C 537 42.12 -5.43 -13.54
CA ALA C 537 40.73 -5.16 -13.91
C ALA C 537 39.87 -5.26 -12.66
N ASN C 538 38.67 -4.71 -12.75
CA ASN C 538 37.70 -4.87 -11.67
C ASN C 538 37.23 -6.32 -11.61
N PHE C 539 36.80 -6.74 -10.43
CA PHE C 539 36.39 -8.12 -10.21
C PHE C 539 35.07 -8.16 -9.47
N ILE C 540 34.13 -8.94 -9.99
CA ILE C 540 32.85 -9.20 -9.34
C ILE C 540 32.68 -10.71 -9.22
N SER C 541 32.61 -11.22 -7.99
CA SER C 541 32.44 -12.64 -7.73
C SER C 541 30.99 -12.89 -7.37
N ILE C 542 30.37 -13.86 -8.03
CA ILE C 542 28.97 -14.18 -7.83
C ILE C 542 28.88 -15.64 -7.41
N LYS C 543 28.27 -15.89 -6.25
CA LYS C 543 27.90 -17.26 -5.90
C LYS C 543 26.79 -17.74 -6.83
N GLY C 544 26.73 -19.05 -7.03
CA GLY C 544 25.82 -19.62 -8.01
C GLY C 544 24.37 -19.18 -7.84
N PRO C 545 23.73 -19.61 -6.76
CA PRO C 545 22.32 -19.26 -6.55
C PRO C 545 22.10 -17.88 -5.94
N GLU C 546 23.12 -17.02 -5.94
CA GLU C 546 22.98 -15.73 -5.26
C GLU C 546 21.99 -14.82 -5.97
N LEU C 547 21.87 -14.95 -7.30
CA LEU C 547 21.04 -14.03 -8.06
C LEU C 547 19.57 -14.42 -8.06
N LEU C 548 19.26 -15.64 -7.65
CA LEU C 548 17.88 -16.11 -7.71
C LEU C 548 17.03 -15.43 -6.64
N THR C 549 15.74 -15.24 -6.96
CA THR C 549 14.83 -14.51 -6.09
C THR C 549 13.50 -15.26 -6.04
N MET C 550 12.77 -15.08 -4.92
CA MET C 550 11.43 -15.65 -4.80
C MET C 550 10.50 -15.11 -5.88
N TRP C 551 10.60 -13.82 -6.17
CA TRP C 551 9.56 -13.12 -6.91
C TRP C 551 9.66 -13.39 -8.41
N PHE C 552 8.52 -13.23 -9.08
CA PHE C 552 8.44 -13.47 -10.51
C PHE C 552 9.13 -12.35 -11.28
N GLY C 553 10.09 -12.71 -12.12
CA GLY C 553 10.78 -11.75 -12.96
C GLY C 553 11.89 -10.98 -12.26
N GLU C 554 12.12 -11.21 -10.97
CA GLU C 554 13.17 -10.47 -10.28
C GLU C 554 14.48 -11.22 -10.30
N SER C 555 14.43 -12.55 -10.46
CA SER C 555 15.66 -13.31 -10.65
C SER C 555 16.35 -12.88 -11.94
N GLU C 556 15.58 -12.68 -13.01
CA GLU C 556 16.16 -12.21 -14.26
C GLU C 556 16.55 -10.74 -14.17
N ALA C 557 15.88 -9.98 -13.32
CA ALA C 557 16.24 -8.58 -13.13
C ALA C 557 17.57 -8.45 -12.41
N ASN C 558 17.90 -9.43 -11.55
CA ASN C 558 19.20 -9.42 -10.89
C ASN C 558 20.31 -9.72 -11.89
N VAL C 559 20.01 -10.51 -12.93
CA VAL C 559 21.02 -10.83 -13.94
C VAL C 559 21.34 -9.61 -14.78
N ARG C 560 20.32 -8.83 -15.17
CA ARG C 560 20.58 -7.59 -15.89
C ARG C 560 21.37 -6.61 -15.03
N GLU C 561 21.00 -6.50 -13.75
CA GLU C 561 21.65 -5.53 -12.88
C GLU C 561 23.12 -5.89 -12.65
N ILE C 562 23.42 -7.17 -12.40
CA ILE C 562 24.80 -7.56 -12.13
C ILE C 562 25.65 -7.41 -13.39
N PHE C 563 25.06 -7.66 -14.56
CA PHE C 563 25.80 -7.44 -15.80
C PHE C 563 25.96 -5.96 -16.09
N ASP C 564 25.06 -5.12 -15.56
CA ASP C 564 25.15 -3.69 -15.80
C ASP C 564 26.30 -3.07 -15.02
N LYS C 565 26.56 -3.56 -13.82
CA LYS C 565 27.72 -3.09 -13.06
C LYS C 565 29.02 -3.45 -13.76
N ALA C 566 29.05 -4.61 -14.44
CA ALA C 566 30.23 -5.01 -15.17
C ALA C 566 30.52 -4.08 -16.34
N ARG C 567 29.47 -3.70 -17.08
CA ARG C 567 29.66 -2.79 -18.21
C ARG C 567 30.07 -1.41 -17.74
N GLN C 568 29.47 -0.92 -16.65
CA GLN C 568 29.83 0.40 -16.14
C GLN C 568 31.27 0.42 -15.65
N ALA C 569 31.71 -0.65 -15.00
CA ALA C 569 33.05 -0.73 -14.45
C ALA C 569 34.03 -1.50 -15.32
N ALA C 570 33.73 -1.66 -16.61
CA ALA C 570 34.65 -2.35 -17.51
C ALA C 570 35.96 -1.56 -17.59
N PRO C 571 37.12 -2.25 -17.64
CA PRO C 571 37.29 -3.71 -17.67
C PRO C 571 36.97 -4.40 -16.35
N CYS C 572 36.01 -5.32 -16.38
CA CYS C 572 35.57 -6.03 -15.20
C CYS C 572 35.56 -7.52 -15.48
N VAL C 573 36.00 -8.30 -14.49
CA VAL C 573 35.99 -9.75 -14.56
C VAL C 573 34.79 -10.26 -13.78
N LEU C 574 33.94 -11.03 -14.45
CA LEU C 574 32.71 -11.54 -13.85
C LEU C 574 32.87 -13.04 -13.65
N PHE C 575 32.96 -13.46 -12.39
CA PHE C 575 33.25 -14.84 -12.05
C PHE C 575 32.06 -15.49 -11.38
N PHE C 576 31.68 -16.68 -11.86
CA PHE C 576 30.60 -17.47 -11.30
C PHE C 576 31.23 -18.72 -10.66
N ASP C 577 31.22 -18.76 -9.33
CA ASP C 577 31.91 -19.83 -8.62
C ASP C 577 31.30 -21.20 -8.90
N GLN C 578 29.97 -21.28 -8.95
CA GLN C 578 29.25 -22.52 -9.25
C GLN C 578 28.28 -22.22 -10.39
N LEU C 579 28.78 -22.36 -11.62
CA LEU C 579 27.99 -21.95 -12.78
C LEU C 579 26.84 -22.92 -13.04
N ASP C 580 27.03 -24.20 -12.77
CA ASP C 580 26.03 -25.20 -13.14
C ASP C 580 24.74 -25.01 -12.35
N SER C 581 24.82 -24.28 -11.23
CA SER C 581 23.61 -24.04 -10.44
C SER C 581 22.70 -23.03 -11.12
N ILE C 582 23.28 -22.03 -11.78
CA ILE C 582 22.47 -20.97 -12.39
C ILE C 582 22.32 -21.21 -13.89
N ALA C 583 23.21 -22.01 -14.47
CA ALA C 583 23.20 -22.30 -15.90
C ALA C 583 23.09 -23.80 -16.10
N LYS C 584 21.91 -24.26 -16.51
CA LYS C 584 21.64 -25.68 -16.73
C LYS C 584 20.94 -25.84 -18.08
N ALA C 585 20.97 -27.05 -18.61
CA ALA C 585 20.25 -27.30 -19.86
C ALA C 585 18.77 -27.00 -19.68
N ARG C 586 18.22 -26.23 -20.62
CA ARG C 586 16.84 -25.80 -20.51
C ARG C 586 15.89 -26.98 -20.70
N GLY C 587 14.79 -26.96 -19.96
CA GLY C 587 13.80 -28.02 -20.01
C GLY C 587 14.14 -29.26 -19.22
N GLY C 588 15.26 -29.26 -18.49
CA GLY C 588 15.65 -30.46 -17.76
C GLY C 588 14.74 -30.76 -16.58
N ASN C 589 14.37 -29.73 -15.82
CA ASN C 589 13.63 -29.90 -14.58
C ASN C 589 12.25 -29.26 -14.71
N ILE C 590 11.21 -30.04 -14.45
CA ILE C 590 9.84 -29.53 -14.46
C ILE C 590 9.51 -28.96 -13.09
N GLY C 591 8.64 -27.96 -13.07
CA GLY C 591 8.24 -27.33 -11.81
C GLY C 591 9.35 -26.65 -11.07
N ASP C 592 10.29 -26.04 -11.80
CA ASP C 592 11.41 -25.32 -11.19
C ASP C 592 11.04 -23.84 -11.08
N GLY C 593 10.19 -23.55 -10.11
CA GLY C 593 9.69 -22.20 -9.94
C GLY C 593 8.83 -21.72 -11.09
N GLY C 594 8.08 -22.63 -11.70
CA GLY C 594 7.25 -22.27 -12.85
C GLY C 594 8.05 -21.78 -14.03
N GLY C 595 9.17 -22.43 -14.32
CA GLY C 595 10.03 -22.02 -15.42
C GLY C 595 10.92 -20.84 -15.12
N ALA C 596 11.03 -20.42 -13.85
CA ALA C 596 11.86 -19.27 -13.52
C ALA C 596 13.33 -19.57 -13.75
N ALA C 597 13.73 -20.82 -13.61
CA ALA C 597 15.13 -21.18 -13.84
C ALA C 597 15.49 -21.02 -15.32
N ASP C 598 14.60 -21.44 -16.22
CA ASP C 598 14.88 -21.34 -17.65
C ASP C 598 14.92 -19.89 -18.11
N ARG C 599 14.17 -19.01 -17.43
CA ARG C 599 14.16 -17.62 -17.83
C ARG C 599 15.43 -16.89 -17.39
N VAL C 600 16.05 -17.37 -16.31
CA VAL C 600 17.33 -16.81 -15.88
C VAL C 600 18.42 -17.17 -16.88
N ILE C 601 18.37 -18.39 -17.43
CA ILE C 601 19.36 -18.82 -18.41
C ILE C 601 19.20 -18.03 -19.70
N ASN C 602 17.96 -17.79 -20.12
CA ASN C 602 17.72 -16.96 -21.29
C ASN C 602 18.18 -15.53 -21.06
N GLN C 603 18.00 -15.02 -19.84
CA GLN C 603 18.48 -13.68 -19.51
C GLN C 603 20.00 -13.61 -19.60
N ILE C 604 20.69 -14.65 -19.14
CA ILE C 604 22.16 -14.67 -19.20
C ILE C 604 22.64 -14.69 -20.64
N LEU C 605 21.91 -15.40 -21.51
CA LEU C 605 22.33 -15.50 -22.91
C LEU C 605 22.32 -14.13 -23.60
N THR C 606 21.32 -13.32 -23.30
CA THR C 606 21.24 -12.00 -23.93
C THR C 606 22.33 -11.07 -23.41
N GLU C 607 22.71 -11.22 -22.15
CA GLU C 607 23.75 -10.37 -21.59
C GLU C 607 25.12 -10.69 -22.18
N MET C 608 25.43 -11.98 -22.31
CA MET C 608 26.76 -12.38 -22.78
C MET C 608 26.91 -12.14 -24.27
N ASP C 609 25.86 -12.38 -25.05
CA ASP C 609 25.89 -12.12 -26.49
C ASP C 609 24.50 -11.72 -26.95
N GLY C 610 24.26 -10.43 -27.02
CA GLY C 610 22.96 -9.94 -27.44
C GLY C 610 23.11 -8.83 -28.47
N MET C 611 22.09 -7.98 -28.53
CA MET C 611 22.08 -6.89 -29.50
C MET C 611 22.94 -5.73 -29.05
N SER C 612 23.31 -5.68 -27.78
CA SER C 612 24.09 -4.55 -27.26
C SER C 612 25.53 -4.62 -27.74
N THR C 613 26.19 -3.47 -27.77
CA THR C 613 27.59 -3.40 -28.14
C THR C 613 28.46 -4.05 -27.06
N LYS C 614 29.50 -4.76 -27.49
CA LYS C 614 30.36 -5.47 -26.55
C LYS C 614 31.24 -4.52 -25.78
N LYS C 615 31.43 -4.82 -24.50
CA LYS C 615 32.34 -4.09 -23.63
C LYS C 615 33.46 -5.03 -23.19
N ASN C 616 34.42 -4.48 -22.45
CA ASN C 616 35.55 -5.26 -21.95
C ASN C 616 35.15 -5.95 -20.64
N VAL C 617 34.17 -6.85 -20.76
CA VAL C 617 33.69 -7.64 -19.64
C VAL C 617 34.03 -9.09 -19.91
N PHE C 618 34.80 -9.68 -19.01
CA PHE C 618 35.27 -11.06 -19.14
C PHE C 618 34.50 -11.93 -18.16
N ILE C 619 33.79 -12.93 -18.69
CA ILE C 619 32.97 -13.82 -17.88
C ILE C 619 33.74 -15.12 -17.69
N ILE C 620 33.97 -15.50 -16.44
CA ILE C 620 34.72 -16.69 -16.08
C ILE C 620 33.84 -17.56 -15.21
N GLY C 621 33.76 -18.86 -15.54
CA GLY C 621 32.94 -19.77 -14.77
C GLY C 621 33.68 -21.00 -14.31
N ALA C 622 33.39 -21.45 -13.09
CA ALA C 622 33.95 -22.68 -12.55
C ALA C 622 32.81 -23.64 -12.24
N THR C 623 32.99 -24.90 -12.63
CA THR C 623 31.95 -25.91 -12.41
C THR C 623 32.57 -27.29 -12.27
N ASN C 624 31.91 -28.14 -11.47
CA ASN C 624 32.30 -29.54 -11.41
C ASN C 624 31.52 -30.36 -12.42
N ARG C 625 30.42 -29.81 -12.95
CA ARG C 625 29.54 -30.54 -13.85
C ARG C 625 29.34 -29.75 -15.13
N PRO C 626 30.24 -29.85 -16.10
CA PRO C 626 30.04 -29.17 -17.39
C PRO C 626 29.10 -29.88 -18.34
N ASP C 627 28.66 -31.11 -18.00
CA ASP C 627 27.74 -31.83 -18.87
C ASP C 627 26.34 -31.23 -18.82
N ILE C 628 25.97 -30.63 -17.68
CA ILE C 628 24.61 -30.15 -17.51
C ILE C 628 24.46 -28.68 -17.91
N ILE C 629 25.56 -27.99 -18.20
CA ILE C 629 25.47 -26.58 -18.57
C ILE C 629 24.85 -26.46 -19.95
N ASP C 630 24.03 -25.43 -20.14
CA ASP C 630 23.31 -25.25 -21.40
C ASP C 630 24.30 -25.10 -22.55
N PRO C 631 24.08 -25.79 -23.67
CA PRO C 631 25.04 -25.71 -24.78
C PRO C 631 25.19 -24.30 -25.35
N ALA C 632 24.14 -23.48 -25.25
CA ALA C 632 24.25 -22.10 -25.74
C ALA C 632 25.18 -21.28 -24.85
N ILE C 633 25.26 -21.62 -23.56
CA ILE C 633 26.18 -20.95 -22.66
C ILE C 633 27.63 -21.22 -23.07
N LEU C 634 27.88 -22.38 -23.67
CA LEU C 634 29.24 -22.83 -23.95
C LEU C 634 29.70 -22.52 -25.37
N ARG C 635 28.90 -21.86 -26.18
CA ARG C 635 29.29 -21.59 -27.56
C ARG C 635 30.20 -20.36 -27.61
N PRO C 636 31.09 -20.29 -28.60
CA PRO C 636 31.99 -19.13 -28.70
C PRO C 636 31.22 -17.83 -28.78
N GLY C 637 31.76 -16.81 -28.11
CA GLY C 637 31.03 -15.60 -27.79
C GLY C 637 30.41 -15.61 -26.42
N ARG C 638 30.22 -16.79 -25.84
CA ARG C 638 29.82 -16.96 -24.45
C ARG C 638 30.66 -18.08 -23.87
N LEU C 639 31.62 -17.75 -23.01
CA LEU C 639 32.54 -18.74 -22.46
C LEU C 639 33.21 -19.51 -23.59
N ASP C 640 33.88 -18.78 -24.47
CA ASP C 640 34.35 -19.35 -25.72
C ASP C 640 35.54 -20.29 -25.50
N GLN C 641 36.28 -20.09 -24.42
CA GLN C 641 37.43 -20.94 -24.12
C GLN C 641 37.06 -21.87 -22.96
N LEU C 642 37.16 -23.17 -23.21
CA LEU C 642 36.88 -24.19 -22.20
C LEU C 642 38.21 -24.76 -21.72
N ILE C 643 38.47 -24.64 -20.42
CA ILE C 643 39.74 -25.03 -19.83
C ILE C 643 39.49 -26.14 -18.83
N TYR C 644 40.25 -27.22 -18.93
CA TYR C 644 40.12 -28.38 -18.06
C TYR C 644 41.23 -28.35 -17.03
N ILE C 645 40.85 -28.33 -15.76
CA ILE C 645 41.80 -28.36 -14.65
C ILE C 645 41.88 -29.80 -14.13
N PRO C 646 42.87 -30.57 -14.53
CA PRO C 646 42.91 -31.98 -14.16
C PRO C 646 43.58 -32.20 -12.81
N LEU C 647 43.55 -33.45 -12.37
CA LEU C 647 44.28 -33.83 -11.17
C LEU C 647 45.76 -33.62 -11.41
N PRO C 648 46.47 -32.95 -10.50
CA PRO C 648 47.88 -32.61 -10.75
C PRO C 648 48.74 -33.86 -10.90
N ASP C 649 49.62 -33.82 -11.90
CA ASP C 649 50.60 -34.88 -12.08
C ASP C 649 51.75 -34.69 -11.10
N GLU C 650 52.74 -35.59 -11.22
CA GLU C 650 53.82 -35.60 -10.23
C GLU C 650 54.62 -34.31 -10.24
N LYS C 651 54.88 -33.74 -11.43
CA LYS C 651 55.63 -32.50 -11.49
C LYS C 651 54.85 -31.34 -10.89
N SER C 652 53.54 -31.31 -11.13
CA SER C 652 52.71 -30.25 -10.55
C SER C 652 52.59 -30.41 -9.04
N ARG C 653 52.56 -31.65 -8.56
CA ARG C 653 52.41 -31.88 -7.12
C ARG C 653 53.61 -31.34 -6.34
N VAL C 654 54.80 -31.40 -6.94
CA VAL C 654 55.97 -30.80 -6.30
C VAL C 654 55.78 -29.29 -6.17
N ALA C 655 55.26 -28.65 -7.22
CA ALA C 655 55.01 -27.22 -7.15
C ALA C 655 53.91 -26.89 -6.16
N ILE C 656 52.86 -27.73 -6.10
CA ILE C 656 51.79 -27.51 -5.14
C ILE C 656 52.30 -27.65 -3.72
N LEU C 657 53.10 -28.68 -3.45
CA LEU C 657 53.67 -28.85 -2.12
C LEU C 657 54.62 -27.71 -1.78
N LYS C 658 55.44 -27.30 -2.75
CA LYS C 658 56.36 -26.19 -2.50
C LYS C 658 55.60 -24.88 -2.28
N ALA C 659 54.53 -24.65 -3.05
CA ALA C 659 53.76 -23.41 -2.90
C ALA C 659 53.11 -23.34 -1.53
N ASN C 660 52.51 -24.46 -1.08
CA ASN C 660 51.89 -24.47 0.24
C ASN C 660 52.93 -24.29 1.35
N LEU C 661 54.07 -24.98 1.23
CA LEU C 661 55.10 -24.94 2.26
C LEU C 661 56.14 -23.86 2.02
N ARG C 662 55.86 -22.90 1.14
CA ARG C 662 56.83 -21.84 0.88
C ARG C 662 57.01 -20.93 2.09
N LYS C 663 55.90 -20.50 2.69
CA LYS C 663 55.98 -19.67 3.89
C LYS C 663 56.40 -20.50 5.09
N SER C 664 56.10 -21.78 5.08
CA SER C 664 56.29 -22.62 6.26
C SER C 664 57.76 -22.96 6.45
N PRO C 665 58.25 -22.91 7.70
CA PRO C 665 59.60 -23.43 7.97
C PRO C 665 59.60 -24.95 7.99
N VAL C 666 60.34 -25.55 7.05
CA VAL C 666 60.35 -26.99 6.87
C VAL C 666 61.79 -27.48 6.93
N ALA C 667 62.00 -28.59 7.63
CA ALA C 667 63.32 -29.16 7.77
C ALA C 667 63.84 -29.65 6.42
N LYS C 668 65.17 -29.69 6.30
CA LYS C 668 65.79 -30.08 5.04
C LYS C 668 65.56 -31.56 4.72
N ASP C 669 65.27 -32.37 5.74
CA ASP C 669 65.10 -33.80 5.52
C ASP C 669 63.82 -34.11 4.73
N VAL C 670 62.83 -33.21 4.81
CA VAL C 670 61.56 -33.45 4.14
C VAL C 670 61.77 -33.44 2.63
N ASP C 671 61.41 -34.53 1.98
CA ASP C 671 61.58 -34.71 0.54
C ASP C 671 60.22 -34.56 -0.13
N LEU C 672 59.98 -33.37 -0.71
CA LEU C 672 58.71 -33.14 -1.39
C LEU C 672 58.61 -33.96 -2.67
N GLU C 673 59.75 -34.34 -3.24
CA GLU C 673 59.74 -35.18 -4.44
C GLU C 673 59.23 -36.57 -4.11
N PHE C 674 59.53 -37.08 -2.91
CA PHE C 674 59.03 -38.38 -2.50
C PHE C 674 57.55 -38.32 -2.16
N LEU C 675 57.10 -37.20 -1.58
CA LEU C 675 55.68 -37.03 -1.30
C LEU C 675 54.87 -37.00 -2.57
N ALA C 676 55.37 -36.31 -3.61
CA ALA C 676 54.63 -36.21 -4.86
C ALA C 676 54.52 -37.57 -5.55
N LYS C 677 55.59 -38.34 -5.54
CA LYS C 677 55.57 -39.63 -6.24
C LYS C 677 54.64 -40.62 -5.55
N MET C 678 54.49 -40.51 -4.23
CA MET C 678 53.61 -41.42 -3.51
C MET C 678 52.14 -41.09 -3.77
N THR C 679 51.78 -39.81 -3.73
CA THR C 679 50.39 -39.38 -3.85
C THR C 679 50.00 -39.29 -5.34
N ASN C 680 49.72 -40.46 -5.92
CA ASN C 680 49.45 -40.52 -7.35
C ASN C 680 48.20 -39.73 -7.73
N GLY C 681 47.09 -40.00 -7.05
CA GLY C 681 45.83 -39.39 -7.38
C GLY C 681 45.37 -38.25 -6.49
N PHE C 682 46.27 -37.66 -5.72
CA PHE C 682 45.87 -36.60 -4.79
C PHE C 682 45.66 -35.28 -5.52
N SER C 683 44.59 -34.58 -5.17
CA SER C 683 44.32 -33.26 -5.70
C SER C 683 45.14 -32.21 -4.96
N GLY C 684 45.00 -30.95 -5.40
CA GLY C 684 45.66 -29.86 -4.72
C GLY C 684 45.16 -29.67 -3.31
N ALA C 685 43.87 -29.95 -3.08
CA ALA C 685 43.32 -29.83 -1.73
C ALA C 685 43.79 -30.98 -0.84
N ASP C 686 44.05 -32.14 -1.43
CA ASP C 686 44.57 -33.26 -0.66
C ASP C 686 46.00 -33.00 -0.20
N LEU C 687 46.83 -32.42 -1.08
CA LEU C 687 48.19 -32.09 -0.71
C LEU C 687 48.23 -30.99 0.35
N THR C 688 47.27 -30.07 0.30
CA THR C 688 47.18 -29.03 1.32
C THR C 688 46.82 -29.63 2.67
N GLU C 689 45.94 -30.64 2.68
CA GLU C 689 45.55 -31.26 3.94
C GLU C 689 46.72 -31.96 4.60
N ILE C 690 47.63 -32.54 3.80
CA ILE C 690 48.81 -33.18 4.36
C ILE C 690 49.69 -32.16 5.06
N CYS C 691 49.90 -31.00 4.43
CA CYS C 691 50.71 -29.96 5.04
C CYS C 691 50.03 -29.37 6.27
N GLN C 692 48.71 -29.16 6.19
CA GLN C 692 47.98 -28.60 7.33
C GLN C 692 47.94 -29.56 8.50
N ARG C 693 47.78 -30.86 8.22
CA ARG C 693 47.79 -31.86 9.28
C ARG C 693 49.18 -31.99 9.90
N ALA C 694 50.23 -31.73 9.11
CA ALA C 694 51.58 -31.76 9.66
C ALA C 694 51.79 -30.63 10.67
N CYS C 695 51.30 -29.43 10.35
CA CYS C 695 51.53 -28.28 11.22
C CYS C 695 50.86 -28.46 12.57
N LYS C 696 49.61 -28.94 12.59
CA LYS C 696 48.91 -29.10 13.85
C LYS C 696 49.58 -30.19 14.70
N LEU C 697 50.10 -31.23 14.06
CA LEU C 697 50.91 -32.20 14.78
C LEU C 697 52.16 -31.55 15.37
N ALA C 698 52.75 -30.60 14.64
CA ALA C 698 53.87 -29.84 15.19
C ALA C 698 53.40 -28.86 16.27
N ILE C 699 52.24 -28.23 16.05
CA ILE C 699 51.67 -27.33 17.06
C ILE C 699 51.33 -28.12 18.32
N ARG C 700 50.75 -29.32 18.16
CA ARG C 700 50.42 -30.15 19.30
C ARG C 700 51.67 -30.50 20.10
N GLU C 701 52.75 -30.86 19.41
CA GLU C 701 54.00 -31.16 20.10
C GLU C 701 54.58 -29.91 20.77
N SER C 702 54.51 -28.77 20.09
CA SER C 702 54.97 -27.52 20.69
C SER C 702 54.12 -27.13 21.89
N ILE C 703 52.80 -27.35 21.79
CA ILE C 703 51.92 -27.06 22.92
C ILE C 703 52.23 -27.97 24.09
N GLU C 704 52.48 -29.25 23.82
CA GLU C 704 52.83 -30.19 24.88
C GLU C 704 54.13 -29.78 25.56
N SER C 705 55.08 -29.23 24.79
CA SER C 705 56.36 -28.83 25.38
C SER C 705 56.20 -27.65 26.33
N GLU C 706 55.45 -26.62 25.92
CA GLU C 706 55.32 -25.43 26.76
C GLU C 706 54.55 -25.72 28.03
N ILE C 707 53.63 -26.69 27.98
CA ILE C 707 52.99 -27.16 29.21
C ILE C 707 53.99 -27.87 30.11
N ARG C 708 54.84 -28.71 29.51
CA ARG C 708 55.82 -29.44 30.30
C ARG C 708 56.86 -28.50 30.89
N ARG C 709 57.17 -27.41 30.20
CA ARG C 709 58.03 -26.38 30.78
C ARG C 709 57.38 -25.75 32.00
N GLU C 710 56.04 -25.63 31.99
CA GLU C 710 55.35 -25.06 33.14
C GLU C 710 55.30 -26.02 34.30
N ARG C 711 55.22 -27.33 34.01
CA ARG C 711 55.13 -28.33 35.08
C ARG C 711 56.39 -28.34 35.93
N GLU C 712 57.56 -28.29 35.28
CA GLU C 712 58.82 -28.32 36.02
C GLU C 712 59.01 -27.04 36.84
N ARG C 713 58.51 -25.91 36.33
CA ARG C 713 58.61 -24.67 37.08
C ARG C 713 57.73 -24.69 38.33
N GLN C 714 56.59 -25.37 38.26
CA GLN C 714 55.70 -25.50 39.41
C GLN C 714 56.17 -26.61 40.33
N PRO C 727 61.49 -25.31 20.94
CA PRO C 727 60.86 -26.63 21.06
C PRO C 727 60.66 -27.28 19.70
N VAL C 728 59.80 -26.69 18.88
CA VAL C 728 59.53 -27.18 17.53
C VAL C 728 59.76 -26.01 16.56
N PRO C 729 61.01 -25.67 16.25
CA PRO C 729 61.25 -24.53 15.36
C PRO C 729 60.70 -24.73 13.96
N GLU C 730 60.56 -25.98 13.52
CA GLU C 730 60.10 -26.28 12.17
C GLU C 730 59.40 -27.63 12.16
N ILE C 731 58.64 -27.85 11.08
CA ILE C 731 58.05 -29.17 10.86
C ILE C 731 59.14 -30.15 10.45
N ARG C 732 59.08 -31.35 11.02
CA ARG C 732 60.14 -32.32 10.88
C ARG C 732 59.70 -33.48 9.99
N ARG C 733 60.61 -34.44 9.82
CA ARG C 733 60.34 -35.60 8.99
C ARG C 733 59.25 -36.48 9.60
N ASP C 734 59.21 -36.58 10.93
CA ASP C 734 58.23 -37.45 11.57
C ASP C 734 56.82 -36.87 11.45
N HIS C 735 56.68 -35.55 11.46
CA HIS C 735 55.37 -34.94 11.39
C HIS C 735 54.67 -35.26 10.08
N PHE C 736 55.40 -35.20 8.97
CA PHE C 736 54.80 -35.53 7.68
C PHE C 736 54.43 -37.01 7.60
N GLU C 737 55.27 -37.88 8.18
CA GLU C 737 54.97 -39.30 8.19
C GLU C 737 53.70 -39.58 9.00
N GLU C 738 53.54 -38.92 10.14
CA GLU C 738 52.34 -39.10 10.95
C GLU C 738 51.12 -38.53 10.24
N ALA C 739 51.28 -37.42 9.52
CA ALA C 739 50.15 -36.83 8.82
C ALA C 739 49.76 -37.66 7.60
N MET C 740 50.71 -38.42 7.05
CA MET C 740 50.44 -39.13 5.79
C MET C 740 49.56 -40.36 6.02
N ARG C 741 49.60 -40.95 7.21
CA ARG C 741 48.74 -42.09 7.48
C ARG C 741 47.29 -41.66 7.62
N PHE C 742 47.05 -40.37 7.86
CA PHE C 742 45.69 -39.85 7.88
C PHE C 742 45.27 -39.33 6.50
N ALA C 743 46.18 -39.35 5.53
CA ALA C 743 45.86 -38.85 4.20
C ALA C 743 44.93 -39.80 3.48
N ARG C 744 44.19 -39.27 2.51
CA ARG C 744 43.26 -40.05 1.72
C ARG C 744 42.97 -39.32 0.42
N ARG C 745 42.45 -40.07 -0.55
CA ARG C 745 42.22 -39.54 -1.89
C ARG C 745 40.78 -39.03 -2.00
N SER C 746 40.63 -37.78 -2.43
CA SER C 746 39.30 -37.17 -2.47
C SER C 746 38.51 -37.59 -3.70
N VAL C 747 39.16 -37.59 -4.87
CA VAL C 747 38.49 -37.88 -6.13
C VAL C 747 38.71 -39.35 -6.45
N SER C 748 37.61 -40.12 -6.47
CA SER C 748 37.67 -41.52 -6.80
C SER C 748 37.94 -41.73 -8.28
N ASP C 749 38.38 -42.95 -8.63
CA ASP C 749 38.63 -43.27 -10.02
C ASP C 749 37.36 -43.20 -10.85
N ASN C 750 36.21 -43.58 -10.26
CA ASN C 750 34.94 -43.45 -10.96
C ASN C 750 34.62 -42.00 -11.23
N ASP C 751 34.89 -41.11 -10.27
CA ASP C 751 34.72 -39.69 -10.51
C ASP C 751 35.69 -39.18 -11.56
N ILE C 752 36.90 -39.75 -11.60
CA ILE C 752 37.93 -39.28 -12.53
C ILE C 752 37.47 -39.49 -13.98
N ARG C 753 36.88 -40.65 -14.26
CA ARG C 753 36.49 -40.97 -15.64
C ARG C 753 35.39 -40.04 -16.14
N LYS C 754 34.56 -39.53 -15.23
CA LYS C 754 33.49 -38.62 -15.64
C LYS C 754 34.05 -37.34 -16.25
N TYR C 755 35.12 -36.79 -15.66
CA TYR C 755 35.71 -35.58 -16.20
C TYR C 755 36.50 -35.86 -17.47
N GLU C 756 37.12 -37.04 -17.56
CA GLU C 756 37.85 -37.40 -18.76
C GLU C 756 36.91 -37.65 -19.93
N MET C 757 35.67 -38.05 -19.66
CA MET C 757 34.69 -38.22 -20.73
C MET C 757 34.39 -36.88 -21.40
N PHE C 758 34.19 -35.83 -20.61
CA PHE C 758 33.88 -34.52 -21.17
C PHE C 758 35.04 -33.98 -22.00
N ALA C 759 36.26 -34.09 -21.48
CA ALA C 759 37.43 -33.61 -22.23
C ALA C 759 37.61 -34.39 -23.52
N GLN C 760 37.17 -35.65 -23.53
CA GLN C 760 37.28 -36.45 -24.75
C GLN C 760 36.34 -35.93 -25.83
N THR C 761 35.16 -35.46 -25.44
CA THR C 761 34.17 -35.00 -26.42
C THR C 761 34.68 -33.79 -27.19
N LEU C 762 35.31 -32.84 -26.50
CA LEU C 762 35.87 -31.67 -27.18
C LEU C 762 36.96 -32.08 -28.17
N GLN C 763 37.83 -33.01 -27.76
CA GLN C 763 38.86 -33.47 -28.68
C GLN C 763 38.24 -34.22 -29.86
N GLN C 764 37.20 -35.02 -29.59
CA GLN C 764 36.52 -35.74 -30.66
C GLN C 764 35.74 -34.78 -31.56
N SER C 765 35.16 -33.73 -30.97
CA SER C 765 34.35 -32.80 -31.75
C SER C 765 35.18 -32.06 -32.78
N ARG C 766 36.41 -31.68 -32.42
CA ARG C 766 37.28 -30.94 -33.34
C ARG C 766 37.59 -31.76 -34.59
N GLY C 767 37.59 -33.08 -34.46
CA GLY C 767 37.94 -33.94 -35.57
C GLY C 767 39.37 -34.46 -35.47
N PHE C 768 39.98 -34.63 -36.63
CA PHE C 768 41.38 -35.05 -36.67
C PHE C 768 42.29 -33.92 -36.19
N GLY C 769 43.37 -34.29 -35.52
CA GLY C 769 44.33 -33.32 -35.04
C GLY C 769 45.39 -33.00 -36.07
N SER C 770 46.40 -32.24 -35.62
CA SER C 770 47.54 -31.86 -36.44
C SER C 770 47.10 -31.15 -37.71
N PHE C 771 46.48 -29.98 -37.55
CA PHE C 771 46.04 -29.20 -38.69
C PHE C 771 47.23 -28.55 -39.38
N ARG C 772 47.41 -28.86 -40.66
CA ARG C 772 48.49 -28.30 -41.46
C ARG C 772 47.93 -27.86 -42.81
N PHE C 773 48.35 -26.67 -43.26
CA PHE C 773 47.95 -26.22 -44.57
C PHE C 773 48.70 -27.01 -45.64
N PRO C 774 48.03 -27.33 -46.76
CA PRO C 774 48.72 -27.96 -47.88
C PRO C 774 49.98 -27.21 -48.28
N SER C 775 51.07 -27.96 -48.46
CA SER C 775 52.37 -27.42 -48.84
C SER C 775 52.78 -26.22 -47.99
N LEU D 12 -16.09 15.57 -48.14
CA LEU D 12 -16.95 16.53 -47.44
C LEU D 12 -16.33 16.93 -46.10
N SER D 13 -15.47 16.05 -45.57
CA SER D 13 -14.86 16.31 -44.27
C SER D 13 -13.98 17.55 -44.31
N THR D 14 -13.19 17.71 -45.37
CA THR D 14 -12.26 18.82 -45.51
C THR D 14 -12.81 19.92 -46.41
N ALA D 15 -14.13 19.94 -46.64
CA ALA D 15 -14.71 20.96 -47.50
C ALA D 15 -14.54 22.35 -46.91
N ILE D 16 -14.60 22.47 -45.58
CA ILE D 16 -14.44 23.77 -44.93
C ILE D 16 -13.04 24.33 -45.17
N LEU D 17 -12.07 23.45 -45.41
CA LEU D 17 -10.71 23.92 -45.66
C LEU D 17 -10.53 24.40 -47.10
N LYS D 18 -11.27 23.80 -48.04
CA LYS D 18 -11.01 24.03 -49.45
C LYS D 18 -11.18 25.50 -49.81
N GLN D 19 -10.20 26.03 -50.54
CA GLN D 19 -10.19 27.43 -50.93
C GLN D 19 -11.15 27.68 -52.09
N LYS D 20 -11.51 28.95 -52.28
CA LYS D 20 -12.41 29.35 -53.35
C LYS D 20 -11.78 30.51 -54.12
N ASN D 21 -11.91 30.44 -55.44
CA ASN D 21 -11.46 31.50 -56.34
C ASN D 21 -12.57 32.53 -56.47
N ARG D 22 -12.25 33.77 -56.12
CA ARG D 22 -13.23 34.85 -56.07
C ARG D 22 -12.60 36.10 -56.65
N PRO D 23 -13.42 37.08 -57.07
CA PRO D 23 -12.84 38.36 -57.54
C PRO D 23 -11.97 39.04 -56.49
N ASN D 24 -12.32 38.92 -55.21
CA ASN D 24 -11.48 39.47 -54.16
C ASN D 24 -10.22 38.65 -53.96
N ARG D 25 -10.33 37.32 -54.07
CA ARG D 25 -9.21 36.44 -53.77
C ARG D 25 -8.12 36.54 -54.84
N LEU D 26 -6.99 37.13 -54.47
CA LEU D 26 -5.83 37.22 -55.35
C LEU D 26 -4.57 36.86 -54.57
N ILE D 27 -3.46 36.72 -55.29
CA ILE D 27 -2.21 36.20 -54.75
C ILE D 27 -1.25 37.35 -54.47
N VAL D 28 -0.54 37.27 -53.35
CA VAL D 28 0.44 38.29 -52.99
C VAL D 28 1.62 38.25 -53.96
N ASP D 29 2.07 39.43 -54.38
CA ASP D 29 3.28 39.57 -55.18
C ASP D 29 4.00 40.84 -54.75
N GLU D 30 5.30 40.88 -54.99
CA GLU D 30 6.13 42.01 -54.56
C GLU D 30 5.78 43.26 -55.34
N ALA D 31 6.08 44.41 -54.74
CA ALA D 31 5.86 45.72 -55.36
C ALA D 31 7.21 46.31 -55.76
N ILE D 32 7.33 46.69 -57.03
CA ILE D 32 8.59 47.24 -57.52
C ILE D 32 8.86 48.61 -56.92
N ASN D 33 7.86 49.48 -56.92
CA ASN D 33 8.03 50.85 -56.47
C ASN D 33 6.94 51.35 -55.54
N GLU D 34 5.91 50.55 -55.29
CA GLU D 34 4.82 50.99 -54.41
C GLU D 34 5.35 51.17 -52.99
N ASP D 35 4.89 52.24 -52.34
CA ASP D 35 5.34 52.51 -50.98
C ASP D 35 4.38 51.88 -49.97
N ASN D 36 4.55 52.25 -48.70
CA ASN D 36 3.92 51.50 -47.61
C ASN D 36 2.41 51.67 -47.61
N SER D 37 1.91 52.82 -48.04
CA SER D 37 0.49 53.14 -47.89
C SER D 37 -0.32 52.91 -49.16
N VAL D 38 0.27 52.36 -50.23
CA VAL D 38 -0.47 52.11 -51.46
C VAL D 38 -0.21 50.68 -51.92
N VAL D 39 -1.14 50.16 -52.71
CA VAL D 39 -1.00 48.85 -53.35
C VAL D 39 -1.29 49.01 -54.83
N SER D 40 -0.81 48.04 -55.61
CA SER D 40 -0.92 48.07 -57.06
C SER D 40 -1.78 46.90 -57.54
N LEU D 41 -2.68 47.18 -58.47
CA LEU D 41 -3.58 46.19 -59.03
C LEU D 41 -3.68 46.37 -60.54
N SER D 42 -3.91 45.27 -61.25
CA SER D 42 -4.08 45.34 -62.68
C SER D 42 -5.40 46.01 -63.04
N GLN D 43 -5.41 46.69 -64.19
CA GLN D 43 -6.61 47.41 -64.62
C GLN D 43 -7.81 46.50 -64.85
N PRO D 44 -7.71 45.36 -65.54
CA PRO D 44 -8.90 44.51 -65.70
C PRO D 44 -9.48 44.04 -64.38
N LYS D 45 -8.62 43.69 -63.41
CA LYS D 45 -9.13 43.27 -62.10
C LYS D 45 -9.85 44.40 -61.40
N MET D 46 -9.33 45.62 -61.50
CA MET D 46 -10.01 46.78 -60.93
C MET D 46 -11.35 47.01 -61.61
N ASP D 47 -11.41 46.86 -62.93
CA ASP D 47 -12.66 47.04 -63.66
C ASP D 47 -13.69 45.99 -63.24
N GLU D 48 -13.24 44.75 -63.02
CA GLU D 48 -14.15 43.72 -62.52
C GLU D 48 -14.67 44.08 -61.13
N LEU D 49 -13.80 44.63 -60.28
CA LEU D 49 -14.20 45.07 -58.95
C LEU D 49 -14.87 46.44 -58.97
N GLN D 50 -14.79 47.17 -60.08
CA GLN D 50 -15.36 48.51 -60.20
C GLN D 50 -14.81 49.45 -59.12
N LEU D 51 -13.48 49.58 -59.07
CA LEU D 51 -12.80 50.45 -58.13
C LEU D 51 -12.07 51.54 -58.89
N PHE D 52 -12.25 52.79 -58.48
CA PHE D 52 -11.52 53.90 -59.09
C PHE D 52 -10.12 54.00 -58.49
N ARG D 53 -9.19 54.49 -59.32
CA ARG D 53 -7.81 54.63 -58.88
C ARG D 53 -7.70 55.64 -57.74
N GLY D 54 -6.96 55.28 -56.71
CA GLY D 54 -6.80 56.12 -55.54
C GLY D 54 -7.85 55.93 -54.47
N ASP D 55 -8.85 55.08 -54.70
CA ASP D 55 -9.89 54.84 -53.70
C ASP D 55 -9.33 54.08 -52.51
N THR D 56 -9.95 54.26 -51.35
CA THR D 56 -9.54 53.57 -50.14
C THR D 56 -10.07 52.14 -50.15
N VAL D 57 -9.20 51.18 -49.84
CA VAL D 57 -9.58 49.78 -49.81
C VAL D 57 -9.11 49.16 -48.50
N LEU D 58 -9.80 48.10 -48.09
CA LEU D 58 -9.49 47.37 -46.87
C LEU D 58 -9.03 45.96 -47.24
N LEU D 59 -7.87 45.57 -46.74
CA LEU D 59 -7.24 44.30 -47.10
C LEU D 59 -7.31 43.36 -45.91
N LYS D 60 -7.91 42.19 -46.11
CA LYS D 60 -8.00 41.19 -45.05
C LYS D 60 -6.72 40.36 -45.01
N GLY D 61 -6.28 40.04 -43.80
CA GLY D 61 -5.07 39.25 -43.62
C GLY D 61 -5.30 38.11 -42.66
N LYS D 62 -4.26 37.31 -42.48
CA LYS D 62 -4.34 36.15 -41.60
C LYS D 62 -4.26 36.56 -40.14
N LYS D 63 -4.71 35.66 -39.27
CA LYS D 63 -4.70 35.86 -37.82
C LYS D 63 -5.50 37.10 -37.43
N ARG D 64 -6.57 37.37 -38.18
CA ARG D 64 -7.44 38.53 -37.93
C ARG D 64 -6.65 39.83 -37.95
N ARG D 65 -6.06 40.16 -39.11
CA ARG D 65 -5.34 41.41 -39.30
C ARG D 65 -5.85 42.10 -40.55
N GLU D 66 -5.85 43.42 -40.53
CA GLU D 66 -6.39 44.23 -41.62
C GLU D 66 -5.44 45.37 -41.92
N ALA D 67 -5.47 45.84 -43.16
CA ALA D 67 -4.67 46.98 -43.58
C ALA D 67 -5.45 47.79 -44.61
N VAL D 68 -5.26 49.10 -44.58
CA VAL D 68 -5.89 50.03 -45.52
C VAL D 68 -4.80 50.62 -46.39
N CYS D 69 -5.06 50.68 -47.70
CA CYS D 69 -4.07 51.15 -48.67
C CYS D 69 -4.79 51.89 -49.79
N ILE D 70 -4.00 52.55 -50.63
CA ILE D 70 -4.52 53.28 -51.77
C ILE D 70 -4.24 52.44 -53.02
N VAL D 71 -5.31 52.06 -53.73
CA VAL D 71 -5.15 51.17 -54.88
C VAL D 71 -4.58 51.94 -56.06
N LEU D 72 -3.70 51.29 -56.81
CA LEU D 72 -3.08 51.87 -57.98
C LEU D 72 -3.14 50.87 -59.13
N SER D 73 -3.19 51.42 -60.35
CA SER D 73 -3.26 50.61 -61.56
C SER D 73 -1.88 50.58 -62.22
N ASP D 74 -1.32 49.38 -62.38
CA ASP D 74 -0.03 49.19 -63.02
C ASP D 74 -0.15 48.09 -64.06
N ASP D 75 0.50 48.27 -65.21
CA ASP D 75 0.42 47.28 -66.27
C ASP D 75 1.21 46.02 -65.93
N THR D 76 2.37 46.19 -65.29
CA THR D 76 3.24 45.04 -65.02
C THR D 76 2.61 44.09 -64.01
N CYS D 77 1.69 44.60 -63.18
CA CYS D 77 1.05 43.77 -62.17
C CYS D 77 0.22 42.67 -62.82
N SER D 78 0.30 41.47 -62.25
CA SER D 78 -0.52 40.35 -62.73
C SER D 78 -1.99 40.60 -62.42
N ASP D 79 -2.85 40.06 -63.28
CA ASP D 79 -4.28 40.25 -63.11
C ASP D 79 -4.79 39.62 -61.82
N GLU D 80 -4.29 38.44 -61.48
CA GLU D 80 -4.70 37.73 -60.28
C GLU D 80 -3.81 38.01 -59.07
N LYS D 81 -3.09 39.14 -59.07
CA LYS D 81 -2.14 39.43 -58.01
C LYS D 81 -2.24 40.88 -57.57
N ILE D 82 -1.76 41.14 -56.36
CA ILE D 82 -1.55 42.49 -55.85
C ILE D 82 -0.05 42.70 -55.71
N ARG D 83 0.44 43.84 -56.21
CA ARG D 83 1.83 44.21 -56.00
C ARG D 83 1.92 45.00 -54.69
N MET D 84 2.47 44.36 -53.66
CA MET D 84 2.56 44.94 -52.33
C MET D 84 3.97 44.74 -51.80
N ASN D 85 4.47 45.75 -51.11
CA ASN D 85 5.84 45.70 -50.63
C ASN D 85 5.93 44.89 -49.33
N ARG D 86 7.12 44.90 -48.73
CA ARG D 86 7.35 44.11 -47.53
C ARG D 86 6.58 44.67 -46.33
N VAL D 87 6.38 45.99 -46.30
CA VAL D 87 5.75 46.61 -45.15
C VAL D 87 4.29 46.16 -45.01
N VAL D 88 3.54 46.20 -46.10
CA VAL D 88 2.13 45.80 -46.04
C VAL D 88 2.02 44.31 -45.77
N ARG D 89 2.96 43.52 -46.31
CA ARG D 89 2.98 42.09 -46.02
C ARG D 89 3.18 41.84 -44.54
N ASN D 90 4.13 42.55 -43.91
CA ASN D 90 4.33 42.43 -42.48
C ASN D 90 3.12 42.94 -41.71
N ASN D 91 2.38 43.87 -42.30
CA ASN D 91 1.13 44.32 -41.66
C ASN D 91 0.09 43.22 -41.66
N LEU D 92 -0.03 42.48 -42.76
CA LEU D 92 -1.03 41.42 -42.90
C LEU D 92 -0.52 40.06 -42.43
N ARG D 93 0.75 39.95 -42.03
CA ARG D 93 1.35 38.68 -41.63
C ARG D 93 1.21 37.63 -42.73
N VAL D 94 1.42 38.06 -43.97
CA VAL D 94 1.36 37.17 -45.13
C VAL D 94 2.74 37.09 -45.76
N ARG D 95 2.86 36.22 -46.75
CA ARG D 95 4.09 36.04 -47.51
C ARG D 95 3.76 36.04 -49.00
N LEU D 96 4.80 35.91 -49.82
CA LEU D 96 4.60 35.80 -51.25
C LEU D 96 3.87 34.51 -51.58
N GLY D 97 2.97 34.58 -52.56
CA GLY D 97 2.14 33.46 -52.92
C GLY D 97 0.90 33.27 -52.07
N ASP D 98 0.65 34.14 -51.11
CA ASP D 98 -0.49 33.99 -50.22
C ASP D 98 -1.73 34.69 -50.79
N VAL D 99 -2.89 34.23 -50.35
CA VAL D 99 -4.18 34.73 -50.84
C VAL D 99 -4.74 35.73 -49.84
N ILE D 100 -5.10 36.91 -50.34
CA ILE D 100 -5.74 37.95 -49.54
C ILE D 100 -6.98 38.43 -50.29
N SER D 101 -7.91 39.03 -49.55
CA SER D 101 -9.15 39.53 -50.10
C SER D 101 -9.20 41.05 -49.95
N ILE D 102 -9.62 41.74 -51.01
CA ILE D 102 -9.65 43.20 -51.05
C ILE D 102 -11.10 43.66 -51.08
N GLN D 103 -11.43 44.63 -50.24
CA GLN D 103 -12.76 45.20 -50.15
C GLN D 103 -12.67 46.70 -49.97
N PRO D 104 -13.43 47.47 -50.73
CA PRO D 104 -13.36 48.94 -50.61
C PRO D 104 -13.77 49.40 -49.21
N CYS D 105 -13.10 50.43 -48.72
CA CYS D 105 -13.38 50.98 -47.40
C CYS D 105 -14.59 51.90 -47.47
N PRO D 106 -15.67 51.62 -46.76
CA PRO D 106 -16.86 52.48 -46.83
C PRO D 106 -16.83 53.60 -45.79
N ASP D 107 -17.07 54.82 -46.28
CA ASP D 107 -17.24 56.00 -45.43
C ASP D 107 -16.00 56.26 -44.57
N VAL D 108 -14.82 56.22 -45.19
CA VAL D 108 -13.60 56.58 -44.49
C VAL D 108 -13.52 58.10 -44.36
N LYS D 109 -13.01 58.56 -43.21
CA LYS D 109 -12.93 59.98 -42.93
C LYS D 109 -11.52 60.34 -42.47
N TYR D 110 -11.17 61.62 -42.65
CA TYR D 110 -9.87 62.10 -42.21
C TYR D 110 -9.74 61.99 -40.70
N GLY D 111 -8.58 61.53 -40.24
CA GLY D 111 -8.36 61.35 -38.81
C GLY D 111 -8.20 62.67 -38.10
N LYS D 112 -8.92 62.84 -37.00
CA LYS D 112 -8.78 64.06 -36.20
C LYS D 112 -7.44 64.10 -35.47
N ARG D 113 -7.06 62.98 -34.86
CA ARG D 113 -5.75 62.87 -34.22
C ARG D 113 -5.33 61.42 -34.24
N ILE D 114 -4.04 61.20 -34.53
CA ILE D 114 -3.46 59.86 -34.58
C ILE D 114 -2.24 59.81 -33.67
N HIS D 115 -2.15 58.76 -32.86
CA HIS D 115 -1.05 58.56 -31.94
C HIS D 115 -0.21 57.39 -32.44
N VAL D 116 1.10 57.60 -32.53
CA VAL D 116 2.03 56.63 -33.11
C VAL D 116 3.18 56.42 -32.15
N LEU D 117 3.66 55.17 -32.06
CA LEU D 117 4.78 54.82 -31.20
C LEU D 117 5.84 54.09 -32.02
N PRO D 118 7.03 54.65 -32.19
CA PRO D 118 8.07 53.97 -32.98
C PRO D 118 8.72 52.83 -32.19
N ILE D 119 9.49 52.02 -32.92
CA ILE D 119 10.15 50.87 -32.32
C ILE D 119 11.43 51.33 -31.62
N ASP D 120 11.76 50.68 -30.51
CA ASP D 120 12.87 51.14 -29.67
C ASP D 120 14.22 50.92 -30.34
N ASP D 121 14.36 49.84 -31.11
CA ASP D 121 15.66 49.57 -31.73
C ASP D 121 15.94 50.55 -32.87
N THR D 122 14.89 51.21 -33.37
CA THR D 122 15.07 52.16 -34.47
C THR D 122 15.32 53.57 -33.95
N VAL D 123 14.76 53.92 -32.79
CA VAL D 123 14.84 55.30 -32.31
C VAL D 123 16.25 55.63 -31.86
N GLU D 124 17.03 54.61 -31.52
CA GLU D 124 18.40 54.86 -31.07
C GLU D 124 19.27 55.28 -32.25
N GLY D 125 20.28 56.10 -31.97
CA GLY D 125 21.12 56.64 -33.01
C GLY D 125 20.55 57.85 -33.74
N ILE D 126 19.35 58.29 -33.38
CA ILE D 126 18.70 59.43 -34.00
C ILE D 126 18.59 60.52 -32.94
N THR D 127 19.49 61.50 -33.01
CA THR D 127 19.44 62.60 -32.04
C THR D 127 18.32 63.58 -32.37
N GLY D 128 18.05 63.79 -33.65
CA GLY D 128 17.03 64.75 -34.03
C GLY D 128 15.63 64.24 -33.72
N ASN D 129 14.68 65.17 -33.71
CA ASN D 129 13.30 64.82 -33.41
C ASN D 129 12.75 63.90 -34.49
N LEU D 130 12.11 62.82 -34.05
CA LEU D 130 11.56 61.85 -35.00
C LEU D 130 10.44 62.44 -35.83
N PHE D 131 9.54 63.19 -35.19
CA PHE D 131 8.34 63.66 -35.89
C PHE D 131 8.72 64.57 -37.06
N GLU D 132 9.48 65.63 -36.79
CA GLU D 132 9.81 66.60 -37.83
C GLU D 132 10.61 65.95 -38.97
N VAL D 133 11.58 65.11 -38.62
CA VAL D 133 12.46 64.53 -39.63
C VAL D 133 11.71 63.53 -40.50
N TYR D 134 10.85 62.69 -39.90
CA TYR D 134 10.27 61.58 -40.65
C TYR D 134 8.78 61.72 -40.89
N LEU D 135 7.98 61.92 -39.84
CA LEU D 135 6.52 61.84 -39.99
C LEU D 135 6.00 63.03 -40.79
N LYS D 136 6.56 64.22 -40.57
CA LYS D 136 6.08 65.41 -41.27
C LYS D 136 6.25 65.32 -42.78
N PRO D 137 7.42 64.95 -43.32
CA PRO D 137 7.49 64.80 -44.79
C PRO D 137 6.77 63.57 -45.29
N TYR D 138 6.77 62.48 -44.51
CA TYR D 138 6.08 61.27 -44.94
C TYR D 138 4.57 61.50 -45.06
N PHE D 139 4.01 62.33 -44.17
CA PHE D 139 2.58 62.57 -44.14
C PHE D 139 2.21 63.99 -44.56
N LEU D 140 2.97 64.59 -45.46
CA LEU D 140 2.66 65.93 -45.98
C LEU D 140 1.98 65.78 -47.33
N GLU D 141 0.74 66.27 -47.42
CA GLU D 141 -0.03 66.31 -48.67
C GLU D 141 -0.17 64.91 -49.30
N ALA D 142 -0.18 63.88 -48.47
CA ALA D 142 -0.23 62.50 -48.96
C ALA D 142 -1.58 61.84 -48.76
N TYR D 143 -2.30 62.19 -47.70
CA TYR D 143 -3.60 61.57 -47.39
C TYR D 143 -3.48 60.05 -47.29
N ARG D 144 -2.43 59.60 -46.61
CA ARG D 144 -2.15 58.17 -46.48
C ARG D 144 -3.11 57.54 -45.46
N PRO D 145 -3.78 56.45 -45.81
CA PRO D 145 -4.66 55.79 -44.84
C PRO D 145 -3.86 54.90 -43.89
N ILE D 146 -4.29 54.86 -42.62
CA ILE D 146 -3.67 54.02 -41.62
C ILE D 146 -4.74 53.29 -40.83
N ARG D 147 -4.33 52.20 -40.18
CA ARG D 147 -5.20 51.43 -39.32
C ARG D 147 -4.50 51.18 -37.98
N LYS D 148 -5.31 50.90 -36.97
CA LYS D 148 -4.79 50.63 -35.63
C LYS D 148 -3.82 49.44 -35.66
N GLY D 149 -2.68 49.60 -34.99
CA GLY D 149 -1.70 48.55 -34.88
C GLY D 149 -0.81 48.34 -36.09
N ASP D 150 -0.92 49.20 -37.11
CA ASP D 150 -0.10 49.03 -38.30
C ASP D 150 1.30 49.59 -38.09
N ILE D 151 2.28 48.97 -38.75
CA ILE D 151 3.67 49.39 -38.69
C ILE D 151 4.14 49.71 -40.10
N PHE D 152 4.80 50.86 -40.26
CA PHE D 152 5.28 51.31 -41.55
C PHE D 152 6.68 51.90 -41.42
N LEU D 153 7.40 51.95 -42.53
CA LEU D 153 8.78 52.37 -42.57
C LEU D 153 8.90 53.69 -43.31
N VAL D 154 9.68 54.61 -42.75
CA VAL D 154 9.98 55.90 -43.37
C VAL D 154 11.49 56.01 -43.52
N ARG D 155 11.95 56.19 -44.77
CA ARG D 155 13.37 56.32 -45.04
C ARG D 155 13.87 57.70 -44.64
N GLY D 156 15.07 57.76 -44.09
CA GLY D 156 15.68 59.03 -43.75
C GLY D 156 16.57 58.91 -42.53
N GLY D 157 17.33 59.96 -42.29
CA GLY D 157 18.19 60.05 -41.12
C GLY D 157 19.37 59.10 -41.19
N MET D 158 20.06 58.99 -40.05
CA MET D 158 21.17 58.05 -39.94
C MET D 158 20.68 56.61 -40.00
N ARG D 159 19.57 56.32 -39.33
CA ARG D 159 18.95 55.00 -39.35
C ARG D 159 17.47 55.14 -39.66
N ALA D 160 16.96 54.24 -40.49
CA ALA D 160 15.53 54.24 -40.79
C ALA D 160 14.72 53.93 -39.54
N VAL D 161 13.61 54.63 -39.38
CA VAL D 161 12.77 54.54 -38.19
C VAL D 161 11.43 53.95 -38.57
N GLU D 162 11.01 52.92 -37.85
CA GLU D 162 9.73 52.26 -38.07
C GLU D 162 8.72 52.79 -37.05
N PHE D 163 7.54 53.15 -37.53
CA PHE D 163 6.47 53.71 -36.71
C PHE D 163 5.31 52.74 -36.64
N LYS D 164 4.74 52.57 -35.44
CA LYS D 164 3.57 51.75 -35.23
C LYS D 164 2.44 52.59 -34.66
N VAL D 165 1.26 52.52 -35.31
CA VAL D 165 0.12 53.33 -34.92
C VAL D 165 -0.67 52.64 -33.83
N VAL D 166 -0.46 53.05 -32.58
CA VAL D 166 -1.14 52.41 -31.45
C VAL D 166 -2.62 52.80 -31.42
N GLU D 167 -2.93 54.07 -31.69
CA GLU D 167 -4.28 54.60 -31.52
C GLU D 167 -4.69 55.38 -32.76
N THR D 168 -5.95 55.20 -33.17
CA THR D 168 -6.51 55.91 -34.31
C THR D 168 -7.80 56.61 -33.89
N ASP D 169 -7.99 57.84 -34.35
CA ASP D 169 -9.22 58.59 -34.11
C ASP D 169 -9.65 59.26 -35.41
N PRO D 170 -10.79 58.88 -36.00
CA PRO D 170 -11.68 57.82 -35.51
C PRO D 170 -11.16 56.41 -35.78
N SER D 171 -11.34 55.52 -34.81
CA SER D 171 -10.88 54.15 -34.95
C SER D 171 -11.85 53.35 -35.83
N PRO D 172 -11.34 52.40 -36.63
CA PRO D 172 -9.90 52.14 -36.82
C PRO D 172 -9.36 52.69 -38.15
N TYR D 173 -10.26 53.06 -39.07
CA TYR D 173 -9.87 53.58 -40.37
C TYR D 173 -9.85 55.10 -40.30
N CYS D 174 -8.75 55.69 -40.75
CA CYS D 174 -8.61 57.14 -40.79
C CYS D 174 -7.57 57.50 -41.84
N ILE D 175 -7.61 58.76 -42.28
CA ILE D 175 -6.71 59.28 -43.30
C ILE D 175 -5.82 60.33 -42.64
N VAL D 176 -4.51 60.21 -42.84
CA VAL D 176 -3.55 61.13 -42.25
C VAL D 176 -3.46 62.35 -43.15
N ALA D 177 -4.33 63.32 -42.89
CA ALA D 177 -4.30 64.60 -43.61
C ALA D 177 -3.27 65.51 -42.96
N PRO D 178 -2.80 66.53 -43.71
CA PRO D 178 -1.79 67.44 -43.13
C PRO D 178 -2.27 68.17 -41.89
N ASP D 179 -3.58 68.33 -41.71
CA ASP D 179 -4.09 69.05 -40.54
C ASP D 179 -4.00 68.18 -39.29
N THR D 180 -4.00 66.86 -39.45
CA THR D 180 -4.01 65.96 -38.32
C THR D 180 -2.73 66.12 -37.49
N VAL D 181 -2.90 66.17 -36.18
CA VAL D 181 -1.77 66.34 -35.26
C VAL D 181 -1.10 64.99 -35.04
N ILE D 182 0.18 64.91 -35.38
CA ILE D 182 0.96 63.68 -35.25
C ILE D 182 2.00 63.89 -34.17
N HIS D 183 1.95 63.06 -33.13
CA HIS D 183 2.89 63.14 -32.02
C HIS D 183 3.55 61.79 -31.81
N CYS D 184 4.87 61.80 -31.69
CA CYS D 184 5.65 60.59 -31.45
C CYS D 184 6.00 60.40 -29.98
N GLU D 185 5.43 61.20 -29.09
CA GLU D 185 5.72 61.07 -27.66
C GLU D 185 5.17 59.76 -27.12
N GLY D 186 5.90 59.14 -26.21
CA GLY D 186 5.44 57.94 -25.56
C GLY D 186 6.54 56.91 -25.46
N GLU D 187 6.18 55.76 -24.92
CA GLU D 187 7.13 54.65 -24.79
C GLU D 187 7.41 54.02 -26.14
N PRO D 188 8.66 53.89 -26.55
CA PRO D 188 8.97 53.18 -27.80
C PRO D 188 8.52 51.72 -27.73
N ILE D 189 8.02 51.22 -28.86
CA ILE D 189 7.55 49.84 -28.93
C ILE D 189 8.74 48.89 -28.94
N LYS D 190 8.67 47.85 -28.11
CA LYS D 190 9.75 46.89 -28.01
C LYS D 190 9.90 46.10 -29.31
N ARG D 191 11.15 45.84 -29.70
CA ARG D 191 11.41 45.00 -30.86
C ARG D 191 10.96 43.56 -30.60
N GLU D 192 11.16 43.08 -29.38
CA GLU D 192 10.74 41.72 -29.03
C GLU D 192 9.24 41.55 -29.17
N ASP D 193 8.47 42.56 -28.76
CA ASP D 193 7.01 42.48 -28.88
C ASP D 193 6.59 42.35 -30.34
N GLU D 194 7.17 43.18 -31.22
CA GLU D 194 6.83 43.10 -32.64
C GLU D 194 7.25 41.76 -33.24
N GLU D 195 8.44 41.26 -32.86
CA GLU D 195 8.89 39.97 -33.37
C GLU D 195 7.97 38.84 -32.93
N GLU D 196 7.57 38.85 -31.66
CA GLU D 196 6.65 37.82 -31.16
C GLU D 196 5.29 37.93 -31.83
N SER D 197 4.79 39.15 -32.03
CA SER D 197 3.49 39.31 -32.68
C SER D 197 3.53 38.82 -34.12
N LEU D 198 4.63 39.09 -34.84
CA LEU D 198 4.77 38.54 -36.19
C LEU D 198 4.85 37.02 -36.16
N ASN D 199 5.62 36.47 -35.22
CA ASN D 199 5.80 35.02 -35.12
C ASN D 199 4.73 34.42 -34.21
N GLU D 200 3.49 34.54 -34.66
CA GLU D 200 2.34 33.95 -33.98
C GLU D 200 1.89 32.70 -34.73
N VAL D 201 1.38 31.73 -33.97
CA VAL D 201 0.91 30.49 -34.57
C VAL D 201 -0.47 30.68 -35.16
N GLY D 202 -0.64 30.23 -36.41
CA GLY D 202 -1.93 30.26 -37.06
C GLY D 202 -2.33 28.87 -37.51
N TYR D 203 -3.47 28.80 -38.21
CA TYR D 203 -3.93 27.52 -38.72
C TYR D 203 -3.01 26.99 -39.81
N ASP D 204 -2.25 27.86 -40.47
CA ASP D 204 -1.32 27.41 -41.49
C ASP D 204 -0.02 26.88 -40.90
N ASP D 205 0.16 27.02 -39.58
CA ASP D 205 1.32 26.46 -38.90
C ASP D 205 1.06 25.05 -38.38
N ILE D 206 -0.06 24.43 -38.78
CA ILE D 206 -0.39 23.07 -38.39
C ILE D 206 -0.45 22.22 -39.66
N GLY D 207 0.34 21.16 -39.70
CA GLY D 207 0.35 20.27 -40.84
C GLY D 207 0.16 18.83 -40.42
N GLY D 208 -0.37 18.03 -41.34
CA GLY D 208 -0.64 16.64 -41.07
C GLY D 208 -1.93 16.39 -40.30
N CYS D 209 -2.68 17.43 -39.96
CA CYS D 209 -3.94 17.31 -39.25
C CYS D 209 -5.07 17.96 -40.02
N ARG D 210 -5.13 17.72 -41.34
CA ARG D 210 -6.10 18.41 -42.18
C ARG D 210 -7.54 18.09 -41.76
N LYS D 211 -7.87 16.81 -41.61
CA LYS D 211 -9.22 16.45 -41.20
C LYS D 211 -9.53 16.96 -39.79
N GLN D 212 -8.56 16.86 -38.88
CA GLN D 212 -8.76 17.35 -37.53
C GLN D 212 -8.92 18.86 -37.51
N LEU D 213 -8.13 19.57 -38.32
CA LEU D 213 -8.28 21.02 -38.42
C LEU D 213 -9.65 21.39 -38.99
N ALA D 214 -10.11 20.64 -39.98
CA ALA D 214 -11.44 20.88 -40.54
C ALA D 214 -12.52 20.71 -39.50
N GLN D 215 -12.43 19.64 -38.70
CA GLN D 215 -13.40 19.45 -37.62
C GLN D 215 -13.37 20.61 -36.64
N ILE D 216 -12.18 20.96 -36.15
CA ILE D 216 -12.06 22.02 -35.15
C ILE D 216 -12.58 23.34 -35.70
N LYS D 217 -12.32 23.60 -36.99
CA LYS D 217 -12.87 24.80 -37.61
C LYS D 217 -14.39 24.74 -37.69
N GLU D 218 -14.94 23.55 -37.93
CA GLU D 218 -16.39 23.41 -37.96
C GLU D 218 -17.00 23.73 -36.61
N MET D 219 -16.36 23.32 -35.52
CA MET D 219 -16.92 23.65 -34.21
C MET D 219 -16.55 25.06 -33.76
N VAL D 220 -15.36 25.54 -34.11
CA VAL D 220 -14.82 26.79 -33.54
C VAL D 220 -15.13 27.99 -34.43
N GLU D 221 -14.89 27.86 -35.74
CA GLU D 221 -14.97 29.04 -36.60
C GLU D 221 -16.32 29.15 -37.29
N LEU D 222 -16.90 28.03 -37.70
CA LEU D 222 -18.17 28.09 -38.42
C LEU D 222 -19.31 28.68 -37.62
N PRO D 223 -19.57 28.28 -36.37
CA PRO D 223 -20.67 28.93 -35.62
C PRO D 223 -20.45 30.42 -35.41
N LEU D 224 -19.20 30.86 -35.27
CA LEU D 224 -18.93 32.28 -35.04
C LEU D 224 -19.12 33.07 -36.34
N ARG D 225 -18.64 32.53 -37.45
CA ARG D 225 -18.68 33.29 -38.71
C ARG D 225 -20.09 33.39 -39.26
N HIS D 226 -20.84 32.28 -39.22
CA HIS D 226 -22.18 32.21 -39.80
C HIS D 226 -23.15 31.64 -38.77
N PRO D 227 -23.48 32.40 -37.72
CA PRO D 227 -24.45 31.89 -36.73
C PRO D 227 -25.84 31.70 -37.32
N ALA D 228 -26.17 32.41 -38.39
CA ALA D 228 -27.49 32.28 -38.99
C ALA D 228 -27.71 30.90 -39.58
N LEU D 229 -26.64 30.22 -39.99
CA LEU D 229 -26.76 28.90 -40.59
C LEU D 229 -27.33 27.90 -39.60
N PHE D 230 -26.75 27.84 -38.41
CA PHE D 230 -27.27 26.94 -37.38
C PHE D 230 -28.63 27.40 -36.88
N LYS D 231 -28.86 28.70 -36.82
CA LYS D 231 -30.17 29.21 -36.46
C LYS D 231 -31.22 28.84 -37.51
N GLU D 232 -30.85 28.91 -38.79
CA GLU D 232 -31.76 28.48 -39.84
C GLU D 232 -32.06 27.00 -39.74
N ILE D 233 -31.03 26.17 -39.60
CA ILE D 233 -31.24 24.72 -39.54
C ILE D 233 -31.77 24.27 -38.18
N GLY D 234 -31.84 25.16 -37.21
CA GLY D 234 -32.49 24.86 -35.94
C GLY D 234 -31.79 23.82 -35.08
N VAL D 235 -30.47 23.91 -34.97
CA VAL D 235 -29.72 23.05 -34.06
C VAL D 235 -28.63 23.90 -33.43
N LYS D 236 -28.12 23.44 -32.29
CA LYS D 236 -26.95 24.12 -31.74
C LYS D 236 -25.70 23.32 -32.07
N PRO D 237 -24.60 23.99 -32.41
CA PRO D 237 -23.39 23.26 -32.76
C PRO D 237 -22.75 22.64 -31.54
N PRO D 238 -21.80 21.71 -31.72
CA PRO D 238 -21.08 21.17 -30.56
C PRO D 238 -20.34 22.26 -29.81
N ARG D 239 -20.34 22.16 -28.49
CA ARG D 239 -19.73 23.16 -27.61
C ARG D 239 -18.56 22.63 -26.82
N GLY D 240 -18.19 21.37 -27.02
CA GLY D 240 -17.08 20.77 -26.31
C GLY D 240 -16.19 19.94 -27.19
N ILE D 241 -14.88 20.20 -27.13
CA ILE D 241 -13.90 19.52 -27.97
C ILE D 241 -12.83 18.92 -27.07
N LEU D 242 -12.51 17.65 -27.30
CA LEU D 242 -11.44 16.97 -26.58
C LEU D 242 -10.39 16.52 -27.58
N LEU D 243 -9.18 17.07 -27.45
CA LEU D 243 -8.06 16.71 -28.30
C LEU D 243 -7.19 15.70 -27.55
N TYR D 244 -6.97 14.54 -28.16
CA TYR D 244 -6.14 13.51 -27.56
C TYR D 244 -5.20 12.93 -28.61
N GLY D 245 -4.05 12.44 -28.14
CA GLY D 245 -3.08 11.81 -29.01
C GLY D 245 -1.78 11.58 -28.27
N PRO D 246 -0.81 10.97 -28.95
CA PRO D 246 0.51 10.78 -28.34
C PRO D 246 1.20 12.12 -28.15
N PRO D 247 2.14 12.20 -27.20
CA PRO D 247 2.79 13.49 -26.93
C PRO D 247 3.53 14.04 -28.15
N GLY D 248 3.47 15.35 -28.31
CA GLY D 248 4.15 16.03 -29.39
C GLY D 248 3.41 16.08 -30.72
N THR D 249 2.16 15.65 -30.76
CA THR D 249 1.44 15.61 -32.04
C THR D 249 0.85 16.96 -32.43
N GLY D 250 0.77 17.91 -31.50
CA GLY D 250 0.35 19.26 -31.83
C GLY D 250 -0.98 19.70 -31.25
N LYS D 251 -1.35 19.23 -30.05
CA LYS D 251 -2.61 19.64 -29.45
C LYS D 251 -2.52 21.06 -28.91
N THR D 252 -1.47 21.35 -28.14
CA THR D 252 -1.27 22.71 -27.63
C THR D 252 -1.01 23.68 -28.78
N LEU D 253 -0.35 23.21 -29.85
CA LEU D 253 -0.15 24.05 -31.02
C LEU D 253 -1.48 24.44 -31.65
N ILE D 254 -2.41 23.48 -31.75
CA ILE D 254 -3.74 23.79 -32.26
C ILE D 254 -4.46 24.75 -31.33
N ALA D 255 -4.24 24.61 -30.02
CA ALA D 255 -4.84 25.54 -29.06
C ALA D 255 -4.33 26.96 -29.30
N ARG D 256 -3.03 27.13 -29.47
CA ARG D 256 -2.48 28.46 -29.73
C ARG D 256 -2.99 29.02 -31.04
N ALA D 257 -3.07 28.18 -32.08
CA ALA D 257 -3.59 28.65 -33.36
C ALA D 257 -5.03 29.10 -33.25
N VAL D 258 -5.86 28.34 -32.52
CA VAL D 258 -7.26 28.71 -32.32
C VAL D 258 -7.34 30.03 -31.55
N ALA D 259 -6.51 30.17 -30.52
CA ALA D 259 -6.51 31.41 -29.73
C ALA D 259 -6.13 32.60 -30.60
N ASN D 260 -5.15 32.44 -31.47
CA ASN D 260 -4.66 33.56 -32.26
C ASN D 260 -5.61 33.90 -33.41
N GLU D 261 -6.33 32.91 -33.93
CA GLU D 261 -7.12 33.13 -35.14
C GLU D 261 -8.63 33.19 -34.89
N THR D 262 -9.09 33.31 -33.65
CA THR D 262 -10.51 33.39 -33.36
C THR D 262 -10.87 34.78 -32.86
N GLY D 263 -12.07 35.24 -33.22
CA GLY D 263 -12.54 36.51 -32.69
C GLY D 263 -13.15 36.38 -31.30
N ALA D 264 -13.46 35.15 -30.89
CA ALA D 264 -14.05 34.92 -29.59
C ALA D 264 -13.04 35.14 -28.48
N PHE D 265 -13.54 35.41 -27.27
CA PHE D 265 -12.66 35.59 -26.13
C PHE D 265 -12.08 34.24 -25.70
N PHE D 266 -10.76 34.19 -25.55
CA PHE D 266 -10.05 32.95 -25.26
C PHE D 266 -9.57 32.97 -23.82
N PHE D 267 -9.99 31.98 -23.05
CA PHE D 267 -9.53 31.79 -21.67
C PHE D 267 -8.75 30.48 -21.60
N LEU D 268 -7.51 30.56 -21.11
CA LEU D 268 -6.64 29.40 -21.03
C LEU D 268 -6.56 28.91 -19.60
N ILE D 269 -6.89 27.65 -19.38
CA ILE D 269 -6.76 27.00 -18.09
C ILE D 269 -5.72 25.90 -18.22
N ASN D 270 -4.67 25.98 -17.41
CA ASN D 270 -3.73 24.88 -17.25
C ASN D 270 -4.26 23.95 -16.16
N GLY D 271 -3.99 22.66 -16.30
CA GLY D 271 -4.51 21.68 -15.38
C GLY D 271 -4.26 22.00 -13.93
N PRO D 272 -2.99 21.92 -13.50
CA PRO D 272 -2.71 22.01 -12.07
C PRO D 272 -2.95 23.37 -11.44
N GLU D 273 -3.08 24.44 -12.24
CA GLU D 273 -3.14 25.77 -11.65
C GLU D 273 -4.47 26.01 -10.92
N ILE D 274 -5.45 25.13 -11.14
CA ILE D 274 -6.72 25.24 -10.44
C ILE D 274 -6.54 25.01 -8.95
N MET D 275 -5.62 24.12 -8.57
CA MET D 275 -5.49 23.70 -7.18
C MET D 275 -5.15 24.86 -6.27
N SER D 276 -5.65 24.79 -5.02
CA SER D 276 -5.36 25.78 -3.99
C SER D 276 -5.39 25.11 -2.63
N LYS D 277 -4.71 25.73 -1.66
CA LYS D 277 -4.66 25.16 -0.32
C LYS D 277 -5.98 25.32 0.41
N LEU D 278 -6.68 26.42 0.18
CA LEU D 278 -7.91 26.69 0.91
C LEU D 278 -9.04 25.81 0.42
N ALA D 279 -9.94 25.44 1.33
CA ALA D 279 -11.06 24.58 0.99
C ALA D 279 -12.07 25.34 0.13
N GLY D 280 -12.47 24.72 -0.98
CA GLY D 280 -13.41 25.35 -1.89
C GLY D 280 -12.81 26.38 -2.81
N GLU D 281 -11.50 26.59 -2.78
CA GLU D 281 -10.90 27.64 -3.58
C GLU D 281 -10.56 27.15 -4.99
N SER D 282 -10.32 25.86 -5.15
CA SER D 282 -10.12 25.31 -6.49
C SER D 282 -11.41 25.31 -7.29
N GLU D 283 -12.51 24.85 -6.66
CA GLU D 283 -13.81 24.98 -7.29
C GLU D 283 -14.14 26.44 -7.55
N SER D 284 -13.73 27.33 -6.65
CA SER D 284 -13.95 28.75 -6.87
C SER D 284 -13.18 29.25 -8.08
N ASN D 285 -11.95 28.76 -8.27
CA ASN D 285 -11.18 29.15 -9.45
C ASN D 285 -11.83 28.68 -10.73
N LEU D 286 -12.32 27.43 -10.74
CA LEU D 286 -13.03 26.93 -11.92
C LEU D 286 -14.28 27.74 -12.19
N ARG D 287 -15.05 28.04 -11.14
CA ARG D 287 -16.26 28.84 -11.31
C ARG D 287 -15.94 30.24 -11.81
N LYS D 288 -14.87 30.85 -11.29
CA LYS D 288 -14.50 32.19 -11.74
C LYS D 288 -14.08 32.18 -13.21
N ALA D 289 -13.32 31.17 -13.62
CA ALA D 289 -12.93 31.07 -15.03
C ALA D 289 -14.16 30.93 -15.92
N PHE D 290 -15.10 30.04 -15.55
CA PHE D 290 -16.28 29.87 -16.38
C PHE D 290 -17.16 31.11 -16.37
N GLU D 291 -17.25 31.81 -15.24
CA GLU D 291 -18.07 33.02 -15.17
C GLU D 291 -17.46 34.13 -16.01
N GLU D 292 -16.13 34.27 -15.98
CA GLU D 292 -15.48 35.25 -16.84
C GLU D 292 -15.69 34.92 -18.31
N ALA D 293 -15.65 33.62 -18.66
CA ALA D 293 -15.93 33.23 -20.03
C ALA D 293 -17.37 33.56 -20.44
N GLU D 294 -18.33 33.32 -19.54
CA GLU D 294 -19.72 33.63 -19.85
C GLU D 294 -19.94 35.14 -19.97
N LYS D 295 -19.24 35.93 -19.15
CA LYS D 295 -19.39 37.38 -19.21
C LYS D 295 -18.94 37.93 -20.55
N ASN D 296 -17.96 37.28 -21.19
CA ASN D 296 -17.43 37.72 -22.48
C ASN D 296 -17.88 36.82 -23.62
N ALA D 297 -19.09 36.27 -23.54
CA ALA D 297 -19.57 35.39 -24.59
C ALA D 297 -19.71 36.17 -25.90
N PRO D 298 -19.40 35.55 -27.06
CA PRO D 298 -18.90 34.17 -27.20
C PRO D 298 -17.46 34.00 -26.71
N ALA D 299 -17.16 32.87 -26.10
CA ALA D 299 -15.86 32.63 -25.49
C ALA D 299 -15.43 31.20 -25.73
N ILE D 300 -14.12 30.97 -25.63
CA ILE D 300 -13.53 29.64 -25.75
C ILE D 300 -12.66 29.40 -24.53
N ILE D 301 -12.87 28.26 -23.88
CA ILE D 301 -12.06 27.83 -22.75
C ILE D 301 -11.21 26.64 -23.18
N PHE D 302 -9.92 26.72 -22.93
CA PHE D 302 -9.00 25.60 -23.18
C PHE D 302 -8.45 25.11 -21.84
N ILE D 303 -8.61 23.82 -21.59
CA ILE D 303 -8.09 23.19 -20.37
C ILE D 303 -6.97 22.26 -20.80
N ASP D 304 -5.74 22.77 -20.81
CA ASP D 304 -4.58 21.96 -21.11
C ASP D 304 -4.32 20.98 -19.97
N GLU D 305 -3.83 19.79 -20.33
CA GLU D 305 -3.60 18.71 -19.37
C GLU D 305 -4.87 18.43 -18.56
N LEU D 306 -5.93 18.07 -19.28
CA LEU D 306 -7.23 17.84 -18.64
C LEU D 306 -7.15 16.68 -17.66
N ASP D 307 -6.32 15.67 -17.96
CA ASP D 307 -6.24 14.50 -17.10
C ASP D 307 -5.67 14.85 -15.73
N ALA D 308 -5.01 16.00 -15.62
CA ALA D 308 -4.46 16.41 -14.33
C ALA D 308 -5.57 16.69 -13.32
N ILE D 309 -6.65 17.34 -13.77
CA ILE D 309 -7.73 17.73 -12.86
C ILE D 309 -9.04 17.04 -13.17
N ALA D 310 -9.05 16.08 -14.09
CA ALA D 310 -10.26 15.33 -14.42
C ALA D 310 -10.00 13.83 -14.45
N PRO D 311 -9.68 13.23 -13.31
CA PRO D 311 -9.61 11.76 -13.24
C PRO D 311 -10.99 11.17 -12.97
N LYS D 312 -11.04 9.85 -12.99
CA LYS D 312 -12.27 9.15 -12.64
C LYS D 312 -12.57 9.35 -11.16
N ARG D 313 -13.80 9.75 -10.87
CA ARG D 313 -14.20 9.95 -9.47
C ARG D 313 -14.26 8.63 -8.73
N GLU D 314 -14.56 7.55 -9.44
CA GLU D 314 -14.65 6.24 -8.80
C GLU D 314 -13.28 5.72 -8.39
N LYS D 315 -12.22 6.22 -9.03
CA LYS D 315 -10.87 5.75 -8.77
C LYS D 315 -10.00 6.79 -8.07
N THR D 316 -10.58 7.86 -7.56
CA THR D 316 -9.81 8.93 -6.92
C THR D 316 -9.94 8.81 -5.40
N HIS D 317 -8.81 8.90 -4.70
CA HIS D 317 -8.83 8.80 -3.25
C HIS D 317 -9.12 10.15 -2.60
N GLY D 318 -8.59 11.23 -3.18
CA GLY D 318 -8.76 12.54 -2.57
C GLY D 318 -10.17 13.07 -2.76
N GLU D 319 -10.68 13.74 -1.73
CA GLU D 319 -12.01 14.34 -1.83
C GLU D 319 -11.99 15.62 -2.66
N VAL D 320 -10.90 16.38 -2.57
CA VAL D 320 -10.78 17.64 -3.29
C VAL D 320 -10.82 17.39 -4.79
N GLU D 321 -10.10 16.36 -5.26
CA GLU D 321 -10.08 16.06 -6.68
C GLU D 321 -11.47 15.66 -7.19
N ARG D 322 -12.17 14.83 -6.43
CA ARG D 322 -13.52 14.43 -6.83
C ARG D 322 -14.47 15.62 -6.85
N ARG D 323 -14.33 16.53 -5.88
CA ARG D 323 -15.17 17.72 -5.87
C ARG D 323 -14.84 18.63 -7.05
N ILE D 324 -13.58 18.69 -7.44
CA ILE D 324 -13.21 19.48 -8.62
C ILE D 324 -13.82 18.88 -9.88
N VAL D 325 -13.77 17.56 -10.01
CA VAL D 325 -14.40 16.91 -11.17
C VAL D 325 -15.90 17.17 -11.18
N SER D 326 -16.54 17.08 -10.02
CA SER D 326 -17.98 17.36 -9.93
C SER D 326 -18.28 18.80 -10.30
N GLN D 327 -17.44 19.75 -9.87
CA GLN D 327 -17.64 21.14 -10.22
C GLN D 327 -17.51 21.35 -11.72
N LEU D 328 -16.53 20.70 -12.36
CA LEU D 328 -16.38 20.80 -13.80
C LEU D 328 -17.60 20.20 -14.51
N LEU D 329 -18.12 19.08 -14.00
CA LEU D 329 -19.32 18.49 -14.56
C LEU D 329 -20.50 19.45 -14.48
N THR D 330 -20.68 20.07 -13.32
CA THR D 330 -21.78 21.01 -13.16
C THR D 330 -21.62 22.24 -14.05
N LEU D 331 -20.40 22.76 -14.17
CA LEU D 331 -20.19 23.96 -14.96
C LEU D 331 -20.39 23.69 -16.45
N MET D 332 -19.94 22.52 -16.92
CA MET D 332 -20.04 22.23 -18.34
C MET D 332 -21.45 21.86 -18.73
N ASP D 333 -22.18 21.16 -17.85
CA ASP D 333 -23.57 20.80 -18.09
C ASP D 333 -24.28 20.69 -16.75
N GLY D 334 -25.00 21.74 -16.37
CA GLY D 334 -25.71 21.74 -15.11
C GLY D 334 -27.15 22.23 -15.25
N LEU D 335 -27.76 22.65 -14.14
CA LEU D 335 -29.11 23.18 -14.21
C LEU D 335 -29.15 24.46 -15.04
N LYS D 336 -28.14 25.32 -14.87
CA LYS D 336 -28.01 26.53 -15.66
C LYS D 336 -27.07 26.24 -16.81
N GLN D 337 -27.57 26.41 -18.04
CA GLN D 337 -26.80 26.03 -19.22
C GLN D 337 -25.84 27.14 -19.62
N ARG D 338 -24.75 26.75 -20.28
CA ARG D 338 -23.77 27.70 -20.76
C ARG D 338 -24.36 28.59 -21.84
N ALA D 339 -23.87 29.83 -21.89
CA ALA D 339 -24.32 30.82 -22.88
C ALA D 339 -23.18 31.12 -23.83
N HIS D 340 -23.17 30.44 -24.98
CA HIS D 340 -22.22 30.71 -26.06
C HIS D 340 -20.77 30.55 -25.59
N VAL D 341 -20.49 29.46 -24.88
CA VAL D 341 -19.16 29.17 -24.37
C VAL D 341 -18.69 27.84 -24.94
N ILE D 342 -17.53 27.85 -25.60
CA ILE D 342 -16.89 26.65 -26.12
C ILE D 342 -15.81 26.22 -25.14
N VAL D 343 -15.78 24.94 -24.80
CA VAL D 343 -14.79 24.39 -23.89
C VAL D 343 -13.94 23.38 -24.64
N MET D 344 -12.65 23.64 -24.73
CA MET D 344 -11.69 22.74 -25.35
C MET D 344 -10.76 22.14 -24.31
N ALA D 345 -10.25 20.95 -24.58
CA ALA D 345 -9.34 20.28 -23.66
C ALA D 345 -8.38 19.40 -24.45
N ALA D 346 -7.16 19.28 -23.93
CA ALA D 346 -6.13 18.43 -24.51
C ALA D 346 -5.61 17.49 -23.45
N THR D 347 -5.45 16.22 -23.82
CA THR D 347 -4.96 15.20 -22.88
C THR D 347 -4.20 14.13 -23.65
N ASN D 348 -3.17 13.58 -22.99
CA ASN D 348 -2.47 12.43 -23.57
C ASN D 348 -3.26 11.15 -23.38
N ARG D 349 -3.95 11.01 -22.24
CA ARG D 349 -4.69 9.80 -21.93
C ARG D 349 -6.18 10.12 -21.84
N PRO D 350 -6.94 9.98 -22.94
CA PRO D 350 -8.38 10.24 -22.84
C PRO D 350 -9.11 9.23 -21.96
N ASN D 351 -8.55 8.03 -21.78
CA ASN D 351 -9.23 7.00 -21.01
C ASN D 351 -9.16 7.29 -19.52
N SER D 352 -8.24 8.17 -19.10
CA SER D 352 -8.17 8.53 -17.69
C SER D 352 -9.21 9.58 -17.32
N ILE D 353 -9.84 10.19 -18.33
CA ILE D 353 -10.86 11.20 -18.08
C ILE D 353 -12.10 10.54 -17.51
N ASP D 354 -12.79 11.25 -16.62
CA ASP D 354 -14.01 10.72 -16.02
C ASP D 354 -15.05 10.45 -17.10
N PRO D 355 -15.73 9.30 -17.06
CA PRO D 355 -16.68 8.98 -18.14
C PRO D 355 -17.81 9.98 -18.28
N ALA D 356 -18.25 10.60 -17.18
CA ALA D 356 -19.34 11.57 -17.26
C ALA D 356 -18.90 12.82 -18.01
N LEU D 357 -17.59 13.04 -18.13
CA LEU D 357 -17.11 14.19 -18.86
C LEU D 357 -17.05 13.93 -20.36
N ARG D 358 -17.30 12.69 -20.79
CA ARG D 358 -17.24 12.33 -22.20
C ARG D 358 -18.64 11.90 -22.65
N ARG D 359 -19.43 12.90 -23.04
CA ARG D 359 -20.79 12.69 -23.53
C ARG D 359 -21.26 13.99 -24.15
N PHE D 360 -22.43 13.95 -24.79
CA PHE D 360 -22.96 15.14 -25.41
C PHE D 360 -23.34 16.16 -24.34
N GLY D 361 -22.86 17.40 -24.52
CA GLY D 361 -22.98 18.43 -23.53
C GLY D 361 -21.72 18.69 -22.73
N ARG D 362 -20.81 17.72 -22.68
CA ARG D 362 -19.49 17.88 -22.07
C ARG D 362 -18.49 17.16 -22.95
N PHE D 363 -17.71 17.92 -23.73
CA PHE D 363 -16.75 17.35 -24.67
C PHE D 363 -17.44 16.36 -25.61
N ASP D 364 -18.45 16.85 -26.31
CA ASP D 364 -19.27 15.97 -27.13
C ASP D 364 -18.54 15.49 -28.38
N ARG D 365 -17.40 16.08 -28.69
CA ARG D 365 -16.58 15.68 -29.82
C ARG D 365 -15.15 15.43 -29.36
N GLU D 366 -14.63 14.26 -29.70
CA GLU D 366 -13.25 13.89 -29.39
C GLU D 366 -12.48 13.84 -30.70
N VAL D 367 -11.40 14.60 -30.78
CA VAL D 367 -10.60 14.74 -32.00
C VAL D 367 -9.24 14.13 -31.73
N ASP D 368 -8.87 13.16 -32.57
CA ASP D 368 -7.63 12.40 -32.38
C ASP D 368 -6.53 13.03 -33.23
N ILE D 369 -5.63 13.75 -32.59
CA ILE D 369 -4.45 14.29 -33.25
C ILE D 369 -3.38 13.19 -33.27
N GLY D 370 -3.38 12.37 -34.32
CA GLY D 370 -2.54 11.20 -34.40
C GLY D 370 -1.20 11.46 -35.07
N ILE D 371 -0.46 10.37 -35.22
CA ILE D 371 0.86 10.43 -35.88
C ILE D 371 0.66 10.70 -37.36
N PRO D 372 1.35 11.68 -37.94
CA PRO D 372 1.16 11.97 -39.37
C PRO D 372 1.79 10.90 -40.26
N ASP D 373 1.33 10.86 -41.50
CA ASP D 373 1.92 9.99 -42.50
C ASP D 373 3.02 10.74 -43.25
N ALA D 374 3.49 10.15 -44.35
CA ALA D 374 4.61 10.73 -45.08
C ALA D 374 4.26 12.11 -45.63
N THR D 375 3.09 12.25 -46.25
CA THR D 375 2.68 13.56 -46.75
C THR D 375 2.46 14.54 -45.60
N GLY D 376 1.89 14.07 -44.50
CA GLY D 376 1.68 14.95 -43.35
C GLY D 376 2.98 15.46 -42.76
N ARG D 377 3.97 14.58 -42.62
CA ARG D 377 5.24 15.02 -42.06
C ARG D 377 6.04 15.83 -43.06
N LEU D 378 5.82 15.61 -44.36
CA LEU D 378 6.37 16.53 -45.36
C LEU D 378 5.79 17.93 -45.19
N GLU D 379 4.48 18.01 -44.96
CA GLU D 379 3.84 19.30 -44.70
C GLU D 379 4.40 19.94 -43.44
N ILE D 380 4.61 19.16 -42.39
CA ILE D 380 5.19 19.69 -41.15
C ILE D 380 6.60 20.21 -41.39
N LEU D 381 7.41 19.47 -42.15
CA LEU D 381 8.75 19.92 -42.46
C LEU D 381 8.74 21.21 -43.27
N GLN D 382 7.82 21.31 -44.22
CA GLN D 382 7.70 22.55 -44.99
C GLN D 382 7.30 23.71 -44.10
N ILE D 383 6.43 23.47 -43.12
CA ILE D 383 6.05 24.51 -42.17
C ILE D 383 7.26 24.94 -41.34
N HIS D 384 8.05 23.98 -40.86
CA HIS D 384 9.12 24.30 -39.94
C HIS D 384 10.33 24.89 -40.64
N THR D 385 10.48 24.65 -41.94
CA THR D 385 11.64 25.12 -42.68
C THR D 385 11.39 26.42 -43.43
N LYS D 386 10.23 27.07 -43.23
CA LYS D 386 9.92 28.27 -43.99
C LYS D 386 10.83 29.43 -43.61
N ASN D 387 11.05 29.65 -42.30
CA ASN D 387 11.97 30.70 -41.87
C ASN D 387 13.42 30.27 -42.04
N MET D 388 13.66 28.97 -42.09
CA MET D 388 15.02 28.44 -42.09
C MET D 388 15.64 28.63 -43.48
N LYS D 389 16.93 29.00 -43.50
CA LYS D 389 17.64 29.18 -44.76
C LYS D 389 18.17 27.85 -45.26
N LEU D 390 17.80 27.49 -46.47
CA LEU D 390 18.13 26.18 -47.03
C LEU D 390 18.85 26.34 -48.35
N ALA D 391 19.74 25.41 -48.64
CA ALA D 391 20.41 25.38 -49.93
C ALA D 391 19.47 24.81 -50.99
N ASP D 392 19.95 24.78 -52.24
CA ASP D 392 19.13 24.29 -53.34
C ASP D 392 19.12 22.77 -53.40
N ASP D 393 20.05 22.11 -52.71
CA ASP D 393 20.12 20.65 -52.80
C ASP D 393 19.23 19.98 -51.76
N VAL D 394 18.64 20.77 -50.85
CA VAL D 394 17.79 20.19 -49.82
C VAL D 394 16.53 19.63 -50.43
N ASP D 395 16.25 18.36 -50.15
CA ASP D 395 15.06 17.67 -50.64
C ASP D 395 14.23 17.23 -49.44
N LEU D 396 13.14 17.95 -49.18
CA LEU D 396 12.33 17.65 -48.00
C LEU D 396 11.50 16.39 -48.18
N GLU D 397 11.22 15.99 -49.41
CA GLU D 397 10.48 14.74 -49.64
C GLU D 397 11.29 13.54 -49.14
N GLN D 398 12.59 13.54 -49.41
CA GLN D 398 13.43 12.45 -48.94
C GLN D 398 13.46 12.40 -47.42
N VAL D 399 13.58 13.57 -46.77
CA VAL D 399 13.60 13.62 -45.31
C VAL D 399 12.27 13.12 -44.75
N ALA D 400 11.15 13.50 -45.37
CA ALA D 400 9.86 13.00 -44.94
C ALA D 400 9.76 11.49 -45.10
N ASN D 401 10.39 10.95 -46.14
CA ASN D 401 10.37 9.50 -46.33
C ASN D 401 11.20 8.78 -45.28
N GLU D 402 12.38 9.31 -44.92
CA GLU D 402 13.23 8.64 -43.95
C GLU D 402 12.58 8.60 -42.57
N THR D 403 12.01 9.70 -42.12
CA THR D 403 11.34 9.72 -40.83
C THR D 403 10.06 8.88 -40.92
N HIS D 404 9.91 7.93 -40.00
CA HIS D 404 8.81 6.97 -40.10
C HIS D 404 7.78 7.13 -38.97
N GLY D 405 8.21 7.05 -37.73
CA GLY D 405 7.33 7.26 -36.59
C GLY D 405 7.39 8.64 -36.00
N HIS D 406 7.96 9.61 -36.71
CA HIS D 406 8.16 10.95 -36.17
C HIS D 406 6.85 11.71 -36.09
N VAL D 407 6.69 12.49 -35.02
CA VAL D 407 5.58 13.41 -34.87
C VAL D 407 6.13 14.82 -35.09
N GLY D 408 5.24 15.82 -35.13
CA GLY D 408 5.68 17.17 -35.45
C GLY D 408 6.79 17.67 -34.54
N ALA D 409 6.75 17.30 -33.27
CA ALA D 409 7.83 17.67 -32.36
C ALA D 409 9.15 17.05 -32.77
N ASP D 410 9.13 15.78 -33.20
CA ASP D 410 10.35 15.12 -33.66
C ASP D 410 10.90 15.79 -34.92
N LEU D 411 10.01 16.19 -35.83
CA LEU D 411 10.46 16.86 -37.05
C LEU D 411 11.04 18.23 -36.74
N ALA D 412 10.43 18.96 -35.80
CA ALA D 412 11.00 20.24 -35.38
C ALA D 412 12.37 20.03 -34.74
N ALA D 413 12.52 18.98 -33.94
CA ALA D 413 13.82 18.66 -33.37
C ALA D 413 14.84 18.36 -34.47
N LEU D 414 14.41 17.63 -35.50
CA LEU D 414 15.31 17.32 -36.62
C LEU D 414 15.76 18.59 -37.32
N CYS D 415 14.83 19.52 -37.58
CA CYS D 415 15.20 20.78 -38.23
C CYS D 415 16.15 21.59 -37.36
N SER D 416 15.88 21.65 -36.06
CA SER D 416 16.78 22.37 -35.16
C SER D 416 18.16 21.74 -35.13
N GLU D 417 18.23 20.41 -35.14
CA GLU D 417 19.52 19.73 -35.14
C GLU D 417 20.28 19.99 -36.44
N ALA D 418 19.56 20.03 -37.57
CA ALA D 418 20.22 20.35 -38.83
C ALA D 418 20.79 21.76 -38.84
N ALA D 419 20.01 22.73 -38.34
CA ALA D 419 20.51 24.10 -38.27
C ALA D 419 21.70 24.20 -37.32
N LEU D 420 21.64 23.50 -36.19
CA LEU D 420 22.76 23.51 -35.26
C LEU D 420 24.00 22.86 -35.86
N GLN D 421 23.79 21.84 -36.70
CA GLN D 421 24.92 21.21 -37.38
C GLN D 421 25.55 22.16 -38.39
N ALA D 422 24.73 22.95 -39.09
CA ALA D 422 25.28 23.98 -39.97
C ALA D 422 26.11 24.99 -39.17
N ILE D 423 25.57 25.44 -38.03
CA ILE D 423 26.31 26.37 -37.18
C ILE D 423 27.61 25.74 -36.70
N ARG D 424 27.58 24.45 -36.38
CA ARG D 424 28.79 23.74 -35.98
C ARG D 424 29.80 23.70 -37.11
N LYS D 425 29.33 23.54 -38.35
CA LYS D 425 30.22 23.59 -39.50
C LYS D 425 30.88 24.96 -39.61
N LYS D 426 30.14 26.03 -39.33
CA LYS D 426 30.71 27.36 -39.33
C LYS D 426 31.32 27.77 -38.00
N MET D 427 31.67 26.80 -37.14
CA MET D 427 32.26 27.14 -35.85
C MET D 427 33.71 27.57 -36.00
N ASP D 428 34.44 26.99 -36.95
CA ASP D 428 35.87 27.26 -37.07
C ASP D 428 36.14 28.72 -37.40
N LEU D 429 35.35 29.30 -38.29
CA LEU D 429 35.57 30.69 -38.70
C LEU D 429 35.32 31.65 -37.54
N ILE D 430 34.30 31.37 -36.73
CA ILE D 430 33.89 32.32 -35.71
C ILE D 430 34.62 32.05 -34.40
N ASP D 431 34.60 33.03 -33.51
CA ASP D 431 35.17 32.93 -32.18
C ASP D 431 34.09 33.26 -31.16
N LEU D 432 33.96 32.42 -30.14
CA LEU D 432 32.94 32.63 -29.12
C LEU D 432 33.26 33.84 -28.25
N GLU D 433 34.54 34.04 -27.94
CA GLU D 433 34.94 35.18 -27.12
C GLU D 433 34.67 36.51 -27.84
N ASP D 434 34.72 36.50 -29.18
CA ASP D 434 34.49 37.71 -29.94
C ASP D 434 33.06 38.22 -29.73
N GLU D 435 32.91 39.55 -29.71
CA GLU D 435 31.61 40.14 -29.43
C GLU D 435 30.68 40.03 -30.63
N THR D 436 31.21 40.07 -31.84
CA THR D 436 30.42 40.08 -33.06
C THR D 436 30.93 39.03 -34.02
N ILE D 437 30.04 38.57 -34.92
CA ILE D 437 30.41 37.58 -35.92
C ILE D 437 30.60 38.26 -37.27
N ASP D 438 31.56 37.75 -38.04
CA ASP D 438 31.85 38.31 -39.35
C ASP D 438 30.65 38.22 -40.27
N ALA D 439 30.43 39.27 -41.06
CA ALA D 439 29.26 39.32 -41.94
C ALA D 439 29.34 38.28 -43.04
N GLU D 440 30.55 37.97 -43.52
CA GLU D 440 30.69 36.97 -44.56
C GLU D 440 30.26 35.60 -44.06
N VAL D 441 30.58 35.27 -42.82
CA VAL D 441 30.11 34.01 -42.24
C VAL D 441 28.59 34.00 -42.14
N MET D 442 28.00 35.14 -41.80
CA MET D 442 26.54 35.25 -41.74
C MET D 442 25.92 35.01 -43.10
N ASN D 443 26.52 35.56 -44.16
CA ASN D 443 25.96 35.41 -45.50
C ASN D 443 26.17 34.00 -46.03
N SER D 444 27.30 33.38 -45.72
CA SER D 444 27.57 32.04 -46.20
C SER D 444 26.70 31.00 -45.47
N LEU D 445 26.08 31.39 -44.36
CA LEU D 445 25.32 30.45 -43.55
C LEU D 445 24.09 29.96 -44.28
N ALA D 446 24.02 28.65 -44.52
CA ALA D 446 22.86 28.02 -45.13
C ALA D 446 22.91 26.53 -44.80
N VAL D 447 21.72 25.97 -44.57
CA VAL D 447 21.57 24.55 -44.27
C VAL D 447 21.52 23.78 -45.57
N THR D 448 22.40 22.79 -45.70
CA THR D 448 22.51 21.94 -46.88
C THR D 448 21.92 20.57 -46.58
N MET D 449 21.78 19.76 -47.65
CA MET D 449 21.18 18.44 -47.49
C MET D 449 22.03 17.54 -46.60
N ASP D 450 23.34 17.80 -46.53
CA ASP D 450 24.20 17.02 -45.65
C ASP D 450 23.83 17.22 -44.19
N ASP D 451 23.50 18.45 -43.80
CA ASP D 451 23.07 18.71 -42.43
C ASP D 451 21.79 17.94 -42.12
N PHE D 452 20.85 17.92 -43.06
CA PHE D 452 19.60 17.20 -42.84
C PHE D 452 19.85 15.69 -42.77
N ARG D 453 20.79 15.19 -43.56
CA ARG D 453 21.13 13.77 -43.48
C ARG D 453 21.75 13.42 -42.14
N TRP D 454 22.62 14.29 -41.62
CA TRP D 454 23.20 14.05 -40.29
C TRP D 454 22.12 14.11 -39.22
N ALA D 455 21.18 15.06 -39.33
CA ALA D 455 20.07 15.13 -38.39
C ALA D 455 19.22 13.86 -38.45
N LEU D 456 18.98 13.35 -39.65
CA LEU D 456 18.27 12.08 -39.79
C LEU D 456 19.03 10.95 -39.12
N SER D 457 20.36 10.93 -39.28
CA SER D 457 21.17 9.93 -38.59
C SER D 457 21.00 10.02 -37.09
N GLN D 458 20.94 11.25 -36.55
CA GLN D 458 20.74 11.41 -35.12
C GLN D 458 19.26 11.34 -34.75
N SER D 459 18.38 11.37 -35.75
CA SER D 459 16.94 11.41 -35.47
C SER D 459 16.47 10.07 -34.90
N ASN D 460 15.51 10.15 -33.98
CA ASN D 460 14.89 9.00 -33.36
C ASN D 460 13.55 9.45 -32.79
N PRO D 461 12.47 8.74 -33.09
CA PRO D 461 11.17 9.11 -32.53
C PRO D 461 11.19 9.14 -31.02
N SER D 462 10.53 10.15 -30.44
CA SER D 462 10.59 10.37 -29.01
C SER D 462 9.88 9.26 -28.24
N ALA D 463 8.86 8.65 -28.84
CA ALA D 463 8.15 7.58 -28.17
C ALA D 463 9.05 6.37 -27.97
N LEU D 464 9.88 6.04 -28.95
CA LEU D 464 10.75 4.88 -28.89
C LEU D 464 11.87 5.05 -27.87
N ARG D 465 12.00 7.32 -25.93
CA ARG D 465 13.46 7.25 -25.91
C ARG D 465 13.91 6.15 -24.97
N GLU D 466 12.93 5.46 -24.38
CA GLU D 466 13.22 4.42 -23.40
C GLU D 466 13.76 3.16 -24.07
N THR D 467 13.16 2.75 -25.18
CA THR D 467 13.52 1.49 -25.83
C THR D 467 14.51 1.74 -26.96
N VAL D 468 15.71 2.18 -26.56
CA VAL D 468 16.81 2.39 -27.50
C VAL D 468 18.03 1.62 -26.99
N VAL D 469 18.68 0.89 -27.90
CA VAL D 469 19.85 0.08 -27.59
C VAL D 469 20.92 0.39 -28.62
N GLU D 470 22.18 0.30 -28.18
CA GLU D 470 23.33 0.58 -29.04
C GLU D 470 23.67 -0.67 -29.83
N VAL D 471 23.31 -0.70 -31.11
CA VAL D 471 23.58 -1.83 -32.00
C VAL D 471 25.02 -1.71 -32.51
N PRO D 472 25.75 -2.82 -32.67
CA PRO D 472 27.17 -2.73 -33.06
C PRO D 472 27.41 -2.46 -34.53
N GLN D 473 26.40 -1.98 -35.26
CA GLN D 473 26.56 -1.56 -36.66
C GLN D 473 26.98 -2.73 -37.56
N VAL D 474 26.10 -3.72 -37.67
CA VAL D 474 26.36 -4.88 -38.52
C VAL D 474 25.71 -4.64 -39.88
N THR D 475 26.51 -4.76 -40.94
CA THR D 475 26.04 -4.60 -42.30
C THR D 475 25.63 -5.96 -42.88
N TRP D 476 24.84 -5.93 -43.97
CA TRP D 476 24.46 -7.17 -44.62
C TRP D 476 25.68 -7.95 -45.11
N GLU D 477 26.78 -7.25 -45.41
CA GLU D 477 27.97 -7.93 -45.90
C GLU D 477 28.81 -8.49 -44.77
N ASP D 478 28.51 -8.11 -43.53
CA ASP D 478 29.17 -8.72 -42.38
C ASP D 478 28.71 -10.16 -42.19
N ILE D 479 27.56 -10.51 -42.75
CA ILE D 479 27.03 -11.86 -42.62
C ILE D 479 27.39 -12.68 -43.84
N GLY D 480 27.93 -13.87 -43.62
CA GLY D 480 28.27 -14.77 -44.70
C GLY D 480 27.23 -15.84 -44.91
N GLY D 481 26.94 -16.17 -46.15
CA GLY D 481 25.87 -17.10 -46.44
C GLY D 481 24.51 -16.49 -46.15
N LEU D 482 23.53 -17.37 -45.96
CA LEU D 482 22.16 -16.97 -45.64
C LEU D 482 21.61 -15.98 -46.67
N GLU D 483 21.96 -16.20 -47.94
CA GLU D 483 21.57 -15.27 -48.99
C GLU D 483 20.06 -15.20 -49.15
N ASP D 484 19.39 -16.35 -49.07
CA ASP D 484 17.93 -16.36 -49.16
C ASP D 484 17.30 -15.66 -47.97
N VAL D 485 17.86 -15.87 -46.77
CA VAL D 485 17.31 -15.23 -45.58
C VAL D 485 17.50 -13.72 -45.64
N LYS D 486 18.66 -13.27 -46.12
CA LYS D 486 18.89 -11.84 -46.29
C LYS D 486 17.86 -11.25 -47.26
N ARG D 487 17.62 -11.94 -48.37
CA ARG D 487 16.68 -11.45 -49.37
C ARG D 487 15.26 -11.40 -48.81
N GLU D 488 14.85 -12.43 -48.07
CA GLU D 488 13.51 -12.45 -47.50
C GLU D 488 13.34 -11.36 -46.44
N LEU D 489 14.37 -11.16 -45.60
CA LEU D 489 14.26 -10.15 -44.55
C LEU D 489 14.21 -8.74 -45.13
N GLN D 490 14.96 -8.49 -46.20
CA GLN D 490 14.91 -7.19 -46.85
C GLN D 490 13.55 -6.94 -47.47
N GLU D 491 12.97 -7.97 -48.09
CA GLU D 491 11.64 -7.82 -48.69
C GLU D 491 10.55 -7.82 -47.64
N LEU D 492 10.85 -8.32 -46.44
CA LEU D 492 9.84 -8.35 -45.39
C LEU D 492 9.43 -6.94 -44.97
N VAL D 493 10.39 -6.03 -44.89
CA VAL D 493 10.10 -4.66 -44.48
C VAL D 493 9.93 -3.74 -45.68
N GLN D 494 10.77 -3.88 -46.69
CA GLN D 494 10.78 -2.95 -47.81
C GLN D 494 9.46 -2.99 -48.58
N TYR D 495 8.93 -4.18 -48.86
CA TYR D 495 7.75 -4.29 -49.72
C TYR D 495 6.53 -3.58 -49.15
N PRO D 496 6.13 -3.79 -47.88
CA PRO D 496 4.91 -3.13 -47.40
C PRO D 496 5.04 -1.62 -47.23
N VAL D 497 6.26 -1.09 -47.13
CA VAL D 497 6.42 0.33 -46.83
C VAL D 497 6.79 1.11 -48.10
N GLU D 498 7.56 0.49 -48.99
CA GLU D 498 7.96 1.20 -50.21
C GLU D 498 7.00 0.93 -51.35
N HIS D 499 6.26 -0.18 -51.29
CA HIS D 499 5.29 -0.53 -52.31
C HIS D 499 3.96 -0.92 -51.66
N PRO D 500 3.29 0.01 -50.97
CA PRO D 500 1.94 -0.32 -50.48
C PRO D 500 0.93 -0.39 -51.59
N ASP D 501 1.18 0.28 -52.72
CA ASP D 501 0.24 0.24 -53.84
C ASP D 501 0.18 -1.14 -54.47
N LYS D 502 1.31 -1.86 -54.47
CA LYS D 502 1.32 -3.21 -55.04
C LYS D 502 0.42 -4.14 -54.25
N PHE D 503 0.42 -4.03 -52.92
CA PHE D 503 -0.39 -4.91 -52.10
C PHE D 503 -1.87 -4.67 -52.31
N LEU D 504 -2.27 -3.40 -52.46
CA LEU D 504 -3.67 -3.09 -52.72
C LEU D 504 -4.09 -3.59 -54.11
N LYS D 505 -3.19 -3.53 -55.08
CA LYS D 505 -3.51 -4.01 -56.42
C LYS D 505 -3.85 -5.49 -56.41
N PHE D 506 -3.08 -6.29 -55.68
CA PHE D 506 -3.37 -7.70 -55.48
C PHE D 506 -4.35 -7.95 -54.34
N GLY D 507 -4.64 -6.92 -53.54
CA GLY D 507 -5.67 -7.06 -52.51
C GLY D 507 -5.35 -8.08 -51.43
N MET D 508 -4.13 -8.06 -50.91
CA MET D 508 -3.73 -9.00 -49.88
C MET D 508 -2.91 -8.29 -48.81
N THR D 509 -3.02 -8.78 -47.57
CA THR D 509 -2.31 -8.18 -46.46
C THR D 509 -0.90 -8.75 -46.37
N PRO D 510 0.11 -7.90 -46.17
CA PRO D 510 1.49 -8.40 -46.10
C PRO D 510 1.71 -9.28 -44.88
N SER D 511 2.72 -10.15 -45.00
CA SER D 511 3.13 -11.01 -43.89
C SER D 511 4.14 -10.27 -43.02
N LYS D 512 3.85 -10.22 -41.72
CA LYS D 512 4.64 -9.40 -40.79
C LYS D 512 5.27 -10.21 -39.66
N GLY D 513 5.40 -11.52 -39.80
CA GLY D 513 6.01 -12.31 -38.75
C GLY D 513 7.10 -13.23 -39.24
N VAL D 514 8.22 -13.26 -38.51
CA VAL D 514 9.34 -14.15 -38.84
C VAL D 514 9.88 -14.72 -37.54
N LEU D 515 10.17 -16.02 -37.53
CA LEU D 515 10.82 -16.68 -36.40
C LEU D 515 12.13 -17.30 -36.87
N PHE D 516 13.20 -17.03 -36.13
CA PHE D 516 14.49 -17.66 -36.36
C PHE D 516 14.67 -18.77 -35.33
N TYR D 517 15.03 -19.96 -35.80
CA TYR D 517 15.39 -21.07 -34.91
C TYR D 517 16.53 -21.85 -35.52
N GLY D 518 17.42 -22.34 -34.68
CA GLY D 518 18.58 -23.09 -35.12
C GLY D 518 19.59 -23.26 -34.01
N PRO D 519 20.69 -23.96 -34.29
CA PRO D 519 21.71 -24.15 -33.28
C PRO D 519 22.36 -22.83 -32.89
N PRO D 520 22.86 -22.71 -31.67
CA PRO D 520 23.46 -21.44 -31.24
C PRO D 520 24.67 -21.07 -32.08
N GLY D 521 24.83 -19.77 -32.34
CA GLY D 521 25.98 -19.26 -33.04
C GLY D 521 25.90 -19.28 -34.55
N CYS D 522 24.71 -19.40 -35.13
CA CYS D 522 24.56 -19.53 -36.57
C CYS D 522 24.08 -18.26 -37.25
N GLY D 523 23.77 -17.21 -36.50
CA GLY D 523 23.46 -15.93 -37.09
C GLY D 523 22.07 -15.38 -36.87
N LYS D 524 21.35 -15.86 -35.85
CA LYS D 524 20.00 -15.34 -35.61
C LYS D 524 20.05 -13.92 -35.06
N THR D 525 20.95 -13.67 -34.11
CA THR D 525 21.08 -12.32 -33.57
C THR D 525 21.84 -11.41 -34.53
N LEU D 526 22.76 -11.98 -35.31
CA LEU D 526 23.48 -11.18 -36.30
C LEU D 526 22.53 -10.64 -37.37
N LEU D 527 21.56 -11.45 -37.80
CA LEU D 527 20.57 -10.97 -38.76
C LEU D 527 19.73 -9.86 -38.17
N ALA D 528 19.42 -9.94 -36.88
CA ALA D 528 18.65 -8.88 -36.22
C ALA D 528 19.45 -7.59 -36.16
N LYS D 529 20.76 -7.68 -35.93
CA LYS D 529 21.60 -6.49 -35.93
C LYS D 529 21.63 -5.84 -37.31
N ALA D 530 21.68 -6.65 -38.37
CA ALA D 530 21.69 -6.11 -39.73
C ALA D 530 20.39 -5.39 -40.04
N ILE D 531 19.27 -5.94 -39.59
CA ILE D 531 17.98 -5.29 -39.82
C ILE D 531 17.92 -3.94 -39.13
N ALA D 532 18.47 -3.86 -37.92
CA ALA D 532 18.46 -2.60 -37.18
C ALA D 532 19.26 -1.52 -37.90
N ASN D 533 20.20 -1.92 -38.76
CA ASN D 533 21.06 -0.96 -39.44
C ASN D 533 20.63 -0.73 -40.88
N GLU D 534 20.19 -1.79 -41.56
CA GLU D 534 19.97 -1.69 -43.00
C GLU D 534 18.52 -1.38 -43.35
N CYS D 535 17.57 -1.98 -42.64
CA CYS D 535 16.17 -1.76 -42.95
C CYS D 535 15.75 -0.35 -42.62
N GLN D 536 14.93 0.24 -43.50
CA GLN D 536 14.44 1.61 -43.31
C GLN D 536 13.12 1.58 -42.54
N ALA D 537 13.25 1.24 -41.27
CA ALA D 537 12.10 1.21 -40.36
C ALA D 537 12.61 1.35 -38.94
N ASN D 538 11.70 1.70 -38.04
CA ASN D 538 12.04 1.76 -36.63
C ASN D 538 12.32 0.35 -36.10
N PHE D 539 13.15 0.28 -35.06
CA PHE D 539 13.57 -1.00 -34.52
C PHE D 539 13.51 -0.96 -33.00
N ILE D 540 12.88 -1.98 -32.40
CA ILE D 540 12.83 -2.15 -30.96
C ILE D 540 13.38 -3.52 -30.62
N SER D 541 14.45 -3.56 -29.83
CA SER D 541 15.08 -4.79 -29.41
C SER D 541 14.67 -5.11 -27.98
N ILE D 542 14.11 -6.29 -27.77
CA ILE D 542 13.59 -6.70 -26.48
C ILE D 542 14.29 -7.98 -26.06
N LYS D 543 15.01 -7.93 -24.94
CA LYS D 543 15.46 -9.16 -24.30
C LYS D 543 14.25 -9.89 -23.76
N GLY D 544 14.37 -11.19 -23.59
CA GLY D 544 13.24 -12.01 -23.18
C GLY D 544 12.59 -11.57 -21.89
N PRO D 545 13.28 -11.78 -20.76
CA PRO D 545 12.63 -11.61 -19.46
C PRO D 545 12.59 -10.17 -18.96
N GLU D 546 12.89 -9.17 -19.79
CA GLU D 546 12.88 -7.80 -19.31
C GLU D 546 11.46 -7.28 -19.11
N LEU D 547 10.49 -7.87 -19.80
CA LEU D 547 9.11 -7.40 -19.70
C LEU D 547 8.45 -7.87 -18.40
N LEU D 548 8.96 -8.96 -17.82
CA LEU D 548 8.31 -9.55 -16.66
C LEU D 548 8.58 -8.73 -15.40
N THR D 549 7.57 -8.65 -14.53
CA THR D 549 7.62 -7.80 -13.36
C THR D 549 6.99 -8.54 -12.18
N MET D 550 7.43 -8.19 -10.97
CA MET D 550 6.92 -8.82 -9.76
C MET D 550 5.43 -8.56 -9.56
N TRP D 551 4.93 -7.44 -10.07
CA TRP D 551 3.58 -7.02 -9.72
C TRP D 551 2.53 -7.73 -10.57
N PHE D 552 1.31 -7.77 -10.04
CA PHE D 552 0.26 -8.62 -10.59
C PHE D 552 -0.17 -8.16 -11.98
N GLY D 553 0.10 -6.91 -12.32
CA GLY D 553 -0.39 -6.38 -13.59
C GLY D 553 0.65 -5.92 -14.57
N GLU D 554 1.86 -5.58 -14.09
CA GLU D 554 2.84 -4.96 -14.98
C GLU D 554 3.34 -5.94 -16.04
N SER D 555 3.36 -7.24 -15.74
CA SER D 555 3.91 -8.21 -16.68
C SER D 555 3.13 -8.19 -17.99
N GLU D 556 1.80 -8.15 -17.91
CA GLU D 556 0.99 -8.05 -19.12
C GLU D 556 0.86 -6.60 -19.58
N ALA D 557 0.97 -5.65 -18.64
CA ALA D 557 0.94 -4.24 -19.01
C ALA D 557 2.16 -3.86 -19.83
N ASN D 558 3.33 -4.39 -19.46
CA ASN D 558 4.55 -4.09 -20.21
C ASN D 558 4.46 -4.62 -21.63
N VAL D 559 3.86 -5.80 -21.81
CA VAL D 559 3.62 -6.33 -23.15
C VAL D 559 2.67 -5.42 -23.91
N ARG D 560 1.62 -4.94 -23.23
CA ARG D 560 0.66 -4.05 -23.89
C ARG D 560 1.32 -2.74 -24.28
N GLU D 561 2.22 -2.21 -23.45
CA GLU D 561 2.85 -0.93 -23.74
C GLU D 561 3.83 -1.04 -24.89
N ILE D 562 4.59 -2.13 -24.95
CA ILE D 562 5.63 -2.25 -25.97
C ILE D 562 5.01 -2.41 -27.36
N PHE D 563 3.87 -3.10 -27.45
CA PHE D 563 3.19 -3.22 -28.73
C PHE D 563 2.50 -1.91 -29.11
N ASP D 564 1.97 -1.18 -28.13
CA ASP D 564 1.41 0.13 -28.43
C ASP D 564 2.48 1.11 -28.87
N LYS D 565 3.68 0.99 -28.29
CA LYS D 565 4.80 1.80 -28.73
C LYS D 565 5.17 1.49 -30.17
N ALA D 566 5.12 0.21 -30.56
CA ALA D 566 5.49 -0.17 -31.92
C ALA D 566 4.42 0.27 -32.92
N ARG D 567 3.17 0.36 -32.49
CA ARG D 567 2.11 0.80 -33.39
C ARG D 567 2.25 2.29 -33.70
N GLN D 568 2.70 3.08 -32.72
CA GLN D 568 2.90 4.50 -32.96
C GLN D 568 4.09 4.75 -33.88
N ALA D 569 5.09 3.87 -33.82
CA ALA D 569 6.31 4.01 -34.59
C ALA D 569 6.30 3.20 -35.88
N ALA D 570 5.15 2.68 -36.28
CA ALA D 570 5.09 1.87 -37.49
C ALA D 570 5.47 2.71 -38.71
N PRO D 571 6.26 2.17 -39.64
CA PRO D 571 6.83 0.80 -39.65
C PRO D 571 7.90 0.57 -38.60
N CYS D 572 7.68 -0.43 -37.75
CA CYS D 572 8.58 -0.75 -36.65
C CYS D 572 8.82 -2.25 -36.63
N VAL D 573 10.07 -2.63 -36.41
CA VAL D 573 10.47 -4.04 -36.29
C VAL D 573 10.59 -4.37 -34.81
N LEU D 574 9.81 -5.34 -34.36
CA LEU D 574 9.80 -5.76 -32.95
C LEU D 574 10.52 -7.09 -32.86
N PHE D 575 11.78 -7.05 -32.41
CA PHE D 575 12.61 -8.23 -32.33
C PHE D 575 12.63 -8.77 -30.91
N PHE D 576 12.18 -10.00 -30.73
CA PHE D 576 12.22 -10.70 -29.45
C PHE D 576 13.41 -11.66 -29.47
N ASP D 577 14.48 -11.28 -28.78
CA ASP D 577 15.60 -12.20 -28.60
C ASP D 577 15.27 -13.19 -27.49
N GLN D 578 15.62 -14.45 -27.72
CA GLN D 578 15.29 -15.55 -26.81
C GLN D 578 13.78 -15.59 -26.54
N LEU D 579 13.04 -15.85 -27.62
CA LEU D 579 11.58 -15.84 -27.53
C LEU D 579 11.05 -16.92 -26.60
N ASP D 580 11.77 -18.04 -26.45
CA ASP D 580 11.27 -19.15 -25.67
C ASP D 580 11.12 -18.78 -24.20
N SER D 581 11.80 -17.71 -23.77
CA SER D 581 11.63 -17.22 -22.40
C SER D 581 10.28 -16.55 -22.22
N ILE D 582 9.89 -15.72 -23.19
CA ILE D 582 8.63 -14.98 -23.08
C ILE D 582 7.45 -15.90 -23.38
N ALA D 583 7.54 -16.65 -24.48
CA ALA D 583 6.41 -17.42 -24.98
C ALA D 583 6.73 -18.90 -24.88
N LYS D 584 6.30 -19.51 -23.78
CA LYS D 584 6.43 -20.94 -23.57
C LYS D 584 5.05 -21.56 -23.68
N ALA D 585 5.00 -22.89 -23.59
CA ALA D 585 3.72 -23.58 -23.64
C ALA D 585 2.85 -23.18 -22.45
N ARG D 586 1.59 -22.86 -22.72
CA ARG D 586 0.69 -22.44 -21.66
C ARG D 586 0.22 -23.64 -20.85
N GLY D 587 0.23 -23.48 -19.52
CA GLY D 587 -0.18 -24.53 -18.62
C GLY D 587 0.87 -25.58 -18.34
N GLY D 588 2.08 -25.43 -18.90
CA GLY D 588 3.10 -26.47 -18.72
C GLY D 588 3.59 -26.58 -17.29
N ASN D 589 3.87 -25.45 -16.65
CA ASN D 589 4.53 -25.44 -15.34
C ASN D 589 3.67 -24.70 -14.33
N ILE D 590 3.46 -25.32 -13.18
CA ILE D 590 2.76 -24.67 -12.08
C ILE D 590 3.75 -23.88 -11.23
N GLY D 591 3.22 -22.93 -10.47
CA GLY D 591 4.07 -22.07 -9.67
C GLY D 591 4.79 -20.99 -10.44
N ASP D 592 4.25 -20.57 -11.58
CA ASP D 592 4.86 -19.54 -12.41
C ASP D 592 4.31 -18.16 -12.01
N GLY D 593 4.55 -17.81 -10.75
CA GLY D 593 4.04 -16.55 -10.23
C GLY D 593 2.53 -16.48 -10.19
N GLY D 594 1.87 -17.59 -9.89
CA GLY D 594 0.42 -17.64 -9.92
C GLY D 594 -0.15 -17.49 -11.31
N GLY D 595 0.47 -18.14 -12.31
CA GLY D 595 0.00 -18.07 -13.67
C GLY D 595 0.40 -16.82 -14.43
N ALA D 596 1.33 -16.02 -13.90
CA ALA D 596 1.73 -14.80 -14.57
C ALA D 596 2.39 -15.09 -15.92
N ALA D 597 3.13 -16.19 -16.01
CA ALA D 597 3.80 -16.52 -17.27
C ALA D 597 2.80 -16.85 -18.36
N ASP D 598 1.72 -17.55 -18.01
CA ASP D 598 0.71 -17.91 -19.00
C ASP D 598 -0.09 -16.68 -19.44
N ARG D 599 -0.30 -15.73 -18.52
CA ARG D 599 -1.06 -14.54 -18.86
C ARG D 599 -0.28 -13.63 -19.80
N VAL D 600 1.05 -13.62 -19.68
CA VAL D 600 1.88 -12.87 -20.61
C VAL D 600 1.74 -13.42 -22.02
N ILE D 601 1.72 -14.76 -22.15
CA ILE D 601 1.55 -15.38 -23.45
C ILE D 601 0.19 -15.02 -24.04
N ASN D 602 -0.85 -15.04 -23.22
CA ASN D 602 -2.18 -14.70 -23.71
C ASN D 602 -2.25 -13.25 -24.16
N GLN D 603 -1.54 -12.35 -23.47
CA GLN D 603 -1.51 -10.95 -23.88
C GLN D 603 -0.89 -10.81 -25.27
N ILE D 604 0.21 -11.54 -25.52
CA ILE D 604 0.89 -11.43 -26.81
C ILE D 604 -0.01 -11.93 -27.93
N LEU D 605 -0.81 -12.97 -27.65
CA LEU D 605 -1.66 -13.54 -28.68
C LEU D 605 -2.64 -12.51 -29.22
N THR D 606 -3.19 -11.68 -28.33
CA THR D 606 -4.13 -10.65 -28.78
C THR D 606 -3.41 -9.51 -29.50
N GLU D 607 -2.19 -9.18 -29.07
CA GLU D 607 -1.46 -8.08 -29.69
C GLU D 607 -1.03 -8.43 -31.11
N MET D 608 -0.56 -9.65 -31.34
CA MET D 608 -0.14 -10.04 -32.68
C MET D 608 -1.35 -10.26 -33.58
N ASP D 609 -2.43 -10.82 -33.04
CA ASP D 609 -3.63 -11.09 -33.81
C ASP D 609 -4.83 -11.08 -32.89
N GLY D 610 -5.69 -10.08 -33.04
CA GLY D 610 -6.86 -9.97 -32.18
C GLY D 610 -7.90 -9.08 -32.82
N MET D 611 -8.72 -8.46 -31.97
CA MET D 611 -9.81 -7.61 -32.44
C MET D 611 -9.33 -6.18 -32.66
N SER D 612 -8.33 -6.00 -33.51
CA SER D 612 -7.82 -4.69 -33.84
C SER D 612 -7.24 -4.71 -35.25
N THR D 613 -7.23 -3.54 -35.88
CA THR D 613 -6.69 -3.45 -37.24
C THR D 613 -5.19 -3.63 -37.23
N LYS D 614 -4.65 -4.07 -38.37
CA LYS D 614 -3.23 -4.35 -38.47
C LYS D 614 -2.44 -3.12 -38.89
N LYS D 615 -1.30 -2.91 -38.23
CA LYS D 615 -0.36 -1.87 -38.57
C LYS D 615 0.91 -2.51 -39.12
N ASN D 616 1.83 -1.65 -39.58
CA ASN D 616 3.09 -2.13 -40.16
C ASN D 616 4.10 -2.41 -39.04
N VAL D 617 3.72 -3.34 -38.18
CA VAL D 617 4.57 -3.81 -37.09
C VAL D 617 5.03 -5.22 -37.44
N PHE D 618 6.33 -5.39 -37.59
CA PHE D 618 6.93 -6.67 -37.97
C PHE D 618 7.56 -7.30 -36.74
N ILE D 619 6.97 -8.39 -36.27
CA ILE D 619 7.46 -9.09 -35.09
C ILE D 619 8.45 -10.16 -35.57
N ILE D 620 9.67 -10.12 -35.02
CA ILE D 620 10.72 -11.07 -35.37
C ILE D 620 11.18 -11.74 -34.08
N GLY D 621 11.31 -13.06 -34.12
CA GLY D 621 11.77 -13.79 -32.96
C GLY D 621 12.92 -14.74 -33.26
N ALA D 622 13.86 -14.84 -32.32
CA ALA D 622 14.96 -15.77 -32.42
C ALA D 622 14.94 -16.69 -31.21
N THR D 623 14.95 -17.99 -31.44
CA THR D 623 14.84 -18.98 -30.37
C THR D 623 15.78 -20.14 -30.63
N ASN D 624 16.40 -20.64 -29.57
CA ASN D 624 17.19 -21.87 -29.67
C ASN D 624 16.29 -23.10 -29.57
N ARG D 625 15.15 -22.98 -28.91
CA ARG D 625 14.27 -24.10 -28.66
C ARG D 625 12.86 -23.79 -29.17
N PRO D 626 12.56 -24.04 -30.45
CA PRO D 626 11.21 -23.81 -30.95
C PRO D 626 10.20 -24.88 -30.56
N ASP D 627 10.65 -25.99 -29.99
CA ASP D 627 9.73 -27.06 -29.63
C ASP D 627 8.91 -26.70 -28.38
N ILE D 628 9.42 -25.77 -27.57
CA ILE D 628 8.72 -25.44 -26.33
C ILE D 628 7.87 -24.19 -26.51
N ILE D 629 8.03 -23.48 -27.62
CA ILE D 629 7.23 -22.28 -27.85
C ILE D 629 5.78 -22.66 -28.08
N ASP D 630 4.87 -21.83 -27.57
CA ASP D 630 3.45 -22.11 -27.66
C ASP D 630 3.02 -22.23 -29.13
N PRO D 631 2.20 -23.22 -29.47
CA PRO D 631 1.78 -23.37 -30.88
C PRO D 631 0.98 -22.18 -31.39
N ALA D 632 0.29 -21.46 -30.51
CA ALA D 632 -0.46 -20.28 -30.95
C ALA D 632 0.48 -19.19 -31.43
N ILE D 633 1.65 -19.07 -30.81
CA ILE D 633 2.63 -18.07 -31.23
C ILE D 633 3.10 -18.34 -32.65
N LEU D 634 3.21 -19.62 -33.02
CA LEU D 634 3.70 -20.00 -34.34
C LEU D 634 2.62 -20.03 -35.41
N ARG D 635 1.37 -19.77 -35.04
CA ARG D 635 0.27 -19.81 -36.00
C ARG D 635 0.40 -18.66 -37.00
N PRO D 636 0.15 -18.93 -38.29
CA PRO D 636 0.26 -17.86 -39.30
C PRO D 636 -0.64 -16.68 -38.98
N GLY D 637 -0.11 -15.48 -39.21
CA GLY D 637 -0.62 -14.27 -38.61
C GLY D 637 0.10 -13.87 -37.35
N ARG D 638 0.82 -14.82 -36.74
CA ARG D 638 1.77 -14.55 -35.67
C ARG D 638 3.02 -15.34 -36.01
N LEU D 639 4.07 -14.67 -36.49
CA LEU D 639 5.29 -15.35 -36.92
C LEU D 639 4.96 -16.44 -37.95
N ASP D 640 4.34 -16.02 -39.05
CA ASP D 640 3.84 -16.97 -40.03
C ASP D 640 4.99 -17.62 -40.81
N GLN D 641 6.16 -16.98 -40.84
CA GLN D 641 7.32 -17.51 -41.54
C GLN D 641 8.32 -18.03 -40.52
N LEU D 642 8.49 -19.35 -40.46
CA LEU D 642 9.50 -19.98 -39.64
C LEU D 642 10.71 -20.30 -40.50
N ILE D 643 11.81 -19.60 -40.25
CA ILE D 643 13.03 -19.74 -41.04
C ILE D 643 14.04 -20.50 -40.19
N TYR D 644 14.51 -21.62 -40.72
CA TYR D 644 15.51 -22.45 -40.05
C TYR D 644 16.90 -21.96 -40.45
N ILE D 645 17.69 -21.57 -39.46
CA ILE D 645 19.07 -21.12 -39.71
C ILE D 645 20.00 -22.25 -39.28
N PRO D 646 20.48 -23.06 -40.22
CA PRO D 646 21.27 -24.24 -39.86
C PRO D 646 22.75 -23.89 -39.72
N LEU D 647 23.55 -24.91 -39.44
CA LEU D 647 24.99 -24.75 -39.46
C LEU D 647 25.45 -24.47 -40.88
N PRO D 648 26.41 -23.57 -41.06
CA PRO D 648 26.86 -23.23 -42.42
C PRO D 648 27.48 -24.44 -43.11
N ASP D 649 27.19 -24.56 -44.42
CA ASP D 649 27.86 -25.56 -45.23
C ASP D 649 29.21 -25.01 -45.72
N GLU D 650 29.89 -25.82 -46.54
CA GLU D 650 31.25 -25.46 -46.96
C GLU D 650 31.25 -24.15 -47.75
N LYS D 651 30.26 -23.95 -48.61
CA LYS D 651 30.19 -22.70 -49.37
C LYS D 651 29.95 -21.51 -48.45
N SER D 652 29.14 -21.68 -47.42
CA SER D 652 28.88 -20.58 -46.50
C SER D 652 30.09 -20.31 -45.60
N ARG D 653 30.87 -21.35 -45.32
CA ARG D 653 31.97 -21.21 -44.36
C ARG D 653 33.09 -20.34 -44.91
N VAL D 654 33.34 -20.40 -46.23
CA VAL D 654 34.32 -19.48 -46.81
C VAL D 654 33.80 -18.06 -46.74
N ALA D 655 32.48 -17.87 -46.91
CA ALA D 655 31.90 -16.54 -46.80
C ALA D 655 32.02 -16.00 -45.38
N ILE D 656 31.79 -16.86 -44.38
CA ILE D 656 31.91 -16.42 -42.99
C ILE D 656 33.36 -16.08 -42.66
N LEU D 657 34.30 -16.91 -43.14
CA LEU D 657 35.71 -16.61 -42.90
C LEU D 657 36.14 -15.34 -43.61
N LYS D 658 35.67 -15.13 -44.85
CA LYS D 658 35.99 -13.91 -45.57
C LYS D 658 35.41 -12.69 -44.87
N ALA D 659 34.18 -12.80 -44.38
CA ALA D 659 33.52 -11.66 -43.73
C ALA D 659 34.25 -11.25 -42.45
N ASN D 660 34.67 -12.24 -41.64
CA ASN D 660 35.36 -11.92 -40.39
C ASN D 660 36.73 -11.33 -40.65
N LEU D 661 37.43 -11.83 -41.66
CA LEU D 661 38.79 -11.39 -41.97
C LEU D 661 38.82 -10.28 -43.01
N ARG D 662 37.67 -9.72 -43.38
CA ARG D 662 37.63 -8.69 -44.42
C ARG D 662 38.37 -7.43 -43.98
N LYS D 663 38.19 -7.02 -42.73
CA LYS D 663 38.83 -5.81 -42.21
C LYS D 663 40.19 -6.09 -41.57
N SER D 664 40.67 -7.33 -41.63
CA SER D 664 41.90 -7.69 -40.96
C SER D 664 43.03 -7.91 -41.95
N PRO D 665 44.27 -7.62 -41.57
CA PRO D 665 45.40 -7.91 -42.46
C PRO D 665 45.83 -9.36 -42.38
N VAL D 666 45.56 -10.14 -43.42
CA VAL D 666 45.88 -11.55 -43.45
C VAL D 666 46.83 -11.82 -44.61
N ALA D 667 47.82 -12.66 -44.35
CA ALA D 667 48.74 -13.07 -45.39
C ALA D 667 48.00 -13.79 -46.52
N LYS D 668 48.41 -13.49 -47.76
CA LYS D 668 47.75 -14.10 -48.91
C LYS D 668 47.94 -15.61 -48.94
N ASP D 669 49.00 -16.11 -48.32
CA ASP D 669 49.30 -17.54 -48.41
C ASP D 669 48.27 -18.36 -47.62
N VAL D 670 47.56 -17.72 -46.70
CA VAL D 670 46.53 -18.42 -45.94
C VAL D 670 45.39 -18.80 -46.88
N ASP D 671 45.01 -20.08 -46.86
CA ASP D 671 43.99 -20.63 -47.74
C ASP D 671 42.69 -20.79 -46.94
N LEU D 672 41.75 -19.88 -47.14
CA LEU D 672 40.47 -19.98 -46.44
C LEU D 672 39.63 -21.12 -46.98
N GLU D 673 39.88 -21.54 -48.23
CA GLU D 673 39.15 -22.66 -48.79
C GLU D 673 39.46 -23.95 -48.05
N PHE D 674 40.72 -24.14 -47.64
CA PHE D 674 41.07 -25.34 -46.89
C PHE D 674 40.50 -25.30 -45.48
N LEU D 675 40.43 -24.12 -44.88
CA LEU D 675 39.85 -24.01 -43.54
C LEU D 675 38.39 -24.43 -43.54
N ALA D 676 37.63 -24.02 -44.55
CA ALA D 676 36.23 -24.42 -44.62
C ALA D 676 36.08 -25.91 -44.94
N LYS D 677 37.02 -26.45 -45.72
CA LYS D 677 36.98 -27.88 -46.02
C LYS D 677 37.21 -28.72 -44.78
N MET D 678 38.15 -28.32 -43.93
CA MET D 678 38.47 -29.11 -42.75
C MET D 678 37.37 -29.00 -41.69
N THR D 679 36.89 -27.79 -41.43
CA THR D 679 35.80 -27.61 -40.49
C THR D 679 34.48 -28.04 -41.14
N ASN D 680 33.76 -28.94 -40.47
CA ASN D 680 32.54 -29.47 -41.05
C ASN D 680 31.32 -29.11 -40.21
N GLY D 681 31.37 -29.36 -38.91
CA GLY D 681 30.28 -29.03 -38.02
C GLY D 681 30.43 -27.71 -37.29
N PHE D 682 31.37 -26.86 -37.69
CA PHE D 682 31.59 -25.60 -37.00
C PHE D 682 30.45 -24.63 -37.27
N SER D 683 30.07 -23.88 -36.24
CA SER D 683 29.08 -22.83 -36.39
C SER D 683 29.74 -21.54 -36.85
N GLY D 684 28.92 -20.50 -37.03
CA GLY D 684 29.46 -19.19 -37.35
C GLY D 684 30.32 -18.65 -36.24
N ALA D 685 29.93 -18.91 -34.98
CA ALA D 685 30.73 -18.44 -33.85
C ALA D 685 32.00 -19.25 -33.70
N ASP D 686 32.00 -20.50 -34.18
CA ASP D 686 33.21 -21.31 -34.13
C ASP D 686 34.25 -20.80 -35.11
N LEU D 687 33.82 -20.45 -36.33
CA LEU D 687 34.76 -19.90 -37.31
C LEU D 687 35.30 -18.55 -36.86
N THR D 688 34.47 -17.75 -36.19
CA THR D 688 34.94 -16.49 -35.65
C THR D 688 35.94 -16.70 -34.53
N GLU D 689 35.78 -17.79 -33.76
CA GLU D 689 36.72 -18.09 -32.70
C GLU D 689 38.08 -18.49 -33.25
N ILE D 690 38.11 -19.17 -34.39
CA ILE D 690 39.37 -19.50 -35.03
C ILE D 690 40.11 -18.22 -35.43
N CYS D 691 39.40 -17.27 -36.02
CA CYS D 691 40.03 -16.02 -36.45
C CYS D 691 40.46 -15.18 -35.26
N GLN D 692 39.67 -15.17 -34.18
CA GLN D 692 40.04 -14.40 -32.99
C GLN D 692 41.24 -15.00 -32.30
N ARG D 693 41.35 -16.34 -32.28
CA ARG D 693 42.53 -16.98 -31.72
C ARG D 693 43.78 -16.64 -32.53
N ALA D 694 43.65 -16.56 -33.85
CA ALA D 694 44.79 -16.20 -34.69
C ALA D 694 45.28 -14.80 -34.38
N CYS D 695 44.36 -13.86 -34.14
CA CYS D 695 44.76 -12.51 -33.77
C CYS D 695 45.51 -12.51 -32.43
N LYS D 696 45.00 -13.27 -31.45
CA LYS D 696 45.64 -13.30 -30.14
C LYS D 696 47.06 -13.85 -30.23
N LEU D 697 47.27 -14.89 -31.03
CA LEU D 697 48.61 -15.42 -31.23
C LEU D 697 49.49 -14.41 -31.96
N ALA D 698 48.92 -13.69 -32.93
CA ALA D 698 49.66 -12.64 -33.61
C ALA D 698 49.95 -11.47 -32.66
N ILE D 699 48.99 -11.13 -31.79
CA ILE D 699 49.21 -10.07 -30.82
C ILE D 699 50.27 -10.49 -29.81
N ARG D 700 50.22 -11.75 -29.37
CA ARG D 700 51.23 -12.24 -28.43
C ARG D 700 52.62 -12.20 -29.05
N GLU D 701 52.72 -12.57 -30.33
CA GLU D 701 54.01 -12.54 -31.01
C GLU D 701 54.54 -11.11 -31.13
N SER D 702 53.67 -10.16 -31.48
CA SER D 702 54.10 -8.78 -31.61
C SER D 702 54.56 -8.20 -30.28
N ILE D 703 53.85 -8.53 -29.20
CA ILE D 703 54.23 -8.04 -27.88
C ILE D 703 55.60 -8.59 -27.48
N GLU D 704 55.85 -9.86 -27.76
CA GLU D 704 57.16 -10.44 -27.46
C GLU D 704 58.25 -9.80 -28.31
N SER D 705 57.93 -9.41 -29.54
CA SER D 705 58.92 -8.76 -30.38
C SER D 705 59.34 -7.41 -29.82
N GLU D 706 58.37 -6.62 -29.35
CA GLU D 706 58.69 -5.30 -28.81
C GLU D 706 59.34 -5.40 -27.44
N ILE D 707 58.98 -6.43 -26.67
CA ILE D 707 59.65 -6.65 -25.39
C ILE D 707 61.11 -7.06 -25.63
N ARG D 708 61.34 -7.94 -26.60
CA ARG D 708 62.71 -8.29 -26.98
C ARG D 708 63.45 -7.08 -27.53
N ARG D 709 62.78 -6.26 -28.32
CA ARG D 709 63.41 -5.06 -28.87
C ARG D 709 63.77 -4.07 -27.77
N GLU D 710 63.06 -4.13 -26.65
CA GLU D 710 63.35 -3.21 -25.55
C GLU D 710 64.54 -3.68 -24.72
N ARG D 711 64.76 -5.00 -24.64
CA ARG D 711 65.83 -5.52 -23.81
C ARG D 711 67.20 -5.16 -24.37
N GLU D 712 67.35 -5.18 -25.70
CA GLU D 712 68.62 -4.80 -26.30
C GLU D 712 68.96 -3.35 -26.02
N ARG D 713 67.95 -2.48 -25.94
CA ARG D 713 68.18 -1.09 -25.56
C ARG D 713 68.71 -1.00 -24.13
N GLN D 714 68.20 -1.84 -23.23
CA GLN D 714 68.64 -1.85 -21.85
C GLN D 714 70.08 -2.33 -21.74
N PRO D 727 57.58 -6.35 -37.60
CA PRO D 727 57.44 -7.51 -36.71
C PRO D 727 56.39 -8.50 -37.19
N VAL D 728 55.13 -8.20 -36.93
CA VAL D 728 54.02 -9.03 -37.37
C VAL D 728 53.04 -8.15 -38.13
N PRO D 729 53.33 -7.82 -39.40
CA PRO D 729 52.41 -6.93 -40.13
C PRO D 729 51.04 -7.54 -40.39
N GLU D 730 50.94 -8.87 -40.42
CA GLU D 730 49.70 -9.54 -40.76
C GLU D 730 49.64 -10.90 -40.09
N ILE D 731 48.45 -11.48 -40.08
CA ILE D 731 48.26 -12.82 -39.52
C ILE D 731 48.73 -13.86 -40.53
N ARG D 732 49.58 -14.77 -40.08
CA ARG D 732 50.22 -15.75 -40.95
C ARG D 732 49.58 -17.12 -40.78
N ARG D 733 50.06 -18.07 -41.57
CA ARG D 733 49.52 -19.43 -41.51
C ARG D 733 49.81 -20.09 -40.17
N ASP D 734 51.03 -19.92 -39.65
CA ASP D 734 51.38 -20.56 -38.38
C ASP D 734 50.49 -20.06 -37.24
N HIS D 735 49.94 -18.85 -37.39
CA HIS D 735 48.94 -18.38 -36.43
C HIS D 735 47.63 -19.12 -36.60
N PHE D 736 47.19 -19.32 -37.84
CA PHE D 736 45.95 -20.06 -38.09
C PHE D 736 46.11 -21.54 -37.79
N GLU D 737 47.30 -22.09 -38.03
CA GLU D 737 47.53 -23.50 -37.74
C GLU D 737 47.50 -23.76 -36.24
N GLU D 738 48.15 -22.89 -35.46
CA GLU D 738 48.13 -23.03 -34.00
C GLU D 738 46.74 -22.74 -33.44
N ALA D 739 46.01 -21.82 -34.06
CA ALA D 739 44.67 -21.50 -33.59
C ALA D 739 43.70 -22.63 -33.89
N MET D 740 44.04 -23.50 -34.84
CA MET D 740 43.11 -24.55 -35.25
C MET D 740 43.21 -25.77 -34.35
N ARG D 741 44.33 -25.95 -33.66
CA ARG D 741 44.46 -27.09 -32.77
C ARG D 741 43.67 -26.87 -31.49
N PHE D 742 43.38 -25.61 -31.16
CA PHE D 742 42.53 -25.32 -30.02
C PHE D 742 41.05 -25.23 -30.43
N ALA D 743 40.77 -25.25 -31.72
CA ALA D 743 39.41 -25.11 -32.20
C ALA D 743 38.57 -26.31 -31.81
N ARG D 744 37.30 -26.05 -31.53
CA ARG D 744 36.35 -27.10 -31.17
C ARG D 744 35.03 -26.85 -31.88
N ARG D 745 34.21 -27.90 -31.95
CA ARG D 745 32.91 -27.83 -32.60
C ARG D 745 31.84 -27.66 -31.53
N SER D 746 31.25 -26.46 -31.46
CA SER D 746 30.36 -26.13 -30.36
C SER D 746 29.08 -26.96 -30.38
N VAL D 747 28.49 -27.16 -31.55
CA VAL D 747 27.23 -27.87 -31.69
C VAL D 747 27.53 -29.33 -31.99
N SER D 748 27.03 -30.23 -31.15
CA SER D 748 27.26 -31.66 -31.34
C SER D 748 26.26 -32.23 -32.33
N ASP D 749 26.53 -33.48 -32.74
CA ASP D 749 25.62 -34.16 -33.65
C ASP D 749 24.29 -34.49 -32.97
N ASN D 750 24.30 -34.65 -31.65
CA ASN D 750 23.06 -34.89 -30.92
C ASN D 750 22.16 -33.67 -30.96
N ASP D 751 22.73 -32.47 -30.78
CA ASP D 751 21.93 -31.25 -30.82
C ASP D 751 21.35 -31.02 -32.21
N ILE D 752 22.12 -31.33 -33.25
CA ILE D 752 21.67 -31.10 -34.62
C ILE D 752 20.38 -31.86 -34.90
N ARG D 753 20.29 -33.09 -34.40
CA ARG D 753 19.13 -33.94 -34.67
C ARG D 753 17.85 -33.32 -34.13
N LYS D 754 17.94 -32.60 -33.01
CA LYS D 754 16.76 -31.93 -32.48
C LYS D 754 16.28 -30.82 -33.40
N TYR D 755 17.21 -30.04 -33.95
CA TYR D 755 16.83 -28.96 -34.86
C TYR D 755 16.35 -29.52 -36.19
N GLU D 756 17.01 -30.56 -36.70
CA GLU D 756 16.58 -31.18 -37.94
C GLU D 756 15.22 -31.84 -37.79
N MET D 757 14.94 -32.40 -36.61
CA MET D 757 13.66 -33.03 -36.37
C MET D 757 12.52 -32.02 -36.44
N PHE D 758 12.72 -30.83 -35.87
CA PHE D 758 11.71 -29.79 -35.98
C PHE D 758 11.50 -29.37 -37.43
N ALA D 759 12.60 -29.23 -38.17
CA ALA D 759 12.48 -28.95 -39.61
C ALA D 759 11.88 -30.13 -40.34
N GLN D 760 12.23 -31.35 -39.95
CA GLN D 760 11.69 -32.55 -40.59
C GLN D 760 10.18 -32.63 -40.39
N THR D 761 9.70 -32.34 -39.17
CA THR D 761 8.27 -32.40 -38.91
C THR D 761 7.50 -31.36 -39.71
N LEU D 762 8.04 -30.14 -39.81
CA LEU D 762 7.39 -29.09 -40.57
C LEU D 762 7.29 -29.46 -42.05
N GLN D 763 8.37 -30.02 -42.60
CA GLN D 763 8.35 -30.44 -44.01
C GLN D 763 7.42 -31.62 -44.21
N GLN D 764 7.40 -32.56 -43.26
CA GLN D 764 6.52 -33.73 -43.39
C GLN D 764 5.07 -33.35 -43.15
N SER D 765 4.83 -32.22 -42.50
CA SER D 765 3.46 -31.82 -42.19
C SER D 765 2.66 -31.53 -43.45
N ARG D 766 3.25 -30.77 -44.37
CA ARG D 766 2.54 -30.42 -45.60
C ARG D 766 2.28 -31.63 -46.48
N GLY D 767 3.24 -32.54 -46.57
CA GLY D 767 3.11 -33.67 -47.46
C GLY D 767 3.25 -33.23 -48.91
N PHE D 768 2.67 -34.03 -49.81
CA PHE D 768 2.55 -33.81 -51.25
C PHE D 768 3.88 -33.55 -51.95
N GLY D 769 5.01 -33.74 -51.27
CA GLY D 769 6.30 -33.53 -51.90
C GLY D 769 6.42 -32.15 -52.51
N SER D 770 6.48 -32.10 -53.84
CA SER D 770 6.48 -30.84 -54.58
C SER D 770 5.09 -30.63 -55.17
N PHE D 771 4.50 -29.46 -54.91
CA PHE D 771 3.16 -29.16 -55.39
C PHE D 771 3.22 -28.70 -56.84
N ARG D 772 2.41 -29.35 -57.69
CA ARG D 772 2.35 -29.01 -59.11
C ARG D 772 0.90 -29.06 -59.56
N PHE D 773 0.49 -28.05 -60.34
CA PHE D 773 -0.86 -28.00 -60.85
C PHE D 773 -1.01 -28.98 -62.03
N PRO D 774 -2.22 -29.50 -62.25
CA PRO D 774 -2.40 -30.48 -63.33
C PRO D 774 -2.23 -29.86 -64.70
N SER D 775 -1.82 -30.70 -65.66
CA SER D 775 -1.66 -30.29 -67.06
C SER D 775 -0.74 -29.09 -67.20
N LEU E 12 -52.97 3.75 -14.80
CA LEU E 12 -52.82 3.92 -13.36
C LEU E 12 -51.42 4.40 -13.00
N SER E 13 -50.41 3.77 -13.62
CA SER E 13 -49.03 4.17 -13.37
C SER E 13 -48.77 5.60 -13.83
N THR E 14 -49.24 5.95 -15.02
CA THR E 14 -49.07 7.29 -15.58
C THR E 14 -50.38 8.07 -15.65
N ALA E 15 -51.24 7.93 -14.64
CA ALA E 15 -52.53 8.60 -14.67
C ALA E 15 -52.38 10.11 -14.69
N ILE E 16 -51.40 10.63 -13.93
CA ILE E 16 -51.25 12.08 -13.82
C ILE E 16 -50.79 12.68 -15.14
N LEU E 17 -50.00 11.95 -15.92
CA LEU E 17 -49.57 12.45 -17.22
C LEU E 17 -50.73 12.56 -18.20
N LYS E 18 -51.64 11.58 -18.19
CA LYS E 18 -52.79 11.63 -19.08
C LYS E 18 -53.65 12.83 -18.74
N GLN E 19 -53.76 13.76 -19.69
CA GLN E 19 -54.49 15.00 -19.44
C GLN E 19 -55.98 14.71 -19.27
N LYS E 20 -56.57 15.36 -18.26
CA LYS E 20 -57.98 15.16 -17.97
C LYS E 20 -58.84 15.74 -19.08
N ASN E 21 -60.00 15.12 -19.32
CA ASN E 21 -60.92 15.60 -20.33
C ASN E 21 -61.92 16.55 -19.69
N ARG E 22 -61.82 17.83 -20.02
CA ARG E 22 -62.66 18.87 -19.45
C ARG E 22 -63.13 19.79 -20.56
N PRO E 23 -64.26 20.49 -20.36
CA PRO E 23 -64.73 21.40 -21.40
C PRO E 23 -63.77 22.55 -21.68
N ASN E 24 -62.89 22.88 -20.74
CA ASN E 24 -61.99 24.01 -20.94
C ASN E 24 -60.91 23.68 -21.96
N ARG E 25 -60.58 22.40 -22.12
CA ARG E 25 -59.52 22.00 -23.04
C ARG E 25 -59.96 22.20 -24.49
N LEU E 26 -59.06 22.73 -25.31
CA LEU E 26 -59.35 23.03 -26.71
C LEU E 26 -58.08 22.86 -27.53
N ILE E 27 -58.26 22.66 -28.84
CA ILE E 27 -57.12 22.44 -29.73
C ILE E 27 -56.81 23.72 -30.48
N VAL E 28 -55.52 23.95 -30.79
CA VAL E 28 -55.08 25.24 -31.30
C VAL E 28 -55.33 25.35 -32.80
N ASP E 29 -55.83 26.51 -33.24
CA ASP E 29 -56.12 26.81 -34.64
C ASP E 29 -55.46 28.12 -35.04
N GLU E 30 -55.14 28.23 -36.33
CA GLU E 30 -54.57 29.46 -36.87
C GLU E 30 -55.65 30.52 -37.05
N ALA E 31 -55.23 31.78 -36.94
CA ALA E 31 -56.14 32.92 -37.02
C ALA E 31 -56.13 33.48 -38.44
N ILE E 32 -57.31 33.56 -39.05
CA ILE E 32 -57.41 34.10 -40.41
C ILE E 32 -57.27 35.62 -40.39
N ASN E 33 -58.12 36.28 -39.59
CA ASN E 33 -58.08 37.74 -39.48
C ASN E 33 -57.95 38.23 -38.04
N GLU E 34 -57.95 37.35 -37.05
CA GLU E 34 -57.87 37.77 -35.66
C GLU E 34 -56.52 38.42 -35.37
N ASP E 35 -56.56 39.55 -34.66
CA ASP E 35 -55.33 40.20 -34.26
C ASP E 35 -54.83 39.64 -32.94
N ASN E 36 -53.84 40.33 -32.36
CA ASN E 36 -53.17 39.83 -31.17
C ASN E 36 -54.11 39.80 -29.96
N SER E 37 -54.98 40.79 -29.83
CA SER E 37 -55.70 40.99 -28.57
C SER E 37 -57.04 40.26 -28.53
N VAL E 38 -57.46 39.58 -29.59
CA VAL E 38 -58.75 38.90 -29.58
C VAL E 38 -58.55 37.44 -29.98
N VAL E 39 -59.51 36.61 -29.59
CA VAL E 39 -59.59 35.22 -29.99
C VAL E 39 -61.02 34.92 -30.42
N SER E 40 -61.16 33.90 -31.26
CA SER E 40 -62.44 33.54 -31.85
C SER E 40 -62.79 32.11 -31.51
N LEU E 41 -64.07 31.87 -31.21
CA LEU E 41 -64.56 30.56 -30.83
C LEU E 41 -65.92 30.32 -31.48
N SER E 42 -66.39 29.08 -31.39
CA SER E 42 -67.74 28.75 -31.86
C SER E 42 -68.79 29.18 -30.83
N GLN E 43 -69.92 29.69 -31.33
CA GLN E 43 -71.01 30.08 -30.45
C GLN E 43 -71.51 28.95 -29.56
N PRO E 44 -71.69 27.72 -30.05
CA PRO E 44 -72.02 26.63 -29.12
C PRO E 44 -71.00 26.45 -28.01
N LYS E 45 -69.73 26.74 -28.28
CA LYS E 45 -68.74 26.66 -27.22
C LYS E 45 -69.01 27.71 -26.15
N MET E 46 -69.47 28.90 -26.55
CA MET E 46 -69.94 29.87 -25.56
C MET E 46 -71.13 29.34 -24.77
N ASP E 47 -72.12 28.76 -25.46
CA ASP E 47 -73.31 28.28 -24.76
C ASP E 47 -72.96 27.18 -23.77
N GLU E 48 -71.95 26.37 -24.09
CA GLU E 48 -71.45 25.38 -23.12
C GLU E 48 -70.63 26.06 -22.02
N LEU E 49 -69.79 27.03 -22.38
CA LEU E 49 -68.89 27.67 -21.44
C LEU E 49 -69.48 28.90 -20.76
N GLN E 50 -70.66 29.36 -21.20
CA GLN E 50 -71.33 30.52 -20.62
C GLN E 50 -70.46 31.78 -20.74
N LEU E 51 -69.77 31.92 -21.87
CA LEU E 51 -68.87 33.03 -22.13
C LEU E 51 -69.53 33.99 -23.12
N PHE E 52 -69.64 35.25 -22.73
CA PHE E 52 -70.27 36.27 -23.56
C PHE E 52 -69.27 36.88 -24.54
N ARG E 53 -69.78 37.29 -25.69
CA ARG E 53 -68.94 37.92 -26.70
C ARG E 53 -68.41 39.27 -26.20
N GLY E 54 -67.14 39.52 -26.46
CA GLY E 54 -66.49 40.73 -26.02
C GLY E 54 -65.88 40.67 -24.65
N ASP E 55 -66.11 39.60 -23.89
CA ASP E 55 -65.52 39.45 -22.57
C ASP E 55 -64.04 39.12 -22.68
N THR E 56 -63.27 39.55 -21.68
CA THR E 56 -61.87 39.17 -21.60
C THR E 56 -61.74 37.80 -20.94
N VAL E 57 -60.78 37.01 -21.43
CA VAL E 57 -60.57 35.65 -20.96
C VAL E 57 -59.09 35.41 -20.73
N LEU E 58 -58.79 34.39 -19.93
CA LEU E 58 -57.43 33.98 -19.64
C LEU E 58 -57.17 32.61 -20.24
N LEU E 59 -56.03 32.45 -20.92
CA LEU E 59 -55.67 31.20 -21.58
C LEU E 59 -54.51 30.56 -20.84
N LYS E 60 -54.69 29.31 -20.43
CA LYS E 60 -53.61 28.55 -19.81
C LYS E 60 -52.68 27.99 -20.89
N GLY E 61 -51.38 28.04 -20.62
CA GLY E 61 -50.40 27.52 -21.56
C GLY E 61 -49.33 26.74 -20.85
N LYS E 62 -48.43 26.16 -21.65
CA LYS E 62 -47.33 25.39 -21.10
C LYS E 62 -46.29 26.32 -20.47
N LYS E 63 -45.47 25.73 -19.60
CA LYS E 63 -44.39 26.45 -18.90
C LYS E 63 -44.94 27.63 -18.08
N ARG E 64 -46.15 27.48 -17.55
CA ARG E 64 -46.75 28.47 -16.66
C ARG E 64 -46.89 29.83 -17.32
N ARG E 65 -46.98 29.84 -18.65
CA ARG E 65 -47.13 31.06 -19.43
C ARG E 65 -48.59 31.27 -19.78
N GLU E 66 -49.09 32.47 -19.54
CA GLU E 66 -50.49 32.80 -19.71
C GLU E 66 -50.63 34.09 -20.51
N ALA E 67 -51.76 34.22 -21.20
CA ALA E 67 -52.05 35.41 -21.99
C ALA E 67 -53.51 35.77 -21.83
N VAL E 68 -53.82 37.04 -22.05
CA VAL E 68 -55.16 37.59 -21.89
C VAL E 68 -55.64 38.09 -23.24
N CYS E 69 -56.82 37.63 -23.66
CA CYS E 69 -57.38 38.00 -24.96
C CYS E 69 -58.88 38.18 -24.82
N ILE E 70 -59.50 38.66 -25.89
CA ILE E 70 -60.94 38.92 -25.95
C ILE E 70 -61.61 37.76 -26.67
N VAL E 71 -62.53 37.08 -25.99
CA VAL E 71 -63.27 35.99 -26.61
C VAL E 71 -64.31 36.56 -27.57
N LEU E 72 -64.37 35.98 -28.77
CA LEU E 72 -65.30 36.41 -29.80
C LEU E 72 -65.87 35.18 -30.49
N SER E 73 -67.03 35.36 -31.11
CA SER E 73 -67.77 34.26 -31.73
C SER E 73 -67.41 34.18 -33.21
N ASP E 74 -67.07 32.97 -33.67
CA ASP E 74 -66.71 32.71 -35.06
C ASP E 74 -67.43 31.46 -35.54
N ASP E 75 -68.15 31.57 -36.65
CA ASP E 75 -68.87 30.41 -37.18
C ASP E 75 -67.92 29.38 -37.76
N THR E 76 -66.79 29.83 -38.32
CA THR E 76 -65.84 28.90 -38.91
C THR E 76 -65.14 28.07 -37.84
N CYS E 77 -65.15 28.55 -36.60
CA CYS E 77 -64.48 27.83 -35.52
C CYS E 77 -65.21 26.54 -35.18
N SER E 78 -64.43 25.49 -34.94
CA SER E 78 -65.00 24.24 -34.45
C SER E 78 -65.22 24.32 -32.94
N ASP E 79 -66.19 23.54 -32.46
CA ASP E 79 -66.51 23.55 -31.03
C ASP E 79 -65.35 23.04 -30.19
N GLU E 80 -64.56 22.12 -30.75
CA GLU E 80 -63.50 21.47 -30.01
C GLU E 80 -62.13 22.11 -30.22
N LYS E 81 -62.06 23.24 -30.92
CA LYS E 81 -60.78 23.79 -31.34
C LYS E 81 -60.73 25.29 -31.05
N ILE E 82 -59.55 25.77 -30.67
CA ILE E 82 -59.33 27.15 -30.24
C ILE E 82 -58.45 27.85 -31.26
N ARG E 83 -58.78 29.11 -31.57
CA ARG E 83 -58.09 29.85 -32.61
C ARG E 83 -57.23 30.97 -32.00
N MET E 84 -55.94 30.97 -32.32
CA MET E 84 -55.04 32.07 -31.99
C MET E 84 -54.12 32.31 -33.18
N ASN E 85 -53.57 33.53 -33.24
CA ASN E 85 -52.52 33.81 -34.19
C ASN E 85 -51.17 33.32 -33.65
N ARG E 86 -50.12 33.53 -34.46
CA ARG E 86 -48.78 33.07 -34.06
C ARG E 86 -48.28 33.83 -32.85
N VAL E 87 -48.61 35.12 -32.74
CA VAL E 87 -48.11 35.93 -31.63
C VAL E 87 -48.61 35.40 -30.29
N VAL E 88 -49.92 35.11 -30.21
CA VAL E 88 -50.48 34.60 -28.96
C VAL E 88 -49.94 33.21 -28.67
N ARG E 89 -49.77 32.39 -29.71
CA ARG E 89 -49.20 31.06 -29.51
C ARG E 89 -47.80 31.15 -28.90
N ASN E 90 -46.98 32.08 -29.40
CA ASN E 90 -45.66 32.29 -28.81
C ASN E 90 -45.78 32.81 -27.39
N ASN E 91 -46.74 33.70 -27.13
CA ASN E 91 -46.95 34.20 -25.77
C ASN E 91 -47.37 33.07 -24.84
N LEU E 92 -48.07 32.06 -25.35
CA LEU E 92 -48.49 30.92 -24.56
C LEU E 92 -47.51 29.75 -24.61
N ARG E 93 -46.43 29.88 -25.39
CA ARG E 93 -45.46 28.80 -25.59
C ARG E 93 -46.15 27.53 -26.07
N VAL E 94 -47.10 27.68 -27.00
CA VAL E 94 -47.85 26.55 -27.53
C VAL E 94 -47.75 26.57 -29.06
N ARG E 95 -47.92 25.39 -29.64
CA ARG E 95 -47.88 25.20 -31.09
C ARG E 95 -49.23 24.65 -31.55
N LEU E 96 -49.35 24.46 -32.85
CA LEU E 96 -50.56 23.87 -33.41
C LEU E 96 -50.67 22.41 -32.98
N GLY E 97 -51.89 21.99 -32.66
CA GLY E 97 -52.13 20.65 -32.17
C GLY E 97 -52.03 20.49 -30.67
N ASP E 98 -51.65 21.54 -29.94
CA ASP E 98 -51.56 21.46 -28.50
C ASP E 98 -52.93 21.70 -27.85
N VAL E 99 -53.01 21.37 -26.57
CA VAL E 99 -54.23 21.50 -25.79
C VAL E 99 -54.02 22.59 -24.74
N ILE E 100 -54.95 23.55 -24.70
CA ILE E 100 -54.88 24.65 -23.74
C ILE E 100 -56.23 24.78 -23.03
N SER E 101 -56.21 25.45 -21.88
CA SER E 101 -57.40 25.68 -21.08
C SER E 101 -57.81 27.14 -21.18
N ILE E 102 -59.10 27.37 -21.38
CA ILE E 102 -59.67 28.71 -21.47
C ILE E 102 -60.61 28.93 -20.29
N GLN E 103 -60.44 30.06 -19.61
CA GLN E 103 -61.31 30.44 -18.50
C GLN E 103 -61.56 31.93 -18.54
N PRO E 104 -62.69 32.38 -17.99
CA PRO E 104 -62.91 33.83 -17.85
C PRO E 104 -61.85 34.47 -16.96
N CYS E 105 -61.44 35.68 -17.33
CA CYS E 105 -60.47 36.40 -16.52
C CYS E 105 -61.19 37.17 -15.41
N PRO E 106 -60.89 36.88 -14.14
CA PRO E 106 -61.67 37.47 -13.05
C PRO E 106 -61.19 38.85 -12.62
N ASP E 107 -62.12 39.80 -12.50
CA ASP E 107 -61.87 41.12 -11.93
C ASP E 107 -60.77 41.87 -12.68
N VAL E 108 -61.01 42.14 -13.96
CA VAL E 108 -60.08 42.94 -14.75
C VAL E 108 -60.48 44.41 -14.67
N LYS E 109 -59.51 45.26 -14.35
CA LYS E 109 -59.75 46.69 -14.17
C LYS E 109 -58.90 47.48 -15.14
N TYR E 110 -59.32 48.72 -15.40
CA TYR E 110 -58.62 49.56 -16.36
C TYR E 110 -57.25 49.94 -15.80
N GLY E 111 -56.22 49.76 -16.63
CA GLY E 111 -54.86 49.97 -16.18
C GLY E 111 -54.58 51.45 -15.96
N LYS E 112 -54.03 51.77 -14.79
CA LYS E 112 -53.61 53.15 -14.53
C LYS E 112 -52.43 53.54 -15.41
N ARG E 113 -51.42 52.68 -15.50
CA ARG E 113 -50.22 52.95 -16.28
C ARG E 113 -49.58 51.63 -16.65
N ILE E 114 -49.04 51.58 -17.87
CA ILE E 114 -48.35 50.39 -18.37
C ILE E 114 -46.99 50.82 -18.91
N HIS E 115 -45.98 49.99 -18.67
CA HIS E 115 -44.62 50.24 -19.15
C HIS E 115 -44.31 49.20 -20.21
N VAL E 116 -43.97 49.66 -21.41
CA VAL E 116 -43.80 48.80 -22.58
C VAL E 116 -42.39 48.98 -23.12
N LEU E 117 -41.70 47.87 -23.38
CA LEU E 117 -40.35 47.90 -23.90
C LEU E 117 -40.32 47.22 -25.27
N PRO E 118 -39.80 47.89 -26.30
CA PRO E 118 -39.75 47.26 -27.62
C PRO E 118 -38.56 46.31 -27.76
N ILE E 119 -38.56 45.55 -28.85
CA ILE E 119 -37.48 44.61 -29.11
C ILE E 119 -36.29 45.34 -29.73
N ASP E 120 -35.09 44.82 -29.47
CA ASP E 120 -33.87 45.50 -29.88
C ASP E 120 -33.76 45.63 -31.39
N ASP E 121 -34.08 44.57 -32.13
CA ASP E 121 -33.93 44.63 -33.58
C ASP E 121 -35.03 45.47 -34.21
N THR E 122 -36.23 45.45 -33.61
CA THR E 122 -37.36 46.18 -34.19
C THR E 122 -37.12 47.67 -34.24
N VAL E 123 -36.49 48.23 -33.20
CA VAL E 123 -36.31 49.68 -33.13
C VAL E 123 -35.33 50.16 -34.19
N GLU E 124 -34.38 49.31 -34.57
CA GLU E 124 -33.38 49.70 -35.56
C GLU E 124 -34.03 49.98 -36.90
N GLY E 125 -33.53 50.99 -37.60
CA GLY E 125 -34.10 51.41 -38.86
C GLY E 125 -35.34 52.26 -38.76
N ILE E 126 -35.73 52.66 -37.56
CA ILE E 126 -36.93 53.47 -37.33
C ILE E 126 -36.48 54.80 -36.74
N THR E 127 -36.85 55.90 -37.40
CA THR E 127 -36.48 57.23 -36.94
C THR E 127 -37.59 57.93 -36.18
N GLY E 128 -38.84 57.76 -36.60
CA GLY E 128 -39.94 58.39 -35.91
C GLY E 128 -40.12 57.84 -34.51
N ASN E 129 -40.79 58.62 -33.67
CA ASN E 129 -41.03 58.21 -32.28
C ASN E 129 -41.86 56.94 -32.25
N LEU E 130 -41.33 55.91 -31.58
CA LEU E 130 -42.00 54.61 -31.57
C LEU E 130 -43.38 54.69 -30.94
N PHE E 131 -43.50 55.45 -29.84
CA PHE E 131 -44.79 55.54 -29.16
C PHE E 131 -45.87 56.07 -30.08
N GLU E 132 -45.63 57.25 -30.69
CA GLU E 132 -46.65 57.87 -31.54
C GLU E 132 -46.99 57.00 -32.75
N VAL E 133 -45.97 56.41 -33.37
CA VAL E 133 -46.19 55.66 -34.60
C VAL E 133 -46.94 54.36 -34.31
N TYR E 134 -46.61 53.68 -33.22
CA TYR E 134 -47.10 52.32 -32.99
C TYR E 134 -48.06 52.21 -31.81
N LEU E 135 -47.66 52.66 -30.61
CA LEU E 135 -48.42 52.33 -29.42
C LEU E 135 -49.76 53.05 -29.38
N LYS E 136 -49.77 54.34 -29.70
CA LYS E 136 -51.02 55.11 -29.63
C LYS E 136 -52.08 54.61 -30.60
N PRO E 137 -51.81 54.46 -31.91
CA PRO E 137 -52.86 53.92 -32.79
C PRO E 137 -53.26 52.49 -32.44
N TYR E 138 -52.32 51.69 -31.96
CA TYR E 138 -52.62 50.31 -31.59
C TYR E 138 -53.56 50.25 -30.40
N PHE E 139 -53.54 51.27 -29.56
CA PHE E 139 -54.34 51.30 -28.33
C PHE E 139 -55.30 52.49 -28.28
N LEU E 140 -55.61 53.10 -29.42
CA LEU E 140 -56.55 54.23 -29.46
C LEU E 140 -57.96 53.68 -29.59
N GLU E 141 -58.76 53.83 -28.52
CA GLU E 141 -60.12 53.32 -28.46
C GLU E 141 -60.18 51.82 -28.76
N ALA E 142 -59.16 51.08 -28.33
CA ALA E 142 -59.08 49.65 -28.55
C ALA E 142 -59.38 48.83 -27.30
N TYR E 143 -58.96 49.32 -26.12
CA TYR E 143 -59.17 48.62 -24.85
C TYR E 143 -58.62 47.19 -24.92
N ARG E 144 -57.46 47.05 -25.54
CA ARG E 144 -56.85 45.73 -25.67
C ARG E 144 -56.38 45.24 -24.31
N PRO E 145 -56.83 44.06 -23.88
CA PRO E 145 -56.37 43.53 -22.58
C PRO E 145 -54.98 42.93 -22.70
N ILE E 146 -54.13 43.30 -21.74
CA ILE E 146 -52.74 42.86 -21.71
C ILE E 146 -52.44 42.23 -20.36
N ARG E 147 -51.42 41.37 -20.36
CA ARG E 147 -50.96 40.71 -19.15
C ARG E 147 -49.46 40.95 -19.01
N LYS E 148 -48.97 40.80 -17.78
CA LYS E 148 -47.56 41.05 -17.48
C LYS E 148 -46.65 40.16 -18.32
N GLY E 149 -45.69 40.79 -19.00
CA GLY E 149 -44.66 40.09 -19.72
C GLY E 149 -45.01 39.65 -21.13
N ASP E 150 -46.23 39.89 -21.60
CA ASP E 150 -46.61 39.45 -22.93
C ASP E 150 -45.94 40.29 -24.00
N ILE E 151 -45.73 39.68 -25.17
CA ILE E 151 -45.14 40.34 -26.32
C ILE E 151 -46.17 40.34 -27.45
N PHE E 152 -46.44 41.51 -28.02
CA PHE E 152 -47.38 41.65 -29.11
C PHE E 152 -46.74 42.42 -30.25
N LEU E 153 -47.29 42.26 -31.44
CA LEU E 153 -46.73 42.82 -32.66
C LEU E 153 -47.65 43.91 -33.20
N VAL E 154 -47.10 45.10 -33.41
CA VAL E 154 -47.82 46.23 -33.98
C VAL E 154 -47.28 46.48 -35.39
N ARG E 155 -48.14 46.30 -36.39
CA ARG E 155 -47.72 46.48 -37.77
C ARG E 155 -47.72 47.96 -38.15
N GLY E 156 -46.66 48.39 -38.80
CA GLY E 156 -46.55 49.76 -39.25
C GLY E 156 -45.10 50.18 -39.38
N GLY E 157 -44.92 51.37 -39.95
CA GLY E 157 -43.59 51.92 -40.10
C GLY E 157 -42.76 51.18 -41.15
N MET E 158 -41.46 51.51 -41.16
CA MET E 158 -40.53 50.82 -42.04
C MET E 158 -40.42 49.35 -41.67
N ARG E 159 -40.34 49.04 -40.38
CA ARG E 159 -40.26 47.67 -39.89
C ARG E 159 -41.31 47.45 -38.81
N ALA E 160 -41.94 46.28 -38.84
CA ALA E 160 -42.90 45.93 -37.80
C ALA E 160 -42.19 45.77 -36.47
N VAL E 161 -42.75 46.39 -35.43
CA VAL E 161 -42.13 46.45 -34.11
C VAL E 161 -42.94 45.59 -33.16
N GLU E 162 -42.26 44.73 -32.41
CA GLU E 162 -42.88 43.90 -31.39
C GLU E 162 -42.67 44.54 -30.03
N PHE E 163 -43.72 44.60 -29.22
CA PHE E 163 -43.70 45.31 -27.94
C PHE E 163 -43.96 44.31 -26.82
N LYS E 164 -43.14 44.38 -25.77
CA LYS E 164 -43.29 43.56 -24.58
C LYS E 164 -43.64 44.43 -23.39
N VAL E 165 -44.75 44.12 -22.73
CA VAL E 165 -45.19 44.88 -21.55
C VAL E 165 -44.51 44.30 -20.32
N VAL E 166 -43.37 44.89 -19.93
CA VAL E 166 -42.63 44.39 -18.78
C VAL E 166 -43.38 44.68 -17.48
N GLU E 167 -43.98 45.86 -17.37
CA GLU E 167 -44.64 46.30 -16.14
C GLU E 167 -46.10 46.59 -16.42
N THR E 168 -46.98 46.06 -15.56
CA THR E 168 -48.41 46.30 -15.65
C THR E 168 -48.91 46.85 -14.32
N ASP E 169 -49.77 47.86 -14.38
CA ASP E 169 -50.38 48.45 -13.20
C ASP E 169 -51.86 48.66 -13.43
N PRO E 170 -52.75 47.96 -12.72
CA PRO E 170 -52.40 46.98 -11.68
C PRO E 170 -51.96 45.63 -12.25
N SER E 171 -50.98 45.01 -11.60
CA SER E 171 -50.46 43.73 -12.05
C SER E 171 -51.43 42.60 -11.68
N PRO E 172 -51.60 41.61 -12.56
CA PRO E 172 -51.02 41.57 -13.91
C PRO E 172 -52.03 41.87 -15.00
N TYR E 173 -53.31 41.90 -14.66
CA TYR E 173 -54.40 42.07 -15.61
C TYR E 173 -54.82 43.53 -15.64
N CYS E 174 -54.80 44.14 -16.82
CA CYS E 174 -55.17 45.54 -16.97
C CYS E 174 -55.67 45.78 -18.39
N ILE E 175 -56.58 46.74 -18.52
CA ILE E 175 -57.15 47.14 -19.81
C ILE E 175 -56.47 48.42 -20.25
N VAL E 176 -56.06 48.46 -21.52
CA VAL E 176 -55.32 49.60 -22.05
C VAL E 176 -56.34 50.58 -22.61
N ALA E 177 -56.82 51.47 -21.75
CA ALA E 177 -57.73 52.53 -22.16
C ALA E 177 -56.95 53.63 -22.88
N PRO E 178 -57.63 54.44 -23.69
CA PRO E 178 -56.92 55.56 -24.35
C PRO E 178 -56.28 56.53 -23.38
N ASP E 179 -56.91 56.76 -22.22
CA ASP E 179 -56.34 57.70 -21.25
C ASP E 179 -55.16 57.08 -20.50
N THR E 180 -54.99 55.76 -20.60
CA THR E 180 -53.89 55.10 -19.94
C THR E 180 -52.56 55.54 -20.54
N VAL E 181 -51.62 55.90 -19.68
CA VAL E 181 -50.32 56.39 -20.12
C VAL E 181 -49.47 55.21 -20.59
N ILE E 182 -48.98 55.30 -21.82
CA ILE E 182 -48.10 54.29 -22.40
C ILE E 182 -46.79 54.98 -22.76
N HIS E 183 -45.69 54.46 -22.22
CA HIS E 183 -44.37 55.03 -22.45
C HIS E 183 -43.41 53.92 -22.86
N CYS E 184 -42.68 54.15 -23.95
CA CYS E 184 -41.71 53.20 -24.46
C CYS E 184 -40.30 53.46 -23.92
N GLU E 185 -40.14 54.41 -23.01
CA GLU E 185 -38.84 54.70 -22.45
C GLU E 185 -38.32 53.51 -21.64
N GLY E 186 -37.07 53.15 -21.87
CA GLY E 186 -36.47 52.04 -21.16
C GLY E 186 -35.47 51.24 -21.99
N GLU E 187 -34.88 50.21 -21.37
CA GLU E 187 -33.90 49.39 -22.07
C GLU E 187 -34.58 48.55 -23.14
N PRO E 188 -34.00 48.43 -24.33
CA PRO E 188 -34.58 47.54 -25.35
C PRO E 188 -34.52 46.08 -24.92
N ILE E 189 -35.51 45.31 -25.35
CA ILE E 189 -35.54 43.88 -25.05
C ILE E 189 -34.82 43.12 -26.16
N LYS E 190 -33.86 42.29 -25.76
CA LYS E 190 -33.03 41.58 -26.73
C LYS E 190 -33.81 40.43 -27.36
N ARG E 191 -33.46 40.11 -28.61
CA ARG E 191 -34.00 38.92 -29.26
C ARG E 191 -33.54 37.66 -28.56
N GLU E 192 -32.29 37.64 -28.09
CA GLU E 192 -31.74 36.43 -27.50
C GLU E 192 -32.45 36.06 -26.20
N ASP E 193 -32.79 37.04 -25.37
CA ASP E 193 -33.47 36.74 -24.12
C ASP E 193 -34.85 36.12 -24.37
N GLU E 194 -35.63 36.73 -25.27
CA GLU E 194 -36.95 36.19 -25.59
C GLU E 194 -36.85 34.83 -26.25
N GLU E 195 -35.86 34.64 -27.12
CA GLU E 195 -35.67 33.33 -27.76
C GLU E 195 -35.30 32.26 -26.75
N GLU E 196 -34.43 32.60 -25.79
CA GLU E 196 -34.06 31.65 -24.76
C GLU E 196 -35.24 31.31 -23.87
N SER E 197 -36.08 32.30 -23.55
CA SER E 197 -37.29 32.01 -22.78
C SER E 197 -38.26 31.15 -23.59
N LEU E 198 -38.29 31.33 -24.91
CA LEU E 198 -39.11 30.48 -25.76
C LEU E 198 -38.61 29.04 -25.76
N ASN E 199 -37.29 28.87 -25.82
CA ASN E 199 -36.68 27.54 -25.82
C ASN E 199 -36.51 26.96 -24.42
N GLU E 200 -37.23 27.50 -23.44
CA GLU E 200 -37.11 27.01 -22.07
C GLU E 200 -37.63 25.58 -21.97
N VAL E 201 -36.96 24.79 -21.13
CA VAL E 201 -37.27 23.36 -21.04
C VAL E 201 -38.53 23.15 -20.20
N GLY E 202 -39.40 22.25 -20.69
CA GLY E 202 -40.59 21.89 -19.95
C GLY E 202 -40.72 20.38 -19.84
N TYR E 203 -41.88 19.95 -19.35
CA TYR E 203 -42.13 18.52 -19.19
C TYR E 203 -42.16 17.80 -20.53
N ASP E 204 -42.50 18.50 -21.61
CA ASP E 204 -42.59 17.85 -22.91
C ASP E 204 -41.21 17.56 -23.48
N ASP E 205 -40.17 18.17 -22.92
CA ASP E 205 -38.82 17.99 -23.44
C ASP E 205 -38.22 16.67 -22.98
N ILE E 206 -38.90 15.96 -22.08
CA ILE E 206 -38.42 14.66 -21.62
C ILE E 206 -39.22 13.56 -22.30
N GLY E 207 -38.50 12.63 -22.93
CA GLY E 207 -39.14 11.50 -23.58
C GLY E 207 -38.47 10.21 -23.16
N GLY E 208 -39.26 9.14 -23.15
CA GLY E 208 -38.76 7.84 -22.77
C GLY E 208 -38.69 7.60 -21.27
N CYS E 209 -39.16 8.53 -20.46
CA CYS E 209 -39.18 8.39 -19.01
C CYS E 209 -40.57 8.65 -18.46
N ARG E 210 -41.59 8.10 -19.14
CA ARG E 210 -42.97 8.39 -18.75
C ARG E 210 -43.27 7.88 -17.35
N LYS E 211 -42.85 6.66 -17.03
CA LYS E 211 -43.07 6.14 -15.69
C LYS E 211 -42.30 6.94 -14.65
N GLN E 212 -41.03 7.24 -14.94
CA GLN E 212 -40.23 8.03 -14.02
C GLN E 212 -40.77 9.45 -13.87
N LEU E 213 -41.22 10.04 -14.97
CA LEU E 213 -41.79 11.39 -14.88
C LEU E 213 -43.10 11.38 -14.11
N ALA E 214 -43.90 10.31 -14.25
CA ALA E 214 -45.11 10.18 -13.45
C ALA E 214 -44.78 10.07 -11.98
N GLN E 215 -43.77 9.28 -11.63
CA GLN E 215 -43.34 9.21 -10.24
C GLN E 215 -42.89 10.58 -9.74
N ILE E 216 -42.10 11.30 -10.54
CA ILE E 216 -41.60 12.59 -10.10
C ILE E 216 -42.74 13.57 -9.90
N LYS E 217 -43.70 13.59 -10.81
CA LYS E 217 -44.86 14.47 -10.65
C LYS E 217 -45.63 14.13 -9.38
N GLU E 218 -45.95 12.84 -9.18
CA GLU E 218 -46.75 12.45 -8.03
C GLU E 218 -46.01 12.73 -6.71
N MET E 219 -44.68 12.72 -6.74
CA MET E 219 -43.92 12.84 -5.49
C MET E 219 -43.51 14.28 -5.23
N VAL E 220 -43.57 15.14 -6.24
CA VAL E 220 -43.14 16.53 -6.10
C VAL E 220 -44.31 17.50 -6.24
N GLU E 221 -44.97 17.49 -7.41
CA GLU E 221 -45.98 18.51 -7.67
C GLU E 221 -47.23 18.27 -6.84
N LEU E 222 -47.68 17.02 -6.76
CA LEU E 222 -48.92 16.72 -6.05
C LEU E 222 -48.87 17.06 -4.56
N PRO E 223 -47.83 16.71 -3.80
CA PRO E 223 -47.82 17.13 -2.38
C PRO E 223 -47.87 18.63 -2.18
N LEU E 224 -47.20 19.40 -3.04
CA LEU E 224 -47.20 20.85 -2.87
C LEU E 224 -48.50 21.46 -3.39
N ARG E 225 -49.01 20.94 -4.52
CA ARG E 225 -50.20 21.52 -5.12
C ARG E 225 -51.43 21.27 -4.26
N HIS E 226 -51.62 20.03 -3.81
CA HIS E 226 -52.77 19.66 -2.98
C HIS E 226 -52.31 18.89 -1.76
N PRO E 227 -51.70 19.57 -0.78
CA PRO E 227 -51.30 18.87 0.46
C PRO E 227 -52.49 18.34 1.25
N ALA E 228 -53.63 19.02 1.17
CA ALA E 228 -54.81 18.58 1.94
C ALA E 228 -55.28 17.21 1.47
N LEU E 229 -55.05 16.88 0.20
CA LEU E 229 -55.44 15.57 -0.31
C LEU E 229 -54.67 14.47 0.40
N PHE E 230 -53.37 14.67 0.62
CA PHE E 230 -52.61 13.72 1.43
C PHE E 230 -52.99 13.80 2.89
N LYS E 231 -53.39 14.99 3.35
CA LYS E 231 -53.78 15.15 4.75
C LYS E 231 -55.01 14.33 5.09
N GLU E 232 -55.99 14.28 4.19
CA GLU E 232 -57.23 13.56 4.48
C GLU E 232 -56.96 12.07 4.71
N ILE E 233 -56.22 11.43 3.80
CA ILE E 233 -55.92 10.02 3.92
C ILE E 233 -54.94 9.73 5.05
N GLY E 234 -54.40 10.75 5.69
CA GLY E 234 -53.54 10.57 6.85
C GLY E 234 -52.21 9.91 6.56
N VAL E 235 -51.55 10.28 5.46
CA VAL E 235 -50.22 9.79 5.14
C VAL E 235 -49.32 10.99 4.90
N LYS E 236 -48.03 10.81 5.17
CA LYS E 236 -47.06 11.88 4.94
C LYS E 236 -46.44 11.72 3.55
N PRO E 237 -46.50 12.74 2.71
CA PRO E 237 -45.85 12.67 1.40
C PRO E 237 -44.35 12.61 1.56
N PRO E 238 -43.64 11.93 0.66
CA PRO E 238 -42.18 11.86 0.76
C PRO E 238 -41.55 13.24 0.62
N ARG E 239 -40.43 13.43 1.33
CA ARG E 239 -39.70 14.69 1.28
C ARG E 239 -38.31 14.58 0.66
N GLY E 240 -37.80 13.38 0.46
CA GLY E 240 -36.51 13.21 -0.18
C GLY E 240 -36.58 12.34 -1.42
N ILE E 241 -36.33 12.91 -2.59
CA ILE E 241 -36.39 12.21 -3.86
C ILE E 241 -34.98 12.14 -4.43
N LEU E 242 -34.56 10.95 -4.84
CA LEU E 242 -33.24 10.72 -5.39
C LEU E 242 -33.36 10.26 -6.83
N LEU E 243 -32.59 10.89 -7.73
CA LEU E 243 -32.48 10.48 -9.12
C LEU E 243 -31.10 9.89 -9.34
N TYR E 244 -31.06 8.68 -9.88
CA TYR E 244 -29.80 8.04 -10.24
C TYR E 244 -29.93 7.37 -11.60
N GLY E 245 -28.80 7.26 -12.28
CA GLY E 245 -28.76 6.65 -13.59
C GLY E 245 -27.44 6.94 -14.28
N PRO E 246 -27.19 6.29 -15.41
CA PRO E 246 -25.97 6.56 -16.15
C PRO E 246 -25.98 7.96 -16.70
N PRO E 247 -24.80 8.54 -16.96
CA PRO E 247 -24.75 9.91 -17.47
C PRO E 247 -25.49 10.07 -18.78
N GLY E 248 -26.18 11.20 -18.92
CA GLY E 248 -26.90 11.54 -20.13
C GLY E 248 -28.34 11.08 -20.20
N THR E 249 -28.85 10.39 -19.18
CA THR E 249 -30.19 9.85 -19.25
C THR E 249 -31.25 10.92 -18.96
N GLY E 250 -30.86 12.06 -18.43
CA GLY E 250 -31.75 13.18 -18.25
C GLY E 250 -32.21 13.48 -16.84
N LYS E 251 -31.35 13.29 -15.83
CA LYS E 251 -31.73 13.68 -14.47
C LYS E 251 -31.77 15.19 -14.33
N THR E 252 -30.73 15.87 -14.81
CA THR E 252 -30.71 17.33 -14.75
C THR E 252 -31.76 17.93 -15.68
N LEU E 253 -32.07 17.24 -16.78
CA LEU E 253 -33.16 17.70 -17.65
C LEU E 253 -34.50 17.66 -16.92
N ILE E 254 -34.75 16.58 -16.18
CA ILE E 254 -35.97 16.49 -15.38
C ILE E 254 -35.97 17.58 -14.31
N ALA E 255 -34.82 17.86 -13.71
CA ALA E 255 -34.74 18.95 -12.74
C ALA E 255 -35.08 20.29 -13.37
N ARG E 256 -34.56 20.55 -14.58
CA ARG E 256 -34.87 21.80 -15.28
C ARG E 256 -36.36 21.89 -15.57
N ALA E 257 -36.97 20.79 -16.02
CA ALA E 257 -38.41 20.80 -16.29
C ALA E 257 -39.21 21.07 -15.03
N VAL E 258 -38.82 20.44 -13.92
CA VAL E 258 -39.52 20.66 -12.65
C VAL E 258 -39.39 22.11 -12.23
N ALA E 259 -38.19 22.67 -12.33
CA ALA E 259 -37.98 24.06 -11.94
C ALA E 259 -38.80 25.01 -12.81
N ASN E 260 -38.88 24.73 -14.11
CA ASN E 260 -39.55 25.65 -15.02
C ASN E 260 -41.07 25.53 -14.93
N GLU E 261 -41.58 24.35 -14.57
CA GLU E 261 -43.01 24.10 -14.57
C GLU E 261 -43.58 23.85 -13.18
N THR E 262 -43.07 24.52 -12.16
CA THR E 262 -43.63 24.43 -10.81
C THR E 262 -43.93 25.83 -10.31
N GLY E 263 -44.99 25.96 -9.50
CA GLY E 263 -45.26 27.22 -8.84
C GLY E 263 -44.43 27.39 -7.58
N ALA E 264 -43.90 26.30 -7.06
CA ALA E 264 -43.14 26.34 -5.82
C ALA E 264 -41.80 27.03 -6.02
N PHE E 265 -41.29 27.61 -4.94
CA PHE E 265 -39.95 28.19 -4.97
C PHE E 265 -38.91 27.11 -5.22
N PHE E 266 -37.99 27.38 -6.13
CA PHE E 266 -36.98 26.41 -6.52
C PHE E 266 -35.60 26.90 -6.10
N PHE E 267 -34.93 26.13 -5.26
CA PHE E 267 -33.58 26.43 -4.83
C PHE E 267 -32.62 25.38 -5.39
N LEU E 268 -31.58 25.85 -6.06
CA LEU E 268 -30.59 24.98 -6.68
C LEU E 268 -29.35 24.91 -5.80
N ILE E 269 -28.91 23.69 -5.51
CA ILE E 269 -27.65 23.44 -4.83
C ILE E 269 -26.79 22.58 -5.75
N ASN E 270 -25.59 23.07 -6.07
CA ASN E 270 -24.57 22.27 -6.73
C ASN E 270 -23.56 21.87 -5.67
N GLY E 271 -23.23 20.58 -5.64
CA GLY E 271 -22.46 20.01 -4.56
C GLY E 271 -21.23 20.80 -4.18
N PRO E 272 -20.23 20.85 -5.07
CA PRO E 272 -18.98 21.54 -4.72
C PRO E 272 -19.15 23.03 -4.46
N GLU E 273 -20.24 23.64 -4.93
CA GLU E 273 -20.45 25.06 -4.68
C GLU E 273 -20.65 25.35 -3.20
N ILE E 274 -21.09 24.35 -2.44
CA ILE E 274 -21.25 24.51 -1.00
C ILE E 274 -19.90 24.76 -0.33
N MET E 275 -18.85 24.16 -0.86
CA MET E 275 -17.51 24.30 -0.29
C MET E 275 -17.09 25.75 -0.23
N SER E 276 -16.55 26.16 0.92
CA SER E 276 -16.05 27.51 1.12
C SER E 276 -14.93 27.48 2.16
N LYS E 277 -14.08 28.49 2.09
CA LYS E 277 -13.02 28.62 3.08
C LYS E 277 -13.60 29.06 4.42
N LEU E 278 -12.70 29.28 5.39
CA LEU E 278 -13.04 29.57 6.78
C LEU E 278 -13.58 28.32 7.45
N ALA E 279 -13.93 28.41 8.73
CA ALA E 279 -14.37 27.27 9.50
C ALA E 279 -15.89 27.31 9.63
N GLY E 280 -16.54 26.22 9.24
CA GLY E 280 -17.98 26.07 9.41
C GLY E 280 -18.83 26.79 8.40
N GLU E 281 -18.23 27.45 7.40
CA GLU E 281 -19.04 28.23 6.46
C GLU E 281 -19.76 27.33 5.46
N SER E 282 -19.28 26.10 5.26
CA SER E 282 -19.96 25.18 4.35
C SER E 282 -21.29 24.70 4.96
N GLU E 283 -21.26 24.28 6.22
CA GLU E 283 -22.49 23.94 6.90
C GLU E 283 -23.39 25.15 7.04
N SER E 284 -22.80 26.34 7.18
CA SER E 284 -23.57 27.56 7.20
C SER E 284 -24.31 27.77 5.87
N ASN E 285 -23.62 27.51 4.75
CA ASN E 285 -24.27 27.63 3.44
C ASN E 285 -25.40 26.62 3.30
N LEU E 286 -25.18 25.39 3.76
CA LEU E 286 -26.24 24.38 3.69
C LEU E 286 -27.45 24.81 4.52
N ARG E 287 -27.21 25.28 5.75
CA ARG E 287 -28.32 25.72 6.60
C ARG E 287 -29.03 26.92 6.00
N LYS E 288 -28.29 27.85 5.40
CA LYS E 288 -28.92 29.00 4.76
C LYS E 288 -29.76 28.59 3.57
N ALA E 289 -29.30 27.59 2.81
CA ALA E 289 -30.10 27.09 1.71
C ALA E 289 -31.41 26.49 2.20
N PHE E 290 -31.33 25.65 3.23
CA PHE E 290 -32.56 25.05 3.77
C PHE E 290 -33.47 26.10 4.39
N GLU E 291 -32.88 27.13 5.01
CA GLU E 291 -33.68 28.18 5.63
C GLU E 291 -34.38 29.04 4.58
N GLU E 292 -33.68 29.34 3.48
CA GLU E 292 -34.32 30.07 2.39
C GLU E 292 -35.44 29.25 1.76
N ALA E 293 -35.24 27.92 1.67
CA ALA E 293 -36.32 27.08 1.16
C ALA E 293 -37.52 27.09 2.11
N GLU E 294 -37.28 27.01 3.42
CA GLU E 294 -38.38 27.03 4.37
C GLU E 294 -39.09 28.37 4.39
N LYS E 295 -38.33 29.46 4.22
CA LYS E 295 -38.92 30.79 4.25
C LYS E 295 -39.94 30.99 3.13
N ASN E 296 -39.60 30.55 1.92
CA ASN E 296 -40.49 30.63 0.77
C ASN E 296 -41.05 29.25 0.50
N ALA E 297 -42.16 28.92 1.16
CA ALA E 297 -42.77 27.61 1.05
C ALA E 297 -44.09 27.70 0.31
N PRO E 298 -44.45 26.65 -0.46
CA PRO E 298 -43.71 25.41 -0.67
C PRO E 298 -42.47 25.60 -1.54
N ALA E 299 -41.44 24.80 -1.29
CA ALA E 299 -40.16 24.99 -1.96
C ALA E 299 -39.57 23.65 -2.38
N ILE E 300 -38.73 23.69 -3.41
CA ILE E 300 -38.01 22.53 -3.91
C ILE E 300 -36.52 22.83 -3.82
N ILE E 301 -35.77 21.92 -3.22
CA ILE E 301 -34.32 21.99 -3.19
C ILE E 301 -33.78 20.90 -4.10
N PHE E 302 -33.04 21.29 -5.14
CA PHE E 302 -32.38 20.33 -6.01
C PHE E 302 -30.89 20.36 -5.74
N ILE E 303 -30.37 19.25 -5.24
CA ILE E 303 -28.93 19.12 -4.98
C ILE E 303 -28.36 18.33 -6.15
N ASP E 304 -27.71 19.04 -7.06
CA ASP E 304 -27.10 18.38 -8.21
C ASP E 304 -25.71 17.88 -7.83
N GLU E 305 -25.33 16.74 -8.40
CA GLU E 305 -24.09 16.06 -8.04
C GLU E 305 -24.02 15.81 -6.54
N LEU E 306 -24.96 15.01 -6.04
CA LEU E 306 -25.08 14.79 -4.61
C LEU E 306 -23.84 14.08 -4.05
N ASP E 307 -23.25 13.17 -4.82
CA ASP E 307 -22.11 12.40 -4.33
C ASP E 307 -20.91 13.29 -4.05
N ALA E 308 -20.90 14.51 -4.59
CA ALA E 308 -19.81 15.44 -4.32
C ALA E 308 -19.75 15.81 -2.85
N ILE E 309 -20.90 16.10 -2.24
CA ILE E 309 -20.94 16.49 -0.83
C ILE E 309 -21.53 15.42 0.07
N ALA E 310 -21.79 14.22 -0.46
CA ALA E 310 -22.34 13.12 0.33
C ALA E 310 -21.56 11.84 0.10
N PRO E 311 -20.29 11.79 0.52
CA PRO E 311 -19.56 10.53 0.53
C PRO E 311 -19.81 9.78 1.83
N LYS E 312 -19.34 8.54 1.87
CA LYS E 312 -19.47 7.75 3.09
C LYS E 312 -18.55 8.30 4.16
N ARG E 313 -19.10 8.44 5.38
CA ARG E 313 -18.36 9.09 6.45
C ARG E 313 -17.17 8.27 6.90
N GLU E 314 -17.27 6.93 6.82
CA GLU E 314 -16.14 6.10 7.18
C GLU E 314 -15.00 6.24 6.19
N LYS E 315 -15.32 6.43 4.91
CA LYS E 315 -14.28 6.50 3.89
C LYS E 315 -13.68 7.90 3.79
N THR E 316 -14.33 8.89 4.39
CA THR E 316 -13.89 10.27 4.26
C THR E 316 -12.81 10.59 5.28
N HIS E 317 -11.63 10.98 4.80
CA HIS E 317 -10.56 11.40 5.70
C HIS E 317 -10.79 12.80 6.23
N GLY E 318 -11.32 13.70 5.41
CA GLY E 318 -11.49 15.09 5.78
C GLY E 318 -12.49 15.32 6.89
N GLU E 319 -12.27 16.36 7.69
CA GLU E 319 -13.19 16.68 8.77
C GLU E 319 -14.36 17.53 8.27
N VAL E 320 -14.08 18.48 7.38
CA VAL E 320 -15.14 19.36 6.88
C VAL E 320 -16.17 18.58 6.09
N GLU E 321 -15.71 17.59 5.30
CA GLU E 321 -16.65 16.79 4.52
C GLU E 321 -17.55 15.96 5.41
N ARG E 322 -16.99 15.35 6.46
CA ARG E 322 -17.81 14.60 7.40
C ARG E 322 -18.80 15.50 8.11
N ARG E 323 -18.37 16.71 8.49
CA ARG E 323 -19.29 17.65 9.12
C ARG E 323 -20.39 18.07 8.16
N ILE E 324 -20.08 18.15 6.87
CA ILE E 324 -21.09 18.48 5.87
C ILE E 324 -22.11 17.35 5.74
N VAL E 325 -21.63 16.10 5.73
CA VAL E 325 -22.55 14.97 5.64
C VAL E 325 -23.46 14.92 6.87
N SER E 326 -22.89 15.12 8.05
CA SER E 326 -23.70 15.13 9.27
C SER E 326 -24.69 16.29 9.25
N GLN E 327 -24.27 17.45 8.76
CA GLN E 327 -25.17 18.59 8.64
C GLN E 327 -26.31 18.30 7.68
N LEU E 328 -26.02 17.62 6.57
CA LEU E 328 -27.08 17.25 5.64
C LEU E 328 -28.07 16.27 6.27
N LEU E 329 -27.56 15.30 7.04
CA LEU E 329 -28.47 14.39 7.74
C LEU E 329 -29.35 15.13 8.72
N THR E 330 -28.78 16.05 9.49
CA THR E 330 -29.55 16.85 10.43
C THR E 330 -30.58 17.72 9.71
N LEU E 331 -30.17 18.32 8.59
CA LEU E 331 -31.08 19.17 7.83
C LEU E 331 -32.26 18.38 7.27
N MET E 332 -32.01 17.16 6.79
CA MET E 332 -33.10 16.32 6.33
C MET E 332 -34.02 15.93 7.48
N ASP E 333 -33.45 15.59 8.63
CA ASP E 333 -34.26 15.25 9.80
C ASP E 333 -35.16 16.41 10.20
N GLY E 334 -34.62 17.63 10.22
CA GLY E 334 -35.45 18.78 10.50
C GLY E 334 -36.40 19.11 9.37
N LEU E 335 -36.05 18.71 8.16
CA LEU E 335 -36.91 18.96 7.00
C LEU E 335 -38.18 18.13 7.08
N LYS E 336 -38.08 16.92 7.62
CA LYS E 336 -39.29 16.12 7.82
C LYS E 336 -40.32 16.91 8.63
N GLN E 337 -39.86 17.72 9.58
CA GLN E 337 -40.76 18.59 10.33
C GLN E 337 -41.09 19.86 9.54
N ARG E 338 -40.15 20.33 8.70
CA ARG E 338 -40.36 21.56 7.96
C ARG E 338 -41.52 21.43 6.99
N ALA E 339 -42.17 22.56 6.72
CA ALA E 339 -43.45 22.59 6.02
C ALA E 339 -43.28 22.70 4.51
N HIS E 340 -43.73 21.66 3.80
CA HIS E 340 -43.88 21.70 2.34
C HIS E 340 -42.55 22.01 1.63
N VAL E 341 -41.50 21.30 2.01
CA VAL E 341 -40.20 21.42 1.36
C VAL E 341 -39.79 20.05 0.84
N ILE E 342 -39.44 19.98 -0.44
CA ILE E 342 -39.03 18.75 -1.10
C ILE E 342 -37.58 18.91 -1.54
N VAL E 343 -36.75 17.91 -1.24
CA VAL E 343 -35.36 17.91 -1.65
C VAL E 343 -35.17 16.83 -2.71
N MET E 344 -34.73 17.26 -3.90
CA MET E 344 -34.43 16.36 -5.01
C MET E 344 -32.92 16.31 -5.19
N ALA E 345 -32.40 15.12 -5.48
CA ALA E 345 -30.97 14.96 -5.70
C ALA E 345 -30.75 14.12 -6.96
N ALA E 346 -29.68 14.44 -7.69
CA ALA E 346 -29.31 13.72 -8.89
C ALA E 346 -27.86 13.28 -8.77
N THR E 347 -27.58 12.04 -9.15
CA THR E 347 -26.23 11.48 -9.05
C THR E 347 -26.10 10.31 -10.00
N ASN E 348 -24.92 10.16 -10.59
CA ASN E 348 -24.59 9.00 -11.40
C ASN E 348 -23.73 7.99 -10.66
N ARG E 349 -23.47 8.21 -9.36
CA ARG E 349 -22.79 7.25 -8.50
C ARG E 349 -23.62 7.08 -7.24
N PRO E 350 -24.78 6.42 -7.35
CA PRO E 350 -25.63 6.24 -6.15
C PRO E 350 -24.95 5.45 -5.04
N ASN E 351 -24.05 4.53 -5.38
CA ASN E 351 -23.41 3.70 -4.37
C ASN E 351 -22.43 4.51 -3.52
N SER E 352 -21.92 5.62 -4.07
CA SER E 352 -20.95 6.42 -3.34
C SER E 352 -21.60 7.22 -2.21
N ILE E 353 -22.93 7.39 -2.26
CA ILE E 353 -23.62 8.18 -1.26
C ILE E 353 -23.56 7.47 0.09
N ASP E 354 -23.52 8.26 1.16
CA ASP E 354 -23.54 7.70 2.50
C ASP E 354 -24.82 6.90 2.70
N PRO E 355 -24.74 5.65 3.18
CA PRO E 355 -25.96 4.83 3.31
C PRO E 355 -27.01 5.44 4.23
N ALA E 356 -26.60 6.19 5.24
CA ALA E 356 -27.57 6.80 6.15
C ALA E 356 -28.44 7.82 5.41
N LEU E 357 -27.96 8.35 4.29
CA LEU E 357 -28.74 9.33 3.55
C LEU E 357 -29.81 8.68 2.69
N ARG E 358 -29.80 7.36 2.58
CA ARG E 358 -30.80 6.62 1.81
C ARG E 358 -31.79 5.86 2.68
N ARG E 359 -31.89 6.20 3.96
CA ARG E 359 -32.81 5.52 4.86
C ARG E 359 -34.22 6.08 4.72
N PHE E 360 -35.10 5.65 5.63
CA PHE E 360 -36.45 6.17 5.66
C PHE E 360 -36.46 7.54 6.32
N GLY E 361 -37.06 8.52 5.63
CA GLY E 361 -37.08 9.89 6.08
C GLY E 361 -36.00 10.76 5.47
N ARG E 362 -34.95 10.16 4.92
CA ARG E 362 -33.91 10.89 4.21
C ARG E 362 -33.73 10.22 2.85
N PHE E 363 -34.18 10.90 1.79
CA PHE E 363 -34.10 10.36 0.43
C PHE E 363 -34.69 8.96 0.36
N ASP E 364 -35.83 8.77 1.02
CA ASP E 364 -36.44 7.45 1.06
C ASP E 364 -36.90 7.00 -0.32
N ARG E 365 -37.28 7.93 -1.18
CA ARG E 365 -37.81 7.61 -2.50
C ARG E 365 -36.71 7.82 -3.53
N GLU E 366 -36.46 6.78 -4.33
CA GLU E 366 -35.41 6.81 -5.34
C GLU E 366 -36.00 6.47 -6.70
N VAL E 367 -35.68 7.28 -7.70
CA VAL E 367 -36.19 7.12 -9.06
C VAL E 367 -35.01 6.82 -9.97
N ASP E 368 -35.12 5.73 -10.73
CA ASP E 368 -34.05 5.27 -11.61
C ASP E 368 -34.34 5.75 -13.03
N ILE E 369 -33.54 6.71 -13.50
CA ILE E 369 -33.67 7.22 -14.87
C ILE E 369 -32.79 6.33 -15.73
N GLY E 370 -33.40 5.30 -16.34
CA GLY E 370 -32.64 4.31 -17.06
C GLY E 370 -32.50 4.61 -18.55
N ILE E 371 -31.91 3.65 -19.25
CA ILE E 371 -31.69 3.78 -20.69
C ILE E 371 -33.01 3.54 -21.42
N PRO E 372 -33.44 4.43 -22.31
CA PRO E 372 -34.74 4.25 -22.98
C PRO E 372 -34.71 3.11 -23.98
N ASP E 373 -35.89 2.54 -24.22
CA ASP E 373 -36.09 1.54 -25.26
C ASP E 373 -36.45 2.21 -26.59
N ALA E 374 -36.90 1.39 -27.54
CA ALA E 374 -37.13 1.88 -28.90
C ALA E 374 -38.14 3.01 -28.94
N THR E 375 -39.28 2.85 -28.26
CA THR E 375 -40.29 3.91 -28.28
C THR E 375 -39.78 5.16 -27.56
N GLY E 376 -39.05 4.99 -26.46
CA GLY E 376 -38.47 6.14 -25.80
C GLY E 376 -37.44 6.85 -26.66
N ARG E 377 -36.62 6.07 -27.38
CA ARG E 377 -35.66 6.66 -28.30
C ARG E 377 -36.37 7.43 -29.42
N LEU E 378 -37.49 6.90 -29.91
CA LEU E 378 -38.26 7.63 -30.91
C LEU E 378 -38.80 8.94 -30.34
N GLU E 379 -39.30 8.91 -29.11
CA GLU E 379 -39.79 10.14 -28.48
C GLU E 379 -38.66 11.16 -28.31
N ILE E 380 -37.48 10.72 -27.90
CA ILE E 380 -36.36 11.64 -27.73
C ILE E 380 -35.95 12.23 -29.07
N LEU E 381 -35.91 11.41 -30.11
CA LEU E 381 -35.57 11.92 -31.44
C LEU E 381 -36.61 12.93 -31.94
N GLN E 382 -37.89 12.65 -31.69
CA GLN E 382 -38.92 13.60 -32.09
C GLN E 382 -38.81 14.91 -31.31
N ILE E 383 -38.44 14.83 -30.02
CA ILE E 383 -38.23 16.03 -29.24
C ILE E 383 -37.06 16.84 -29.78
N HIS E 384 -35.97 16.17 -30.14
CA HIS E 384 -34.77 16.89 -30.55
C HIS E 384 -34.83 17.31 -32.02
N THR E 385 -35.80 16.80 -32.76
CA THR E 385 -35.95 17.15 -34.18
C THR E 385 -37.11 18.11 -34.44
N LYS E 386 -37.77 18.62 -33.41
CA LYS E 386 -38.94 19.47 -33.64
C LYS E 386 -38.53 20.85 -34.16
N ASN E 387 -37.43 21.39 -33.65
CA ASN E 387 -36.97 22.70 -34.11
C ASN E 387 -36.12 22.58 -35.37
N MET E 388 -35.49 21.44 -35.58
CA MET E 388 -34.66 21.24 -36.76
C MET E 388 -35.54 20.98 -37.98
N LYS E 389 -35.18 21.62 -39.10
CA LYS E 389 -35.92 21.47 -40.34
C LYS E 389 -35.45 20.21 -41.05
N LEU E 390 -36.38 19.27 -41.26
CA LEU E 390 -36.06 17.97 -41.83
C LEU E 390 -36.76 17.82 -43.18
N ALA E 391 -36.10 17.11 -44.10
CA ALA E 391 -36.75 16.73 -45.33
C ALA E 391 -37.73 15.58 -45.08
N ASP E 392 -38.64 15.36 -46.03
CA ASP E 392 -39.60 14.29 -45.90
C ASP E 392 -38.94 12.92 -46.05
N ASP E 393 -37.68 12.88 -46.49
CA ASP E 393 -36.98 11.61 -46.67
C ASP E 393 -36.72 10.94 -45.33
N VAL E 394 -36.46 11.71 -44.28
CA VAL E 394 -35.99 11.14 -43.01
C VAL E 394 -37.10 10.32 -42.38
N ASP E 395 -36.72 9.14 -41.87
CA ASP E 395 -37.61 8.26 -41.14
C ASP E 395 -37.05 8.07 -39.74
N LEU E 396 -37.69 8.69 -38.74
CA LEU E 396 -37.14 8.67 -37.39
C LEU E 396 -37.29 7.29 -36.75
N GLU E 397 -38.21 6.47 -37.26
CA GLU E 397 -38.39 5.13 -36.70
C GLU E 397 -37.14 4.27 -36.90
N GLN E 398 -36.57 4.31 -38.11
CA GLN E 398 -35.36 3.54 -38.38
C GLN E 398 -34.20 4.00 -37.50
N VAL E 399 -34.03 5.31 -37.35
CA VAL E 399 -32.96 5.83 -36.51
C VAL E 399 -33.17 5.44 -35.06
N ALA E 400 -34.43 5.42 -34.60
CA ALA E 400 -34.71 5.00 -33.25
C ALA E 400 -34.39 3.52 -33.05
N ASN E 401 -34.69 2.69 -34.05
CA ASN E 401 -34.41 1.26 -33.91
C ASN E 401 -32.91 0.96 -33.99
N GLU E 402 -32.16 1.77 -34.74
CA GLU E 402 -30.76 1.44 -34.98
C GLU E 402 -29.81 1.89 -33.86
N THR E 403 -30.27 2.74 -32.94
CA THR E 403 -29.41 3.23 -31.85
C THR E 403 -29.71 2.41 -30.59
N HIS E 404 -28.92 1.36 -30.38
CA HIS E 404 -29.26 0.37 -29.36
C HIS E 404 -28.89 0.85 -27.96
N GLY E 405 -27.68 1.38 -27.78
CA GLY E 405 -27.20 1.76 -26.47
C GLY E 405 -27.28 3.23 -26.13
N HIS E 406 -28.09 4.01 -26.84
CA HIS E 406 -28.09 5.45 -26.65
C HIS E 406 -28.97 5.84 -25.47
N VAL E 407 -28.62 6.94 -24.81
CA VAL E 407 -29.30 7.38 -23.59
C VAL E 407 -30.15 8.63 -23.81
N GLY E 408 -29.97 9.33 -24.92
CA GLY E 408 -30.69 10.55 -25.19
C GLY E 408 -29.76 11.71 -25.45
N ALA E 409 -28.69 11.80 -24.65
CA ALA E 409 -27.59 12.68 -25.00
C ALA E 409 -26.92 12.21 -26.29
N ASP E 410 -26.78 10.89 -26.43
CA ASP E 410 -26.26 10.32 -27.67
C ASP E 410 -27.18 10.61 -28.84
N LEU E 411 -28.50 10.57 -28.63
CA LEU E 411 -29.43 10.90 -29.69
C LEU E 411 -29.35 12.38 -30.08
N ALA E 412 -29.21 13.26 -29.10
CA ALA E 412 -29.04 14.67 -29.41
C ALA E 412 -27.74 14.91 -30.17
N ALA E 413 -26.67 14.20 -29.79
CA ALA E 413 -25.42 14.28 -30.53
C ALA E 413 -25.59 13.79 -31.96
N LEU E 414 -26.37 12.72 -32.15
CA LEU E 414 -26.65 12.22 -33.50
C LEU E 414 -27.37 13.27 -34.33
N CYS E 415 -28.38 13.93 -33.75
CA CYS E 415 -29.09 14.98 -34.49
C CYS E 415 -28.17 16.12 -34.84
N SER E 416 -27.33 16.56 -33.90
CA SER E 416 -26.39 17.63 -34.18
C SER E 416 -25.40 17.24 -35.27
N GLU E 417 -24.92 16.00 -35.23
CA GLU E 417 -23.98 15.53 -36.25
C GLU E 417 -24.64 15.48 -37.62
N ALA E 418 -25.90 15.05 -37.69
CA ALA E 418 -26.62 15.04 -38.96
C ALA E 418 -26.77 16.45 -39.52
N ALA E 419 -27.14 17.40 -38.67
CA ALA E 419 -27.26 18.78 -39.13
C ALA E 419 -25.91 19.33 -39.59
N LEU E 420 -24.84 19.00 -38.86
CA LEU E 420 -23.50 19.42 -39.27
C LEU E 420 -23.10 18.79 -40.60
N GLN E 421 -23.52 17.55 -40.84
CA GLN E 421 -23.25 16.91 -42.13
C GLN E 421 -23.98 17.62 -43.25
N ALA E 422 -25.23 18.03 -43.02
CA ALA E 422 -25.94 18.83 -44.02
C ALA E 422 -25.20 20.14 -44.30
N ILE E 423 -24.73 20.80 -43.24
CA ILE E 423 -23.96 22.03 -43.42
C ILE E 423 -22.69 21.75 -44.21
N ARG E 424 -22.05 20.61 -43.97
CA ARG E 424 -20.88 20.24 -44.76
C ARG E 424 -21.24 20.04 -46.23
N LYS E 425 -22.38 19.41 -46.48
CA LYS E 425 -22.83 19.20 -47.86
C LYS E 425 -23.02 20.53 -48.57
N LYS E 426 -23.50 21.54 -47.86
CA LYS E 426 -23.63 22.88 -48.44
C LYS E 426 -22.34 23.68 -48.40
N MET E 427 -21.33 23.21 -47.67
CA MET E 427 -20.06 23.92 -47.57
C MET E 427 -19.32 23.99 -48.90
N ASP E 428 -19.69 23.16 -49.88
CA ASP E 428 -19.14 23.32 -51.21
C ASP E 428 -19.64 24.61 -51.85
N LEU E 429 -20.93 24.92 -51.66
CA LEU E 429 -21.48 26.16 -52.20
C LEU E 429 -21.02 27.37 -51.38
N ILE E 430 -21.03 27.26 -50.06
CA ILE E 430 -20.72 28.38 -49.18
C ILE E 430 -19.42 28.10 -48.45
N ASP E 431 -18.49 29.06 -48.49
CA ASP E 431 -17.21 28.88 -47.84
C ASP E 431 -17.10 29.76 -46.59
N LEU E 432 -16.12 29.42 -45.74
CA LEU E 432 -16.00 30.08 -44.44
C LEU E 432 -15.60 31.54 -44.58
N GLU E 433 -14.74 31.85 -45.56
CA GLU E 433 -14.28 33.22 -45.77
C GLU E 433 -15.27 33.97 -46.66
N ASP E 434 -16.47 34.14 -46.14
CA ASP E 434 -17.55 34.83 -46.84
C ASP E 434 -18.17 35.87 -45.93
N GLU E 435 -18.59 36.99 -46.50
CA GLU E 435 -19.21 38.04 -45.69
C GLU E 435 -20.65 37.68 -45.34
N THR E 436 -21.35 37.00 -46.24
CA THR E 436 -22.73 36.58 -45.99
C THR E 436 -23.02 35.31 -46.78
N ILE E 437 -24.10 34.64 -46.39
CA ILE E 437 -24.57 33.43 -47.06
C ILE E 437 -25.78 33.80 -47.91
N ASP E 438 -25.79 33.31 -49.16
CA ASP E 438 -26.90 33.60 -50.05
C ASP E 438 -28.20 33.01 -49.54
N ALA E 439 -29.30 33.73 -49.75
CA ALA E 439 -30.59 33.28 -49.25
C ALA E 439 -31.03 31.99 -49.93
N GLU E 440 -30.58 31.76 -51.16
CA GLU E 440 -30.91 30.51 -51.84
C GLU E 440 -30.31 29.32 -51.11
N VAL E 441 -29.08 29.46 -50.61
CA VAL E 441 -28.45 28.41 -49.83
C VAL E 441 -29.21 28.17 -48.53
N MET E 442 -29.62 29.25 -47.88
CA MET E 442 -30.42 29.12 -46.65
C MET E 442 -31.71 28.37 -46.90
N ASN E 443 -32.39 28.67 -48.01
CA ASN E 443 -33.64 27.99 -48.32
C ASN E 443 -33.41 26.53 -48.68
N SER E 444 -32.33 26.25 -49.41
CA SER E 444 -32.06 24.88 -49.83
C SER E 444 -31.58 24.01 -48.68
N LEU E 445 -31.17 24.64 -47.57
CA LEU E 445 -30.61 23.89 -46.46
C LEU E 445 -31.69 23.05 -45.78
N ALA E 446 -31.40 21.76 -45.61
CA ALA E 446 -32.31 20.83 -44.95
C ALA E 446 -31.53 19.59 -44.58
N VAL E 447 -32.11 18.80 -43.67
CA VAL E 447 -31.51 17.57 -43.19
C VAL E 447 -32.26 16.38 -43.80
N THR E 448 -31.58 15.63 -44.65
CA THR E 448 -32.18 14.47 -45.29
C THR E 448 -31.86 13.20 -44.51
N MET E 449 -32.37 12.08 -45.00
CA MET E 449 -32.13 10.80 -44.34
C MET E 449 -30.69 10.35 -44.52
N ASP E 450 -30.03 10.82 -45.59
CA ASP E 450 -28.63 10.47 -45.80
C ASP E 450 -27.74 11.03 -44.69
N ASP E 451 -28.01 12.26 -44.27
CA ASP E 451 -27.25 12.85 -43.17
C ASP E 451 -27.45 12.06 -41.88
N PHE E 452 -28.69 11.63 -41.62
CA PHE E 452 -28.95 10.81 -40.44
C PHE E 452 -28.23 9.47 -40.53
N ARG E 453 -28.18 8.89 -41.73
CA ARG E 453 -27.44 7.64 -41.92
C ARG E 453 -25.96 7.82 -41.66
N TRP E 454 -25.39 8.93 -42.13
CA TRP E 454 -23.99 9.23 -41.82
C TRP E 454 -23.77 9.38 -40.33
N ALA E 455 -24.67 10.11 -39.66
CA ALA E 455 -24.55 10.28 -38.21
C ALA E 455 -24.62 8.93 -37.50
N LEU E 456 -25.52 8.06 -37.94
CA LEU E 456 -25.63 6.72 -37.38
C LEU E 456 -24.35 5.92 -37.60
N SER E 457 -23.73 6.07 -38.77
CA SER E 457 -22.46 5.41 -39.03
C SER E 457 -21.39 5.91 -38.06
N GLN E 458 -21.39 7.21 -37.78
CA GLN E 458 -20.43 7.74 -36.81
C GLN E 458 -20.92 7.57 -35.38
N SER E 459 -22.21 7.25 -35.20
CA SER E 459 -22.79 7.22 -33.86
C SER E 459 -22.25 6.05 -33.05
N ASN E 460 -21.97 6.32 -31.77
CA ASN E 460 -21.58 5.32 -30.80
C ASN E 460 -21.99 5.80 -29.42
N PRO E 461 -22.50 4.92 -28.57
CA PRO E 461 -22.88 5.33 -27.21
C PRO E 461 -21.67 5.86 -26.45
N SER E 462 -21.93 6.88 -25.61
CA SER E 462 -20.85 7.46 -24.82
C SER E 462 -20.40 6.54 -23.71
N ALA E 463 -21.21 5.53 -23.39
CA ALA E 463 -20.85 4.61 -22.32
C ALA E 463 -19.71 3.67 -22.75
N LEU E 464 -19.78 3.18 -23.97
CA LEU E 464 -18.82 2.17 -24.45
C LEU E 464 -17.57 2.80 -25.04
N ARG E 465 -17.20 5.61 -24.28
CA ARG E 465 -16.21 5.90 -25.31
C ARG E 465 -14.89 5.20 -24.98
N GLU E 466 -14.85 4.55 -23.81
CA GLU E 466 -13.60 3.99 -23.31
C GLU E 466 -13.26 2.67 -23.99
N THR E 467 -14.27 1.87 -24.33
CA THR E 467 -14.05 0.49 -24.78
C THR E 467 -14.01 0.35 -26.30
N VAL E 468 -14.19 1.45 -27.05
CA VAL E 468 -14.23 1.33 -28.50
C VAL E 468 -12.85 0.99 -29.06
N VAL E 469 -12.81 0.03 -29.97
CA VAL E 469 -11.57 -0.37 -30.64
C VAL E 469 -11.82 -0.37 -32.14
N GLU E 470 -10.73 -0.22 -32.90
CA GLU E 470 -10.83 -0.23 -34.35
C GLU E 470 -10.84 -1.65 -34.88
N VAL E 471 -12.01 -2.11 -35.33
CA VAL E 471 -12.22 -3.48 -35.76
C VAL E 471 -12.17 -3.52 -37.28
N PRO E 472 -11.42 -4.43 -37.89
CA PRO E 472 -11.41 -4.53 -39.36
C PRO E 472 -12.79 -4.86 -39.89
N GLN E 473 -13.08 -4.38 -41.10
CA GLN E 473 -14.36 -4.63 -41.74
C GLN E 473 -14.40 -6.09 -42.18
N VAL E 474 -15.16 -6.90 -41.45
CA VAL E 474 -15.27 -8.34 -41.72
C VAL E 474 -16.75 -8.67 -41.90
N THR E 475 -17.15 -8.96 -43.13
CA THR E 475 -18.49 -9.41 -43.42
C THR E 475 -18.58 -10.93 -43.22
N TRP E 476 -19.80 -11.44 -43.11
CA TRP E 476 -19.99 -12.89 -43.01
C TRP E 476 -19.44 -13.61 -44.24
N GLU E 477 -19.39 -12.90 -45.38
CA GLU E 477 -18.85 -13.52 -46.59
C GLU E 477 -17.34 -13.64 -46.54
N ASP E 478 -16.68 -12.87 -45.67
CA ASP E 478 -15.24 -13.03 -45.49
C ASP E 478 -14.92 -14.37 -44.85
N ILE E 479 -15.83 -14.88 -44.01
CA ILE E 479 -15.62 -16.18 -43.39
C ILE E 479 -16.07 -17.28 -44.34
N GLY E 480 -15.17 -18.22 -44.60
CA GLY E 480 -15.46 -19.37 -45.45
C GLY E 480 -15.77 -20.59 -44.58
N GLY E 481 -16.79 -21.32 -44.98
CA GLY E 481 -17.25 -22.42 -44.16
C GLY E 481 -17.96 -21.93 -42.92
N LEU E 482 -18.06 -22.82 -41.92
CA LEU E 482 -18.74 -22.54 -40.66
C LEU E 482 -20.17 -22.06 -40.88
N GLU E 483 -20.85 -22.63 -41.87
CA GLU E 483 -22.21 -22.21 -42.18
C GLU E 483 -23.16 -22.51 -41.02
N ASP E 484 -23.02 -23.69 -40.42
CA ASP E 484 -23.86 -24.03 -39.27
C ASP E 484 -23.50 -23.18 -38.06
N VAL E 485 -22.21 -22.86 -37.90
CA VAL E 485 -21.79 -22.02 -36.78
C VAL E 485 -22.31 -20.60 -36.94
N LYS E 486 -22.30 -20.09 -38.17
CA LYS E 486 -22.88 -18.78 -38.43
C LYS E 486 -24.37 -18.75 -38.10
N ARG E 487 -25.09 -19.79 -38.48
CA ARG E 487 -26.52 -19.86 -38.20
C ARG E 487 -26.79 -19.90 -36.70
N GLU E 488 -26.00 -20.67 -35.96
CA GLU E 488 -26.18 -20.74 -34.52
C GLU E 488 -25.90 -19.39 -33.85
N LEU E 489 -24.87 -18.68 -34.31
CA LEU E 489 -24.52 -17.40 -33.71
C LEU E 489 -25.61 -16.36 -33.93
N GLN E 490 -26.13 -16.28 -35.16
CA GLN E 490 -27.14 -15.27 -35.45
C GLN E 490 -28.42 -15.52 -34.67
N GLU E 491 -28.80 -16.79 -34.50
CA GLU E 491 -30.02 -17.10 -33.78
C GLU E 491 -29.85 -16.94 -32.28
N LEU E 492 -28.63 -17.14 -31.78
CA LEU E 492 -28.41 -17.05 -30.34
C LEU E 492 -28.45 -15.59 -29.87
N VAL E 493 -28.24 -14.65 -30.77
CA VAL E 493 -28.28 -13.24 -30.41
C VAL E 493 -29.60 -12.61 -30.80
N GLN E 494 -30.05 -12.85 -32.05
CA GLN E 494 -31.23 -12.17 -32.56
C GLN E 494 -32.50 -12.62 -31.85
N TYR E 495 -32.66 -13.92 -31.63
CA TYR E 495 -33.90 -14.43 -31.06
C TYR E 495 -34.19 -13.89 -29.66
N PRO E 496 -33.24 -13.89 -28.71
CA PRO E 496 -33.58 -13.36 -27.38
C PRO E 496 -34.00 -11.90 -27.38
N VAL E 497 -33.40 -11.07 -28.24
CA VAL E 497 -33.73 -9.65 -28.23
C VAL E 497 -34.99 -9.37 -29.04
N GLU E 498 -35.12 -10.02 -30.20
CA GLU E 498 -36.26 -9.74 -31.06
C GLU E 498 -37.55 -10.32 -30.49
N HIS E 499 -37.51 -11.54 -29.98
CA HIS E 499 -38.71 -12.26 -29.55
C HIS E 499 -38.54 -12.77 -28.12
N PRO E 500 -38.64 -11.90 -27.12
CA PRO E 500 -38.50 -12.38 -25.74
C PRO E 500 -39.70 -13.16 -25.24
N ASP E 501 -40.91 -12.78 -25.65
CA ASP E 501 -42.12 -13.31 -25.02
C ASP E 501 -42.31 -14.79 -25.32
N LYS E 502 -41.85 -15.25 -26.49
CA LYS E 502 -42.00 -16.66 -26.84
C LYS E 502 -41.23 -17.55 -25.87
N PHE E 503 -40.04 -17.11 -25.45
CA PHE E 503 -39.30 -17.85 -24.45
C PHE E 503 -40.09 -17.94 -23.14
N LEU E 504 -40.75 -16.85 -22.74
CA LEU E 504 -41.64 -16.90 -21.59
C LEU E 504 -42.82 -17.82 -21.84
N LYS E 505 -43.39 -17.78 -23.05
CA LYS E 505 -44.53 -18.63 -23.37
C LYS E 505 -44.15 -20.11 -23.35
N PHE E 506 -42.97 -20.44 -23.86
CA PHE E 506 -42.50 -21.82 -23.90
C PHE E 506 -41.82 -22.25 -22.60
N GLY E 507 -41.71 -21.36 -21.62
CA GLY E 507 -41.12 -21.72 -20.34
C GLY E 507 -39.65 -22.08 -20.41
N MET E 508 -38.89 -21.36 -21.23
CA MET E 508 -37.46 -21.59 -21.38
C MET E 508 -36.73 -20.26 -21.39
N THR E 509 -35.49 -20.27 -20.91
CA THR E 509 -34.67 -19.07 -20.89
C THR E 509 -33.59 -19.15 -21.96
N PRO E 510 -33.25 -18.05 -22.62
CA PRO E 510 -32.17 -18.08 -23.61
C PRO E 510 -30.81 -18.23 -22.94
N SER E 511 -29.88 -18.85 -23.66
CA SER E 511 -28.52 -19.00 -23.14
C SER E 511 -27.76 -17.70 -23.25
N LYS E 512 -27.13 -17.29 -22.15
CA LYS E 512 -26.43 -16.01 -22.08
C LYS E 512 -24.93 -16.12 -22.31
N GLY E 513 -24.42 -17.28 -22.70
CA GLY E 513 -22.99 -17.43 -22.88
C GLY E 513 -22.60 -18.46 -23.92
N VAL E 514 -21.54 -18.17 -24.67
CA VAL E 514 -21.04 -19.05 -25.72
C VAL E 514 -19.52 -19.11 -25.63
N LEU E 515 -18.97 -20.32 -25.66
CA LEU E 515 -17.53 -20.52 -25.63
C LEU E 515 -17.05 -21.03 -26.98
N PHE E 516 -16.11 -20.31 -27.59
CA PHE E 516 -15.45 -20.74 -28.81
C PHE E 516 -14.13 -21.41 -28.44
N TYR E 517 -14.04 -22.72 -28.69
CA TYR E 517 -12.82 -23.47 -28.46
C TYR E 517 -12.45 -24.21 -29.73
N GLY E 518 -11.15 -24.21 -30.05
CA GLY E 518 -10.66 -24.88 -31.24
C GLY E 518 -9.19 -24.65 -31.46
N PRO E 519 -8.64 -25.25 -32.51
CA PRO E 519 -7.23 -25.05 -32.82
C PRO E 519 -6.98 -23.61 -33.25
N PRO E 520 -5.76 -23.12 -33.11
CA PRO E 520 -5.47 -21.73 -33.50
C PRO E 520 -5.67 -21.51 -34.99
N GLY E 521 -6.16 -20.33 -35.34
CA GLY E 521 -6.28 -19.92 -36.71
C GLY E 521 -7.46 -20.45 -37.47
N CYS E 522 -8.49 -20.95 -36.79
CA CYS E 522 -9.64 -21.55 -37.45
C CYS E 522 -10.85 -20.62 -37.49
N GLY E 523 -10.74 -19.41 -36.93
CA GLY E 523 -11.78 -18.43 -37.10
C GLY E 523 -12.59 -18.09 -35.87
N LYS E 524 -12.04 -18.26 -34.66
CA LYS E 524 -12.77 -17.84 -33.47
C LYS E 524 -12.85 -16.33 -33.36
N THR E 525 -11.71 -15.65 -33.52
CA THR E 525 -11.71 -14.19 -33.48
C THR E 525 -12.36 -13.59 -34.72
N LEU E 526 -12.22 -14.26 -35.87
CA LEU E 526 -12.83 -13.76 -37.09
C LEU E 526 -14.35 -13.78 -37.01
N LEU E 527 -14.90 -14.77 -36.30
CA LEU E 527 -16.35 -14.78 -36.05
C LEU E 527 -16.76 -13.60 -35.18
N ALA E 528 -15.92 -13.23 -34.21
CA ALA E 528 -16.22 -12.08 -33.35
C ALA E 528 -16.18 -10.78 -34.14
N LYS E 529 -15.24 -10.67 -35.09
CA LYS E 529 -15.19 -9.48 -35.94
C LYS E 529 -16.45 -9.36 -36.80
N ALA E 530 -16.93 -10.48 -37.34
CA ALA E 530 -18.14 -10.46 -38.14
C ALA E 530 -19.35 -10.07 -37.29
N ILE E 531 -19.41 -10.57 -36.05
CA ILE E 531 -20.49 -10.19 -35.15
C ILE E 531 -20.42 -8.70 -34.84
N ALA E 532 -19.21 -8.19 -34.58
CA ALA E 532 -19.05 -6.78 -34.23
C ALA E 532 -19.53 -5.88 -35.36
N ASN E 533 -19.45 -6.37 -36.60
CA ASN E 533 -19.83 -5.54 -37.74
C ASN E 533 -21.26 -5.82 -38.20
N GLU E 534 -21.63 -7.08 -38.32
CA GLU E 534 -22.89 -7.46 -38.95
C GLU E 534 -24.04 -7.64 -37.97
N CYS E 535 -23.75 -8.05 -36.73
CA CYS E 535 -24.81 -8.20 -35.75
C CYS E 535 -25.31 -6.83 -35.30
N GLN E 536 -26.62 -6.73 -35.09
CA GLN E 536 -27.25 -5.45 -34.75
C GLN E 536 -27.33 -5.31 -33.23
N ALA E 537 -26.15 -5.14 -32.63
CA ALA E 537 -26.03 -4.97 -31.19
C ALA E 537 -24.71 -4.31 -30.89
N ASN E 538 -24.59 -3.77 -29.68
CA ASN E 538 -23.34 -3.18 -29.24
C ASN E 538 -22.31 -4.25 -28.96
N PHE E 539 -21.04 -3.90 -29.10
CA PHE E 539 -19.94 -4.85 -28.98
C PHE E 539 -18.88 -4.31 -28.03
N ILE E 540 -18.47 -5.13 -27.08
CA ILE E 540 -17.34 -4.83 -26.20
C ILE E 540 -16.34 -5.96 -26.32
N SER E 541 -15.15 -5.65 -26.83
CA SER E 541 -14.07 -6.61 -26.99
C SER E 541 -13.07 -6.44 -25.86
N ILE E 542 -12.68 -7.55 -25.25
CA ILE E 542 -11.81 -7.54 -24.07
C ILE E 542 -10.58 -8.37 -24.37
N LYS E 543 -9.43 -7.72 -24.41
CA LYS E 543 -8.17 -8.45 -24.30
C LYS E 543 -8.12 -9.12 -22.92
N GLY E 544 -7.58 -10.34 -22.89
CA GLY E 544 -7.66 -11.14 -21.70
C GLY E 544 -7.15 -10.46 -20.44
N PRO E 545 -5.83 -10.27 -20.36
CA PRO E 545 -5.22 -9.73 -19.13
C PRO E 545 -5.27 -8.22 -18.96
N GLU E 546 -6.09 -7.49 -19.73
CA GLU E 546 -6.10 -6.04 -19.59
C GLU E 546 -6.84 -5.59 -18.34
N LEU E 547 -7.67 -6.48 -17.77
CA LEU E 547 -8.48 -6.10 -16.62
C LEU E 547 -7.67 -6.09 -15.33
N LEU E 548 -6.67 -6.96 -15.24
CA LEU E 548 -5.93 -7.13 -14.00
C LEU E 548 -5.06 -5.90 -13.70
N THR E 549 -5.00 -5.55 -12.42
CA THR E 549 -4.29 -4.37 -11.96
C THR E 549 -3.51 -4.73 -10.70
N MET E 550 -2.36 -4.09 -10.51
CA MET E 550 -1.50 -4.42 -9.38
C MET E 550 -2.14 -4.03 -8.06
N TRP E 551 -3.04 -3.04 -8.07
CA TRP E 551 -3.57 -2.52 -6.83
C TRP E 551 -4.69 -3.41 -6.29
N PHE E 552 -4.78 -3.51 -4.98
CA PHE E 552 -5.77 -4.36 -4.34
C PHE E 552 -7.18 -3.84 -4.63
N GLY E 553 -8.04 -4.74 -5.11
CA GLY E 553 -9.42 -4.41 -5.39
C GLY E 553 -9.69 -3.80 -6.75
N GLU E 554 -8.64 -3.37 -7.46
CA GLU E 554 -8.85 -2.72 -8.75
C GLU E 554 -9.19 -3.72 -9.84
N SER E 555 -8.64 -4.93 -9.76
CA SER E 555 -8.91 -5.94 -10.78
C SER E 555 -10.36 -6.39 -10.75
N GLU E 556 -10.93 -6.52 -9.55
CA GLU E 556 -12.33 -6.91 -9.43
C GLU E 556 -13.25 -5.76 -9.76
N ALA E 557 -12.83 -4.52 -9.48
CA ALA E 557 -13.62 -3.36 -9.84
C ALA E 557 -13.70 -3.20 -11.36
N ASN E 558 -12.61 -3.50 -12.05
CA ASN E 558 -12.62 -3.43 -13.51
C ASN E 558 -13.58 -4.44 -14.12
N VAL E 559 -13.60 -5.66 -13.57
CA VAL E 559 -14.56 -6.67 -14.02
C VAL E 559 -15.98 -6.22 -13.70
N ARG E 560 -16.18 -5.65 -12.52
CA ARG E 560 -17.51 -5.16 -12.16
C ARG E 560 -17.94 -4.01 -13.05
N GLU E 561 -17.00 -3.14 -13.43
CA GLU E 561 -17.34 -1.99 -14.27
C GLU E 561 -17.61 -2.41 -15.70
N ILE E 562 -16.85 -3.38 -16.23
CA ILE E 562 -17.00 -3.77 -17.62
C ILE E 562 -18.34 -4.47 -17.84
N PHE E 563 -18.78 -5.27 -16.87
CA PHE E 563 -20.11 -5.88 -16.97
C PHE E 563 -21.21 -4.83 -16.84
N ASP E 564 -21.02 -3.87 -15.93
CA ASP E 564 -22.00 -2.79 -15.79
C ASP E 564 -22.05 -1.92 -17.04
N LYS E 565 -20.90 -1.72 -17.69
CA LYS E 565 -20.86 -0.95 -18.92
C LYS E 565 -21.68 -1.63 -20.03
N ALA E 566 -21.56 -2.96 -20.13
CA ALA E 566 -22.32 -3.68 -21.15
C ALA E 566 -23.81 -3.68 -20.85
N ARG E 567 -24.17 -3.73 -19.57
CA ARG E 567 -25.59 -3.74 -19.20
C ARG E 567 -26.27 -2.42 -19.55
N GLN E 568 -25.56 -1.30 -19.40
CA GLN E 568 -26.13 -0.02 -19.77
C GLN E 568 -26.39 0.06 -21.28
N ALA E 569 -25.64 -0.71 -22.07
CA ALA E 569 -25.76 -0.69 -23.52
C ALA E 569 -26.39 -1.95 -24.08
N ALA E 570 -27.20 -2.65 -23.31
CA ALA E 570 -27.86 -3.84 -23.81
C ALA E 570 -28.85 -3.47 -24.91
N PRO E 571 -29.03 -4.32 -25.93
CA PRO E 571 -28.32 -5.59 -26.14
C PRO E 571 -26.86 -5.40 -26.55
N CYS E 572 -25.96 -6.05 -25.82
CA CYS E 572 -24.52 -5.89 -26.02
C CYS E 572 -23.86 -7.25 -26.04
N VAL E 573 -22.81 -7.37 -26.85
CA VAL E 573 -22.00 -8.59 -26.93
C VAL E 573 -20.70 -8.34 -26.19
N LEU E 574 -20.48 -9.10 -25.13
CA LEU E 574 -19.25 -9.01 -24.34
C LEU E 574 -18.33 -10.15 -24.75
N PHE E 575 -17.23 -9.82 -25.42
CA PHE E 575 -16.33 -10.80 -26.00
C PHE E 575 -15.03 -10.82 -25.22
N PHE E 576 -14.60 -12.01 -24.83
CA PHE E 576 -13.33 -12.22 -24.13
C PHE E 576 -12.41 -13.02 -25.04
N ASP E 577 -11.47 -12.32 -25.68
CA ASP E 577 -10.43 -13.01 -26.45
C ASP E 577 -9.41 -13.61 -25.50
N GLN E 578 -8.99 -14.84 -25.78
CA GLN E 578 -8.10 -15.60 -24.90
C GLN E 578 -8.66 -15.64 -23.48
N LEU E 579 -9.82 -16.28 -23.35
CA LEU E 579 -10.53 -16.33 -22.08
C LEU E 579 -9.73 -17.05 -21.01
N ASP E 580 -8.82 -17.94 -21.40
CA ASP E 580 -8.10 -18.76 -20.41
C ASP E 580 -7.15 -17.91 -19.57
N SER E 581 -6.91 -16.67 -19.98
CA SER E 581 -6.06 -15.79 -19.19
C SER E 581 -6.73 -15.39 -17.88
N ILE E 582 -7.99 -14.97 -17.95
CA ILE E 582 -8.71 -14.55 -16.74
C ILE E 582 -9.46 -15.73 -16.13
N ALA E 583 -10.03 -16.59 -16.97
CA ALA E 583 -10.80 -17.74 -16.51
C ALA E 583 -9.90 -18.97 -16.50
N LYS E 584 -9.01 -19.05 -15.52
CA LYS E 584 -8.10 -20.16 -15.40
C LYS E 584 -8.47 -20.98 -14.16
N ALA E 585 -8.02 -22.23 -14.14
CA ALA E 585 -8.37 -23.14 -13.06
C ALA E 585 -7.82 -22.64 -11.73
N ARG E 586 -8.72 -22.46 -10.76
CA ARG E 586 -8.31 -22.03 -9.43
C ARG E 586 -7.49 -23.11 -8.73
N GLY E 587 -6.58 -22.65 -7.88
CA GLY E 587 -5.69 -23.57 -7.19
C GLY E 587 -4.53 -24.07 -8.03
N GLY E 588 -4.18 -23.38 -9.11
CA GLY E 588 -3.05 -23.81 -9.92
C GLY E 588 -1.73 -23.72 -9.18
N ASN E 589 -1.54 -22.65 -8.42
CA ASN E 589 -0.33 -22.45 -7.63
C ASN E 589 -0.67 -21.67 -6.37
N ILE E 590 0.11 -21.88 -5.32
CA ILE E 590 -0.07 -21.09 -4.09
C ILE E 590 0.38 -19.65 -4.30
N GLY E 591 1.48 -19.46 -5.04
CA GLY E 591 2.05 -18.14 -5.20
C GLY E 591 1.32 -17.24 -6.17
N ASP E 592 0.02 -17.06 -5.95
CA ASP E 592 -0.76 -16.12 -6.75
C ASP E 592 -0.40 -14.68 -6.35
N GLY E 593 -0.88 -13.74 -7.16
CA GLY E 593 -0.64 -12.33 -6.86
C GLY E 593 -1.50 -11.86 -5.71
N GLY E 594 -1.25 -12.40 -4.52
CA GLY E 594 -2.11 -12.16 -3.38
C GLY E 594 -3.47 -12.81 -3.47
N GLY E 595 -3.61 -13.87 -4.27
CA GLY E 595 -4.89 -14.46 -4.54
C GLY E 595 -5.76 -13.72 -5.52
N ALA E 596 -5.24 -12.68 -6.16
CA ALA E 596 -6.06 -11.84 -7.03
C ALA E 596 -6.52 -12.60 -8.27
N ALA E 597 -5.71 -13.55 -8.75
CA ALA E 597 -6.11 -14.33 -9.91
C ALA E 597 -7.36 -15.14 -9.63
N ASP E 598 -7.54 -15.58 -8.38
CA ASP E 598 -8.72 -16.36 -8.04
C ASP E 598 -9.90 -15.47 -7.68
N ARG E 599 -9.63 -14.23 -7.26
CA ARG E 599 -10.72 -13.31 -6.95
C ARG E 599 -11.39 -12.79 -8.21
N VAL E 600 -10.61 -12.56 -9.27
CA VAL E 600 -11.17 -12.02 -10.51
C VAL E 600 -12.17 -12.99 -11.11
N ILE E 601 -11.84 -14.29 -11.13
CA ILE E 601 -12.75 -15.27 -11.69
C ILE E 601 -14.00 -15.39 -10.84
N ASN E 602 -13.86 -15.24 -9.52
CA ASN E 602 -15.03 -15.22 -8.64
C ASN E 602 -15.91 -14.01 -8.93
N GLN E 603 -15.30 -12.86 -9.22
CA GLN E 603 -16.08 -11.68 -9.58
C GLN E 603 -16.78 -11.87 -10.91
N ILE E 604 -16.15 -12.59 -11.84
CA ILE E 604 -16.79 -12.86 -13.14
C ILE E 604 -18.02 -13.74 -12.94
N LEU E 605 -17.89 -14.79 -12.13
CA LEU E 605 -19.02 -15.67 -11.86
C LEU E 605 -20.14 -14.91 -11.15
N THR E 606 -19.77 -14.03 -10.21
CA THR E 606 -20.78 -13.22 -9.52
C THR E 606 -21.49 -12.29 -10.49
N GLU E 607 -20.75 -11.69 -11.43
CA GLU E 607 -21.35 -10.77 -12.39
C GLU E 607 -22.29 -11.51 -13.34
N MET E 608 -21.88 -12.69 -13.80
CA MET E 608 -22.72 -13.44 -14.73
C MET E 608 -24.02 -13.90 -14.07
N ASP E 609 -23.94 -14.34 -12.81
CA ASP E 609 -25.14 -14.79 -12.11
C ASP E 609 -26.08 -13.63 -11.83
N GLY E 610 -25.52 -12.44 -11.57
CA GLY E 610 -26.36 -11.29 -11.31
C GLY E 610 -27.21 -10.89 -12.51
N MET E 611 -26.61 -10.87 -13.69
CA MET E 611 -27.32 -10.46 -14.90
C MET E 611 -28.18 -11.61 -15.42
N SER E 612 -29.40 -11.28 -15.81
CA SER E 612 -30.34 -12.29 -16.31
C SER E 612 -31.55 -11.58 -16.91
N THR E 613 -32.54 -12.40 -17.28
CA THR E 613 -33.89 -11.99 -17.71
C THR E 613 -33.81 -10.83 -18.69
N LYS E 614 -34.45 -9.68 -18.43
CA LYS E 614 -34.63 -8.66 -19.46
C LYS E 614 -33.31 -8.09 -19.95
N LYS E 615 -32.29 -8.08 -19.09
CA LYS E 615 -30.96 -7.67 -19.54
C LYS E 615 -30.45 -8.64 -20.59
N ASN E 616 -29.97 -8.09 -21.70
CA ASN E 616 -29.52 -8.89 -22.84
C ASN E 616 -28.03 -8.62 -23.09
N VAL E 617 -27.19 -9.38 -22.39
CA VAL E 617 -25.75 -9.30 -22.55
C VAL E 617 -25.25 -10.70 -22.89
N PHE E 618 -24.81 -10.88 -24.13
CA PHE E 618 -24.27 -12.15 -24.59
C PHE E 618 -22.78 -12.16 -24.33
N ILE E 619 -22.32 -13.12 -23.53
CA ILE E 619 -20.91 -13.24 -23.18
C ILE E 619 -20.31 -14.33 -24.05
N ILE E 620 -19.39 -13.95 -24.93
CA ILE E 620 -18.73 -14.87 -25.85
C ILE E 620 -17.27 -14.96 -25.45
N GLY E 621 -16.81 -16.16 -25.16
CA GLY E 621 -15.42 -16.36 -24.82
C GLY E 621 -14.72 -17.25 -25.83
N ALA E 622 -13.62 -16.76 -26.41
CA ALA E 622 -12.83 -17.54 -27.35
C ALA E 622 -11.58 -18.03 -26.62
N THR E 623 -11.43 -19.33 -26.51
CA THR E 623 -10.31 -19.94 -25.82
C THR E 623 -9.54 -20.84 -26.79
N ASN E 624 -8.22 -20.79 -26.69
CA ASN E 624 -7.38 -21.60 -27.57
C ASN E 624 -7.10 -22.96 -26.95
N ARG E 625 -6.92 -22.99 -25.62
CA ARG E 625 -6.80 -24.24 -24.87
C ARG E 625 -7.97 -24.31 -23.91
N PRO E 626 -9.05 -25.02 -24.24
CA PRO E 626 -10.21 -25.05 -23.34
C PRO E 626 -10.02 -25.93 -22.12
N ASP E 627 -8.99 -26.78 -22.09
CA ASP E 627 -8.80 -27.67 -20.96
C ASP E 627 -8.39 -26.91 -19.71
N ILE E 628 -7.68 -25.78 -19.88
CA ILE E 628 -7.25 -25.02 -18.71
C ILE E 628 -8.33 -24.05 -18.26
N ILE E 629 -9.46 -24.00 -18.97
CA ILE E 629 -10.58 -23.20 -18.52
C ILE E 629 -11.15 -23.79 -17.23
N ASP E 630 -11.39 -22.93 -16.26
CA ASP E 630 -11.97 -23.38 -14.99
C ASP E 630 -13.35 -23.96 -15.24
N PRO E 631 -13.66 -25.12 -14.64
CA PRO E 631 -14.96 -25.78 -14.94
C PRO E 631 -16.16 -24.94 -14.55
N ALA E 632 -16.05 -24.12 -13.49
CA ALA E 632 -17.19 -23.30 -13.08
C ALA E 632 -17.56 -22.29 -14.16
N ILE E 633 -16.59 -21.92 -15.00
CA ILE E 633 -16.87 -21.00 -16.10
C ILE E 633 -17.83 -21.63 -17.10
N LEU E 634 -17.74 -22.94 -17.27
CA LEU E 634 -18.51 -23.64 -18.30
C LEU E 634 -19.78 -24.30 -17.77
N ARG E 635 -20.10 -24.13 -16.49
CA ARG E 635 -21.26 -24.77 -15.92
C ARG E 635 -22.55 -24.13 -16.44
N PRO E 636 -23.68 -24.82 -16.33
CA PRO E 636 -24.96 -24.24 -16.78
C PRO E 636 -25.23 -22.90 -16.10
N GLY E 637 -25.75 -21.97 -16.89
CA GLY E 637 -25.97 -20.61 -16.44
C GLY E 637 -24.81 -19.67 -16.68
N ARG E 638 -23.65 -20.20 -17.03
CA ARG E 638 -22.46 -19.42 -17.32
C ARG E 638 -21.76 -20.04 -18.53
N LEU E 639 -21.87 -19.40 -19.68
CA LEU E 639 -21.16 -19.84 -20.89
C LEU E 639 -21.40 -21.33 -21.16
N ASP E 640 -22.64 -21.76 -20.95
CA ASP E 640 -22.94 -23.19 -21.03
C ASP E 640 -22.92 -23.69 -22.47
N GLN E 641 -23.15 -22.81 -23.43
CA GLN E 641 -23.08 -23.20 -24.84
C GLN E 641 -21.63 -23.31 -25.28
N LEU E 642 -21.27 -24.47 -25.82
CA LEU E 642 -19.90 -24.74 -26.23
C LEU E 642 -19.89 -25.02 -27.73
N ILE E 643 -19.20 -24.17 -28.49
CA ILE E 643 -19.10 -24.30 -29.93
C ILE E 643 -17.67 -24.67 -30.29
N TYR E 644 -17.51 -25.73 -31.06
CA TYR E 644 -16.19 -26.19 -31.48
C TYR E 644 -15.93 -25.71 -32.90
N ILE E 645 -14.87 -24.92 -33.07
CA ILE E 645 -14.46 -24.42 -34.38
C ILE E 645 -13.36 -25.35 -34.90
N PRO E 646 -13.68 -26.30 -35.76
CA PRO E 646 -12.69 -27.32 -36.14
C PRO E 646 -11.79 -26.86 -37.28
N LEU E 647 -10.83 -27.72 -37.59
CA LEU E 647 -10.05 -27.54 -38.80
C LEU E 647 -10.96 -27.71 -40.02
N PRO E 648 -10.87 -26.79 -40.99
CA PRO E 648 -11.78 -26.85 -42.13
C PRO E 648 -11.60 -28.12 -42.93
N ASP E 649 -12.72 -28.71 -43.35
CA ASP E 649 -12.68 -29.87 -44.23
C ASP E 649 -12.52 -29.41 -45.67
N GLU E 650 -12.58 -30.36 -46.61
CA GLU E 650 -12.24 -30.05 -47.99
C GLU E 650 -13.17 -29.00 -48.58
N LYS E 651 -14.47 -29.12 -48.32
CA LYS E 651 -15.42 -28.13 -48.87
C LYS E 651 -15.22 -26.76 -48.22
N SER E 652 -14.96 -26.73 -46.91
CA SER E 652 -14.73 -25.46 -46.25
C SER E 652 -13.46 -24.78 -46.76
N ARG E 653 -12.42 -25.56 -47.02
CA ARG E 653 -11.15 -24.99 -47.48
C ARG E 653 -11.30 -24.32 -48.83
N VAL E 654 -12.22 -24.81 -49.67
CA VAL E 654 -12.53 -24.12 -50.92
C VAL E 654 -13.14 -22.76 -50.63
N ALA E 655 -14.06 -22.69 -49.66
CA ALA E 655 -14.68 -21.42 -49.30
C ALA E 655 -13.66 -20.48 -48.68
N ILE E 656 -12.74 -21.00 -47.87
CA ILE E 656 -11.72 -20.16 -47.26
C ILE E 656 -10.82 -19.55 -48.33
N LEU E 657 -10.39 -20.36 -49.30
CA LEU E 657 -9.53 -19.84 -50.37
C LEU E 657 -10.27 -18.82 -51.22
N LYS E 658 -11.55 -19.08 -51.52
CA LYS E 658 -12.33 -18.14 -52.29
C LYS E 658 -12.52 -16.82 -51.56
N ALA E 659 -12.78 -16.88 -50.25
CA ALA E 659 -12.99 -15.67 -49.48
C ALA E 659 -11.75 -14.80 -49.43
N ASN E 660 -10.58 -15.42 -49.24
CA ASN E 660 -9.33 -14.66 -49.21
C ASN E 660 -9.03 -14.05 -50.57
N LEU E 661 -9.35 -14.76 -51.65
CA LEU E 661 -9.06 -14.31 -53.01
C LEU E 661 -10.26 -13.63 -53.65
N ARG E 662 -11.31 -13.33 -52.89
CA ARG E 662 -12.50 -12.72 -53.47
C ARG E 662 -12.20 -11.34 -54.05
N LYS E 663 -11.39 -10.55 -53.35
CA LYS E 663 -11.01 -9.22 -53.81
C LYS E 663 -9.73 -9.21 -54.62
N SER E 664 -9.13 -10.37 -54.86
CA SER E 664 -7.81 -10.44 -55.47
C SER E 664 -7.90 -10.86 -56.93
N PRO E 665 -7.10 -10.28 -57.81
CA PRO E 665 -7.07 -10.73 -59.21
C PRO E 665 -6.24 -12.00 -59.35
N VAL E 666 -6.90 -13.11 -59.65
CA VAL E 666 -6.24 -14.40 -59.79
C VAL E 666 -6.55 -14.96 -61.16
N ALA E 667 -5.56 -15.63 -61.75
CA ALA E 667 -5.75 -16.24 -63.07
C ALA E 667 -6.82 -17.33 -62.99
N LYS E 668 -7.58 -17.45 -64.08
CA LYS E 668 -8.68 -18.42 -64.11
C LYS E 668 -8.16 -19.84 -64.08
N ASP E 669 -6.96 -20.08 -64.62
CA ASP E 669 -6.42 -21.43 -64.66
C ASP E 669 -6.05 -21.94 -63.28
N VAL E 670 -5.93 -21.03 -62.30
CA VAL E 670 -5.66 -21.44 -60.93
C VAL E 670 -6.86 -22.21 -60.40
N ASP E 671 -6.62 -23.46 -60.02
CA ASP E 671 -7.68 -24.36 -59.55
C ASP E 671 -7.65 -24.38 -58.03
N LEU E 672 -8.61 -23.71 -57.40
CA LEU E 672 -8.66 -23.68 -55.95
C LEU E 672 -9.15 -25.00 -55.38
N GLU E 673 -9.92 -25.76 -56.17
CA GLU E 673 -10.37 -27.07 -55.72
C GLU E 673 -9.19 -28.01 -55.55
N PHE E 674 -8.20 -27.92 -56.43
CA PHE E 674 -7.01 -28.76 -56.29
C PHE E 674 -6.23 -28.41 -55.03
N LEU E 675 -6.14 -27.12 -54.71
CA LEU E 675 -5.41 -26.69 -53.51
C LEU E 675 -6.06 -27.27 -52.25
N ALA E 676 -7.39 -27.40 -52.25
CA ALA E 676 -8.09 -27.85 -51.06
C ALA E 676 -7.74 -29.29 -50.71
N LYS E 677 -7.60 -30.16 -51.73
CA LYS E 677 -7.35 -31.56 -51.45
C LYS E 677 -5.90 -31.80 -51.06
N MET E 678 -4.98 -31.01 -51.61
CA MET E 678 -3.58 -31.14 -51.21
C MET E 678 -3.30 -30.51 -49.86
N THR E 679 -4.08 -29.49 -49.48
CA THR E 679 -3.97 -28.88 -48.15
C THR E 679 -4.89 -29.63 -47.19
N ASN E 680 -4.48 -30.85 -46.85
CA ASN E 680 -5.34 -31.75 -46.09
C ASN E 680 -5.65 -31.19 -44.70
N GLY E 681 -4.62 -30.99 -43.88
CA GLY E 681 -4.79 -30.50 -42.54
C GLY E 681 -4.57 -29.02 -42.34
N PHE E 682 -4.52 -28.22 -43.40
CA PHE E 682 -4.23 -26.80 -43.27
C PHE E 682 -5.39 -26.08 -42.60
N SER E 683 -5.06 -25.16 -41.70
CA SER E 683 -6.07 -24.35 -41.02
C SER E 683 -6.45 -23.15 -41.89
N GLY E 684 -7.36 -22.34 -41.36
CA GLY E 684 -7.76 -21.14 -42.08
C GLY E 684 -6.64 -20.15 -42.24
N ALA E 685 -5.78 -20.04 -41.23
CA ALA E 685 -4.64 -19.13 -41.32
C ALA E 685 -3.54 -19.73 -42.21
N ASP E 686 -3.42 -21.05 -42.23
CA ASP E 686 -2.47 -21.70 -43.12
C ASP E 686 -2.81 -21.43 -44.58
N LEU E 687 -4.10 -21.52 -44.93
CA LEU E 687 -4.51 -21.23 -46.30
C LEU E 687 -4.34 -19.76 -46.63
N THR E 688 -4.57 -18.88 -45.65
CA THR E 688 -4.37 -17.45 -45.88
C THR E 688 -2.89 -17.14 -46.09
N GLU E 689 -2.01 -17.88 -45.41
CA GLU E 689 -0.57 -17.70 -45.61
C GLU E 689 -0.17 -18.08 -47.04
N ILE E 690 -0.79 -19.12 -47.59
CA ILE E 690 -0.51 -19.50 -48.97
C ILE E 690 -0.90 -18.39 -49.93
N CYS E 691 -2.08 -17.78 -49.72
CA CYS E 691 -2.51 -16.69 -50.57
C CYS E 691 -1.60 -15.48 -50.43
N GLN E 692 -1.18 -15.17 -49.20
CA GLN E 692 -0.30 -14.03 -48.99
C GLN E 692 1.08 -14.28 -49.58
N ARG E 693 1.57 -15.51 -49.49
CA ARG E 693 2.87 -15.84 -50.08
C ARG E 693 2.81 -15.75 -51.60
N ALA E 694 1.70 -16.19 -52.20
CA ALA E 694 1.54 -16.07 -53.64
C ALA E 694 1.47 -14.60 -54.06
N CYS E 695 0.82 -13.77 -53.25
CA CYS E 695 0.78 -12.34 -53.55
C CYS E 695 2.17 -11.72 -53.52
N LYS E 696 2.99 -12.10 -52.53
CA LYS E 696 4.33 -11.54 -52.42
C LYS E 696 5.19 -11.92 -53.61
N LEU E 697 5.08 -13.17 -54.07
CA LEU E 697 5.84 -13.60 -55.24
C LEU E 697 5.41 -12.83 -56.48
N ALA E 698 4.12 -12.54 -56.59
CA ALA E 698 3.65 -11.69 -57.69
C ALA E 698 4.17 -10.27 -57.54
N ILE E 699 4.22 -9.76 -56.31
CA ILE E 699 4.77 -8.42 -56.09
C ILE E 699 6.27 -8.41 -56.38
N ARG E 700 6.97 -9.48 -55.99
CA ARG E 700 8.41 -9.56 -56.27
C ARG E 700 8.68 -9.54 -57.76
N GLU E 701 7.90 -10.29 -58.54
CA GLU E 701 8.12 -10.34 -59.98
C GLU E 701 7.89 -8.98 -60.63
N SER E 702 6.86 -8.25 -60.19
CA SER E 702 6.56 -6.95 -60.77
C SER E 702 7.65 -5.93 -60.46
N ILE E 703 8.22 -5.99 -59.26
CA ILE E 703 9.23 -5.00 -58.88
C ILE E 703 10.50 -5.19 -59.70
N GLU E 704 10.93 -6.44 -59.90
CA GLU E 704 12.09 -6.66 -60.75
C GLU E 704 11.79 -6.33 -62.21
N SER E 705 10.52 -6.39 -62.60
CA SER E 705 10.16 -5.98 -63.95
C SER E 705 10.21 -4.48 -64.12
N GLU E 706 9.72 -3.73 -63.12
CA GLU E 706 9.78 -2.27 -63.20
C GLU E 706 11.23 -1.78 -63.07
N ILE E 707 12.07 -2.55 -62.38
CA ILE E 707 13.50 -2.24 -62.36
C ILE E 707 14.11 -2.51 -63.74
N ARG E 708 13.73 -3.64 -64.36
CA ARG E 708 14.22 -3.95 -65.70
C ARG E 708 13.77 -2.92 -66.72
N ARG E 709 12.50 -2.49 -66.63
CA ARG E 709 11.99 -1.50 -67.59
C ARG E 709 12.73 -0.18 -67.46
N GLU E 710 13.03 0.25 -66.23
CA GLU E 710 13.81 1.47 -66.05
C GLU E 710 15.23 1.30 -66.56
N ARG E 711 15.77 0.08 -66.50
CA ARG E 711 17.13 -0.15 -66.97
C ARG E 711 17.22 -0.03 -68.48
N GLU E 712 16.27 -0.63 -69.21
CA GLU E 712 16.30 -0.55 -70.67
C GLU E 712 16.02 0.87 -71.14
N ARG E 713 15.29 1.65 -70.35
CA ARG E 713 15.13 3.07 -70.67
C ARG E 713 16.46 3.81 -70.57
N GLN E 714 17.27 3.48 -69.58
CA GLN E 714 18.58 4.09 -69.40
C GLN E 714 19.63 3.40 -70.26
N PRO E 727 2.66 -6.15 -66.86
CA PRO E 727 3.74 -6.95 -66.29
C PRO E 727 3.22 -8.17 -65.53
N VAL E 728 2.65 -7.93 -64.35
CA VAL E 728 2.06 -9.00 -63.54
C VAL E 728 0.64 -8.58 -63.20
N PRO E 729 -0.30 -8.66 -64.14
CA PRO E 729 -1.67 -8.20 -63.85
C PRO E 729 -2.35 -9.00 -62.76
N GLU E 730 -2.05 -10.29 -62.62
CA GLU E 730 -2.76 -11.16 -61.70
C GLU E 730 -1.84 -12.27 -61.21
N ILE E 731 -2.25 -12.90 -60.11
CA ILE E 731 -1.51 -14.03 -59.57
C ILE E 731 -1.79 -15.28 -60.39
N ARG E 732 -0.72 -15.97 -60.77
CA ARG E 732 -0.80 -17.11 -61.67
C ARG E 732 -0.54 -18.41 -60.91
N ARG E 733 -0.51 -19.51 -61.66
CA ARG E 733 -0.28 -20.82 -61.04
C ARG E 733 1.11 -20.92 -60.43
N ASP E 734 2.14 -20.42 -61.13
CA ASP E 734 3.51 -20.56 -60.64
C ASP E 734 3.70 -19.83 -59.32
N HIS E 735 3.06 -18.67 -59.16
CA HIS E 735 3.12 -17.97 -57.88
C HIS E 735 2.51 -18.81 -56.77
N PHE E 736 1.41 -19.49 -57.05
CA PHE E 736 0.83 -20.40 -56.08
C PHE E 736 1.67 -21.66 -55.92
N GLU E 737 2.35 -22.08 -57.00
CA GLU E 737 3.17 -23.29 -56.92
C GLU E 737 4.39 -23.08 -56.03
N GLU E 738 5.11 -21.97 -56.23
CA GLU E 738 6.29 -21.71 -55.40
C GLU E 738 5.88 -21.41 -53.97
N ALA E 739 4.73 -20.74 -53.78
CA ALA E 739 4.26 -20.46 -52.43
C ALA E 739 3.84 -21.73 -51.71
N MET E 740 3.40 -22.74 -52.46
CA MET E 740 2.93 -23.98 -51.85
C MET E 740 4.07 -24.78 -51.25
N ARG E 741 5.30 -24.58 -51.74
CA ARG E 741 6.43 -25.34 -51.23
C ARG E 741 6.88 -24.81 -49.88
N PHE E 742 6.58 -23.54 -49.57
CA PHE E 742 6.90 -23.01 -48.25
C PHE E 742 5.76 -23.26 -47.28
N ALA E 743 4.63 -23.74 -47.77
CA ALA E 743 3.45 -23.93 -46.93
C ALA E 743 3.69 -25.02 -45.89
N ARG E 744 3.21 -24.78 -44.68
CA ARG E 744 3.33 -25.73 -43.58
C ARG E 744 1.97 -25.89 -42.90
N ARG E 745 1.88 -26.88 -42.02
CA ARG E 745 0.69 -27.15 -41.23
C ARG E 745 1.01 -26.82 -39.77
N SER E 746 0.20 -25.95 -39.17
CA SER E 746 0.55 -25.41 -37.86
C SER E 746 -0.08 -26.23 -36.74
N VAL E 747 -1.29 -26.74 -36.95
CA VAL E 747 -1.95 -27.60 -35.97
C VAL E 747 -1.55 -29.04 -36.25
N SER E 748 -0.97 -29.69 -35.25
CA SER E 748 -0.45 -31.05 -35.39
C SER E 748 -1.49 -32.04 -34.88
N ASP E 749 -1.22 -33.33 -35.09
CA ASP E 749 -2.14 -34.39 -34.68
C ASP E 749 -2.33 -34.38 -33.17
N ASN E 750 -1.26 -34.20 -32.42
CA ASN E 750 -1.36 -34.16 -30.96
C ASN E 750 -2.23 -33.00 -30.50
N ASP E 751 -2.14 -31.86 -31.19
CA ASP E 751 -2.96 -30.71 -30.82
C ASP E 751 -4.44 -30.99 -31.07
N ILE E 752 -4.76 -31.70 -32.15
CA ILE E 752 -6.15 -31.93 -32.51
C ILE E 752 -6.85 -32.77 -31.46
N ARG E 753 -6.22 -33.85 -31.01
CA ARG E 753 -6.86 -34.77 -30.08
C ARG E 753 -7.13 -34.09 -28.74
N LYS E 754 -6.39 -33.02 -28.43
CA LYS E 754 -6.63 -32.28 -27.20
C LYS E 754 -8.01 -31.66 -27.19
N TYR E 755 -8.47 -31.13 -28.32
CA TYR E 755 -9.80 -30.55 -28.39
C TYR E 755 -10.88 -31.62 -28.43
N GLU E 756 -10.60 -32.73 -29.13
CA GLU E 756 -11.54 -33.85 -29.10
C GLU E 756 -11.65 -34.45 -27.71
N MET E 757 -10.51 -34.60 -27.02
CA MET E 757 -10.54 -35.15 -25.66
C MET E 757 -11.32 -34.24 -24.73
N PHE E 758 -11.20 -32.93 -24.90
CA PHE E 758 -12.02 -31.99 -24.15
C PHE E 758 -13.49 -32.12 -24.54
N ALA E 759 -13.75 -32.43 -25.81
CA ALA E 759 -15.13 -32.61 -26.26
C ALA E 759 -15.75 -33.87 -25.67
N GLN E 760 -15.02 -34.99 -25.66
CA GLN E 760 -15.57 -36.23 -25.14
C GLN E 760 -15.84 -36.14 -23.65
N THR E 761 -14.91 -35.57 -22.88
CA THR E 761 -15.11 -35.47 -21.44
C THR E 761 -16.30 -34.57 -21.12
N LEU E 762 -16.65 -33.65 -22.03
CA LEU E 762 -17.90 -32.91 -21.89
C LEU E 762 -19.10 -33.82 -22.11
N GLN E 763 -19.08 -34.60 -23.20
CA GLN E 763 -20.20 -35.50 -23.47
C GLN E 763 -20.26 -36.62 -22.43
N GLN E 764 -19.10 -37.03 -21.89
CA GLN E 764 -19.09 -38.04 -20.84
C GLN E 764 -19.80 -37.53 -19.59
N SER E 765 -19.54 -36.28 -19.21
CA SER E 765 -20.21 -35.71 -18.04
C SER E 765 -21.68 -35.44 -18.32
N ARG E 766 -22.00 -35.01 -19.54
CA ARG E 766 -23.38 -34.71 -19.91
C ARG E 766 -24.20 -35.99 -20.03
N ASN F 21 -52.92 -5.11 39.01
CA ASN F 21 -54.24 -4.52 39.15
C ASN F 21 -54.41 -3.90 40.53
N ARG F 22 -54.79 -2.63 40.56
CA ARG F 22 -54.93 -1.88 41.80
C ARG F 22 -56.34 -1.33 41.87
N PRO F 23 -56.86 -1.09 43.07
CA PRO F 23 -58.18 -0.44 43.18
C PRO F 23 -58.20 0.96 42.56
N ASN F 24 -57.08 1.68 42.61
CA ASN F 24 -57.03 3.00 41.98
C ASN F 24 -57.17 2.89 40.47
N ARG F 25 -56.56 1.86 39.88
CA ARG F 25 -56.68 1.66 38.43
C ARG F 25 -58.12 1.37 38.05
N LEU F 26 -58.60 2.04 37.00
CA LEU F 26 -59.99 1.93 36.59
C LEU F 26 -60.07 1.91 35.07
N ILE F 27 -60.91 1.04 34.52
CA ILE F 27 -61.07 0.95 33.08
C ILE F 27 -61.92 2.11 32.58
N VAL F 28 -61.46 2.76 31.51
CA VAL F 28 -62.19 3.90 30.96
C VAL F 28 -63.55 3.44 30.44
N ASP F 29 -64.59 4.20 30.76
CA ASP F 29 -65.95 3.88 30.35
C ASP F 29 -66.63 5.13 29.81
N GLU F 30 -67.68 4.91 29.01
CA GLU F 30 -68.41 6.02 28.42
C GLU F 30 -69.19 6.80 29.47
N ALA F 31 -69.46 8.06 29.17
CA ALA F 31 -70.18 8.93 30.09
C ALA F 31 -71.68 8.78 29.94
N ILE F 32 -72.40 9.08 31.02
CA ILE F 32 -73.87 9.08 30.99
C ILE F 32 -74.37 10.50 31.18
N ASN F 33 -74.00 11.13 32.29
CA ASN F 33 -74.41 12.50 32.59
C ASN F 33 -73.24 13.38 33.04
N GLU F 34 -72.02 12.84 33.08
CA GLU F 34 -70.88 13.60 33.58
C GLU F 34 -70.50 14.70 32.60
N ASP F 35 -70.19 15.88 33.14
CA ASP F 35 -69.70 16.98 32.33
C ASP F 35 -68.17 16.92 32.27
N ASN F 36 -67.55 18.00 31.81
CA ASN F 36 -66.10 18.01 31.61
C ASN F 36 -65.32 17.98 32.92
N SER F 37 -65.97 18.17 34.07
CA SER F 37 -65.26 18.36 35.32
C SER F 37 -65.61 17.36 36.42
N VAL F 38 -66.45 16.37 36.15
CA VAL F 38 -66.85 15.40 37.17
C VAL F 38 -66.62 13.99 36.67
N VAL F 39 -66.25 13.10 37.60
CA VAL F 39 -66.15 11.67 37.34
C VAL F 39 -67.05 10.94 38.32
N SER F 40 -67.49 9.75 37.93
CA SER F 40 -68.41 8.95 38.72
C SER F 40 -67.83 7.57 38.95
N LEU F 41 -67.98 7.06 40.18
CA LEU F 41 -67.50 5.76 40.58
C LEU F 41 -68.63 4.96 41.20
N SER F 42 -68.41 3.65 41.32
CA SER F 42 -69.36 2.80 42.04
C SER F 42 -69.18 2.98 43.54
N GLN F 43 -70.28 2.84 44.27
CA GLN F 43 -70.24 3.02 45.73
C GLN F 43 -69.29 2.05 46.43
N PRO F 44 -69.33 0.73 46.17
CA PRO F 44 -68.35 -0.15 46.85
C PRO F 44 -66.91 0.23 46.57
N LYS F 45 -66.61 0.69 45.35
CA LYS F 45 -65.25 1.07 45.02
C LYS F 45 -64.81 2.31 45.80
N MET F 46 -65.63 3.36 45.81
CA MET F 46 -65.25 4.57 46.53
C MET F 46 -65.17 4.31 48.03
N ASP F 47 -66.00 3.39 48.54
CA ASP F 47 -65.86 2.98 49.94
C ASP F 47 -64.53 2.26 50.15
N GLU F 48 -64.15 1.38 49.23
CA GLU F 48 -62.83 0.75 49.31
C GLU F 48 -61.71 1.76 49.10
N LEU F 49 -61.92 2.70 48.17
CA LEU F 49 -60.96 3.78 47.94
C LEU F 49 -61.03 4.86 49.01
N GLN F 50 -61.97 4.77 49.95
CA GLN F 50 -62.12 5.74 51.04
C GLN F 50 -62.36 7.14 50.49
N LEU F 51 -63.17 7.23 49.44
CA LEU F 51 -63.48 8.49 48.80
C LEU F 51 -64.91 8.92 49.14
N PHE F 52 -65.04 10.17 49.56
CA PHE F 52 -66.34 10.79 49.78
C PHE F 52 -66.85 11.37 48.47
N ARG F 53 -68.18 11.47 48.36
CA ARG F 53 -68.77 12.06 47.17
C ARG F 53 -68.53 13.57 47.15
N GLY F 54 -68.11 14.08 45.99
CA GLY F 54 -67.86 15.48 45.81
C GLY F 54 -66.41 15.90 45.96
N ASP F 55 -65.52 14.96 46.31
CA ASP F 55 -64.12 15.31 46.49
C ASP F 55 -63.44 15.56 45.16
N THR F 56 -62.42 16.42 45.17
CA THR F 56 -61.55 16.59 44.02
C THR F 56 -60.38 15.62 44.10
N VAL F 57 -60.05 15.01 42.96
CA VAL F 57 -59.05 13.96 42.90
C VAL F 57 -58.10 14.23 41.73
N LEU F 58 -57.00 13.49 41.71
CA LEU F 58 -56.02 13.55 40.64
C LEU F 58 -56.16 12.33 39.73
N LEU F 59 -56.32 12.58 38.43
CA LEU F 59 -56.30 11.54 37.42
C LEU F 59 -54.97 11.62 36.67
N LYS F 60 -54.36 10.46 36.45
CA LYS F 60 -53.13 10.37 35.68
C LYS F 60 -53.37 9.46 34.47
N GLY F 61 -53.06 9.97 33.29
CA GLY F 61 -53.27 9.23 32.05
C GLY F 61 -51.96 8.96 31.34
N LYS F 62 -52.09 8.59 30.07
CA LYS F 62 -50.93 8.28 29.26
C LYS F 62 -50.19 9.55 28.87
N LYS F 63 -48.90 9.40 28.54
CA LYS F 63 -48.05 10.51 28.12
C LYS F 63 -47.92 11.57 29.22
N ARG F 64 -48.00 11.12 30.47
CA ARG F 64 -47.88 12.00 31.64
C ARG F 64 -48.88 13.16 31.58
N ARG F 65 -50.13 12.85 31.27
CA ARG F 65 -51.21 13.82 31.28
C ARG F 65 -52.02 13.67 32.56
N GLU F 66 -52.32 14.79 33.20
CA GLU F 66 -53.05 14.81 34.45
C GLU F 66 -54.40 15.47 34.28
N ALA F 67 -55.39 14.98 35.02
CA ALA F 67 -56.73 15.54 35.00
C ALA F 67 -57.25 15.67 36.42
N VAL F 68 -58.03 16.72 36.66
CA VAL F 68 -58.66 16.97 37.96
C VAL F 68 -60.17 16.95 37.75
N CYS F 69 -60.87 16.21 38.61
CA CYS F 69 -62.30 16.03 38.49
C CYS F 69 -62.94 15.87 39.86
N ILE F 70 -64.24 16.12 39.92
CA ILE F 70 -65.03 15.92 41.13
C ILE F 70 -65.70 14.57 41.07
N VAL F 71 -65.55 13.78 42.14
CA VAL F 71 -66.05 12.41 42.18
C VAL F 71 -67.51 12.42 42.60
N LEU F 72 -68.31 11.59 41.94
CA LEU F 72 -69.73 11.42 42.25
C LEU F 72 -70.02 9.94 42.42
N SER F 73 -71.30 9.61 42.53
CA SER F 73 -71.74 8.23 42.70
C SER F 73 -72.69 7.85 41.56
N ASP F 74 -72.53 6.62 41.08
CA ASP F 74 -73.34 6.09 39.99
C ASP F 74 -73.60 4.62 40.24
N ASP F 75 -74.87 4.22 40.25
CA ASP F 75 -75.24 2.83 40.52
C ASP F 75 -75.11 1.94 39.30
N THR F 76 -75.00 2.49 38.10
CA THR F 76 -74.86 1.71 36.88
C THR F 76 -73.41 1.50 36.47
N CYS F 77 -72.49 2.30 36.99
CA CYS F 77 -71.08 2.15 36.67
C CYS F 77 -70.48 0.96 37.40
N SER F 78 -69.60 0.23 36.72
CA SER F 78 -68.98 -0.94 37.31
C SER F 78 -67.93 -0.54 38.33
N ASP F 79 -67.54 -1.50 39.16
CA ASP F 79 -66.53 -1.23 40.20
C ASP F 79 -65.16 -0.97 39.60
N GLU F 80 -64.83 -1.69 38.52
CA GLU F 80 -63.51 -1.59 37.89
C GLU F 80 -63.46 -0.51 36.81
N LYS F 81 -64.57 0.17 36.54
CA LYS F 81 -64.64 1.16 35.48
C LYS F 81 -65.02 2.51 36.03
N ILE F 82 -64.63 3.57 35.31
CA ILE F 82 -64.95 4.94 35.66
C ILE F 82 -65.53 5.62 34.42
N ARG F 83 -66.60 6.38 34.61
CA ARG F 83 -67.30 7.03 33.51
C ARG F 83 -66.87 8.48 33.38
N MET F 84 -66.48 8.89 32.18
CA MET F 84 -66.11 10.28 31.93
C MET F 84 -66.31 10.59 30.46
N ASN F 85 -66.52 11.88 30.15
CA ASN F 85 -66.79 12.33 28.80
C ASN F 85 -65.50 12.37 27.96
N ARG F 86 -65.67 12.69 26.68
CA ARG F 86 -64.54 12.66 25.75
C ARG F 86 -63.57 13.80 26.00
N VAL F 87 -64.01 14.84 26.72
CA VAL F 87 -63.15 16.01 26.93
C VAL F 87 -61.93 15.63 27.74
N VAL F 88 -62.12 14.96 28.87
CA VAL F 88 -60.98 14.58 29.70
C VAL F 88 -60.25 13.38 29.11
N ARG F 89 -60.96 12.54 28.36
CA ARG F 89 -60.30 11.47 27.62
C ARG F 89 -59.27 12.04 26.66
N ASN F 90 -59.63 13.14 25.98
CA ASN F 90 -58.64 13.90 25.21
C ASN F 90 -57.59 14.51 26.13
N ASN F 91 -58.01 15.03 27.28
CA ASN F 91 -57.06 15.60 28.23
C ASN F 91 -56.10 14.55 28.76
N LEU F 92 -56.60 13.35 29.08
CA LEU F 92 -55.75 12.28 29.60
C LEU F 92 -55.09 11.46 28.49
N ARG F 93 -55.37 11.77 27.23
CA ARG F 93 -54.83 11.03 26.10
C ARG F 93 -55.12 9.53 26.21
N VAL F 94 -56.37 9.22 26.54
CA VAL F 94 -56.79 7.84 26.75
C VAL F 94 -58.01 7.55 25.89
N ARG F 95 -58.19 6.27 25.58
CA ARG F 95 -59.35 5.77 24.85
C ARG F 95 -60.21 4.95 25.78
N LEU F 96 -61.39 4.59 25.29
CA LEU F 96 -62.29 3.72 26.06
C LEU F 96 -61.64 2.35 26.25
N GLY F 97 -61.66 1.88 27.50
CA GLY F 97 -61.06 0.62 27.87
C GLY F 97 -59.66 0.74 28.45
N ASP F 98 -59.05 1.92 28.38
CA ASP F 98 -57.70 2.10 28.91
C ASP F 98 -57.69 2.00 30.43
N VAL F 99 -56.49 1.96 30.98
CA VAL F 99 -56.27 1.89 32.42
C VAL F 99 -55.76 3.24 32.90
N ILE F 100 -56.50 3.87 33.80
CA ILE F 100 -56.13 5.16 34.36
C ILE F 100 -56.15 5.06 35.89
N SER F 101 -55.42 5.97 36.53
CA SER F 101 -55.25 5.96 37.98
C SER F 101 -55.93 7.17 38.59
N ILE F 102 -56.59 6.95 39.73
CA ILE F 102 -57.28 8.01 40.46
C ILE F 102 -56.75 8.04 41.89
N GLN F 103 -56.33 9.22 42.33
CA GLN F 103 -55.85 9.45 43.68
C GLN F 103 -56.46 10.73 44.20
N PRO F 104 -56.75 10.80 45.50
CA PRO F 104 -57.35 12.02 46.06
C PRO F 104 -56.40 13.20 45.94
N CYS F 105 -56.99 14.39 45.81
CA CYS F 105 -56.23 15.64 45.68
C CYS F 105 -56.67 16.60 46.79
N PRO F 106 -56.07 16.49 47.97
CA PRO F 106 -56.42 17.41 49.05
C PRO F 106 -55.72 18.76 48.90
N ASP F 107 -56.20 19.72 49.70
CA ASP F 107 -55.60 21.06 49.80
C ASP F 107 -55.57 21.79 48.46
N VAL F 108 -56.64 21.65 47.66
CA VAL F 108 -56.77 22.47 46.47
C VAL F 108 -57.29 23.85 46.85
N LYS F 109 -56.58 24.88 46.42
CA LYS F 109 -56.88 26.25 46.83
C LYS F 109 -57.68 26.97 45.76
N TYR F 110 -58.41 28.00 46.19
CA TYR F 110 -59.19 28.80 45.27
C TYR F 110 -58.26 29.63 44.38
N GLY F 111 -58.54 29.61 43.08
CA GLY F 111 -57.67 30.29 42.13
C GLY F 111 -57.75 31.81 42.26
N LYS F 112 -56.58 32.44 42.19
CA LYS F 112 -56.50 33.89 42.19
C LYS F 112 -56.63 34.47 40.79
N ARG F 113 -55.97 33.85 39.81
CA ARG F 113 -56.03 34.30 38.43
C ARG F 113 -55.56 33.18 37.53
N ILE F 114 -56.33 32.91 36.48
CA ILE F 114 -56.02 31.86 35.52
C ILE F 114 -56.04 32.46 34.11
N HIS F 115 -55.22 31.90 33.23
CA HIS F 115 -55.13 32.34 31.85
C HIS F 115 -55.55 31.21 30.94
N VAL F 116 -56.58 31.45 30.12
CA VAL F 116 -57.07 30.47 29.17
C VAL F 116 -56.99 31.07 27.77
N LEU F 117 -56.58 30.25 26.81
CA LEU F 117 -56.40 30.68 25.44
C LEU F 117 -57.08 29.69 24.50
N PRO F 118 -57.91 30.19 23.58
CA PRO F 118 -58.69 29.29 22.73
C PRO F 118 -57.86 28.65 21.64
N ILE F 119 -58.41 27.59 21.06
CA ILE F 119 -57.80 26.90 19.92
C ILE F 119 -58.19 27.67 18.66
N ASP F 120 -57.23 27.83 17.74
CA ASP F 120 -57.45 28.69 16.58
C ASP F 120 -58.58 28.19 15.69
N ASP F 121 -58.61 26.87 15.44
CA ASP F 121 -59.59 26.33 14.50
C ASP F 121 -61.02 26.36 15.01
N THR F 122 -61.23 26.54 16.32
CA THR F 122 -62.57 26.66 16.86
C THR F 122 -63.03 28.09 17.03
N VAL F 123 -62.21 29.07 16.65
CA VAL F 123 -62.53 30.48 16.79
C VAL F 123 -62.66 31.18 15.45
N GLU F 124 -62.13 30.58 14.37
CA GLU F 124 -62.23 31.20 13.04
C GLU F 124 -63.68 31.45 12.68
N GLY F 125 -63.97 32.71 12.31
CA GLY F 125 -65.33 33.13 12.05
C GLY F 125 -66.06 33.68 13.25
N ILE F 126 -65.40 33.83 14.39
CA ILE F 126 -66.01 34.36 15.60
C ILE F 126 -65.25 35.63 15.98
N THR F 127 -65.99 36.72 16.22
CA THR F 127 -65.39 37.99 16.60
C THR F 127 -65.95 38.55 17.90
N GLY F 128 -66.96 37.89 18.49
CA GLY F 128 -67.57 38.40 19.70
C GLY F 128 -66.68 38.24 20.92
N ASN F 129 -67.13 38.86 22.01
CA ASN F 129 -66.42 38.80 23.29
C ASN F 129 -66.48 37.37 23.80
N LEU F 130 -65.33 36.68 23.81
CA LEU F 130 -65.31 35.29 24.23
C LEU F 130 -65.73 35.13 25.68
N PHE F 131 -65.29 36.05 26.54
CA PHE F 131 -65.56 35.94 27.97
C PHE F 131 -67.05 35.80 28.26
N GLU F 132 -67.83 36.83 27.95
CA GLU F 132 -69.24 36.86 28.33
C GLU F 132 -70.03 35.73 27.68
N VAL F 133 -69.75 35.44 26.41
CA VAL F 133 -70.53 34.42 25.70
C VAL F 133 -70.21 33.02 26.22
N TYR F 134 -68.94 32.71 26.49
CA TYR F 134 -68.55 31.34 26.80
C TYR F 134 -68.06 31.13 28.22
N LEU F 135 -67.06 31.88 28.68
CA LEU F 135 -66.38 31.53 29.92
C LEU F 135 -67.18 31.91 31.16
N LYS F 136 -67.82 33.09 31.16
CA LYS F 136 -68.60 33.51 32.32
C LYS F 136 -69.77 32.57 32.61
N PRO F 137 -70.60 32.17 31.63
CA PRO F 137 -71.64 31.18 31.94
C PRO F 137 -71.07 29.82 32.37
N TYR F 138 -69.90 29.45 31.87
CA TYR F 138 -69.37 28.12 32.15
C TYR F 138 -68.86 28.00 33.56
N PHE F 139 -68.23 29.06 34.09
CA PHE F 139 -67.64 29.02 35.42
C PHE F 139 -68.52 29.70 36.48
N LEU F 140 -69.75 30.05 36.14
CA LEU F 140 -70.62 30.76 37.07
C LEU F 140 -71.06 29.85 38.21
N GLU F 141 -70.54 30.10 39.42
CA GLU F 141 -70.89 29.33 40.62
C GLU F 141 -70.63 27.84 40.45
N ALA F 142 -69.69 27.49 39.57
CA ALA F 142 -69.42 26.10 39.25
C ALA F 142 -68.33 25.48 40.10
N TYR F 143 -67.30 26.24 40.47
CA TYR F 143 -66.20 25.76 41.30
C TYR F 143 -65.53 24.53 40.67
N ARG F 144 -65.36 24.59 39.35
CA ARG F 144 -64.79 23.46 38.63
C ARG F 144 -63.30 23.31 38.95
N PRO F 145 -62.80 22.09 39.08
CA PRO F 145 -61.36 21.89 39.21
C PRO F 145 -60.66 21.97 37.86
N ILE F 146 -59.55 22.70 37.81
CA ILE F 146 -58.82 22.92 36.58
C ILE F 146 -57.33 22.66 36.80
N ARG F 147 -56.65 22.35 35.71
CA ARG F 147 -55.19 22.19 35.69
C ARG F 147 -54.64 22.90 34.47
N LYS F 148 -53.39 23.37 34.56
CA LYS F 148 -52.74 24.00 33.42
C LYS F 148 -52.54 23.00 32.30
N GLY F 149 -52.84 23.41 31.08
CA GLY F 149 -52.80 22.55 29.92
C GLY F 149 -54.11 21.84 29.61
N ASP F 150 -55.14 22.04 30.44
CA ASP F 150 -56.41 21.36 30.23
C ASP F 150 -57.11 21.89 28.98
N ILE F 151 -57.71 20.97 28.23
CA ILE F 151 -58.53 21.31 27.07
C ILE F 151 -59.98 21.05 27.43
N PHE F 152 -60.81 22.10 27.39
CA PHE F 152 -62.22 21.99 27.75
C PHE F 152 -63.07 22.70 26.69
N LEU F 153 -64.17 22.06 26.34
CA LEU F 153 -65.09 22.56 25.32
C LEU F 153 -66.32 23.15 25.98
N VAL F 154 -66.63 24.40 25.63
CA VAL F 154 -67.74 25.14 26.23
C VAL F 154 -68.74 25.48 25.13
N ARG F 155 -70.00 25.12 25.36
CA ARG F 155 -71.06 25.44 24.42
C ARG F 155 -71.50 26.89 24.58
N GLY F 156 -72.05 27.45 23.51
CA GLY F 156 -72.59 28.79 23.55
C GLY F 156 -72.43 29.49 22.21
N GLY F 157 -73.05 30.67 22.12
CA GLY F 157 -72.95 31.47 20.92
C GLY F 157 -73.48 30.74 19.70
N MET F 158 -72.71 30.80 18.61
CA MET F 158 -73.06 30.09 17.39
C MET F 158 -72.23 28.82 17.18
N ARG F 159 -71.12 28.67 17.92
CA ARG F 159 -70.27 27.50 17.81
C ARG F 159 -69.51 27.32 19.11
N ALA F 160 -69.51 26.09 19.62
CA ALA F 160 -68.76 25.80 20.84
C ALA F 160 -67.26 25.97 20.59
N VAL F 161 -66.57 26.54 21.58
CA VAL F 161 -65.17 26.93 21.44
C VAL F 161 -64.35 26.22 22.51
N GLU F 162 -63.22 25.64 22.09
CA GLU F 162 -62.30 24.97 23.00
C GLU F 162 -61.23 25.95 23.46
N PHE F 163 -60.71 25.71 24.66
CA PHE F 163 -59.70 26.56 25.27
C PHE F 163 -58.58 25.70 25.85
N LYS F 164 -57.42 26.32 26.01
CA LYS F 164 -56.26 25.70 26.67
C LYS F 164 -55.88 26.53 27.89
N VAL F 165 -55.71 25.86 29.03
CA VAL F 165 -55.32 26.52 30.26
C VAL F 165 -53.80 26.66 30.26
N VAL F 166 -53.30 27.87 30.08
CA VAL F 166 -51.86 28.07 29.95
C VAL F 166 -51.22 28.45 31.30
N GLU F 167 -51.93 29.15 32.18
CA GLU F 167 -51.37 29.57 33.45
C GLU F 167 -52.46 29.58 34.50
N THR F 168 -52.08 29.23 35.73
CA THR F 168 -53.00 29.24 36.87
C THR F 168 -52.28 29.80 38.09
N ASP F 169 -53.07 30.29 39.04
CA ASP F 169 -52.55 30.79 40.31
C ASP F 169 -53.50 30.42 41.43
N PRO F 170 -53.15 29.45 42.30
CA PRO F 170 -51.88 28.72 42.30
C PRO F 170 -51.77 27.65 41.22
N SER F 171 -50.58 27.09 41.08
CA SER F 171 -50.26 26.10 40.06
C SER F 171 -49.84 24.79 40.71
N PRO F 172 -50.19 23.65 40.10
CA PRO F 172 -51.00 23.54 38.88
C PRO F 172 -52.50 23.37 39.17
N TYR F 173 -52.86 23.18 40.43
CA TYR F 173 -54.23 22.85 40.80
C TYR F 173 -54.88 24.04 41.53
N CYS F 174 -56.06 24.42 41.05
CA CYS F 174 -56.81 25.52 41.65
C CYS F 174 -58.26 25.38 41.24
N ILE F 175 -59.14 26.06 41.99
CA ILE F 175 -60.58 26.01 41.76
C ILE F 175 -61.03 27.36 41.22
N VAL F 176 -61.85 27.34 40.16
CA VAL F 176 -62.38 28.55 39.56
C VAL F 176 -63.51 29.06 40.46
N ALA F 177 -63.19 30.06 41.28
CA ALA F 177 -64.11 30.64 42.23
C ALA F 177 -64.74 31.90 41.67
N PRO F 178 -65.88 32.33 42.21
CA PRO F 178 -66.51 33.58 41.72
C PRO F 178 -65.61 34.80 41.83
N ASP F 179 -64.72 34.84 42.82
CA ASP F 179 -63.81 35.97 42.98
C ASP F 179 -62.51 35.79 42.19
N THR F 180 -62.38 34.70 41.44
CA THR F 180 -61.21 34.51 40.59
C THR F 180 -61.30 35.41 39.35
N VAL F 181 -60.20 36.07 39.01
CA VAL F 181 -60.17 36.94 37.85
C VAL F 181 -59.89 36.10 36.62
N ILE F 182 -60.74 36.25 35.60
CA ILE F 182 -60.66 35.46 34.37
C ILE F 182 -60.35 36.40 33.22
N HIS F 183 -59.31 36.07 32.44
CA HIS F 183 -58.93 36.82 31.25
C HIS F 183 -58.53 35.85 30.15
N CYS F 184 -58.94 36.19 28.92
CA CYS F 184 -58.68 35.33 27.77
C CYS F 184 -57.88 36.01 26.66
N GLU F 185 -57.44 37.25 26.87
CA GLU F 185 -56.67 37.95 25.84
C GLU F 185 -55.29 37.31 25.70
N GLY F 186 -54.72 37.42 24.51
CA GLY F 186 -53.40 36.86 24.24
C GLY F 186 -53.27 36.30 22.83
N GLU F 187 -52.71 35.11 22.72
CA GLU F 187 -52.55 34.44 21.44
C GLU F 187 -53.30 33.11 21.45
N PRO F 188 -54.19 32.88 20.48
CA PRO F 188 -54.87 31.57 20.42
C PRO F 188 -53.89 30.45 20.12
N ILE F 189 -54.20 29.27 20.65
CA ILE F 189 -53.34 28.11 20.45
C ILE F 189 -53.57 27.55 19.05
N LYS F 190 -52.47 27.22 18.37
CA LYS F 190 -52.53 26.75 17.00
C LYS F 190 -53.11 25.35 16.92
N ARG F 191 -53.66 25.01 15.76
CA ARG F 191 -54.15 23.65 15.52
C ARG F 191 -52.99 22.66 15.52
N GLU F 192 -51.86 23.03 14.95
CA GLU F 192 -50.71 22.15 14.93
C GLU F 192 -50.12 21.96 16.32
N ASP F 193 -50.20 22.99 17.16
CA ASP F 193 -49.66 22.90 18.52
C ASP F 193 -50.40 21.84 19.32
N GLU F 194 -51.74 21.81 19.21
CA GLU F 194 -52.52 20.81 19.92
C GLU F 194 -52.43 19.45 19.23
N GLU F 195 -52.32 19.45 17.90
CA GLU F 195 -52.21 18.18 17.17
C GLU F 195 -50.91 17.47 17.48
N GLU F 196 -49.83 18.21 17.71
CA GLU F 196 -48.56 17.58 18.11
C GLU F 196 -48.70 16.87 19.44
N SER F 197 -49.37 17.50 20.41
CA SER F 197 -49.62 16.84 21.69
C SER F 197 -50.53 15.63 21.51
N LEU F 198 -51.50 15.72 20.59
CA LEU F 198 -52.37 14.59 20.34
C LEU F 198 -51.62 13.40 19.76
N ASN F 199 -50.78 13.65 18.74
CA ASN F 199 -50.10 12.59 18.02
C ASN F 199 -48.71 12.28 18.58
N GLU F 200 -48.40 12.74 19.79
CA GLU F 200 -47.12 12.41 20.40
C GLU F 200 -47.02 10.90 20.62
N VAL F 201 -45.80 10.38 20.56
CA VAL F 201 -45.60 8.94 20.59
C VAL F 201 -45.59 8.44 22.03
N GLY F 202 -46.44 7.44 22.30
CA GLY F 202 -46.43 6.77 23.58
C GLY F 202 -45.98 5.33 23.41
N TYR F 203 -45.99 4.60 24.52
CA TYR F 203 -45.59 3.20 24.49
C TYR F 203 -46.52 2.38 23.61
N ASP F 204 -47.82 2.69 23.63
CA ASP F 204 -48.77 1.89 22.86
C ASP F 204 -48.56 2.03 21.36
N ASP F 205 -47.85 3.08 20.93
CA ASP F 205 -47.57 3.25 19.50
C ASP F 205 -46.67 2.14 18.98
N ILE F 206 -45.65 1.75 19.75
CA ILE F 206 -44.72 0.72 19.31
C ILE F 206 -45.43 -0.62 19.27
N GLY F 207 -45.25 -1.34 18.16
CA GLY F 207 -45.77 -2.68 18.04
C GLY F 207 -44.68 -3.71 17.81
N GLY F 208 -44.87 -4.92 18.34
CA GLY F 208 -43.92 -5.99 18.14
C GLY F 208 -42.71 -5.97 19.03
N CYS F 209 -42.63 -5.02 19.98
CA CYS F 209 -41.50 -4.91 20.89
C CYS F 209 -41.94 -4.85 22.34
N ARG F 210 -43.10 -5.43 22.68
CA ARG F 210 -43.63 -5.31 24.02
C ARG F 210 -42.71 -5.94 25.05
N LYS F 211 -42.11 -7.08 24.70
CA LYS F 211 -41.07 -7.65 25.56
C LYS F 211 -39.87 -6.72 25.66
N GLN F 212 -39.47 -6.11 24.55
CA GLN F 212 -38.40 -5.12 24.58
C GLN F 212 -38.79 -3.92 25.44
N LEU F 213 -40.04 -3.48 25.33
CA LEU F 213 -40.52 -2.37 26.17
C LEU F 213 -40.46 -2.73 27.65
N ALA F 214 -40.84 -3.96 28.00
CA ALA F 214 -40.75 -4.40 29.38
C ALA F 214 -39.30 -4.41 29.85
N GLN F 215 -38.39 -4.86 28.98
CA GLN F 215 -36.97 -4.82 29.33
C GLN F 215 -36.52 -3.39 29.59
N ILE F 216 -36.90 -2.45 28.73
CA ILE F 216 -36.49 -1.05 28.93
C ILE F 216 -37.07 -0.51 30.24
N LYS F 217 -38.34 -0.84 30.53
CA LYS F 217 -38.89 -0.44 31.82
C LYS F 217 -38.02 -0.95 32.96
N GLU F 218 -37.84 -2.27 33.06
CA GLU F 218 -37.08 -2.85 34.16
C GLU F 218 -35.65 -2.31 34.20
N MET F 219 -35.14 -1.83 33.06
CA MET F 219 -33.72 -1.52 32.99
C MET F 219 -33.44 -0.04 33.31
N VAL F 220 -34.32 0.87 32.92
CA VAL F 220 -34.10 2.30 33.09
C VAL F 220 -35.14 2.94 34.02
N GLU F 221 -36.41 2.54 33.89
CA GLU F 221 -37.45 3.20 34.66
C GLU F 221 -37.40 2.79 36.13
N LEU F 222 -37.14 1.52 36.40
CA LEU F 222 -37.02 1.06 37.78
C LEU F 222 -35.87 1.71 38.54
N PRO F 223 -34.63 1.77 38.02
CA PRO F 223 -33.58 2.47 38.77
C PRO F 223 -33.88 3.93 39.05
N LEU F 224 -34.54 4.61 38.11
CA LEU F 224 -34.85 6.03 38.32
C LEU F 224 -35.95 6.21 39.36
N ARG F 225 -36.99 5.37 39.29
CA ARG F 225 -38.15 5.57 40.15
C ARG F 225 -37.86 5.15 41.58
N HIS F 226 -37.16 4.03 41.76
CA HIS F 226 -36.91 3.44 43.08
C HIS F 226 -35.43 3.20 43.27
N PRO F 227 -34.65 4.25 43.58
CA PRO F 227 -33.24 4.01 43.94
C PRO F 227 -33.08 3.20 45.21
N ALA F 228 -34.05 3.29 46.13
CA ALA F 228 -33.94 2.59 47.40
C ALA F 228 -33.94 1.07 47.21
N LEU F 229 -34.72 0.59 46.24
CA LEU F 229 -34.75 -0.85 45.98
C LEU F 229 -33.38 -1.36 45.56
N PHE F 230 -32.69 -0.63 44.68
CA PHE F 230 -31.36 -1.05 44.25
C PHE F 230 -30.33 -0.83 45.35
N LYS F 231 -30.53 0.18 46.18
CA LYS F 231 -29.60 0.43 47.29
C LYS F 231 -29.69 -0.68 48.33
N GLU F 232 -30.90 -1.17 48.62
CA GLU F 232 -31.07 -2.19 49.64
C GLU F 232 -30.32 -3.47 49.27
N ILE F 233 -30.43 -3.92 48.01
CA ILE F 233 -29.68 -5.07 47.54
C ILE F 233 -28.20 -4.75 47.38
N GLY F 234 -27.82 -3.48 47.44
CA GLY F 234 -26.43 -3.08 47.32
C GLY F 234 -25.86 -3.31 45.94
N VAL F 235 -26.63 -3.01 44.90
CA VAL F 235 -26.20 -3.21 43.52
C VAL F 235 -26.38 -1.90 42.76
N LYS F 236 -25.33 -1.52 42.04
CA LYS F 236 -25.35 -0.32 41.22
C LYS F 236 -26.03 -0.62 39.89
N PRO F 237 -27.06 0.12 39.52
CA PRO F 237 -27.76 -0.13 38.25
C PRO F 237 -26.83 0.11 37.07
N PRO F 238 -27.05 -0.59 35.95
CA PRO F 238 -26.17 -0.39 34.79
C PRO F 238 -26.23 1.05 34.29
N ARG F 239 -25.06 1.58 33.93
CA ARG F 239 -24.99 2.97 33.50
C ARG F 239 -25.54 3.15 32.09
N GLY F 240 -25.20 2.25 31.17
CA GLY F 240 -25.57 2.44 29.79
C GLY F 240 -26.45 1.36 29.22
N ILE F 241 -27.32 1.74 28.28
CA ILE F 241 -28.18 0.82 27.54
C ILE F 241 -27.95 1.07 26.06
N LEU F 242 -27.64 0.01 25.32
CA LEU F 242 -27.31 0.11 23.90
C LEU F 242 -28.36 -0.65 23.10
N LEU F 243 -29.27 0.09 22.48
CA LEU F 243 -30.29 -0.49 21.59
C LEU F 243 -29.67 -0.68 20.22
N TYR F 244 -29.84 -1.87 19.64
CA TYR F 244 -29.27 -2.16 18.34
C TYR F 244 -30.25 -2.97 17.50
N GLY F 245 -30.25 -2.72 16.19
CA GLY F 245 -31.07 -3.45 15.26
C GLY F 245 -30.89 -2.94 13.84
N PRO F 246 -31.43 -3.65 12.87
CA PRO F 246 -31.39 -3.17 11.49
C PRO F 246 -32.19 -1.89 11.35
N PRO F 247 -31.85 -1.03 10.39
CA PRO F 247 -32.56 0.25 10.26
C PRO F 247 -34.04 0.05 10.02
N GLY F 248 -34.85 0.89 10.66
CA GLY F 248 -36.30 0.82 10.53
C GLY F 248 -37.01 0.05 11.62
N THR F 249 -36.29 -0.50 12.60
CA THR F 249 -36.94 -1.31 13.63
C THR F 249 -37.68 -0.44 14.65
N GLY F 250 -37.30 0.82 14.76
CA GLY F 250 -37.99 1.75 15.65
C GLY F 250 -37.27 2.10 16.93
N LYS F 251 -35.95 2.18 16.93
CA LYS F 251 -35.22 2.52 18.15
C LYS F 251 -35.46 3.97 18.55
N THR F 252 -35.42 4.89 17.58
CA THR F 252 -35.68 6.29 17.87
C THR F 252 -37.13 6.49 18.34
N LEU F 253 -38.06 5.74 17.74
CA LEU F 253 -39.45 5.79 18.18
C LEU F 253 -39.58 5.34 19.63
N ILE F 254 -38.86 4.27 19.99
CA ILE F 254 -38.86 3.78 21.37
C ILE F 254 -38.30 4.84 22.31
N ALA F 255 -37.22 5.51 21.89
CA ALA F 255 -36.63 6.55 22.72
C ALA F 255 -37.59 7.70 22.94
N ARG F 256 -38.27 8.14 21.89
CA ARG F 256 -39.25 9.22 22.05
C ARG F 256 -40.41 8.80 22.94
N ALA F 257 -40.85 7.55 22.82
CA ALA F 257 -41.90 7.06 23.72
C ALA F 257 -41.42 7.04 25.16
N VAL F 258 -40.17 6.63 25.39
CA VAL F 258 -39.60 6.66 26.73
C VAL F 258 -39.57 8.10 27.26
N ALA F 259 -39.21 9.05 26.40
CA ALA F 259 -39.20 10.46 26.80
C ALA F 259 -40.60 10.93 27.19
N ASN F 260 -41.61 10.55 26.40
CA ASN F 260 -42.97 11.05 26.65
C ASN F 260 -43.57 10.45 27.92
N GLU F 261 -43.29 9.17 28.19
CA GLU F 261 -43.91 8.46 29.31
C GLU F 261 -43.17 8.64 30.62
N THR F 262 -41.88 8.96 30.59
CA THR F 262 -41.07 9.09 31.79
C THR F 262 -40.97 10.57 32.16
N GLY F 263 -41.39 10.90 33.38
CA GLY F 263 -41.38 12.29 33.81
C GLY F 263 -39.99 12.82 34.08
N ALA F 264 -39.01 11.93 34.20
CA ALA F 264 -37.64 12.35 34.48
C ALA F 264 -37.09 13.17 33.31
N PHE F 265 -36.17 14.09 33.63
CA PHE F 265 -35.63 14.98 32.63
C PHE F 265 -34.97 14.20 31.50
N PHE F 266 -35.41 14.46 30.28
CA PHE F 266 -34.94 13.74 29.10
C PHE F 266 -34.15 14.70 28.23
N PHE F 267 -32.90 14.33 27.93
CA PHE F 267 -32.04 15.07 27.02
C PHE F 267 -31.73 14.20 25.82
N LEU F 268 -32.03 14.69 24.63
CA LEU F 268 -31.84 13.94 23.39
C LEU F 268 -30.56 14.42 22.71
N ILE F 269 -29.69 13.47 22.37
CA ILE F 269 -28.45 13.75 21.67
C ILE F 269 -28.48 13.01 20.33
N ASN F 270 -28.31 13.75 19.25
CA ASN F 270 -28.25 13.19 17.91
C ASN F 270 -26.81 13.19 17.42
N GLY F 271 -26.35 12.02 16.95
CA GLY F 271 -25.01 11.89 16.42
C GLY F 271 -24.70 12.79 15.24
N PRO F 272 -25.54 12.83 14.20
CA PRO F 272 -25.33 13.82 13.14
C PRO F 272 -25.33 15.25 13.64
N GLU F 273 -26.19 15.57 14.60
CA GLU F 273 -26.21 16.93 15.15
C GLU F 273 -24.90 17.25 15.86
N ILE F 274 -24.36 16.29 16.60
CA ILE F 274 -23.12 16.52 17.33
C ILE F 274 -21.96 16.67 16.35
N MET F 275 -21.82 15.73 15.41
CA MET F 275 -20.68 15.77 14.51
C MET F 275 -20.79 16.89 13.48
N SER F 276 -22.00 17.44 13.31
CA SER F 276 -22.16 18.56 12.39
C SER F 276 -21.56 19.84 12.95
N LYS F 277 -21.44 19.93 14.28
CA LYS F 277 -20.89 21.12 14.90
C LYS F 277 -19.38 21.15 14.79
N LEU F 278 -18.80 22.32 15.04
CA LEU F 278 -17.35 22.49 14.97
C LEU F 278 -16.67 21.76 16.11
N ALA F 279 -15.35 21.65 16.01
CA ALA F 279 -14.57 21.01 17.06
C ALA F 279 -14.67 21.81 18.35
N GLY F 280 -14.86 21.09 19.45
CA GLY F 280 -15.08 21.75 20.75
C GLY F 280 -16.51 22.14 21.03
N GLU F 281 -17.22 22.64 20.02
CA GLU F 281 -18.64 22.93 20.20
C GLU F 281 -19.42 21.65 20.47
N SER F 282 -19.13 20.57 19.75
CA SER F 282 -19.74 19.28 20.03
C SER F 282 -19.33 18.76 21.40
N GLU F 283 -18.05 18.92 21.73
CA GLU F 283 -17.54 18.49 23.03
C GLU F 283 -18.22 19.25 24.16
N SER F 284 -18.33 20.57 24.02
CA SER F 284 -19.05 21.38 25.00
C SER F 284 -20.53 20.98 25.06
N ASN F 285 -21.11 20.59 23.92
CA ASN F 285 -22.49 20.13 23.93
C ASN F 285 -22.64 18.85 24.75
N LEU F 286 -21.71 17.89 24.57
CA LEU F 286 -21.76 16.67 25.37
C LEU F 286 -21.61 16.96 26.85
N ARG F 287 -20.65 17.82 27.21
CA ARG F 287 -20.45 18.16 28.62
C ARG F 287 -21.68 18.85 29.18
N LYS F 288 -22.28 19.76 28.42
CA LYS F 288 -23.49 20.45 28.86
C LYS F 288 -24.63 19.46 29.07
N ALA F 289 -24.80 18.51 28.15
CA ALA F 289 -25.86 17.53 28.28
C ALA F 289 -25.68 16.70 29.54
N PHE F 290 -24.47 16.21 29.78
CA PHE F 290 -24.24 15.38 30.96
C PHE F 290 -24.43 16.17 32.25
N GLU F 291 -23.89 17.39 32.31
CA GLU F 291 -24.08 18.20 33.51
C GLU F 291 -25.54 18.51 33.76
N GLU F 292 -26.28 18.90 32.72
CA GLU F 292 -27.69 19.22 32.90
C GLU F 292 -28.47 17.99 33.33
N ALA F 293 -28.13 16.81 32.80
CA ALA F 293 -28.80 15.59 33.23
C ALA F 293 -28.52 15.31 34.70
N GLU F 294 -27.28 15.49 35.15
CA GLU F 294 -26.95 15.16 36.54
C GLU F 294 -27.52 16.20 37.50
N LYS F 295 -27.70 17.44 37.04
CA LYS F 295 -28.30 18.46 37.88
C LYS F 295 -29.79 18.20 38.11
N ASN F 296 -30.51 17.80 37.06
CA ASN F 296 -31.93 17.49 37.14
C ASN F 296 -32.16 16.01 37.44
N ALA F 297 -31.21 15.37 38.12
CA ALA F 297 -31.32 13.95 38.40
C ALA F 297 -32.58 13.66 39.21
N PRO F 298 -33.29 12.55 38.92
CA PRO F 298 -32.93 11.55 37.91
C PRO F 298 -33.21 12.02 36.48
N ALA F 299 -32.42 11.54 35.53
CA ALA F 299 -32.53 11.97 34.15
C ALA F 299 -32.16 10.83 33.21
N ILE F 300 -32.57 10.96 31.96
CA ILE F 300 -32.26 10.01 30.90
C ILE F 300 -31.51 10.74 29.80
N ILE F 301 -30.36 10.20 29.41
CA ILE F 301 -29.62 10.67 28.25
C ILE F 301 -29.72 9.60 27.17
N PHE F 302 -30.32 9.95 26.03
CA PHE F 302 -30.38 9.05 24.89
C PHE F 302 -29.54 9.64 23.77
N ILE F 303 -28.47 8.94 23.40
CA ILE F 303 -27.57 9.38 22.36
C ILE F 303 -27.89 8.54 21.12
N ASP F 304 -28.76 9.08 20.27
CA ASP F 304 -29.09 8.40 19.01
C ASP F 304 -27.88 8.41 18.09
N GLU F 305 -27.75 7.34 17.30
CA GLU F 305 -26.62 7.15 16.39
C GLU F 305 -25.30 7.22 17.14
N LEU F 306 -25.12 6.27 18.08
CA LEU F 306 -23.87 6.21 18.83
C LEU F 306 -22.69 5.92 17.92
N ASP F 307 -22.90 5.07 16.91
CA ASP F 307 -21.84 4.77 15.95
C ASP F 307 -21.40 6.01 15.18
N ALA F 308 -22.31 6.98 15.02
CA ALA F 308 -21.97 8.19 14.29
C ALA F 308 -20.91 9.01 15.03
N ILE F 309 -20.94 8.99 16.36
CA ILE F 309 -19.99 9.76 17.15
C ILE F 309 -18.87 8.91 17.75
N ALA F 310 -19.07 7.62 17.92
CA ALA F 310 -18.13 6.76 18.63
C ALA F 310 -17.88 5.47 17.88
N PRO F 311 -17.17 5.54 16.75
CA PRO F 311 -16.75 4.31 16.07
C PRO F 311 -15.45 3.78 16.64
N LYS F 312 -14.95 2.71 16.01
CA LYS F 312 -13.67 2.15 16.43
C LYS F 312 -12.56 3.18 16.26
N ARG F 313 -11.75 3.34 17.30
CA ARG F 313 -10.64 4.29 17.23
C ARG F 313 -9.55 3.79 16.29
N GLU F 314 -9.49 2.49 16.04
CA GLU F 314 -8.53 1.95 15.10
C GLU F 314 -8.92 2.27 13.66
N LYS F 315 -10.22 2.35 13.38
CA LYS F 315 -10.73 2.73 12.06
C LYS F 315 -11.72 3.88 12.25
N THR F 316 -11.20 5.10 12.31
CA THR F 316 -12.02 6.29 12.43
C THR F 316 -11.61 7.43 11.51
N HIS F 317 -10.32 7.54 11.18
CA HIS F 317 -9.72 8.54 10.29
C HIS F 317 -9.92 9.98 10.78
N GLY F 318 -10.45 10.20 11.98
CA GLY F 318 -10.61 11.55 12.48
C GLY F 318 -10.09 11.78 13.88
N GLU F 319 -9.07 12.63 14.02
CA GLU F 319 -8.51 12.91 15.35
C GLU F 319 -9.53 13.60 16.24
N VAL F 320 -10.25 14.59 15.70
CA VAL F 320 -11.27 15.28 16.48
C VAL F 320 -12.35 14.30 16.92
N GLU F 321 -12.79 13.43 16.01
CA GLU F 321 -13.79 12.45 16.37
C GLU F 321 -13.29 11.51 17.45
N ARG F 322 -11.98 11.22 17.45
CA ARG F 322 -11.38 10.50 18.57
C ARG F 322 -11.49 11.31 19.86
N ARG F 323 -11.36 12.64 19.77
CA ARG F 323 -11.54 13.46 20.97
C ARG F 323 -12.97 13.36 21.50
N ILE F 324 -13.96 13.38 20.61
CA ILE F 324 -15.34 13.20 21.08
C ILE F 324 -15.52 11.83 21.72
N VAL F 325 -14.96 10.78 21.12
CA VAL F 325 -15.03 9.45 21.72
C VAL F 325 -14.41 9.46 23.11
N SER F 326 -13.25 10.12 23.25
CA SER F 326 -12.54 10.14 24.52
C SER F 326 -13.35 10.84 25.59
N GLN F 327 -13.94 12.00 25.28
CA GLN F 327 -14.74 12.66 26.30
C GLN F 327 -16.05 11.92 26.56
N LEU F 328 -16.56 11.18 25.58
CA LEU F 328 -17.71 10.33 25.86
C LEU F 328 -17.35 9.27 26.89
N LEU F 329 -16.18 8.66 26.74
CA LEU F 329 -15.71 7.70 27.73
C LEU F 329 -15.54 8.37 29.09
N THR F 330 -14.93 9.57 29.11
CA THR F 330 -14.69 10.26 30.37
C THR F 330 -15.99 10.63 31.08
N LEU F 331 -16.95 11.16 30.33
CA LEU F 331 -18.23 11.55 30.92
C LEU F 331 -19.01 10.33 31.39
N MET F 332 -18.89 9.20 30.68
CA MET F 332 -19.62 8.02 31.08
C MET F 332 -18.99 7.38 32.32
N ASP F 333 -17.67 7.48 32.45
CA ASP F 333 -17.00 6.94 33.63
C ASP F 333 -17.09 7.90 34.81
N GLY F 334 -17.42 9.16 34.54
CA GLY F 334 -17.44 10.15 35.62
C GLY F 334 -18.52 9.90 36.65
N LEU F 335 -19.71 9.52 36.19
CA LEU F 335 -20.85 9.38 37.09
C LEU F 335 -20.65 8.20 38.05
N LYS F 336 -21.13 8.37 39.28
CA LYS F 336 -20.99 7.37 40.32
C LYS F 336 -22.32 6.70 40.66
N GLN F 337 -23.40 7.08 39.96
CA GLN F 337 -24.78 6.60 40.10
C GLN F 337 -25.49 7.23 41.29
N ARG F 338 -24.85 8.13 42.04
CA ARG F 338 -25.58 8.90 43.04
C ARG F 338 -26.60 9.81 42.39
N ALA F 339 -26.31 10.30 41.18
CA ALA F 339 -27.31 11.04 40.42
C ALA F 339 -28.40 10.13 39.91
N HIS F 340 -28.05 8.87 39.59
CA HIS F 340 -28.93 7.84 39.06
C HIS F 340 -29.33 8.12 37.61
N VAL F 341 -28.54 8.93 36.88
CA VAL F 341 -28.84 9.18 35.48
C VAL F 341 -28.35 8.00 34.64
N ILE F 342 -29.23 7.49 33.79
CA ILE F 342 -28.92 6.38 32.90
C ILE F 342 -28.78 6.91 31.49
N VAL F 343 -27.72 6.49 30.81
CA VAL F 343 -27.44 6.91 29.44
C VAL F 343 -27.86 5.80 28.49
N MET F 344 -28.65 6.16 27.47
CA MET F 344 -29.11 5.22 26.47
C MET F 344 -28.52 5.58 25.12
N ALA F 345 -28.43 4.60 24.23
CA ALA F 345 -27.88 4.79 22.90
C ALA F 345 -28.53 3.84 21.92
N ALA F 346 -28.48 4.20 20.65
CA ALA F 346 -29.02 3.39 19.57
C ALA F 346 -27.99 3.29 18.46
N THR F 347 -27.98 2.16 17.76
CA THR F 347 -27.04 1.93 16.65
C THR F 347 -27.62 0.89 15.70
N ASN F 348 -27.18 0.97 14.44
CA ASN F 348 -27.60 -0.01 13.45
C ASN F 348 -26.87 -1.33 13.63
N ARG F 349 -25.57 -1.27 13.93
CA ARG F 349 -24.73 -2.44 14.12
C ARG F 349 -23.83 -2.23 15.34
N PRO F 350 -23.89 -3.13 16.32
CA PRO F 350 -23.07 -2.94 17.53
C PRO F 350 -21.57 -2.94 17.27
N ASN F 351 -21.12 -3.67 16.26
CA ASN F 351 -19.67 -3.89 16.09
C ASN F 351 -18.96 -2.59 15.75
N SER F 352 -19.66 -1.62 15.18
CA SER F 352 -19.02 -0.37 14.76
C SER F 352 -18.56 0.45 15.97
N ILE F 353 -19.30 0.40 17.07
CA ILE F 353 -18.97 1.21 18.24
C ILE F 353 -17.61 0.81 18.80
N ASP F 354 -16.90 1.80 19.33
CA ASP F 354 -15.59 1.58 19.93
C ASP F 354 -15.71 0.52 21.03
N PRO F 355 -14.88 -0.53 20.99
CA PRO F 355 -15.00 -1.58 22.02
C PRO F 355 -14.77 -1.07 23.44
N ALA F 356 -14.12 0.09 23.60
CA ALA F 356 -13.92 0.65 24.93
C ALA F 356 -15.26 0.96 25.59
N LEU F 357 -16.20 1.53 24.84
CA LEU F 357 -17.54 1.77 25.38
C LEU F 357 -18.22 0.47 25.77
N ARG F 358 -17.85 -0.64 25.13
CA ARG F 358 -18.55 -1.90 25.36
C ARG F 358 -18.10 -2.59 26.65
N ARG F 359 -17.05 -2.10 27.30
CA ARG F 359 -16.53 -2.72 28.51
C ARG F 359 -17.49 -2.50 29.68
N PHE F 360 -17.26 -3.24 30.76
CA PHE F 360 -18.12 -3.16 31.92
C PHE F 360 -18.10 -1.75 32.52
N GLY F 361 -19.27 -1.29 32.95
CA GLY F 361 -19.43 0.06 33.46
C GLY F 361 -19.97 1.05 32.44
N ARG F 362 -19.89 0.72 31.15
CA ARG F 362 -20.46 1.53 30.08
C ARG F 362 -21.24 0.61 29.16
N PHE F 363 -22.55 0.86 29.02
CA PHE F 363 -23.40 0.12 28.09
C PHE F 363 -23.22 -1.38 28.25
N ASP F 364 -23.01 -1.82 29.50
CA ASP F 364 -22.72 -3.22 29.76
C ASP F 364 -23.89 -4.11 29.38
N ARG F 365 -25.09 -3.55 29.32
CA ARG F 365 -26.29 -4.27 28.93
C ARG F 365 -26.83 -3.71 27.63
N GLU F 366 -27.06 -4.58 26.65
CA GLU F 366 -27.51 -4.19 25.31
C GLU F 366 -28.82 -4.89 24.99
N VAL F 367 -29.78 -4.13 24.47
CA VAL F 367 -31.11 -4.64 24.14
C VAL F 367 -31.18 -4.88 22.64
N ASP F 368 -31.66 -6.07 22.27
CA ASP F 368 -31.74 -6.48 20.87
C ASP F 368 -33.13 -6.20 20.32
N ILE F 369 -33.18 -5.53 19.17
CA ILE F 369 -34.42 -5.33 18.42
C ILE F 369 -34.20 -5.86 17.02
N GLY F 370 -35.13 -6.70 16.54
CA GLY F 370 -34.98 -7.35 15.26
C GLY F 370 -36.23 -7.19 14.41
N ILE F 371 -36.31 -8.02 13.38
CA ILE F 371 -37.47 -7.98 12.49
C ILE F 371 -38.70 -8.44 13.27
N PRO F 372 -39.78 -7.65 13.33
CA PRO F 372 -40.96 -8.07 14.08
C PRO F 372 -41.61 -9.31 13.48
N ASP F 373 -42.27 -10.08 14.33
CA ASP F 373 -42.98 -11.27 13.90
C ASP F 373 -44.28 -10.87 13.20
N ALA F 374 -45.03 -11.89 12.76
CA ALA F 374 -46.28 -11.62 12.04
C ALA F 374 -47.28 -10.87 12.91
N THR F 375 -47.43 -11.28 14.17
CA THR F 375 -48.34 -10.59 15.07
C THR F 375 -47.85 -9.17 15.37
N GLY F 376 -46.55 -9.02 15.63
CA GLY F 376 -46.01 -7.71 15.92
C GLY F 376 -46.10 -6.77 14.73
N ARG F 377 -45.80 -7.27 13.53
CA ARG F 377 -45.92 -6.44 12.35
C ARG F 377 -47.39 -6.13 12.03
N LEU F 378 -48.30 -7.04 12.38
CA LEU F 378 -49.72 -6.72 12.27
C LEU F 378 -50.11 -5.59 13.21
N GLU F 379 -49.59 -5.62 14.43
CA GLU F 379 -49.83 -4.52 15.38
C GLU F 379 -49.25 -3.21 14.84
N ILE F 380 -48.07 -3.28 14.23
CA ILE F 380 -47.46 -2.08 13.64
C ILE F 380 -48.33 -1.55 12.52
N LEU F 381 -48.88 -2.43 11.69
CA LEU F 381 -49.76 -2.00 10.61
C LEU F 381 -51.02 -1.35 11.16
N GLN F 382 -51.59 -1.92 12.22
CA GLN F 382 -52.76 -1.30 12.85
C GLN F 382 -52.43 0.09 13.40
N ILE F 383 -51.26 0.22 14.03
CA ILE F 383 -50.85 1.52 14.56
C ILE F 383 -50.71 2.54 13.44
N HIS F 384 -50.09 2.12 12.32
CA HIS F 384 -49.89 3.03 11.20
C HIS F 384 -51.22 3.43 10.56
N THR F 385 -52.15 2.49 10.43
CA THR F 385 -53.37 2.72 9.68
C THR F 385 -54.55 3.17 10.54
N LYS F 386 -54.39 3.31 11.85
CA LYS F 386 -55.52 3.74 12.68
C LYS F 386 -55.98 5.14 12.29
N ASN F 387 -55.06 6.01 11.89
CA ASN F 387 -55.46 7.31 11.36
C ASN F 387 -55.92 7.19 9.90
N MET F 388 -55.27 6.33 9.13
CA MET F 388 -55.56 6.24 7.70
C MET F 388 -56.95 5.66 7.46
N LYS F 389 -57.64 6.19 6.45
CA LYS F 389 -58.94 5.66 6.07
C LYS F 389 -58.76 4.27 5.46
N LEU F 390 -59.65 3.36 5.82
CA LEU F 390 -59.59 1.98 5.34
C LEU F 390 -60.99 1.51 4.99
N ALA F 391 -61.10 0.75 3.90
CA ALA F 391 -62.39 0.19 3.50
C ALA F 391 -62.64 -1.12 4.22
N ASP F 392 -63.86 -1.65 4.02
CA ASP F 392 -64.26 -2.86 4.72
C ASP F 392 -63.59 -4.10 4.12
N ASP F 393 -63.38 -4.10 2.80
CA ASP F 393 -62.91 -5.32 2.14
C ASP F 393 -61.44 -5.61 2.47
N VAL F 394 -60.65 -4.57 2.77
CA VAL F 394 -59.24 -4.79 3.05
C VAL F 394 -59.07 -5.30 4.47
N ASP F 395 -58.29 -6.37 4.61
CA ASP F 395 -57.99 -6.98 5.90
C ASP F 395 -56.51 -6.85 6.21
N LEU F 396 -56.19 -6.42 7.43
CA LEU F 396 -54.81 -6.16 7.79
C LEU F 396 -54.03 -7.46 8.00
N GLU F 397 -54.71 -8.52 8.45
CA GLU F 397 -54.02 -9.76 8.77
C GLU F 397 -53.41 -10.40 7.53
N GLN F 398 -54.13 -10.37 6.40
CA GLN F 398 -53.58 -10.90 5.16
C GLN F 398 -52.36 -10.10 4.71
N VAL F 399 -52.41 -8.78 4.86
CA VAL F 399 -51.27 -7.94 4.52
C VAL F 399 -50.07 -8.29 5.38
N ALA F 400 -50.31 -8.50 6.68
CA ALA F 400 -49.23 -8.89 7.57
C ALA F 400 -48.65 -10.25 7.19
N ASN F 401 -49.52 -11.19 6.80
CA ASN F 401 -49.05 -12.52 6.42
C ASN F 401 -48.20 -12.47 5.15
N GLU F 402 -48.63 -11.67 4.17
CA GLU F 402 -47.91 -11.64 2.89
C GLU F 402 -46.50 -11.08 3.07
N THR F 403 -46.35 -10.03 3.87
CA THR F 403 -45.03 -9.52 4.20
C THR F 403 -44.33 -10.45 5.18
N HIS F 404 -43.07 -10.75 4.90
CA HIS F 404 -42.29 -11.63 5.78
C HIS F 404 -40.98 -10.99 6.18
N GLY F 405 -40.36 -10.24 5.27
CA GLY F 405 -39.11 -9.56 5.54
C GLY F 405 -39.21 -8.07 5.80
N HIS F 406 -40.40 -7.56 6.13
CA HIS F 406 -40.59 -6.13 6.23
C HIS F 406 -40.43 -5.64 7.67
N VAL F 407 -39.61 -4.62 7.84
CA VAL F 407 -39.48 -3.90 9.11
C VAL F 407 -40.60 -2.89 9.22
N GLY F 408 -40.77 -2.28 10.40
CA GLY F 408 -41.84 -1.33 10.60
C GLY F 408 -41.79 -0.16 9.65
N ALA F 409 -40.58 0.32 9.34
CA ALA F 409 -40.44 1.39 8.36
C ALA F 409 -40.92 0.92 6.98
N ASP F 410 -40.61 -0.31 6.62
CA ASP F 410 -41.12 -0.86 5.36
C ASP F 410 -42.64 -0.95 5.39
N LEU F 411 -43.22 -1.24 6.56
CA LEU F 411 -44.68 -1.27 6.67
C LEU F 411 -45.27 0.13 6.47
N ALA F 412 -44.64 1.15 7.05
CA ALA F 412 -45.10 2.52 6.82
C ALA F 412 -44.99 2.91 5.36
N ALA F 413 -43.89 2.50 4.70
CA ALA F 413 -43.74 2.74 3.27
C ALA F 413 -44.83 2.02 2.47
N LEU F 414 -45.19 0.81 2.90
CA LEU F 414 -46.25 0.06 2.25
C LEU F 414 -47.59 0.79 2.37
N CYS F 415 -47.90 1.30 3.55
CA CYS F 415 -49.13 2.06 3.74
C CYS F 415 -49.12 3.33 2.89
N SER F 416 -47.97 4.00 2.82
CA SER F 416 -47.86 5.21 2.00
C SER F 416 -48.07 4.87 0.53
N GLU F 417 -47.52 3.75 0.07
CA GLU F 417 -47.70 3.35 -1.32
C GLU F 417 -49.16 3.01 -1.60
N ALA F 418 -49.85 2.38 -0.65
CA ALA F 418 -51.28 2.12 -0.81
C ALA F 418 -52.07 3.41 -0.93
N ALA F 419 -51.77 4.39 -0.07
CA ALA F 419 -52.43 5.68 -0.16
C ALA F 419 -52.17 6.36 -1.49
N LEU F 420 -50.92 6.30 -1.96
CA LEU F 420 -50.58 6.91 -3.25
C LEU F 420 -51.30 6.20 -4.39
N GLN F 421 -51.48 4.88 -4.28
CA GLN F 421 -52.24 4.15 -5.30
C GLN F 421 -53.70 4.55 -5.29
N ALA F 422 -54.27 4.80 -4.11
CA ALA F 422 -55.63 5.31 -4.05
C ALA F 422 -55.73 6.67 -4.73
N ILE F 423 -54.76 7.54 -4.48
CA ILE F 423 -54.72 8.84 -5.15
C ILE F 423 -54.61 8.66 -6.66
N ARG F 424 -53.79 7.69 -7.09
CA ARG F 424 -53.66 7.40 -8.52
C ARG F 424 -54.99 6.96 -9.11
N LYS F 425 -55.72 6.11 -8.38
CA LYS F 425 -57.03 5.67 -8.85
C LYS F 425 -57.99 6.85 -8.99
N LYS F 426 -57.90 7.81 -8.07
CA LYS F 426 -58.77 8.98 -8.14
C LYS F 426 -58.20 10.12 -8.99
N MET F 427 -57.05 9.92 -9.64
CA MET F 427 -56.45 10.98 -10.44
C MET F 427 -57.35 11.41 -11.59
N ASP F 428 -58.02 10.46 -12.25
CA ASP F 428 -58.81 10.79 -13.42
C ASP F 428 -59.97 11.72 -13.08
N LEU F 429 -60.45 11.66 -11.84
CA LEU F 429 -61.50 12.60 -11.41
C LEU F 429 -60.90 13.91 -10.93
N ILE F 430 -59.67 13.87 -10.41
CA ILE F 430 -59.04 15.05 -9.81
C ILE F 430 -58.33 15.85 -10.89
N ASP F 431 -58.60 17.16 -10.91
CA ASP F 431 -58.00 18.07 -11.88
C ASP F 431 -56.83 18.78 -11.24
N LEU F 432 -55.63 18.60 -11.83
CA LEU F 432 -54.45 19.25 -11.28
C LEU F 432 -54.47 20.76 -11.51
N GLU F 433 -55.14 21.20 -12.58
CA GLU F 433 -55.22 22.63 -12.85
C GLU F 433 -56.17 23.33 -11.88
N ASP F 434 -57.00 22.55 -11.17
CA ASP F 434 -57.88 23.12 -10.18
C ASP F 434 -57.08 23.68 -9.01
N GLU F 435 -57.53 24.82 -8.48
CA GLU F 435 -56.87 25.41 -7.32
C GLU F 435 -57.08 24.55 -6.07
N THR F 436 -58.27 23.96 -5.94
CA THR F 436 -58.61 23.11 -4.81
C THR F 436 -59.30 21.85 -5.29
N ILE F 437 -59.21 20.79 -4.49
CA ILE F 437 -59.86 19.54 -4.84
C ILE F 437 -61.32 19.58 -4.42
N ASP F 438 -62.14 18.79 -5.10
CA ASP F 438 -63.56 18.71 -4.76
C ASP F 438 -63.74 18.06 -3.40
N ALA F 439 -64.72 18.54 -2.63
CA ALA F 439 -64.99 17.98 -1.32
C ALA F 439 -65.58 16.57 -1.42
N GLU F 440 -66.41 16.34 -2.43
CA GLU F 440 -66.98 15.01 -2.63
C GLU F 440 -65.88 14.00 -2.91
N VAL F 441 -64.93 14.35 -3.79
CA VAL F 441 -63.78 13.49 -4.03
C VAL F 441 -62.88 13.48 -2.80
N MET F 442 -62.85 14.58 -2.05
CA MET F 442 -62.06 14.66 -0.84
C MET F 442 -62.46 13.59 0.16
N ASN F 443 -63.77 13.35 0.28
CA ASN F 443 -64.27 12.37 1.24
C ASN F 443 -64.38 10.98 0.65
N SER F 444 -64.70 10.88 -0.65
CA SER F 444 -65.04 9.59 -1.24
C SER F 444 -63.82 8.67 -1.34
N LEU F 445 -62.63 9.24 -1.45
CA LEU F 445 -61.43 8.44 -1.64
C LEU F 445 -61.19 7.55 -0.44
N ALA F 446 -60.89 6.27 -0.70
CA ALA F 446 -60.66 5.30 0.35
C ALA F 446 -59.70 4.22 -0.14
N VAL F 447 -58.96 3.61 0.80
CA VAL F 447 -58.01 2.58 0.43
C VAL F 447 -58.68 1.22 0.44
N THR F 448 -58.49 0.46 -0.64
CA THR F 448 -59.08 -0.87 -0.78
C THR F 448 -57.99 -1.92 -0.64
N MET F 449 -58.40 -3.19 -0.76
CA MET F 449 -57.45 -4.29 -0.69
C MET F 449 -56.54 -4.34 -1.91
N ASP F 450 -57.08 -3.99 -3.08
CA ASP F 450 -56.29 -4.03 -4.31
C ASP F 450 -55.13 -3.04 -4.25
N ASP F 451 -55.35 -1.89 -3.62
CA ASP F 451 -54.27 -0.92 -3.46
C ASP F 451 -53.14 -1.50 -2.61
N PHE F 452 -53.49 -2.16 -1.50
CA PHE F 452 -52.48 -2.82 -0.69
C PHE F 452 -51.78 -3.93 -1.47
N ARG F 453 -52.52 -4.64 -2.33
CA ARG F 453 -51.91 -5.68 -3.15
C ARG F 453 -50.87 -5.09 -4.10
N TRP F 454 -51.22 -3.98 -4.76
CA TRP F 454 -50.26 -3.31 -5.63
C TRP F 454 -49.05 -2.83 -4.86
N ALA F 455 -49.27 -2.25 -3.68
CA ALA F 455 -48.16 -1.78 -2.85
C ALA F 455 -47.26 -2.95 -2.44
N LEU F 456 -47.87 -4.09 -2.10
CA LEU F 456 -47.09 -5.29 -1.79
C LEU F 456 -46.26 -5.73 -2.98
N SER F 457 -46.84 -5.66 -4.17
CA SER F 457 -46.10 -6.02 -5.38
C SER F 457 -44.89 -5.10 -5.57
N GLN F 458 -45.08 -3.80 -5.34
CA GLN F 458 -43.99 -2.86 -5.55
C GLN F 458 -42.96 -2.91 -4.42
N SER F 459 -43.42 -3.12 -3.18
CA SER F 459 -42.52 -3.04 -2.03
C SER F 459 -41.44 -4.12 -2.09
N ASN F 460 -40.25 -3.78 -1.62
CA ASN F 460 -39.11 -4.69 -1.62
C ASN F 460 -38.51 -4.77 -0.22
N PRO F 461 -38.43 -5.96 0.37
CA PRO F 461 -37.86 -6.08 1.72
C PRO F 461 -36.42 -5.58 1.76
N SER F 462 -36.03 -5.05 2.92
CA SER F 462 -34.67 -4.59 3.15
C SER F 462 -34.07 -5.25 4.39
N PRO F 472 -32.42 -25.08 -1.27
CA PRO F 472 -32.28 -25.24 -2.72
C PRO F 472 -33.61 -25.12 -3.45
N GLN F 473 -33.55 -24.85 -4.76
CA GLN F 473 -34.77 -24.73 -5.55
C GLN F 473 -35.47 -26.07 -5.70
N VAL F 474 -34.71 -27.17 -5.70
CA VAL F 474 -35.29 -28.49 -5.95
C VAL F 474 -36.16 -28.91 -4.77
N THR F 475 -37.33 -29.45 -5.09
CA THR F 475 -38.25 -30.00 -4.11
C THR F 475 -38.46 -31.48 -4.42
N TRP F 476 -39.14 -32.17 -3.51
CA TRP F 476 -39.42 -33.59 -3.74
C TRP F 476 -40.39 -33.78 -4.88
N GLU F 477 -41.37 -32.88 -5.01
CA GLU F 477 -42.27 -32.93 -6.15
C GLU F 477 -41.53 -32.67 -7.46
N ASP F 478 -40.48 -31.86 -7.41
CA ASP F 478 -39.66 -31.64 -8.60
C ASP F 478 -39.02 -32.95 -9.07
N ILE F 479 -38.64 -33.81 -8.13
CA ILE F 479 -38.11 -35.12 -8.49
C ILE F 479 -39.24 -36.00 -9.00
N GLY F 480 -38.95 -36.79 -10.03
CA GLY F 480 -39.94 -37.71 -10.56
C GLY F 480 -39.60 -39.16 -10.26
N GLY F 481 -40.57 -39.91 -9.75
CA GLY F 481 -40.37 -41.32 -9.48
C GLY F 481 -39.45 -41.57 -8.30
N LEU F 482 -39.02 -42.83 -8.20
CA LEU F 482 -38.17 -43.29 -7.10
C LEU F 482 -38.79 -42.96 -5.76
N GLU F 483 -40.09 -43.25 -5.62
CA GLU F 483 -40.83 -42.86 -4.42
C GLU F 483 -40.32 -43.60 -3.19
N ASP F 484 -39.98 -44.89 -3.35
CA ASP F 484 -39.50 -45.67 -2.20
C ASP F 484 -38.18 -45.11 -1.68
N VAL F 485 -37.25 -44.79 -2.58
CA VAL F 485 -35.98 -44.20 -2.15
C VAL F 485 -36.22 -42.82 -1.54
N LYS F 486 -37.16 -42.06 -2.10
CA LYS F 486 -37.53 -40.76 -1.54
C LYS F 486 -38.00 -40.90 -0.09
N ARG F 487 -38.89 -41.87 0.16
CA ARG F 487 -39.40 -42.07 1.51
C ARG F 487 -38.30 -42.56 2.44
N GLU F 488 -37.40 -43.42 1.94
CA GLU F 488 -36.26 -43.86 2.75
C GLU F 488 -35.40 -42.68 3.17
N LEU F 489 -35.12 -41.77 2.23
CA LEU F 489 -34.33 -40.57 2.55
C LEU F 489 -35.05 -39.70 3.57
N GLN F 490 -36.36 -39.50 3.39
CA GLN F 490 -37.12 -38.70 4.34
C GLN F 490 -37.10 -39.33 5.73
N GLU F 491 -37.25 -40.65 5.80
CA GLU F 491 -37.16 -41.35 7.08
C GLU F 491 -35.80 -41.13 7.72
N LEU F 492 -34.73 -41.30 6.95
CA LEU F 492 -33.39 -41.17 7.51
C LEU F 492 -33.14 -39.76 8.03
N VAL F 493 -33.63 -38.75 7.31
CA VAL F 493 -33.35 -37.37 7.71
C VAL F 493 -34.28 -36.93 8.83
N GLN F 494 -35.42 -37.60 9.01
CA GLN F 494 -36.42 -37.09 9.95
C GLN F 494 -36.41 -37.85 11.27
N TYR F 495 -35.97 -39.11 11.26
CA TYR F 495 -36.01 -39.90 12.50
C TYR F 495 -35.19 -39.30 13.65
N PRO F 496 -33.92 -38.89 13.46
CA PRO F 496 -33.14 -38.44 14.62
C PRO F 496 -33.75 -37.27 15.38
N VAL F 497 -34.41 -36.33 14.67
CA VAL F 497 -34.93 -35.15 15.35
C VAL F 497 -36.31 -35.42 15.93
N GLU F 498 -37.07 -36.34 15.32
CA GLU F 498 -38.44 -36.58 15.77
C GLU F 498 -38.46 -37.22 17.16
N HIS F 499 -37.66 -38.26 17.37
CA HIS F 499 -37.73 -39.07 18.58
C HIS F 499 -36.33 -39.30 19.16
N PRO F 500 -35.69 -38.25 19.70
CA PRO F 500 -34.45 -38.47 20.44
C PRO F 500 -34.66 -39.30 21.70
N ASP F 501 -35.85 -39.22 22.29
CA ASP F 501 -36.14 -39.99 23.51
C ASP F 501 -36.07 -41.49 23.23
N LYS F 502 -36.56 -41.93 22.08
CA LYS F 502 -36.42 -43.34 21.70
C LYS F 502 -34.96 -43.73 21.60
N PHE F 503 -34.15 -42.89 20.96
CA PHE F 503 -32.73 -43.19 20.80
C PHE F 503 -32.03 -43.33 22.15
N LEU F 504 -32.33 -42.42 23.08
CA LEU F 504 -31.64 -42.46 24.38
C LEU F 504 -32.19 -43.56 25.27
N LYS F 505 -33.48 -43.89 25.14
CA LYS F 505 -34.04 -45.01 25.88
C LYS F 505 -33.43 -46.33 25.41
N PHE F 506 -33.23 -46.47 24.10
CA PHE F 506 -32.47 -47.59 23.57
C PHE F 506 -30.96 -47.40 23.67
N GLY F 507 -30.48 -46.16 23.77
CA GLY F 507 -29.05 -45.93 23.93
C GLY F 507 -28.16 -46.25 22.74
N MET F 508 -28.52 -45.77 21.54
CA MET F 508 -27.65 -45.85 20.38
C MET F 508 -27.52 -44.51 19.70
N THR F 509 -26.38 -44.29 19.04
CA THR F 509 -26.12 -43.01 18.40
C THR F 509 -26.90 -42.87 17.10
N PRO F 510 -27.28 -41.64 16.74
CA PRO F 510 -27.91 -41.42 15.42
C PRO F 510 -26.89 -41.53 14.29
N SER F 511 -27.40 -41.53 13.06
CA SER F 511 -26.57 -41.59 11.87
C SER F 511 -26.67 -40.25 11.13
N LYS F 512 -25.53 -39.73 10.70
CA LYS F 512 -25.47 -38.45 9.98
C LYS F 512 -24.93 -38.59 8.56
N GLY F 513 -24.35 -39.74 8.20
CA GLY F 513 -23.78 -39.91 6.89
C GLY F 513 -24.44 -40.98 6.04
N VAL F 514 -24.59 -40.72 4.74
CA VAL F 514 -25.20 -41.67 3.81
C VAL F 514 -24.42 -41.66 2.50
N LEU F 515 -24.23 -42.84 1.91
CA LEU F 515 -23.63 -42.99 0.60
C LEU F 515 -24.70 -43.00 -0.48
N PHE F 516 -24.46 -42.23 -1.54
CA PHE F 516 -25.21 -42.36 -2.78
C PHE F 516 -24.30 -42.97 -3.83
N TYR F 517 -24.80 -43.98 -4.54
CA TYR F 517 -24.06 -44.59 -5.63
C TYR F 517 -25.05 -45.06 -6.68
N GLY F 518 -24.68 -44.91 -7.96
CA GLY F 518 -25.55 -45.27 -9.05
C GLY F 518 -25.08 -44.70 -10.37
N PRO F 519 -25.82 -45.00 -11.44
CA PRO F 519 -25.42 -44.50 -12.75
C PRO F 519 -25.51 -42.99 -12.81
N PRO F 520 -24.65 -42.34 -13.59
CA PRO F 520 -24.78 -40.89 -13.79
C PRO F 520 -26.11 -40.54 -14.43
N GLY F 521 -26.66 -39.40 -14.02
CA GLY F 521 -27.93 -38.95 -14.56
C GLY F 521 -29.16 -39.50 -13.89
N CYS F 522 -29.05 -39.99 -12.67
CA CYS F 522 -30.17 -40.62 -11.98
C CYS F 522 -30.78 -39.75 -10.88
N GLY F 523 -30.52 -38.44 -10.89
CA GLY F 523 -31.16 -37.53 -9.97
C GLY F 523 -30.69 -37.60 -8.53
N LYS F 524 -29.48 -38.09 -8.29
CA LYS F 524 -28.98 -38.17 -6.91
C LYS F 524 -28.78 -36.79 -6.30
N THR F 525 -28.21 -35.85 -7.05
CA THR F 525 -28.06 -34.49 -6.53
C THR F 525 -29.42 -33.82 -6.35
N LEU F 526 -30.40 -34.20 -7.17
CA LEU F 526 -31.76 -33.72 -6.94
C LEU F 526 -32.28 -34.18 -5.59
N LEU F 527 -32.04 -35.44 -5.23
CA LEU F 527 -32.47 -35.94 -3.92
C LEU F 527 -31.74 -35.22 -2.80
N ALA F 528 -30.44 -34.97 -2.97
CA ALA F 528 -29.69 -34.24 -1.94
C ALA F 528 -30.22 -32.81 -1.78
N LYS F 529 -30.51 -32.14 -2.89
CA LYS F 529 -31.03 -30.78 -2.81
C LYS F 529 -32.42 -30.76 -2.21
N ALA F 530 -33.24 -31.79 -2.49
CA ALA F 530 -34.54 -31.90 -1.85
C ALA F 530 -34.40 -32.09 -0.35
N ILE F 531 -33.43 -32.91 0.08
CA ILE F 531 -33.15 -33.07 1.51
C ILE F 531 -32.80 -31.72 2.12
N ALA F 532 -31.90 -30.98 1.47
CA ALA F 532 -31.49 -29.68 2.01
C ALA F 532 -32.66 -28.71 2.07
N ASN F 533 -33.51 -28.72 1.04
CA ASN F 533 -34.64 -27.78 1.01
C ASN F 533 -35.67 -28.10 2.08
N GLU F 534 -36.03 -29.38 2.24
CA GLU F 534 -37.03 -29.75 3.24
C GLU F 534 -36.51 -29.50 4.65
N CYS F 535 -35.24 -29.80 4.89
CA CYS F 535 -34.61 -29.60 6.19
C CYS F 535 -34.10 -28.17 6.38
N GLN F 536 -34.43 -27.27 5.44
CA GLN F 536 -34.03 -25.85 5.48
C GLN F 536 -32.57 -25.67 5.89
N ALA F 537 -31.70 -26.51 5.34
CA ALA F 537 -30.26 -26.40 5.55
C ALA F 537 -29.58 -26.05 4.23
N ASN F 538 -28.55 -25.21 4.31
CA ASN F 538 -27.84 -24.80 3.11
C ASN F 538 -27.14 -25.98 2.45
N PHE F 539 -27.13 -25.97 1.12
CA PHE F 539 -26.57 -27.05 0.30
C PHE F 539 -25.18 -26.67 -0.14
N ILE F 540 -24.21 -27.55 0.11
CA ILE F 540 -22.83 -27.36 -0.29
C ILE F 540 -22.46 -28.51 -1.23
N SER F 541 -21.88 -28.18 -2.39
CA SER F 541 -21.57 -29.15 -3.41
C SER F 541 -20.06 -29.26 -3.57
N ILE F 542 -19.57 -30.48 -3.75
CA ILE F 542 -18.16 -30.75 -4.02
C ILE F 542 -18.08 -31.65 -5.23
N LYS F 543 -17.28 -31.25 -6.22
CA LYS F 543 -17.15 -32.02 -7.44
C LYS F 543 -16.06 -33.08 -7.28
N GLY F 544 -15.93 -33.92 -8.33
CA GLY F 544 -14.92 -34.96 -8.35
C GLY F 544 -13.49 -34.46 -8.40
N PRO F 545 -13.08 -33.75 -9.45
CA PRO F 545 -11.73 -33.19 -9.50
C PRO F 545 -11.65 -31.79 -8.91
N ASN F 558 -8.32 -28.01 0.23
CA ASN F 558 -9.22 -27.04 0.83
C ASN F 558 -10.37 -27.74 1.55
N VAL F 559 -10.18 -29.04 1.84
CA VAL F 559 -11.25 -29.82 2.47
C VAL F 559 -11.45 -29.37 3.92
N ARG F 560 -10.37 -29.05 4.63
CA ARG F 560 -10.50 -28.62 6.02
C ARG F 560 -11.27 -27.31 6.11
N GLU F 561 -11.01 -26.38 5.19
CA GLU F 561 -11.77 -25.13 5.17
C GLU F 561 -13.24 -25.40 4.87
N ILE F 562 -13.53 -26.33 3.97
CA ILE F 562 -14.92 -26.68 3.68
C ILE F 562 -15.61 -27.23 4.91
N PHE F 563 -14.93 -28.13 5.64
CA PHE F 563 -15.52 -28.69 6.85
C PHE F 563 -15.71 -27.63 7.93
N ASP F 564 -14.76 -26.72 8.07
CA ASP F 564 -14.90 -25.64 9.04
C ASP F 564 -16.07 -24.73 8.69
N LYS F 565 -16.24 -24.42 7.41
CA LYS F 565 -17.38 -23.61 6.98
C LYS F 565 -18.69 -24.33 7.23
N ALA F 566 -18.71 -25.65 7.01
CA ALA F 566 -19.92 -26.43 7.30
C ALA F 566 -20.23 -26.40 8.79
N ARG F 567 -19.21 -26.49 9.64
CA ARG F 567 -19.42 -26.38 11.08
C ARG F 567 -19.92 -24.99 11.46
N GLN F 568 -19.44 -23.96 10.75
CA GLN F 568 -19.88 -22.60 11.05
C GLN F 568 -21.35 -22.39 10.74
N ALA F 569 -21.80 -22.87 9.59
CA ALA F 569 -23.18 -22.71 9.15
C ALA F 569 -24.09 -23.85 9.59
N ALA F 570 -23.72 -24.58 10.64
CA ALA F 570 -24.52 -25.71 11.08
C ALA F 570 -25.90 -25.24 11.52
N PRO F 571 -26.98 -25.97 11.17
CA PRO F 571 -26.98 -27.25 10.47
C PRO F 571 -26.64 -27.15 8.98
N CYS F 572 -25.95 -28.15 8.45
CA CYS F 572 -25.47 -28.12 7.07
C CYS F 572 -25.58 -29.50 6.44
N VAL F 573 -25.57 -29.51 5.11
CA VAL F 573 -25.43 -30.73 4.33
C VAL F 573 -24.26 -30.54 3.37
N LEU F 574 -23.39 -31.54 3.28
CA LEU F 574 -22.24 -31.51 2.39
C LEU F 574 -22.39 -32.63 1.36
N PHE F 575 -22.38 -32.26 0.08
CA PHE F 575 -22.66 -33.18 -1.01
C PHE F 575 -21.40 -33.41 -1.81
N PHE F 576 -21.01 -34.68 -1.95
CA PHE F 576 -19.89 -35.09 -2.77
C PHE F 576 -20.42 -35.70 -4.06
N ASP F 577 -19.95 -35.19 -5.19
CA ASP F 577 -20.38 -35.69 -6.49
C ASP F 577 -19.13 -36.18 -7.22
N GLN F 578 -19.24 -37.33 -7.88
CA GLN F 578 -18.08 -38.10 -8.33
C GLN F 578 -17.08 -38.29 -7.19
N LEU F 579 -17.53 -38.96 -6.13
CA LEU F 579 -16.67 -39.17 -4.97
C LEU F 579 -15.51 -40.09 -5.31
N ASP F 580 -15.71 -41.02 -6.25
CA ASP F 580 -14.64 -41.93 -6.65
C ASP F 580 -13.50 -41.16 -7.30
N SER F 581 -13.80 -40.03 -7.95
CA SER F 581 -12.75 -39.18 -8.50
C SER F 581 -11.88 -38.60 -7.39
N ILE F 582 -12.50 -38.20 -6.28
CA ILE F 582 -11.72 -37.81 -5.10
C ILE F 582 -10.95 -39.00 -4.56
N ALA F 583 -11.59 -40.18 -4.54
CA ALA F 583 -10.95 -41.39 -4.07
C ALA F 583 -9.83 -41.83 -5.00
N ALA F 596 -3.46 -46.27 -3.66
CA ALA F 596 -4.81 -46.61 -3.24
C ALA F 596 -5.40 -45.52 -2.34
N ALA F 597 -4.54 -44.87 -1.57
CA ALA F 597 -4.95 -43.81 -0.66
C ALA F 597 -3.95 -42.66 -0.72
N ASP F 598 -4.46 -41.44 -0.67
CA ASP F 598 -3.62 -40.24 -0.71
C ASP F 598 -3.88 -39.40 0.55
N ARG F 599 -3.28 -38.21 0.55
CA ARG F 599 -3.37 -37.36 1.74
C ARG F 599 -4.72 -36.67 1.85
N VAL F 600 -5.34 -36.35 0.71
CA VAL F 600 -6.56 -35.54 0.73
C VAL F 600 -7.72 -36.34 1.31
N ILE F 601 -7.80 -37.64 0.99
CA ILE F 601 -8.85 -38.48 1.56
C ILE F 601 -8.64 -38.63 3.07
N ASN F 602 -7.38 -38.68 3.50
CA ASN F 602 -7.09 -38.73 4.94
C ASN F 602 -7.52 -37.44 5.62
N GLN F 603 -7.29 -36.30 4.98
CA GLN F 603 -7.78 -35.03 5.52
C GLN F 603 -9.30 -35.06 5.65
N ILE F 604 -10.00 -35.53 4.61
CA ILE F 604 -11.46 -35.62 4.67
C ILE F 604 -11.89 -36.50 5.84
N LEU F 605 -11.26 -37.67 5.97
CA LEU F 605 -11.65 -38.61 7.02
C LEU F 605 -11.41 -38.03 8.40
N THR F 606 -10.26 -37.40 8.61
CA THR F 606 -9.98 -36.82 9.92
C THR F 606 -10.96 -35.70 10.25
N GLU F 607 -11.23 -34.82 9.28
CA GLU F 607 -12.16 -33.73 9.53
C GLU F 607 -13.56 -34.25 9.85
N MET F 608 -14.00 -35.28 9.12
CA MET F 608 -15.37 -35.74 9.27
C MET F 608 -15.54 -36.63 10.49
N ASP F 609 -14.45 -37.27 10.93
CA ASP F 609 -14.46 -37.93 12.23
C ASP F 609 -14.51 -36.92 13.35
N GLY F 610 -13.77 -35.81 13.21
CA GLY F 610 -13.93 -34.72 14.16
C GLY F 610 -15.29 -34.07 14.04
N MET F 611 -15.94 -34.22 12.90
CA MET F 611 -17.25 -33.65 12.64
C MET F 611 -18.38 -34.55 13.10
N SER F 612 -18.07 -35.78 13.55
CA SER F 612 -19.11 -36.77 13.81
C SER F 612 -20.05 -36.33 14.92
N THR F 613 -19.51 -35.68 15.96
CA THR F 613 -20.32 -35.29 17.11
C THR F 613 -21.44 -34.34 16.70
N LYS F 614 -21.22 -33.54 15.66
CA LYS F 614 -22.25 -32.66 15.12
C LYS F 614 -23.19 -33.51 14.27
N LYS F 615 -24.09 -34.22 14.96
CA LYS F 615 -24.97 -35.17 14.28
C LYS F 615 -26.07 -34.47 13.51
N ASN F 616 -26.37 -33.21 13.84
CA ASN F 616 -27.37 -32.46 13.08
C ASN F 616 -26.92 -32.27 11.63
N VAL F 617 -25.64 -32.01 11.41
CA VAL F 617 -25.13 -31.88 10.06
C VAL F 617 -25.15 -33.23 9.36
N PHE F 618 -25.71 -33.24 8.16
CA PHE F 618 -25.92 -34.45 7.37
C PHE F 618 -24.92 -34.45 6.22
N ILE F 619 -24.21 -35.56 6.05
CA ILE F 619 -23.17 -35.67 5.04
C ILE F 619 -23.64 -36.69 4.00
N ILE F 620 -23.66 -36.27 2.73
CA ILE F 620 -24.09 -37.11 1.63
C ILE F 620 -22.94 -37.29 0.66
N GLY F 621 -22.64 -38.53 0.31
CA GLY F 621 -21.60 -38.83 -0.65
C GLY F 621 -22.15 -39.56 -1.86
N ALA F 622 -22.06 -38.93 -3.03
CA ALA F 622 -22.62 -39.47 -4.27
C ALA F 622 -21.48 -39.74 -5.24
N THR F 623 -21.54 -40.89 -5.90
CA THR F 623 -20.51 -41.31 -6.85
C THR F 623 -21.17 -41.96 -8.06
N ASN F 624 -20.45 -41.97 -9.18
CA ASN F 624 -20.90 -42.71 -10.35
C ASN F 624 -20.63 -44.21 -10.18
N ARG F 625 -19.43 -44.56 -9.72
CA ARG F 625 -19.06 -45.95 -9.50
C ARG F 625 -18.44 -46.07 -8.10
N PRO F 626 -19.00 -46.90 -7.22
CA PRO F 626 -18.44 -47.01 -5.87
C PRO F 626 -17.37 -48.07 -5.70
N ASP F 627 -16.99 -48.76 -6.78
CA ASP F 627 -16.00 -49.83 -6.66
C ASP F 627 -14.62 -49.27 -6.29
N ILE F 628 -14.24 -48.12 -6.85
CA ILE F 628 -12.92 -47.56 -6.58
C ILE F 628 -12.93 -46.55 -5.44
N ILE F 629 -14.01 -46.49 -4.64
CA ILE F 629 -13.99 -45.66 -3.44
C ILE F 629 -13.12 -46.33 -2.38
N ASP F 630 -12.39 -45.51 -1.63
CA ASP F 630 -11.51 -46.01 -0.58
C ASP F 630 -12.33 -46.80 0.44
N PRO F 631 -11.80 -47.93 0.94
CA PRO F 631 -12.58 -48.72 1.91
C PRO F 631 -12.94 -47.97 3.17
N ALA F 632 -12.14 -46.98 3.56
CA ALA F 632 -12.44 -46.24 4.80
C ALA F 632 -13.73 -45.44 4.66
N ILE F 633 -14.00 -44.93 3.46
CA ILE F 633 -15.24 -44.18 3.25
C ILE F 633 -16.46 -45.07 3.44
N LEU F 634 -16.42 -46.28 2.88
CA LEU F 634 -17.57 -47.18 3.00
C LEU F 634 -17.67 -47.76 4.40
N ARG F 635 -16.62 -47.61 5.21
CA ARG F 635 -16.68 -48.06 6.59
C ARG F 635 -17.70 -47.24 7.38
N PRO F 636 -18.44 -47.87 8.28
CA PRO F 636 -19.37 -47.12 9.12
C PRO F 636 -18.63 -46.25 10.13
N GLY F 637 -19.38 -45.31 10.72
CA GLY F 637 -18.82 -44.31 11.58
C GLY F 637 -18.49 -43.01 10.88
N ARG F 638 -18.37 -43.04 9.56
CA ARG F 638 -18.20 -41.83 8.76
C ARG F 638 -19.43 -41.53 7.93
N LEU F 639 -19.83 -42.44 7.04
CA LEU F 639 -21.15 -42.48 6.41
C LEU F 639 -21.68 -43.91 6.54
N ASP F 640 -22.33 -44.20 7.68
CA ASP F 640 -22.75 -45.57 7.94
C ASP F 640 -23.91 -45.98 7.04
N GLN F 641 -24.82 -45.04 6.74
CA GLN F 641 -25.93 -45.35 5.86
C GLN F 641 -25.48 -45.45 4.41
N LEU F 642 -26.22 -46.23 3.62
CA LEU F 642 -25.81 -46.62 2.28
C LEU F 642 -27.07 -46.89 1.46
N ILE F 643 -27.24 -46.15 0.37
CA ILE F 643 -28.45 -46.21 -0.44
C ILE F 643 -28.07 -46.24 -1.91
N TYR F 644 -28.69 -47.15 -2.67
CA TYR F 644 -28.57 -47.23 -4.11
C TYR F 644 -29.61 -46.36 -4.78
N ILE F 645 -29.24 -45.75 -5.91
CA ILE F 645 -30.18 -45.01 -6.75
C ILE F 645 -30.43 -45.85 -8.00
N PRO F 646 -31.55 -46.56 -8.10
CA PRO F 646 -31.82 -47.37 -9.28
C PRO F 646 -32.27 -46.53 -10.48
N LEU F 647 -32.24 -47.17 -11.64
CA LEU F 647 -32.75 -46.52 -12.83
C LEU F 647 -34.28 -46.40 -12.75
N PRO F 648 -34.86 -45.27 -13.13
CA PRO F 648 -36.30 -45.10 -12.96
C PRO F 648 -37.11 -46.07 -13.82
N ASP F 649 -38.26 -46.47 -13.28
CA ASP F 649 -39.18 -47.33 -13.99
C ASP F 649 -40.09 -46.50 -14.90
N GLU F 650 -40.97 -47.20 -15.64
CA GLU F 650 -41.84 -46.51 -16.58
C GLU F 650 -42.76 -45.53 -15.86
N LYS F 651 -43.32 -45.93 -14.71
CA LYS F 651 -44.07 -44.98 -13.90
C LYS F 651 -43.18 -43.87 -13.39
N SER F 652 -41.97 -44.20 -12.95
CA SER F 652 -41.02 -43.17 -12.54
C SER F 652 -40.66 -42.26 -13.71
N ARG F 653 -40.50 -42.83 -14.91
CA ARG F 653 -40.14 -42.02 -16.07
C ARG F 653 -41.27 -41.07 -16.47
N VAL F 654 -42.52 -41.54 -16.41
CA VAL F 654 -43.64 -40.64 -16.73
C VAL F 654 -43.79 -39.58 -15.65
N ALA F 655 -43.48 -39.93 -14.39
CA ALA F 655 -43.45 -38.91 -13.34
C ALA F 655 -42.40 -37.86 -13.64
N ILE F 656 -41.21 -38.28 -14.07
CA ILE F 656 -40.16 -37.34 -14.44
C ILE F 656 -40.61 -36.45 -15.57
N LEU F 657 -41.22 -37.04 -16.60
CA LEU F 657 -41.63 -36.27 -17.77
C LEU F 657 -42.73 -35.27 -17.41
N LYS F 658 -43.69 -35.68 -16.56
CA LYS F 658 -44.73 -34.75 -16.12
C LYS F 658 -44.14 -33.61 -15.31
N ALA F 659 -43.21 -33.92 -14.40
CA ALA F 659 -42.56 -32.88 -13.62
C ALA F 659 -41.83 -31.89 -14.53
N ASN F 660 -41.18 -32.40 -15.57
CA ASN F 660 -40.44 -31.51 -16.47
C ASN F 660 -41.39 -30.70 -17.35
N LEU F 661 -42.49 -31.29 -17.78
CA LEU F 661 -43.45 -30.62 -18.66
C LEU F 661 -44.41 -29.71 -17.90
N ARG F 662 -44.35 -29.70 -16.57
CA ARG F 662 -45.10 -28.70 -15.82
C ARG F 662 -44.73 -27.28 -16.28
N LYS F 663 -43.48 -27.09 -16.69
CA LYS F 663 -43.03 -25.74 -17.08
C LYS F 663 -43.57 -25.35 -18.45
N SER F 664 -43.66 -26.30 -19.38
CA SER F 664 -44.00 -25.99 -20.76
C SER F 664 -45.24 -26.77 -21.18
N PRO F 665 -46.28 -26.11 -21.68
CA PRO F 665 -47.47 -26.83 -22.12
C PRO F 665 -47.17 -27.80 -23.26
N VAL F 666 -47.83 -28.95 -23.23
CA VAL F 666 -47.68 -29.98 -24.25
C VAL F 666 -49.06 -30.43 -24.71
N ALA F 667 -49.19 -30.61 -26.02
CA ALA F 667 -50.49 -30.90 -26.61
C ALA F 667 -50.97 -32.29 -26.20
N LYS F 668 -52.25 -32.54 -26.47
CA LYS F 668 -52.87 -33.80 -26.07
C LYS F 668 -52.27 -34.98 -26.82
N ASP F 669 -51.75 -34.74 -28.02
CA ASP F 669 -51.15 -35.82 -28.81
C ASP F 669 -49.91 -36.37 -28.12
N VAL F 670 -49.11 -35.50 -27.50
CA VAL F 670 -47.93 -35.96 -26.78
C VAL F 670 -48.38 -36.76 -25.57
N ASP F 671 -47.92 -38.02 -25.49
CA ASP F 671 -48.28 -38.91 -24.40
C ASP F 671 -47.02 -39.24 -23.61
N LEU F 672 -47.16 -39.27 -22.28
CA LEU F 672 -46.05 -39.62 -21.41
C LEU F 672 -45.63 -41.07 -21.60
N GLU F 673 -46.60 -41.97 -21.78
CA GLU F 673 -46.31 -43.40 -21.78
C GLU F 673 -45.54 -43.82 -23.03
N PHE F 674 -45.92 -43.30 -24.20
CA PHE F 674 -45.17 -43.64 -25.42
C PHE F 674 -43.72 -43.20 -25.31
N LEU F 675 -43.48 -41.98 -24.83
CA LEU F 675 -42.11 -41.51 -24.64
C LEU F 675 -41.37 -42.35 -23.60
N ALA F 676 -42.07 -42.77 -22.56
CA ALA F 676 -41.44 -43.61 -21.54
C ALA F 676 -41.01 -44.96 -22.12
N LYS F 677 -41.88 -45.58 -22.94
CA LYS F 677 -41.49 -46.83 -23.59
C LYS F 677 -40.34 -46.61 -24.57
N MET F 678 -40.35 -45.47 -25.27
CA MET F 678 -39.22 -45.12 -26.12
C MET F 678 -37.94 -44.95 -25.29
N THR F 679 -38.07 -44.37 -24.11
CA THR F 679 -36.95 -44.26 -23.17
C THR F 679 -36.92 -45.46 -22.22
N ASN F 680 -36.88 -46.66 -22.81
CA ASN F 680 -36.92 -47.88 -22.01
C ASN F 680 -35.72 -47.97 -21.07
N GLY F 681 -34.59 -47.41 -21.48
CA GLY F 681 -33.40 -47.44 -20.64
C GLY F 681 -32.80 -46.07 -20.37
N PHE F 682 -33.39 -45.02 -20.95
CA PHE F 682 -32.87 -43.68 -20.75
C PHE F 682 -33.07 -43.23 -19.32
N SER F 683 -32.12 -42.46 -18.80
CA SER F 683 -32.19 -41.96 -17.44
C SER F 683 -32.91 -40.61 -17.39
N GLY F 684 -33.16 -40.14 -16.17
CA GLY F 684 -33.94 -38.92 -15.99
C GLY F 684 -33.28 -37.69 -16.59
N ALA F 685 -31.96 -37.57 -16.44
CA ALA F 685 -31.26 -36.44 -17.02
C ALA F 685 -31.38 -36.45 -18.55
N ASP F 686 -31.33 -37.63 -19.15
CA ASP F 686 -31.54 -37.73 -20.59
C ASP F 686 -32.94 -37.25 -20.96
N LEU F 687 -33.95 -37.61 -20.15
CA LEU F 687 -35.30 -37.13 -20.40
C LEU F 687 -35.39 -35.60 -20.32
N THR F 688 -34.68 -35.02 -19.35
CA THR F 688 -34.65 -33.57 -19.24
C THR F 688 -34.01 -32.93 -20.47
N GLU F 689 -32.92 -33.51 -20.96
CA GLU F 689 -32.30 -33.02 -22.17
C GLU F 689 -33.24 -33.14 -23.37
N ILE F 690 -33.98 -34.24 -23.44
CA ILE F 690 -34.96 -34.43 -24.51
C ILE F 690 -36.03 -33.35 -24.44
N CYS F 691 -36.53 -33.05 -23.24
CA CYS F 691 -37.52 -32.00 -23.07
C CYS F 691 -36.98 -30.65 -23.50
N GLN F 692 -35.74 -30.33 -23.11
CA GLN F 692 -35.15 -29.05 -23.49
C GLN F 692 -34.95 -28.95 -25.00
N ARG F 693 -34.50 -30.04 -25.63
CA ARG F 693 -34.32 -30.02 -27.09
C ARG F 693 -35.66 -29.83 -27.80
N ALA F 694 -36.71 -30.51 -27.34
CA ALA F 694 -38.02 -30.35 -27.95
C ALA F 694 -38.53 -28.92 -27.78
N CYS F 695 -38.33 -28.34 -26.59
CA CYS F 695 -38.75 -26.96 -26.37
C CYS F 695 -37.99 -26.00 -27.26
N LYS F 696 -36.68 -26.21 -27.42
CA LYS F 696 -35.91 -25.36 -28.32
C LYS F 696 -36.42 -25.46 -29.75
N LEU F 697 -36.71 -26.69 -30.21
CA LEU F 697 -37.23 -26.85 -31.57
C LEU F 697 -38.57 -26.14 -31.73
N ALA F 698 -39.43 -26.23 -30.72
CA ALA F 698 -40.72 -25.53 -30.77
C ALA F 698 -40.53 -24.02 -30.85
N ILE F 699 -39.60 -23.48 -30.06
CA ILE F 699 -39.33 -22.04 -30.09
C ILE F 699 -38.84 -21.61 -31.47
N ARG F 700 -37.91 -22.38 -32.04
CA ARG F 700 -37.42 -22.06 -33.38
C ARG F 700 -38.55 -22.11 -34.40
N GLU F 701 -39.43 -23.11 -34.29
CA GLU F 701 -40.54 -23.21 -35.24
C GLU F 701 -41.47 -22.02 -35.14
N SER F 702 -41.81 -21.61 -33.91
CA SER F 702 -42.70 -20.45 -33.75
C SER F 702 -42.07 -19.18 -34.28
N ILE F 703 -40.78 -18.98 -33.98
CA ILE F 703 -40.09 -17.78 -34.45
C ILE F 703 -40.05 -17.75 -35.98
N GLU F 704 -39.71 -18.89 -36.60
CA GLU F 704 -39.64 -18.94 -38.06
C GLU F 704 -41.02 -18.82 -38.67
N SER F 705 -42.07 -19.24 -37.94
CA SER F 705 -43.42 -19.04 -38.44
C SER F 705 -43.78 -17.57 -38.49
N GLU F 706 -43.43 -16.81 -37.44
CA GLU F 706 -43.67 -15.37 -37.47
C GLU F 706 -42.84 -14.70 -38.56
N ILE F 707 -41.59 -15.14 -38.74
CA ILE F 707 -40.77 -14.59 -39.82
C ILE F 707 -41.38 -14.92 -41.18
N ARG F 708 -41.99 -16.09 -41.31
CA ARG F 708 -42.66 -16.47 -42.56
C ARG F 708 -43.87 -15.59 -42.82
N ARG F 709 -44.63 -15.27 -41.77
CA ARG F 709 -45.74 -14.34 -41.92
C ARG F 709 -45.25 -12.98 -42.39
N GLU F 710 -44.15 -12.49 -41.80
CA GLU F 710 -43.59 -11.22 -42.24
C GLU F 710 -43.12 -11.28 -43.69
N ARG F 711 -42.51 -12.39 -44.08
CA ARG F 711 -42.03 -12.54 -45.46
C ARG F 711 -43.18 -12.57 -46.45
N GLU F 712 -44.27 -13.27 -46.12
CA GLU F 712 -45.40 -13.35 -47.04
C GLU F 712 -46.13 -12.01 -47.11
N ARG F 713 -46.13 -11.26 -46.00
CA ARG F 713 -46.66 -9.89 -46.06
C ARG F 713 -45.83 -9.02 -46.99
N GLN F 714 -44.50 -9.14 -46.91
CA GLN F 714 -43.61 -8.35 -47.76
C GLN F 714 -43.62 -8.88 -49.19
N PRO F 727 -48.91 -20.19 -32.89
CA PRO F 727 -48.72 -21.27 -33.87
C PRO F 727 -48.50 -22.63 -33.21
N VAL F 728 -47.60 -22.68 -32.23
CA VAL F 728 -47.33 -23.91 -31.49
C VAL F 728 -47.45 -23.58 -30.00
N PRO F 729 -48.66 -23.35 -29.48
CA PRO F 729 -48.78 -23.07 -28.04
C PRO F 729 -48.31 -24.21 -27.17
N GLU F 730 -48.47 -25.45 -27.63
CA GLU F 730 -48.09 -26.64 -26.88
C GLU F 730 -47.17 -27.50 -27.74
N ILE F 731 -46.20 -28.15 -27.08
CA ILE F 731 -45.20 -28.92 -27.81
C ILE F 731 -45.86 -30.07 -28.55
N ARG F 732 -45.50 -30.23 -29.82
CA ARG F 732 -46.03 -31.29 -30.66
C ARG F 732 -45.24 -32.58 -30.44
N ARG F 733 -45.81 -33.69 -30.94
CA ARG F 733 -45.17 -34.98 -30.75
C ARG F 733 -43.98 -35.18 -31.68
N ASP F 734 -44.01 -34.53 -32.85
CA ASP F 734 -42.89 -34.67 -33.79
C ASP F 734 -41.61 -34.07 -33.21
N HIS F 735 -41.74 -32.95 -32.49
CA HIS F 735 -40.57 -32.38 -31.81
C HIS F 735 -40.00 -33.35 -30.79
N PHE F 736 -40.89 -34.03 -30.06
CA PHE F 736 -40.43 -35.02 -29.08
C PHE F 736 -39.77 -36.21 -29.76
N GLU F 737 -40.24 -36.58 -30.95
CA GLU F 737 -39.60 -37.65 -31.69
C GLU F 737 -38.22 -37.24 -32.19
N GLU F 738 -38.08 -35.99 -32.66
CA GLU F 738 -36.77 -35.51 -33.08
C GLU F 738 -35.80 -35.46 -31.90
N ALA F 739 -36.28 -35.01 -30.74
CA ALA F 739 -35.43 -35.01 -29.55
C ALA F 739 -35.14 -36.43 -29.08
N MET F 740 -36.05 -37.37 -29.34
CA MET F 740 -35.79 -38.78 -29.11
C MET F 740 -34.61 -39.25 -29.95
N ARG F 741 -34.62 -38.90 -31.24
CA ARG F 741 -33.54 -39.31 -32.13
C ARG F 741 -32.22 -38.64 -31.77
N PHE F 742 -32.29 -37.38 -31.32
CA PHE F 742 -31.07 -36.65 -30.98
C PHE F 742 -30.38 -37.26 -29.77
N ALA F 743 -31.15 -37.64 -28.75
CA ALA F 743 -30.58 -38.13 -27.51
C ALA F 743 -30.12 -39.58 -27.65
N ARG F 744 -29.12 -39.94 -26.84
CA ARG F 744 -28.58 -41.29 -26.81
C ARG F 744 -28.39 -41.70 -25.36
N ARG F 745 -28.16 -43.00 -25.16
CA ARG F 745 -27.94 -43.51 -23.81
C ARG F 745 -26.65 -42.95 -23.24
N SER F 746 -26.76 -42.23 -22.13
CA SER F 746 -25.60 -41.55 -21.56
C SER F 746 -24.55 -42.54 -21.06
N VAL F 747 -24.98 -43.62 -20.42
CA VAL F 747 -24.08 -44.61 -19.86
C VAL F 747 -24.44 -45.97 -20.43
N SER F 748 -23.42 -46.81 -20.61
CA SER F 748 -23.62 -48.13 -21.18
C SER F 748 -24.45 -49.01 -20.25
N ASP F 749 -25.15 -49.97 -20.83
CA ASP F 749 -25.95 -50.90 -20.03
C ASP F 749 -25.05 -51.78 -19.17
N ASN F 750 -23.83 -52.06 -19.64
CA ASN F 750 -22.89 -52.85 -18.85
C ASN F 750 -22.51 -52.15 -17.56
N ASP F 751 -22.30 -50.82 -17.62
CA ASP F 751 -21.99 -50.08 -16.41
C ASP F 751 -23.15 -50.08 -15.44
N ILE F 752 -24.38 -49.98 -15.96
CA ILE F 752 -25.57 -50.06 -15.12
C ILE F 752 -25.64 -51.42 -14.44
N ARG F 753 -25.31 -52.49 -15.19
CA ARG F 753 -25.29 -53.82 -14.60
C ARG F 753 -24.19 -53.94 -13.54
N LYS F 754 -23.06 -53.27 -13.75
CA LYS F 754 -22.02 -53.25 -12.72
C LYS F 754 -22.53 -52.60 -11.44
N TYR F 755 -23.24 -51.47 -11.58
CA TYR F 755 -23.78 -50.81 -10.39
C TYR F 755 -24.85 -51.67 -9.72
N GLU F 756 -25.66 -52.36 -10.52
CA GLU F 756 -26.64 -53.29 -9.95
C GLU F 756 -25.95 -54.41 -9.19
N MET F 757 -24.86 -54.94 -9.74
CA MET F 757 -24.10 -55.98 -9.06
C MET F 757 -23.52 -55.46 -7.74
N PHE F 758 -23.00 -54.23 -7.74
CA PHE F 758 -22.48 -53.65 -6.50
C PHE F 758 -23.58 -53.50 -5.47
N ALA F 759 -24.78 -53.10 -5.90
CA ALA F 759 -25.91 -53.03 -4.98
C ALA F 759 -26.28 -54.42 -4.46
N GLN F 760 -26.21 -55.43 -5.33
CA GLN F 760 -26.60 -56.79 -4.93
C GLN F 760 -25.61 -57.39 -3.94
N THR F 761 -24.33 -57.03 -4.06
CA THR F 761 -23.31 -57.60 -3.17
C THR F 761 -23.56 -57.21 -1.71
N LEU F 762 -24.38 -56.21 -1.49
CA LEU F 762 -24.62 -55.68 -0.15
C LEU F 762 -25.86 -56.29 0.50
N SER F 770 -23.41 -64.39 10.35
CA SER F 770 -23.67 -65.82 10.50
C SER F 770 -23.67 -66.24 11.97
N PHE F 771 -24.57 -65.64 12.75
CA PHE F 771 -24.72 -65.94 14.17
C PHE F 771 -26.11 -66.51 14.42
N ARG F 772 -26.16 -67.64 15.12
CA ARG F 772 -27.42 -68.22 15.55
C ARG F 772 -27.31 -68.65 17.01
N PHE F 773 -28.37 -68.38 17.76
CA PHE F 773 -28.39 -68.72 19.18
C PHE F 773 -28.36 -70.23 19.37
N PRO F 774 -27.65 -70.74 20.38
CA PRO F 774 -27.72 -72.17 20.68
C PRO F 774 -29.12 -72.56 21.09
N SER F 775 -29.49 -73.80 20.76
CA SER F 775 -30.81 -74.35 21.06
C SER F 775 -31.92 -73.49 20.48
N UNK G 1 6.13 -35.04 -8.06
CA UNK G 1 7.48 -34.68 -7.64
C UNK G 1 7.48 -33.34 -6.92
N UNK G 2 8.51 -33.11 -6.09
CA UNK G 2 8.62 -31.85 -5.39
C UNK G 2 8.88 -30.72 -6.37
N UNK G 3 8.28 -29.56 -6.09
CA UNK G 3 8.34 -28.42 -6.99
C UNK G 3 8.59 -27.14 -6.20
N UNK G 4 9.20 -26.16 -6.87
CA UNK G 4 9.40 -24.85 -6.30
C UNK G 4 8.36 -23.87 -6.85
N UNK G 5 8.23 -22.73 -6.17
CA UNK G 5 7.19 -21.77 -6.51
C UNK G 5 7.78 -20.37 -6.60
N UNK G 6 7.18 -19.56 -7.47
CA UNK G 6 7.46 -18.14 -7.58
C UNK G 6 6.17 -17.37 -7.27
N UNK G 7 6.33 -16.14 -6.79
CA UNK G 7 5.20 -15.37 -6.31
C UNK G 7 5.13 -14.01 -6.99
N UNK G 8 3.91 -13.50 -7.12
CA UNK G 8 3.64 -12.15 -7.59
C UNK G 8 2.98 -11.37 -6.46
N UNK G 9 3.17 -10.06 -6.45
CA UNK G 9 2.74 -9.21 -5.36
C UNK G 9 1.70 -8.20 -5.84
N UNK G 10 0.72 -7.94 -4.97
CA UNK G 10 -0.25 -6.87 -5.16
C UNK G 10 -0.02 -5.82 -4.09
N UNK G 11 -0.07 -4.54 -4.48
CA UNK G 11 0.33 -3.45 -3.62
C UNK G 11 -0.90 -2.67 -3.16
N UNK G 12 -1.05 -2.54 -1.84
CA UNK G 12 -2.09 -1.69 -1.29
C UNK G 12 -1.64 -0.23 -1.32
N UNK G 13 -2.57 0.66 -1.67
CA UNK G 13 -2.26 2.05 -1.92
C UNK G 13 -2.95 2.94 -0.90
N UNK G 14 -2.20 3.89 -0.34
CA UNK G 14 -2.72 4.90 0.56
C UNK G 14 -2.11 6.26 0.20
N UNK G 15 -2.97 7.24 -0.02
CA UNK G 15 -2.54 8.58 -0.42
C UNK G 15 -3.02 9.59 0.62
N UNK G 16 -2.20 10.60 0.88
CA UNK G 16 -2.49 11.62 1.89
C UNK G 16 -2.41 13.00 1.26
N UNK G 17 -3.47 13.78 1.44
CA UNK G 17 -3.52 15.17 1.03
C UNK G 17 -4.21 15.98 2.11
N UNK G 18 -3.86 17.27 2.19
CA UNK G 18 -4.38 18.15 3.22
C UNK G 18 -4.91 19.43 2.58
N UNK G 19 -6.13 19.79 2.95
CA UNK G 19 -6.72 21.08 2.58
C UNK G 19 -6.98 21.86 3.86
N UNK G 20 -6.50 23.10 3.91
CA UNK G 20 -6.56 23.93 5.10
C UNK G 20 -7.65 24.98 4.95
N UNK G 21 -8.53 25.05 5.94
CA UNK G 21 -9.61 26.04 5.98
C UNK G 21 -9.19 27.20 6.87
N UNK G 22 -9.34 28.42 6.35
CA UNK G 22 -8.97 29.62 7.10
C UNK G 22 -9.85 29.80 8.32
PB ADP H . -6.19 -49.09 15.62
O1B ADP H . -5.46 -48.18 16.57
O2B ADP H . -5.74 -50.53 15.65
O3B ADP H . -6.33 -48.50 14.23
PA ADP H . -8.88 -48.21 15.67
O1A ADP H . -8.74 -46.84 16.27
O2A ADP H . -8.99 -48.40 14.18
O3A ADP H . -7.68 -49.13 16.24
O5' ADP H . -10.19 -48.91 16.32
C5' ADP H . -11.42 -48.86 15.60
C4' ADP H . -12.58 -49.33 16.46
O4' ADP H . -12.32 -50.63 17.01
C3' ADP H . -12.82 -48.40 17.64
O3' ADP H . -14.00 -47.60 17.41
C2' ADP H . -13.05 -49.30 18.83
O2' ADP H . -14.36 -49.13 19.35
C1' ADP H . -12.89 -50.72 18.32
N9 ADP H . -11.97 -51.48 19.21
C8 ADP H . -10.85 -52.12 18.83
N7 ADP H . -10.25 -52.73 19.88
C5 ADP H . -11.00 -52.48 20.97
C6 ADP H . -10.94 -52.83 22.41
N6 ADP H . -9.92 -53.58 22.91
N1 ADP H . -11.92 -52.38 23.21
C2 ADP H . -12.94 -51.64 22.73
N3 ADP H . -13.06 -51.29 21.44
C4 ADP H . -12.14 -51.68 20.52
PB ADP I . -8.95 -3.13 31.66
O1B ADP I . -9.14 -1.62 31.69
O2B ADP I . -7.59 -3.59 32.12
O3B ADP I . -9.44 -3.79 30.40
PA ADP I . -9.83 -3.17 34.32
O1A ADP I . -10.10 -1.68 34.34
O2A ADP I . -8.54 -3.70 34.90
O3A ADP I . -9.95 -3.67 32.80
O5' ADP I . -11.06 -3.91 35.03
C5' ADP I . -11.72 -3.33 36.15
C4' ADP I . -12.92 -4.19 36.51
O4' ADP I . -12.48 -5.40 37.15
C3' ADP I . -13.86 -3.51 37.48
O3' ADP I . -15.04 -3.08 36.79
C2' ADP I . -14.22 -4.54 38.53
O2' ADP I . -15.63 -4.82 38.48
C1' ADP I . -13.43 -5.78 38.14
N9 ADP I . -12.74 -6.35 39.34
C8 ADP I . -13.02 -6.03 40.61
N7 ADP I . -12.22 -6.73 41.47
C5 ADP I . -11.41 -7.50 40.72
C6 ADP I . -10.33 -8.48 40.98
N6 ADP I . -9.95 -8.77 42.24
N1 ADP I . -9.74 -9.07 39.92
C2 ADP I . -10.12 -8.78 38.65
N3 ADP I . -11.09 -7.91 38.34
C4 ADP I . -11.77 -7.25 39.31
PG ATP J . 21.84 -40.89 15.28
O1G ATP J . 21.81 -39.42 15.08
O2G ATP J . 22.49 -41.66 14.13
O3G ATP J . 20.48 -41.51 15.57
PB ATP J . 24.03 -40.76 17.32
O1B ATP J . 24.33 -39.35 17.02
O2B ATP J . 25.14 -41.76 17.00
O3B ATP J . 22.73 -41.26 16.56
PA ATP J . 23.40 -40.04 20.12
O1A ATP J . 22.25 -39.15 19.93
O2A ATP J . 24.73 -39.35 20.41
O3A ATP J . 23.63 -40.97 18.85
O5' ATP J . 23.12 -41.09 21.27
C5' ATP J . 21.78 -41.44 21.66
C4' ATP J . 21.78 -42.09 23.01
O4' ATP J . 22.90 -43.02 23.10
C3' ATP J . 21.91 -41.14 24.20
O3' ATP J . 21.10 -41.59 25.28
C2' ATP J . 23.40 -41.21 24.54
O2' ATP J . 23.64 -40.95 25.91
C1' ATP J . 23.71 -42.67 24.21
N9 ATP J . 25.10 -42.91 23.83
C8 ATP J . 25.57 -43.31 22.61
N7 ATP J . 26.87 -43.45 22.55
C5 ATP J . 27.29 -43.11 23.82
C6 ATP J . 28.57 -43.03 24.41
N6 ATP J . 29.70 -43.33 23.77
N1 ATP J . 28.64 -42.65 25.70
C2 ATP J . 27.52 -42.36 26.36
N3 ATP J . 26.26 -42.38 25.90
C4 ATP J . 26.22 -42.77 24.62
PB ADP K . 23.46 0.32 19.17
O1B ADP K . 24.13 1.59 18.70
O2B ADP K . 21.95 0.33 19.05
O3B ADP K . 24.11 -0.94 18.65
PA ADP K . 22.70 0.92 21.80
O1A ADP K . 22.60 2.40 21.54
O2A ADP K . 21.45 0.06 21.77
O3A ADP K . 23.75 0.29 20.74
O5' ADP K . 23.42 0.69 23.22
C5' ADP K . 22.63 0.74 24.41
C4' ADP K . 23.46 0.34 25.62
O4' ADP K . 24.36 -0.73 25.29
C3' ADP K . 24.32 1.48 26.14
O3' ADP K . 23.70 2.07 27.29
C2' ADP K . 25.64 0.84 26.53
O2' ADP K . 25.77 0.81 27.95
C1' ADP K . 25.60 -0.59 25.99
N9 ADP K . 26.72 -0.81 25.06
C8 ADP K . 26.60 -1.16 23.76
N7 ADP K . 27.80 -1.29 23.16
C5 ADP K . 28.74 -1.03 24.09
C6 ADP K . 30.23 -1.00 24.13
N6 ADP K . 30.95 -1.27 23.02
N1 ADP K . 30.82 -0.67 25.30
C2 ADP K . 30.09 -0.40 26.40
N3 ADP K . 28.75 -0.41 26.43
C4 ADP K . 28.03 -0.72 25.34
MG MG L . 21.65 -37.49 15.87
PG ATP M . 35.63 -27.11 -6.10
O1G ATP M . 34.85 -25.84 -6.00
O2G ATP M . 35.41 -27.88 -7.39
O3G ATP M . 35.41 -28.05 -4.91
PB ATP M . 38.25 -25.85 -6.77
O1B ATP M . 37.67 -24.55 -7.11
O2B ATP M . 38.86 -26.63 -7.94
O3B ATP M . 37.19 -26.81 -6.07
PA ATP M . 40.09 -24.57 -4.83
O1A ATP M . 39.13 -23.85 -3.98
O2A ATP M . 40.82 -23.70 -5.85
O3A ATP M . 39.37 -25.74 -5.65
O5' ATP M . 41.16 -25.34 -3.97
C5' ATP M . 40.85 -25.80 -2.64
C4' ATP M . 42.13 -26.03 -1.88
O4' ATP M . 43.11 -26.66 -2.74
C3' ATP M . 42.81 -24.77 -1.33
O3' ATP M . 43.33 -25.00 -0.03
C2' ATP M . 43.92 -24.50 -2.34
O2' ATP M . 45.02 -23.84 -1.74
C1' ATP M . 44.30 -25.93 -2.74
N9 ATP M . 44.90 -26.04 -4.06
C8 ATP M . 44.34 -26.60 -5.19
N7 ATP M . 45.10 -26.56 -6.25
C5 ATP M . 46.25 -25.92 -5.81
C6 ATP M . 47.45 -25.58 -6.45
N6 ATP M . 47.70 -25.82 -7.74
N1 ATP M . 48.39 -24.95 -5.72
C2 ATP M . 48.15 -24.69 -4.43
N3 ATP M . 47.06 -24.98 -3.72
C4 ATP M . 46.15 -25.60 -4.46
PB ADP N . 26.36 13.45 -9.12
O1B ADP N . 25.48 14.51 -8.54
O2B ADP N . 26.67 13.64 -10.58
O3B ADP N . 25.98 12.04 -8.73
PA ADP N . 28.38 15.15 -8.19
O1A ADP N . 27.57 15.83 -7.12
O2A ADP N . 28.53 15.79 -9.55
O3A ADP N . 27.79 13.67 -8.40
O5' ADP N . 29.86 14.89 -7.61
C5' ADP N . 30.62 16.02 -7.17
C4' ADP N . 32.05 15.63 -6.81
O4' ADP N . 32.56 14.66 -7.73
C3' ADP N . 32.93 16.86 -6.90
O3' ADP N . 33.63 17.05 -5.66
C2' ADP N . 33.92 16.58 -8.01
O2' ADP N . 35.25 16.86 -7.58
C1' ADP N . 33.76 15.11 -8.35
N9 ADP N . 33.63 14.91 -9.81
C8 ADP N . 32.64 14.20 -10.40
N7 ADP N . 32.78 14.19 -11.74
C5 ADP N . 33.87 14.90 -12.05
C6 ADP N . 34.58 15.28 -13.29
N6 ADP N . 34.11 14.88 -14.51
N1 ADP N . 35.68 16.04 -13.18
C2 ADP N . 36.14 16.44 -11.98
N3 ADP N . 35.55 16.13 -10.82
C4 ADP N . 34.43 15.37 -10.78
MG MG O . 35.30 -23.66 -5.75
PG ATP P . 1.89 17.20 -24.98
O1G ATP P . 3.15 16.77 -24.32
O2G ATP P . 0.88 16.07 -25.16
O3G ATP P . 1.20 18.38 -24.28
PB ATP P . 1.40 18.36 -27.70
O1B ATP P . 0.85 17.34 -28.60
O2B ATP P . 0.37 19.34 -27.12
O3B ATP P . 2.17 17.73 -26.47
PA ATP P . 2.85 20.77 -28.61
O1A ATP P . 2.85 21.52 -27.33
O2A ATP P . 1.86 21.29 -29.65
O3A ATP P . 2.53 19.24 -28.38
O5' ATP P . 4.28 20.76 -29.26
C5' ATP P . 4.49 20.24 -30.58
C4' ATP P . 5.72 20.86 -31.18
O4' ATP P . 5.94 20.31 -32.50
C3' ATP P . 5.63 22.36 -31.44
O3' ATP P . 6.93 22.94 -31.55
C2' ATP P . 4.88 22.42 -32.77
O2' ATP P . 5.26 23.57 -33.53
C1' ATP P . 5.35 21.15 -33.48
N9 ATP P . 4.27 20.40 -34.12
C8 ATP P . 3.62 19.31 -33.63
N7 ATP P . 2.68 18.85 -34.43
C5 ATP P . 2.72 19.70 -35.51
C6 ATP P . 1.98 19.75 -36.71
N6 ATP P . 1.01 18.89 -37.02
N1 ATP P . 2.28 20.74 -37.59
C2 ATP P . 3.25 21.60 -37.28
N3 ATP P . 4.01 21.65 -36.19
C4 ATP P . 3.70 20.67 -35.34
PG ATP Q . 22.61 -17.87 -29.79
O1G ATP Q . 22.11 -16.57 -29.26
O2G ATP Q . 21.58 -18.98 -29.79
O3G ATP Q . 23.88 -18.38 -29.09
PB ATP Q . 22.81 -16.75 -32.55
O1B ATP Q . 21.89 -15.65 -32.22
O2B ATP Q . 22.40 -17.62 -33.74
O3B ATP Q . 23.05 -17.71 -31.31
PA ATP Q . 24.98 -14.83 -33.18
O1A ATP Q . 24.83 -13.86 -32.07
O2A ATP Q . 24.40 -14.36 -34.51
O3A ATP Q . 24.29 -16.22 -32.85
O5' ATP Q . 26.49 -15.19 -33.41
C5' ATP Q . 27.55 -14.37 -32.87
C4' ATP Q . 28.86 -14.70 -33.51
O4' ATP Q . 28.66 -15.65 -34.58
C3' ATP Q . 29.61 -13.52 -34.12
O3' ATP Q . 31.02 -13.63 -33.90
C2' ATP Q . 29.27 -13.63 -35.61
O2' ATP Q . 30.30 -13.07 -36.42
C1' ATP Q . 29.22 -15.15 -35.78
N9 ATP Q . 28.38 -15.59 -36.89
C8 ATP Q . 27.31 -16.45 -36.83
N7 ATP Q . 26.74 -16.68 -37.98
C5 ATP Q . 27.47 -15.92 -38.87
C6 ATP Q . 27.37 -15.73 -40.26
N6 ATP Q . 26.44 -16.31 -41.03
N1 ATP Q . 28.26 -14.90 -40.85
C2 ATP Q . 29.19 -14.31 -40.09
N3 ATP Q . 29.39 -14.42 -38.78
C4 ATP Q . 28.49 -15.24 -38.22
MG MG R . 21.38 -14.75 -29.94
MG MG S . 0.89 20.38 -24.72
PG ATP T . -24.91 13.47 -15.99
O1G ATP T . -23.75 13.38 -16.92
O2G ATP T . -24.96 12.35 -14.95
O3G ATP T . -25.01 14.82 -15.27
PB ATP T . -27.79 13.80 -16.69
O1B ATP T . -28.70 12.65 -16.55
O2B ATP T . -27.87 14.82 -15.54
O3B ATP T . -26.28 13.35 -16.79
PA ATP T . -28.43 16.07 -18.47
O1A ATP T . -27.65 17.10 -17.75
O2A ATP T . -29.94 16.16 -18.30
O3A ATP T . -28.00 14.59 -18.04
O5' ATP T . -28.10 16.11 -20.02
C5' ATP T . -28.71 15.18 -20.93
C4' ATP T . -28.65 15.74 -22.33
O4' ATP T . -29.34 14.84 -23.23
C3' ATP T . -29.37 17.07 -22.53
O3' ATP T . -28.87 17.75 -23.68
C2' ATP T . -30.82 16.64 -22.73
O2' ATP T . -31.52 17.55 -23.59
C1' ATP T . -30.67 15.28 -23.42
N9 ATP T . -31.57 14.25 -22.88
C8 ATP T . -31.25 13.30 -21.95
N7 ATP T . -32.25 12.51 -21.64
C5 ATP T . -33.29 12.98 -22.43
C6 ATP T . -34.64 12.57 -22.57
N6 ATP T . -35.17 11.54 -21.90
N1 ATP T . -35.41 13.25 -23.44
C2 ATP T . -34.87 14.27 -24.11
N3 ATP T . -33.63 14.75 -24.06
C4 ATP T . -32.89 14.06 -23.19
PG ATP U . -6.17 -18.07 -32.18
O1G ATP U . -6.38 -16.65 -31.78
O2G ATP U . -6.40 -19.07 -31.05
O3G ATP U . -4.81 -18.33 -32.81
PB ATP U . -8.54 -17.95 -34.01
O1B ATP U . -9.28 -17.03 -33.13
O2B ATP U . -9.32 -19.16 -34.51
O3B ATP U . -7.22 -18.50 -33.31
PA ATP U . -8.22 -15.84 -36.05
O1A ATP U . -7.94 -14.67 -35.20
O2A ATP U . -9.62 -15.92 -36.64
O3A ATP U . -7.95 -17.21 -35.28
O5' ATP U . -7.19 -15.90 -37.25
C5' ATP U . -7.44 -16.72 -38.41
C4' ATP U . -6.71 -16.16 -39.60
O4' ATP U . -6.96 -17.00 -40.75
C3' ATP U . -7.17 -14.77 -40.05
O3' ATP U . -6.16 -14.14 -40.82
C2' ATP U . -8.40 -15.10 -40.91
O2' ATP U . -8.56 -14.14 -41.95
C1' ATP U . -8.04 -16.47 -41.50
N9 ATP U . -9.14 -17.43 -41.44
C8 ATP U . -9.31 -18.44 -40.53
N7 ATP U . -10.40 -19.15 -40.71
C5 ATP U . -10.99 -18.56 -41.81
C6 ATP U . -12.18 -18.84 -42.52
N6 ATP U . -13.02 -19.83 -42.19
N1 ATP U . -12.47 -18.06 -43.58
C2 ATP U . -11.64 -17.08 -43.91
N3 ATP U . -10.50 -16.72 -43.32
C4 ATP U . -10.23 -17.50 -42.27
MG MG V . -7.96 -15.32 -31.76
MG MG W . -26.55 16.10 -14.54
PG ATP X . -32.51 4.29 12.49
O1G ATP X . -31.94 3.08 11.83
O2G ATP X . -31.98 4.52 13.91
O3G ATP X . -32.34 5.58 11.67
PB ATP X . -35.14 3.35 13.58
O1B ATP X . -35.07 1.89 13.36
O2B ATP X . -34.92 3.81 15.02
O3B ATP X . -34.10 4.13 12.66
PA ATP X . -37.39 5.27 13.40
O1A ATP X . -36.54 6.47 13.45
O2A ATP X . -38.18 4.98 14.68
O3A ATP X . -36.53 3.97 13.08
O5' ATP X . -38.39 5.34 12.19
C5' ATP X . -38.94 4.15 11.59
C4' ATP X . -40.27 4.47 10.96
O4' ATP X . -41.11 3.30 10.96
C3' ATP X . -41.09 5.53 11.68
O3' ATP X . -42.02 6.15 10.80
C2' ATP X . -41.81 4.71 12.75
O2' ATP X . -43.08 5.28 13.09
C1' ATP X . -42.01 3.35 12.05
N9 ATP X . -41.75 2.21 12.92
C8 ATP X . -40.61 1.46 12.97
N7 ATP X . -40.64 0.48 13.85
C5 ATP X . -41.91 0.60 14.41
C6 ATP X . -42.57 -0.13 15.41
N6 ATP X . -42.03 -1.18 16.05
N1 ATP X . -43.82 0.25 15.75
C2 ATP X . -44.36 1.30 15.12
N3 ATP X . -43.84 2.06 14.16
C4 ATP X . -42.60 1.66 13.85
PB ADP Y . -26.70 -37.16 -11.62
O1B ADP Y . -26.35 -36.07 -10.63
O2B ADP Y . -25.51 -37.82 -12.28
O3B ADP Y . -27.76 -38.12 -11.14
PA ADP Y . -28.89 -35.74 -12.62
O1A ADP Y . -28.91 -35.02 -11.29
O2A ADP Y . -29.92 -36.80 -12.91
O3A ADP Y . -27.43 -36.37 -12.83
O5' ADP Y . -28.99 -34.63 -13.78
C5' ADP Y . -29.59 -33.38 -13.48
C4' ADP Y . -30.84 -33.20 -14.33
O4' ADP Y . -31.56 -34.44 -14.40
C3' ADP Y . -31.77 -32.17 -13.74
O3' ADP Y . -31.89 -31.05 -14.63
C2' ADP Y . -33.11 -32.86 -13.58
O2' ADP Y . -34.13 -32.11 -14.25
C1' ADP Y . -32.96 -34.23 -14.23
N9 ADP Y . -33.54 -35.29 -13.38
C8 ADP Y . -32.85 -36.33 -12.85
N7 ADP Y . -33.66 -37.14 -12.12
C5 ADP Y . -34.89 -36.62 -12.18
C6 ADP Y . -36.23 -36.98 -11.63
N6 ADP Y . -36.38 -38.08 -10.86
N1 ADP Y . -37.26 -36.17 -11.93
C2 ADP Y . -37.11 -35.08 -12.69
N3 ADP Y . -35.94 -34.69 -13.23
C4 ADP Y . -34.81 -35.41 -13.01
MG MG Z . -33.38 6.13 13.86
#